data_3AOG
#
_entry.id   3AOG
#
_cell.length_a   99.733
_cell.length_b   106.546
_cell.length_c   166.810
_cell.angle_alpha   82.83
_cell.angle_beta   87.18
_cell.angle_gamma   70.60
#
_symmetry.space_group_name_H-M   'P 1'
#
loop_
_entity.id
_entity.type
_entity.pdbx_description
1 polymer 'Glutamate dehydrogenase'
2 non-polymer 'GLUTAMIC ACID'
3 non-polymer 'PHOSPHATE ION'
4 non-polymer 'AMMONIUM ION'
5 water water
#
_entity_poly.entity_id   1
_entity_poly.type   'polypeptide(L)'
_entity_poly.pdbx_seq_one_letter_code
;MGSSHHHHHHSQDPNSMKSEPLSYLGKDGGPWEIFTEQVDRVVPYLGRLAPLAESLKRPKRVLIVDVPVRLDDGSVAYFE
GYRVHHNTARGPAKGGVRYHPEVTLSEVMALAGWMTIKNAAVGLPYGGGKGGIRVDPRKLSPGELERLTRRYTSEIGILL
GPDRDIPAPDVNTGEREMAWMMDTYSMNVGRTVPGVVTGKPIALGGSLGRRDATGRGVFITAAAAAEKIGLQVEGARVAI
QGFGNVGNAAARAFHDHGARVVAVQDHTGTVYNEAGIDPYDLLRHVQEFGGVRGYPKAEPLPAADFWGLPVEFLVPAALE
KQITEQNAWRIRARIVAEGANGPTTPAADDILLEKGVLVVPDVIANAGGVTVSYFEWVQDFNSYFWTEEEINARLERVLR
NAFEAVWQVAQEKKIPLRTAAYVVAATRVLEARALRGLYP
;
_entity_poly.pdbx_strand_id   A,B,C,D,E,F,G,H,I,J,K,L
#
# COMPACT_ATOMS: atom_id res chain seq x y z
N GLU A 20 14.44 -14.45 45.91
CA GLU A 20 13.11 -14.59 46.58
C GLU A 20 11.91 -14.36 45.65
N PRO A 21 11.27 -15.46 45.18
CA PRO A 21 9.94 -15.40 44.54
C PRO A 21 8.88 -14.80 45.48
N LEU A 22 7.80 -14.27 44.92
CA LEU A 22 6.77 -13.64 45.74
C LEU A 22 6.11 -14.66 46.67
N SER A 23 6.27 -14.46 47.97
CA SER A 23 5.72 -15.41 48.95
C SER A 23 4.19 -15.57 48.90
N TYR A 24 3.45 -14.52 48.55
CA TYR A 24 1.99 -14.58 48.53
C TYR A 24 1.40 -15.42 47.35
N LEU A 25 2.25 -15.85 46.44
CA LEU A 25 1.80 -16.73 45.37
C LEU A 25 1.80 -18.18 45.81
N GLY A 26 2.64 -18.49 46.80
CA GLY A 26 2.85 -19.86 47.22
C GLY A 26 3.62 -20.56 46.10
N LYS A 27 4.23 -21.70 46.41
CA LYS A 27 5.08 -22.44 45.46
C LYS A 27 4.49 -22.52 44.03
N ASP A 28 3.24 -22.06 43.89
CA ASP A 28 2.59 -21.81 42.58
C ASP A 28 3.22 -20.66 41.80
N GLY A 29 3.67 -20.91 40.58
CA GLY A 29 3.97 -19.81 39.68
C GLY A 29 2.73 -19.56 38.83
N GLY A 30 2.30 -20.60 38.12
CA GLY A 30 1.15 -20.52 37.24
C GLY A 30 1.44 -19.56 36.10
N PRO A 31 0.43 -18.77 35.72
CA PRO A 31 0.61 -17.82 34.63
C PRO A 31 1.66 -16.77 34.93
N TRP A 32 1.80 -16.40 36.20
CA TRP A 32 2.83 -15.44 36.62
C TRP A 32 4.24 -15.94 36.37
N GLU A 33 4.51 -17.22 36.62
CA GLU A 33 5.85 -17.76 36.38
C GLU A 33 6.21 -17.81 34.91
N ILE A 34 5.20 -18.01 34.06
CA ILE A 34 5.39 -17.98 32.62
C ILE A 34 5.85 -16.56 32.20
N PHE A 35 5.20 -15.52 32.74
CA PHE A 35 5.64 -14.15 32.48
C PHE A 35 7.10 -13.95 32.93
N THR A 36 7.38 -14.37 34.14
CA THR A 36 8.65 -14.20 34.78
C THR A 36 9.79 -14.89 34.02
N GLU A 37 9.47 -15.99 33.35
CA GLU A 37 10.47 -16.74 32.61
C GLU A 37 10.79 -16.02 31.29
N GLN A 38 9.76 -15.45 30.68
CA GLN A 38 9.98 -14.60 29.53
C GLN A 38 10.89 -13.43 29.85
N VAL A 39 10.73 -12.85 31.05
CA VAL A 39 11.63 -11.80 31.46
C VAL A 39 13.05 -12.36 31.54
N ASP A 40 13.22 -13.47 32.25
CA ASP A 40 14.55 -14.15 32.30
C ASP A 40 15.16 -14.34 30.92
N ARG A 41 14.33 -14.57 29.90
CA ARG A 41 14.82 -14.96 28.59
C ARG A 41 15.35 -13.74 27.84
N VAL A 42 14.90 -12.56 28.24
CA VAL A 42 15.28 -11.32 27.59
C VAL A 42 16.59 -10.72 28.16
N VAL A 43 16.91 -11.07 29.40
CA VAL A 43 18.06 -10.51 30.11
C VAL A 43 19.39 -10.48 29.34
N PRO A 44 19.74 -11.57 28.60
CA PRO A 44 21.05 -11.50 27.90
C PRO A 44 21.14 -10.44 26.78
N TYR A 45 20.01 -9.82 26.45
CA TYR A 45 20.00 -8.82 25.39
C TYR A 45 19.86 -7.38 25.93
N LEU A 46 19.92 -7.23 27.24
CA LEU A 46 19.57 -5.96 27.89
C LEU A 46 20.78 -5.04 28.15
N GLY A 47 21.99 -5.57 27.99
CA GLY A 47 23.22 -4.79 28.14
C GLY A 47 23.38 -4.20 29.53
N ARG A 48 23.60 -2.89 29.61
CA ARG A 48 23.80 -2.21 30.91
C ARG A 48 22.50 -2.05 31.73
N LEU A 49 21.36 -2.27 31.06
CA LEU A 49 20.05 -2.27 31.71
C LEU A 49 19.74 -3.60 32.45
N ALA A 50 20.60 -4.61 32.30
CA ALA A 50 20.24 -5.94 32.82
C ALA A 50 19.98 -6.00 34.33
N PRO A 51 20.89 -5.45 35.16
CA PRO A 51 20.62 -5.56 36.61
C PRO A 51 19.25 -5.00 36.99
N LEU A 52 18.69 -4.18 36.14
CA LEU A 52 17.49 -3.48 36.50
C LEU A 52 16.25 -4.32 36.13
N ALA A 53 16.48 -5.46 35.47
CA ALA A 53 15.41 -6.37 35.01
C ALA A 53 14.62 -7.06 36.13
N GLU A 54 15.27 -7.22 37.28
CA GLU A 54 14.63 -7.71 38.52
C GLU A 54 13.32 -6.99 38.83
N SER A 55 13.29 -5.67 38.62
CA SER A 55 12.08 -4.85 38.84
C SER A 55 10.85 -5.29 38.02
N LEU A 56 11.09 -5.98 36.90
CA LEU A 56 9.97 -6.50 36.06
C LEU A 56 9.33 -7.74 36.66
N LYS A 57 10.01 -8.33 37.64
CA LYS A 57 9.55 -9.59 38.26
C LYS A 57 8.73 -9.37 39.53
N ARG A 58 8.21 -8.17 39.68
CA ARG A 58 7.30 -7.83 40.78
C ARG A 58 6.36 -6.69 40.41
N PRO A 59 5.05 -6.92 40.50
CA PRO A 59 4.16 -5.82 40.16
C PRO A 59 4.39 -4.65 41.13
N LYS A 60 4.27 -3.41 40.67
CA LYS A 60 4.36 -2.25 41.56
C LYS A 60 3.23 -2.28 42.59
N ARG A 61 2.01 -2.57 42.14
CA ARG A 61 1.00 -2.78 43.12
C ARG A 61 -0.12 -3.70 42.76
N VAL A 62 -0.62 -4.35 43.81
CA VAL A 62 -1.80 -5.20 43.73
C VAL A 62 -2.86 -4.69 44.71
N LEU A 63 -4.06 -4.49 44.18
CA LEU A 63 -5.18 -4.12 45.00
C LEU A 63 -6.22 -5.21 44.89
N ILE A 64 -6.52 -5.85 46.04
CA ILE A 64 -7.59 -6.83 46.09
C ILE A 64 -8.74 -6.22 46.84
N VAL A 65 -9.90 -6.20 46.21
CA VAL A 65 -11.08 -5.60 46.82
C VAL A 65 -12.21 -6.61 46.96
N ASP A 66 -13.07 -6.34 47.93
CA ASP A 66 -14.29 -7.07 48.13
C ASP A 66 -15.37 -6.32 47.36
N VAL A 67 -16.10 -7.00 46.48
CA VAL A 67 -17.22 -6.29 45.88
C VAL A 67 -18.56 -6.86 46.27
N PRO A 68 -19.15 -6.31 47.36
CA PRO A 68 -20.45 -6.81 47.78
C PRO A 68 -21.53 -6.28 46.83
N VAL A 69 -22.53 -7.10 46.53
CA VAL A 69 -23.60 -6.73 45.60
C VAL A 69 -24.97 -7.23 46.08
N ARG A 70 -25.94 -6.34 46.15
CA ARG A 70 -27.31 -6.75 46.42
C ARG A 70 -27.87 -7.46 45.18
N LEU A 71 -28.01 -8.77 45.27
CA LEU A 71 -28.62 -9.58 44.22
C LEU A 71 -30.10 -9.22 44.04
N ASP A 72 -30.73 -9.75 42.98
CA ASP A 72 -32.13 -9.43 42.66
C ASP A 72 -33.11 -10.02 43.69
N ASP A 73 -32.65 -11.07 44.38
CA ASP A 73 -33.46 -11.76 45.39
C ASP A 73 -33.34 -11.15 46.77
N GLY A 74 -32.78 -9.95 46.85
CA GLY A 74 -32.68 -9.20 48.11
C GLY A 74 -31.44 -9.48 48.94
N SER A 75 -30.76 -10.60 48.68
CA SER A 75 -29.58 -10.95 49.46
C SER A 75 -28.30 -10.30 48.91
N VAL A 76 -27.22 -10.39 49.69
CA VAL A 76 -25.93 -9.79 49.39
C VAL A 76 -24.93 -10.90 49.03
N ALA A 77 -24.27 -10.74 47.89
CA ALA A 77 -23.22 -11.67 47.47
C ALA A 77 -21.87 -10.94 47.53
N TYR A 78 -20.79 -11.69 47.74
CA TYR A 78 -19.49 -11.06 47.87
C TYR A 78 -18.56 -11.60 46.78
N PHE A 79 -18.06 -10.72 45.91
CA PHE A 79 -17.15 -11.14 44.85
C PHE A 79 -15.71 -10.64 45.09
N GLU A 80 -14.73 -11.36 44.56
CA GLU A 80 -13.33 -10.89 44.64
C GLU A 80 -13.03 -10.02 43.42
N GLY A 81 -12.57 -8.80 43.66
CA GLY A 81 -12.09 -7.90 42.60
C GLY A 81 -10.58 -7.70 42.72
N TYR A 82 -9.93 -7.44 41.58
CA TYR A 82 -8.47 -7.23 41.56
C TYR A 82 -8.22 -6.09 40.58
N ARG A 83 -7.23 -5.28 40.91
CA ARG A 83 -6.68 -4.40 39.93
C ARG A 83 -5.20 -4.40 40.20
N VAL A 84 -4.42 -4.69 39.16
CA VAL A 84 -2.97 -4.79 39.34
C VAL A 84 -2.35 -3.73 38.43
N HIS A 85 -1.29 -3.08 38.93
CA HIS A 85 -0.42 -2.21 38.17
C HIS A 85 0.92 -2.92 38.20
N HIS A 86 1.31 -3.47 37.06
CA HIS A 86 2.52 -4.22 37.02
C HIS A 86 3.70 -3.27 37.01
N ASN A 87 3.65 -2.26 36.14
CA ASN A 87 4.77 -1.29 35.94
C ASN A 87 4.18 0.00 35.40
N THR A 88 4.70 1.09 35.95
CA THR A 88 4.08 2.40 35.82
C THR A 88 5.07 3.39 35.21
N ALA A 89 6.28 2.90 34.89
CA ALA A 89 7.38 3.77 34.51
C ALA A 89 7.22 4.56 33.22
N ARG A 90 6.58 4.00 32.19
CA ARG A 90 6.49 4.77 30.96
C ARG A 90 5.17 5.56 30.91
N GLY A 91 4.39 5.51 31.99
CA GLY A 91 3.01 6.07 31.94
C GLY A 91 1.98 5.54 32.92
N PRO A 92 0.68 5.97 32.76
CA PRO A 92 -0.34 5.40 33.58
C PRO A 92 -0.48 3.93 33.22
N ALA A 93 -0.89 3.12 34.18
CA ALA A 93 -1.19 1.75 33.98
C ALA A 93 -2.43 1.67 33.03
N LYS A 94 -2.44 0.70 32.10
CA LYS A 94 -3.51 0.61 31.06
C LYS A 94 -3.77 -0.86 30.85
N GLY A 95 -5.02 -1.26 30.93
CA GLY A 95 -5.34 -2.67 30.66
C GLY A 95 -6.78 -2.96 31.01
N GLY A 96 -7.34 -3.97 30.35
CA GLY A 96 -8.76 -4.31 30.47
C GLY A 96 -9.12 -4.97 31.80
N VAL A 97 -10.41 -5.22 31.95
CA VAL A 97 -10.96 -5.82 33.16
C VAL A 97 -11.81 -7.00 32.77
N ARG A 98 -11.49 -8.13 33.40
CA ARG A 98 -12.10 -9.41 33.07
C ARG A 98 -13.15 -9.85 34.11
N TYR A 99 -14.35 -10.25 33.67
CA TYR A 99 -15.31 -10.93 34.52
C TYR A 99 -15.33 -12.43 34.17
N HIS A 100 -14.73 -13.27 35.01
CA HIS A 100 -14.67 -14.73 34.74
C HIS A 100 -14.55 -15.54 36.05
N PRO A 101 -15.39 -16.60 36.20
CA PRO A 101 -15.33 -17.37 37.46
C PRO A 101 -13.94 -18.00 37.73
N GLU A 102 -13.08 -18.05 36.72
CA GLU A 102 -11.74 -18.59 36.94
C GLU A 102 -10.65 -17.55 37.18
N VAL A 103 -11.03 -16.29 37.32
CA VAL A 103 -10.08 -15.19 37.56
C VAL A 103 -9.33 -15.45 38.86
N THR A 104 -8.02 -15.25 38.84
CA THR A 104 -7.21 -15.45 40.04
C THR A 104 -6.21 -14.32 40.20
N LEU A 105 -5.72 -14.16 41.43
CA LEU A 105 -4.68 -13.19 41.70
C LEU A 105 -3.56 -13.31 40.66
N SER A 106 -3.01 -14.51 40.55
CA SER A 106 -1.77 -14.74 39.82
C SER A 106 -1.97 -14.50 38.30
N GLU A 107 -3.18 -14.81 37.82
CA GLU A 107 -3.57 -14.58 36.45
C GLU A 107 -3.60 -13.10 36.15
N VAL A 108 -4.27 -12.35 37.03
CA VAL A 108 -4.39 -10.90 36.89
C VAL A 108 -3.00 -10.25 36.90
N MET A 109 -2.12 -10.69 37.79
CA MET A 109 -0.74 -10.21 37.80
C MET A 109 -0.03 -10.43 36.46
N ALA A 110 -0.07 -11.68 35.96
CA ALA A 110 0.65 -12.03 34.76
C ALA A 110 0.12 -11.22 33.58
N LEU A 111 -1.21 -11.10 33.46
CA LEU A 111 -1.79 -10.33 32.36
C LEU A 111 -1.39 -8.84 32.40
N ALA A 112 -1.35 -8.27 33.59
CA ALA A 112 -0.81 -6.92 33.76
C ALA A 112 0.70 -6.83 33.37
N GLY A 113 1.45 -7.91 33.64
CA GLY A 113 2.85 -7.97 33.19
C GLY A 113 2.89 -7.97 31.66
N TRP A 114 1.98 -8.70 31.01
CA TRP A 114 2.00 -8.73 29.54
C TRP A 114 1.60 -7.38 28.96
N MET A 115 0.77 -6.65 29.70
CA MET A 115 0.33 -5.31 29.27
C MET A 115 1.55 -4.33 29.31
N THR A 116 2.34 -4.39 30.38
CA THR A 116 3.56 -3.60 30.41
C THR A 116 4.32 -3.80 29.13
N ILE A 117 4.54 -5.07 28.79
CA ILE A 117 5.33 -5.47 27.63
C ILE A 117 4.62 -5.05 26.34
N LYS A 118 3.33 -5.36 26.20
CA LYS A 118 2.63 -4.98 24.94
C LYS A 118 2.71 -3.47 24.70
N ASN A 119 2.35 -2.65 25.71
CA ASN A 119 2.42 -1.18 25.58
C ASN A 119 3.82 -0.66 25.21
N ALA A 120 4.83 -1.20 25.87
CA ALA A 120 6.20 -0.72 25.56
C ALA A 120 6.62 -1.10 24.12
N ALA A 121 6.38 -2.34 23.70
CA ALA A 121 6.64 -2.69 22.27
C ALA A 121 5.82 -1.95 21.25
N VAL A 122 4.53 -1.72 21.52
CA VAL A 122 3.77 -0.91 20.55
C VAL A 122 4.11 0.60 20.66
N GLY A 123 4.91 1.00 21.67
CA GLY A 123 5.28 2.42 21.81
C GLY A 123 4.24 3.37 22.42
N LEU A 124 3.10 2.83 22.90
CA LEU A 124 2.11 3.58 23.72
C LEU A 124 2.76 4.12 25.00
N PRO A 125 2.36 5.36 25.42
CA PRO A 125 2.91 6.07 26.56
C PRO A 125 2.27 5.57 27.87
N TYR A 126 2.08 4.26 27.98
CA TYR A 126 1.39 3.64 29.08
C TYR A 126 2.24 2.64 29.84
N GLY A 127 1.81 2.32 31.05
CA GLY A 127 2.36 1.23 31.83
C GLY A 127 1.52 0.02 31.59
N GLY A 128 1.59 -0.95 32.51
CA GLY A 128 0.83 -2.20 32.35
C GLY A 128 -0.08 -2.39 33.53
N GLY A 129 -1.37 -2.53 33.27
CA GLY A 129 -2.35 -2.75 34.31
C GLY A 129 -3.26 -3.88 33.89
N LYS A 130 -4.06 -4.38 34.83
CA LYS A 130 -5.04 -5.43 34.61
C LYS A 130 -5.93 -5.53 35.82
N GLY A 131 -7.19 -5.87 35.56
CA GLY A 131 -8.17 -6.09 36.60
C GLY A 131 -9.06 -7.29 36.27
N GLY A 132 -9.82 -7.76 37.26
CA GLY A 132 -10.77 -8.84 37.08
C GLY A 132 -11.67 -9.02 38.29
N ILE A 133 -12.89 -9.46 38.04
CA ILE A 133 -13.77 -9.98 39.06
C ILE A 133 -13.95 -11.50 38.82
N ARG A 134 -13.80 -12.27 39.90
CA ARG A 134 -14.09 -13.71 39.94
C ARG A 134 -15.60 -13.87 40.06
N VAL A 135 -16.28 -13.98 38.92
CA VAL A 135 -17.73 -14.06 38.85
C VAL A 135 -18.16 -14.73 37.55
N ASP A 136 -19.26 -15.47 37.57
CA ASP A 136 -19.83 -15.95 36.33
C ASP A 136 -20.96 -15.02 35.89
N PRO A 137 -20.69 -14.15 34.90
CA PRO A 137 -21.63 -13.13 34.43
C PRO A 137 -22.86 -13.71 33.74
N ARG A 138 -22.73 -14.95 33.31
CA ARG A 138 -23.84 -15.70 32.74
C ARG A 138 -24.90 -15.89 33.81
N LYS A 139 -24.46 -15.96 35.06
CA LYS A 139 -25.37 -16.21 36.18
C LYS A 139 -25.96 -14.94 36.81
N LEU A 140 -25.56 -13.77 36.32
CA LEU A 140 -26.11 -12.52 36.82
C LEU A 140 -27.04 -11.87 35.81
N SER A 141 -28.09 -11.22 36.30
CA SER A 141 -28.98 -10.48 35.41
C SER A 141 -28.31 -9.15 35.02
N PRO A 142 -28.88 -8.42 34.03
CA PRO A 142 -28.25 -7.13 33.65
C PRO A 142 -28.15 -6.13 34.83
N GLY A 143 -29.18 -6.08 35.67
CA GLY A 143 -29.14 -5.25 36.88
C GLY A 143 -27.98 -5.56 37.83
N GLU A 144 -27.74 -6.86 38.06
CA GLU A 144 -26.74 -7.32 39.00
C GLU A 144 -25.36 -7.02 38.44
N LEU A 145 -25.22 -7.26 37.15
CA LEU A 145 -24.02 -6.87 36.41
C LEU A 145 -23.69 -5.38 36.56
N GLU A 146 -24.69 -4.50 36.35
CA GLU A 146 -24.55 -3.05 36.59
C GLU A 146 -24.03 -2.75 37.98
N ARG A 147 -24.71 -3.29 39.01
CA ARG A 147 -24.37 -3.04 40.42
C ARG A 147 -23.01 -3.56 40.80
N LEU A 148 -22.60 -4.69 40.22
CA LEU A 148 -21.24 -5.22 40.36
C LEU A 148 -20.16 -4.30 39.80
N THR A 149 -20.41 -3.84 38.57
CA THR A 149 -19.52 -2.91 37.85
C THR A 149 -19.35 -1.59 38.64
N ARG A 150 -20.47 -0.97 39.02
CA ARG A 150 -20.38 0.28 39.83
C ARG A 150 -19.55 0.14 41.11
N ARG A 151 -19.74 -0.98 41.82
CA ARG A 151 -19.14 -1.15 43.12
C ARG A 151 -17.68 -1.49 42.96
N TYR A 152 -17.35 -2.30 41.96
CA TYR A 152 -15.95 -2.57 41.64
C TYR A 152 -15.21 -1.28 41.26
N THR A 153 -15.80 -0.48 40.35
CA THR A 153 -15.16 0.81 40.01
C THR A 153 -15.09 1.81 41.21
N SER A 154 -16.06 1.76 42.13
CA SER A 154 -15.96 2.58 43.36
C SER A 154 -14.81 2.05 44.23
N GLU A 155 -14.65 0.73 44.29
CA GLU A 155 -13.67 0.12 45.16
C GLU A 155 -12.26 0.40 44.68
N ILE A 156 -12.07 0.44 43.36
CA ILE A 156 -10.74 0.73 42.80
C ILE A 156 -10.56 2.23 42.44
N GLY A 157 -11.59 3.05 42.74
CA GLY A 157 -11.51 4.53 42.75
C GLY A 157 -10.15 5.13 43.04
N ILE A 158 -9.54 4.73 44.16
CA ILE A 158 -8.25 5.28 44.57
C ILE A 158 -7.10 5.09 43.58
N LEU A 159 -7.20 4.10 42.70
CA LEU A 159 -6.24 3.90 41.63
C LEU A 159 -6.49 4.70 40.37
N LEU A 160 -7.80 4.97 40.07
CA LEU A 160 -8.23 5.39 38.76
C LEU A 160 -8.01 6.88 38.40
N GLY A 161 -7.86 7.17 37.10
CA GLY A 161 -7.92 8.53 36.59
C GLY A 161 -7.14 8.58 35.28
N PRO A 162 -7.55 9.46 34.33
CA PRO A 162 -6.88 9.59 33.01
C PRO A 162 -5.37 9.67 33.09
N ASP A 163 -4.84 10.15 34.21
CA ASP A 163 -3.37 10.18 34.41
C ASP A 163 -2.83 9.13 35.37
N ARG A 164 -3.64 8.13 35.68
CA ARG A 164 -3.15 7.14 36.66
C ARG A 164 -3.37 5.68 36.30
N ASP A 165 -4.61 5.35 35.90
CA ASP A 165 -4.94 4.02 35.53
C ASP A 165 -6.24 4.08 34.68
N ILE A 166 -6.21 3.55 33.44
CA ILE A 166 -7.40 3.59 32.50
C ILE A 166 -7.89 2.19 32.13
N PRO A 167 -8.89 1.67 32.87
CA PRO A 167 -9.36 0.35 32.38
C PRO A 167 -9.99 0.36 30.96
N ALA A 168 -10.46 -0.81 30.53
CA ALA A 168 -10.84 -1.17 29.13
C ALA A 168 -11.63 -2.50 29.12
N PRO A 169 -12.36 -2.83 28.03
CA PRO A 169 -13.02 -4.16 27.94
C PRO A 169 -12.01 -5.31 28.04
N ASP A 170 -12.46 -6.48 28.51
CA ASP A 170 -11.64 -7.70 28.38
C ASP A 170 -12.65 -8.82 28.29
N VAL A 171 -12.33 -10.00 28.80
CA VAL A 171 -13.23 -11.16 28.67
C VAL A 171 -14.53 -10.93 29.45
N ASN A 172 -15.65 -11.05 28.74
CA ASN A 172 -17.04 -10.83 29.25
C ASN A 172 -17.41 -9.41 29.69
N THR A 173 -16.70 -8.42 29.17
CA THR A 173 -17.07 -7.01 29.36
C THR A 173 -16.86 -6.26 28.04
N GLY A 174 -17.69 -5.24 27.79
CA GLY A 174 -17.63 -4.45 26.57
C GLY A 174 -18.11 -3.05 26.81
N GLU A 175 -18.65 -2.45 25.75
CA GLU A 175 -19.22 -1.09 25.79
C GLU A 175 -20.07 -0.77 27.03
N ARG A 176 -21.05 -1.62 27.28
CA ARG A 176 -21.99 -1.45 28.40
C ARG A 176 -21.33 -1.26 29.77
N GLU A 177 -20.33 -2.10 30.07
CA GLU A 177 -19.65 -2.09 31.36
C GLU A 177 -18.79 -0.83 31.45
N MET A 178 -18.11 -0.51 30.35
CA MET A 178 -17.36 0.75 30.20
C MET A 178 -18.20 2.03 30.40
N ALA A 179 -19.39 2.10 29.81
CA ALA A 179 -20.31 3.18 30.10
C ALA A 179 -20.57 3.26 31.61
N TRP A 180 -20.82 2.12 32.23
CA TRP A 180 -21.10 2.07 33.67
C TRP A 180 -19.92 2.50 34.49
N MET A 181 -18.68 2.11 34.08
CA MET A 181 -17.48 2.50 34.83
C MET A 181 -17.25 4.00 34.71
N MET A 182 -17.58 4.57 33.54
CA MET A 182 -17.30 5.99 33.33
C MET A 182 -18.25 6.82 34.13
N ASP A 183 -19.54 6.49 33.99
CA ASP A 183 -20.52 7.20 34.71
C ASP A 183 -20.40 7.11 36.22
N THR A 184 -20.14 5.93 36.72
CA THR A 184 -19.89 5.76 38.15
C THR A 184 -18.79 6.69 38.65
N TYR A 185 -17.60 6.61 38.04
CA TYR A 185 -16.40 7.35 38.55
C TYR A 185 -16.66 8.86 38.41
N SER A 186 -17.31 9.22 37.29
CA SER A 186 -17.67 10.61 36.99
C SER A 186 -18.62 11.17 38.06
N MET A 187 -19.71 10.45 38.34
CA MET A 187 -20.62 10.78 39.44
C MET A 187 -19.88 10.81 40.79
N ASN A 188 -18.96 9.88 41.03
CA ASN A 188 -18.19 9.94 42.28
C ASN A 188 -17.43 11.23 42.43
N VAL A 189 -16.81 11.68 41.35
CA VAL A 189 -15.87 12.80 41.41
C VAL A 189 -16.51 14.13 40.95
N GLY A 190 -17.79 14.09 40.59
CA GLY A 190 -18.53 15.30 40.28
C GLY A 190 -17.95 16.09 39.13
N ARG A 191 -17.35 15.36 38.17
CA ARG A 191 -16.92 15.89 36.88
C ARG A 191 -17.19 14.78 35.87
N THR A 192 -17.49 15.12 34.62
CA THR A 192 -17.44 14.06 33.61
C THR A 192 -16.02 13.86 33.11
N VAL A 193 -15.56 12.61 33.16
CA VAL A 193 -14.14 12.28 32.91
C VAL A 193 -14.11 11.10 31.96
N PRO A 194 -14.31 11.36 30.63
CA PRO A 194 -14.53 10.33 29.61
C PRO A 194 -13.35 9.42 29.50
N GLY A 195 -12.15 9.94 29.78
CA GLY A 195 -10.92 9.19 29.59
C GLY A 195 -10.51 8.31 30.72
N VAL A 196 -11.43 8.05 31.63
CA VAL A 196 -11.08 7.21 32.79
C VAL A 196 -11.13 5.74 32.34
N VAL A 197 -11.90 5.41 31.30
CA VAL A 197 -11.87 4.07 30.71
C VAL A 197 -11.79 4.25 29.20
N THR A 198 -11.58 3.18 28.45
CA THR A 198 -11.62 3.27 26.99
C THR A 198 -12.49 2.12 26.50
N GLY A 199 -12.68 2.00 25.20
CA GLY A 199 -13.68 1.06 24.70
C GLY A 199 -15.07 1.49 25.13
N LYS A 200 -15.30 2.81 25.24
CA LYS A 200 -16.64 3.38 25.54
C LYS A 200 -17.53 3.42 24.29
N PRO A 201 -18.88 3.48 24.43
CA PRO A 201 -19.64 3.76 23.19
C PRO A 201 -19.31 5.14 22.62
N ILE A 202 -19.38 5.29 21.30
CA ILE A 202 -19.08 6.58 20.67
C ILE A 202 -19.82 7.74 21.38
N ALA A 203 -21.13 7.59 21.61
CA ALA A 203 -21.96 8.61 22.28
C ALA A 203 -21.41 9.09 23.62
N LEU A 204 -20.44 8.38 24.17
CA LEU A 204 -19.89 8.73 25.46
C LEU A 204 -18.40 9.09 25.40
N GLY A 205 -17.94 9.41 24.19
CA GLY A 205 -16.56 9.77 24.02
C GLY A 205 -15.70 8.59 23.60
N GLY A 206 -16.35 7.61 22.97
CA GLY A 206 -15.63 6.49 22.35
C GLY A 206 -14.86 6.95 21.11
N SER A 207 -14.14 6.02 20.47
CA SER A 207 -13.36 6.35 19.27
C SER A 207 -13.95 5.64 18.08
N LEU A 208 -13.91 6.29 16.92
CA LEU A 208 -14.24 5.64 15.64
C LEU A 208 -13.07 4.71 15.35
N GLY A 209 -13.34 3.75 14.46
CA GLY A 209 -12.34 2.81 13.99
C GLY A 209 -11.94 1.65 14.87
N ARG A 210 -12.59 1.47 16.02
CA ARG A 210 -12.13 0.50 17.04
C ARG A 210 -12.40 -0.98 16.69
N ARG A 211 -13.54 -1.23 16.06
CA ARG A 211 -14.01 -2.56 15.72
C ARG A 211 -13.12 -3.34 14.78
N ASP A 212 -12.62 -2.69 13.72
CA ASP A 212 -11.75 -3.37 12.76
C ASP A 212 -10.29 -3.12 13.12
N ALA A 213 -10.02 -2.39 14.19
CA ALA A 213 -8.66 -1.94 14.46
C ALA A 213 -7.72 -3.15 14.47
N THR A 214 -8.00 -4.14 15.31
CA THR A 214 -7.01 -5.18 15.53
C THR A 214 -6.75 -5.91 14.21
N GLY A 215 -7.84 -6.23 13.48
CA GLY A 215 -7.76 -6.84 12.17
C GLY A 215 -7.02 -6.01 11.13
N ARG A 216 -7.41 -4.74 10.99
CA ARG A 216 -6.65 -3.82 10.14
C ARG A 216 -5.17 -3.87 10.51
N GLY A 217 -4.88 -4.03 11.80
CA GLY A 217 -3.52 -3.90 12.29
C GLY A 217 -2.69 -5.11 11.96
N VAL A 218 -3.37 -6.24 11.78
CA VAL A 218 -2.70 -7.50 11.41
C VAL A 218 -2.14 -7.35 9.98
N PHE A 219 -2.95 -6.77 9.11
CA PHE A 219 -2.52 -6.47 7.76
C PHE A 219 -1.42 -5.46 7.69
N ILE A 220 -1.56 -4.36 8.43
CA ILE A 220 -0.59 -3.30 8.39
C ILE A 220 0.75 -3.87 8.80
N THR A 221 0.76 -4.74 9.80
CA THR A 221 2.00 -5.38 10.27
C THR A 221 2.51 -6.40 9.22
N ALA A 222 1.59 -7.13 8.58
CA ALA A 222 2.00 -8.11 7.55
C ALA A 222 2.57 -7.38 6.32
N ALA A 223 2.00 -6.20 6.01
CA ALA A 223 2.47 -5.38 4.88
C ALA A 223 3.85 -4.80 5.15
N ALA A 224 4.08 -4.30 6.36
CA ALA A 224 5.40 -3.78 6.66
C ALA A 224 6.40 -4.92 6.44
N ALA A 225 6.15 -6.08 7.07
CA ALA A 225 6.96 -7.29 6.87
C ALA A 225 7.21 -7.62 5.40
N ALA A 226 6.15 -7.61 4.59
CA ALA A 226 6.22 -7.83 3.15
C ALA A 226 7.23 -6.91 2.42
N GLU A 227 7.18 -5.62 2.70
CA GLU A 227 8.08 -4.62 2.14
C GLU A 227 9.55 -4.91 2.50
N LYS A 228 9.82 -5.51 3.66
CA LYS A 228 11.20 -5.83 4.02
C LYS A 228 11.76 -6.99 3.20
N ILE A 229 10.89 -7.77 2.57
CA ILE A 229 11.35 -8.95 1.82
C ILE A 229 10.98 -8.90 0.34
N GLY A 230 10.35 -7.79 -0.07
CA GLY A 230 10.08 -7.52 -1.46
C GLY A 230 8.85 -8.23 -1.93
N LEU A 231 7.92 -8.49 -0.99
CA LEU A 231 6.71 -9.26 -1.26
C LEU A 231 5.55 -8.34 -1.63
N GLN A 232 4.98 -8.56 -2.81
CA GLN A 232 4.02 -7.61 -3.31
C GLN A 232 2.66 -7.95 -2.68
N VAL A 233 1.97 -6.94 -2.15
CA VAL A 233 0.62 -7.15 -1.63
C VAL A 233 -0.44 -7.38 -2.74
N GLU A 234 -0.45 -6.54 -3.79
CA GLU A 234 -1.40 -6.74 -4.91
C GLU A 234 -1.14 -8.10 -5.57
N GLY A 235 -2.19 -8.93 -5.61
CA GLY A 235 -2.11 -10.27 -6.19
C GLY A 235 -1.64 -11.36 -5.25
N ALA A 236 -1.29 -10.99 -4.02
CA ALA A 236 -0.85 -12.00 -3.04
C ALA A 236 -2.01 -12.81 -2.51
N ARG A 237 -1.68 -14.03 -2.10
CA ARG A 237 -2.64 -14.98 -1.55
C ARG A 237 -2.55 -15.02 -0.03
N VAL A 238 -3.73 -15.04 0.59
CA VAL A 238 -3.84 -15.09 2.04
C VAL A 238 -4.73 -16.24 2.44
N ALA A 239 -4.33 -16.90 3.52
CA ALA A 239 -5.17 -17.85 4.22
C ALA A 239 -5.40 -17.40 5.67
N ILE A 240 -6.65 -17.52 6.10
CA ILE A 240 -7.03 -17.02 7.41
C ILE A 240 -7.74 -18.06 8.28
N GLN A 241 -7.13 -18.38 9.43
CA GLN A 241 -7.83 -19.17 10.43
C GLN A 241 -8.48 -18.25 11.46
N GLY A 242 -9.82 -18.28 11.47
CA GLY A 242 -10.63 -17.44 12.33
C GLY A 242 -11.38 -16.45 11.48
N PHE A 243 -12.68 -16.36 11.66
CA PHE A 243 -13.41 -15.33 10.94
C PHE A 243 -14.29 -14.51 11.89
N GLY A 244 -13.75 -14.28 13.07
CA GLY A 244 -14.41 -13.43 14.07
C GLY A 244 -14.04 -12.00 13.78
N ASN A 245 -14.15 -11.14 14.79
CA ASN A 245 -13.80 -9.73 14.60
C ASN A 245 -12.39 -9.48 14.06
N VAL A 246 -11.42 -10.26 14.53
CA VAL A 246 -10.03 -10.10 14.07
C VAL A 246 -9.96 -10.68 12.64
N GLY A 247 -10.21 -11.98 12.52
CA GLY A 247 -10.15 -12.67 11.25
C GLY A 247 -10.84 -11.98 10.10
N ASN A 248 -12.12 -11.66 10.26
CA ASN A 248 -12.82 -11.10 9.12
C ASN A 248 -12.37 -9.68 8.77
N ALA A 249 -12.04 -8.85 9.76
CA ALA A 249 -11.49 -7.52 9.44
C ALA A 249 -10.08 -7.59 8.74
N ALA A 250 -9.29 -8.59 9.10
CA ALA A 250 -7.97 -8.77 8.46
C ALA A 250 -8.17 -9.16 7.01
N ALA A 251 -9.20 -9.96 6.76
CA ALA A 251 -9.52 -10.42 5.41
C ALA A 251 -9.95 -9.24 4.56
N ARG A 252 -10.89 -8.45 5.10
CA ARG A 252 -11.32 -7.20 4.48
C ARG A 252 -10.16 -6.25 4.16
N ALA A 253 -9.25 -6.04 5.11
CA ALA A 253 -8.08 -5.20 4.85
C ALA A 253 -7.30 -5.76 3.67
N PHE A 254 -6.98 -7.05 3.73
CA PHE A 254 -6.17 -7.69 2.67
C PHE A 254 -6.82 -7.52 1.29
N HIS A 255 -8.09 -7.89 1.22
CA HIS A 255 -8.87 -7.76 0.01
C HIS A 255 -8.75 -6.35 -0.50
N ASP A 256 -9.02 -5.39 0.39
CA ASP A 256 -9.09 -3.98 0.03
C ASP A 256 -7.77 -3.36 -0.44
N HIS A 257 -6.63 -3.95 -0.02
CA HIS A 257 -5.33 -3.58 -0.55
C HIS A 257 -4.89 -4.45 -1.75
N GLY A 258 -5.83 -5.19 -2.33
CA GLY A 258 -5.54 -6.00 -3.51
C GLY A 258 -5.02 -7.43 -3.36
N ALA A 259 -5.15 -8.04 -2.18
CA ALA A 259 -4.74 -9.44 -2.03
C ALA A 259 -5.93 -10.34 -2.23
N ARG A 260 -5.72 -11.61 -2.56
CA ARG A 260 -6.80 -12.60 -2.60
C ARG A 260 -6.84 -13.44 -1.33
N VAL A 261 -7.96 -13.41 -0.59
CA VAL A 261 -8.21 -14.45 0.43
C VAL A 261 -8.62 -15.77 -0.27
N VAL A 262 -7.80 -16.81 -0.13
CA VAL A 262 -8.10 -18.09 -0.82
C VAL A 262 -8.66 -19.19 0.08
N ALA A 263 -8.45 -19.05 1.39
CA ALA A 263 -8.90 -20.06 2.33
C ALA A 263 -9.18 -19.43 3.69
N VAL A 264 -10.35 -19.76 4.24
CA VAL A 264 -10.66 -19.47 5.64
C VAL A 264 -11.02 -20.77 6.37
N GLN A 265 -10.32 -21.05 7.46
CA GLN A 265 -10.69 -22.13 8.38
C GLN A 265 -11.33 -21.63 9.68
N ASP A 266 -12.44 -22.27 10.03
CA ASP A 266 -13.44 -21.84 11.04
C ASP A 266 -13.61 -22.85 12.17
N HIS A 267 -14.62 -22.60 13.01
CA HIS A 267 -15.33 -23.59 13.84
C HIS A 267 -15.71 -24.81 13.02
N THR A 268 -16.48 -24.54 11.97
CA THR A 268 -17.27 -25.53 11.24
C THR A 268 -16.52 -26.18 10.08
N GLY A 269 -15.35 -25.65 9.75
CA GLY A 269 -14.54 -26.22 8.67
C GLY A 269 -13.63 -25.25 7.95
N THR A 270 -13.40 -25.54 6.67
CA THR A 270 -12.51 -24.74 5.84
C THR A 270 -13.09 -24.64 4.44
N VAL A 271 -13.10 -23.43 3.90
CA VAL A 271 -13.43 -23.23 2.48
C VAL A 271 -12.22 -22.71 1.71
N TYR A 272 -12.09 -23.12 0.44
CA TYR A 272 -10.91 -22.82 -0.37
C TYR A 272 -11.30 -22.49 -1.81
N ASN A 273 -10.68 -21.46 -2.35
CA ASN A 273 -10.93 -21.01 -3.73
C ASN A 273 -9.82 -20.09 -4.22
N GLU A 274 -9.00 -20.60 -5.14
CA GLU A 274 -7.82 -19.89 -5.65
C GLU A 274 -8.11 -18.56 -6.36
N ALA A 275 -9.30 -18.46 -6.95
CA ALA A 275 -9.69 -17.20 -7.61
C ALA A 275 -9.89 -16.07 -6.60
N GLY A 276 -10.11 -16.42 -5.33
CA GLY A 276 -10.35 -15.46 -4.28
C GLY A 276 -11.74 -15.61 -3.70
N ILE A 277 -11.87 -15.35 -2.41
CA ILE A 277 -13.15 -15.36 -1.72
C ILE A 277 -13.48 -13.93 -1.32
N ASP A 278 -14.65 -13.44 -1.71
CA ASP A 278 -15.07 -12.11 -1.24
C ASP A 278 -15.46 -12.13 0.24
N PRO A 279 -14.64 -11.51 1.10
CA PRO A 279 -14.88 -11.55 2.55
C PRO A 279 -16.21 -10.90 2.99
N TYR A 280 -16.67 -9.88 2.26
CA TYR A 280 -17.97 -9.25 2.56
C TYR A 280 -19.12 -10.20 2.26
N ASP A 281 -18.96 -11.00 1.21
CA ASP A 281 -19.93 -12.03 0.86
C ASP A 281 -19.84 -13.17 1.87
N LEU A 282 -18.61 -13.62 2.17
CA LEU A 282 -18.41 -14.68 3.15
C LEU A 282 -19.00 -14.31 4.52
N LEU A 283 -18.84 -13.04 4.90
CA LEU A 283 -19.35 -12.56 6.19
C LEU A 283 -20.87 -12.66 6.29
N ARG A 284 -21.59 -12.25 5.25
CA ARG A 284 -23.05 -12.43 5.20
C ARG A 284 -23.44 -13.88 5.47
N HIS A 285 -22.62 -14.80 4.96
CA HIS A 285 -22.81 -16.23 5.16
C HIS A 285 -22.52 -16.69 6.60
N VAL A 286 -21.37 -16.30 7.16
CA VAL A 286 -21.02 -16.64 8.56
C VAL A 286 -22.01 -16.06 9.58
N GLN A 287 -22.57 -14.90 9.23
CA GLN A 287 -23.56 -14.26 10.09
C GLN A 287 -24.89 -15.01 10.01
N GLU A 288 -25.36 -15.29 8.80
CA GLU A 288 -26.67 -15.94 8.61
C GLU A 288 -26.63 -17.46 8.84
N PHE A 289 -25.97 -18.18 7.93
CA PHE A 289 -25.92 -19.65 7.97
C PHE A 289 -25.36 -20.15 9.32
N GLY A 290 -24.31 -19.51 9.83
CA GLY A 290 -23.78 -19.85 11.15
C GLY A 290 -22.27 -19.96 11.27
N GLY A 291 -21.63 -20.21 10.13
CA GLY A 291 -20.18 -20.43 10.04
C GLY A 291 -19.73 -20.53 8.59
N VAL A 292 -18.46 -20.89 8.39
CA VAL A 292 -17.88 -20.87 7.05
C VAL A 292 -18.35 -22.04 6.16
N ARG A 293 -18.68 -23.18 6.79
CA ARG A 293 -19.12 -24.39 6.08
C ARG A 293 -20.36 -24.17 5.23
N GLY A 294 -20.25 -24.56 3.95
CA GLY A 294 -21.38 -24.49 3.05
C GLY A 294 -21.46 -23.19 2.28
N TYR A 295 -20.37 -22.42 2.30
CA TYR A 295 -20.31 -21.19 1.52
C TYR A 295 -20.32 -21.55 0.04
N PRO A 296 -21.35 -21.07 -0.70
CA PRO A 296 -21.60 -21.46 -2.09
C PRO A 296 -20.43 -21.25 -3.07
N LYS A 297 -19.64 -20.20 -2.87
CA LYS A 297 -18.64 -19.77 -3.86
C LYS A 297 -17.20 -20.17 -3.52
N ALA A 298 -17.07 -21.39 -3.01
CA ALA A 298 -15.80 -22.01 -2.65
C ALA A 298 -16.05 -23.50 -2.41
N GLU A 299 -14.99 -24.32 -2.41
CA GLU A 299 -15.13 -25.76 -2.13
C GLU A 299 -14.63 -26.09 -0.71
N PRO A 300 -15.19 -27.13 -0.06
CA PRO A 300 -14.73 -27.52 1.28
C PRO A 300 -13.32 -28.07 1.24
N LEU A 301 -12.61 -27.96 2.34
CA LEU A 301 -11.23 -28.42 2.42
C LEU A 301 -11.01 -29.13 3.76
N PRO A 302 -10.19 -30.19 3.76
CA PRO A 302 -9.97 -30.87 5.03
C PRO A 302 -9.00 -30.08 5.91
N ALA A 303 -9.41 -29.86 7.15
CA ALA A 303 -8.68 -29.06 8.13
C ALA A 303 -7.15 -29.12 8.05
N ALA A 304 -6.59 -30.31 7.93
CA ALA A 304 -5.13 -30.46 7.92
C ALA A 304 -4.48 -29.94 6.63
N ASP A 305 -5.27 -29.78 5.57
CA ASP A 305 -4.77 -29.24 4.29
C ASP A 305 -4.66 -27.71 4.25
N PHE A 306 -5.29 -27.03 5.21
CA PHE A 306 -5.23 -25.58 5.32
C PHE A 306 -3.78 -25.11 5.53
N TRP A 307 -3.10 -25.69 6.49
CA TRP A 307 -1.75 -25.24 6.86
C TRP A 307 -0.70 -25.29 5.75
N GLY A 308 -0.79 -26.29 4.86
CA GLY A 308 0.24 -26.51 3.85
C GLY A 308 0.00 -25.83 2.52
N LEU A 309 -1.06 -25.04 2.44
CA LEU A 309 -1.48 -24.39 1.21
C LEU A 309 -0.42 -23.40 0.70
N PRO A 310 -0.22 -23.37 -0.63
CA PRO A 310 0.66 -22.38 -1.28
C PRO A 310 0.02 -20.98 -1.22
N VAL A 311 0.58 -20.14 -0.37
CA VAL A 311 0.05 -18.80 -0.06
C VAL A 311 1.22 -17.94 0.33
N GLU A 312 1.03 -16.63 0.27
CA GLU A 312 2.06 -15.67 0.70
C GLU A 312 1.94 -15.31 2.17
N PHE A 313 0.70 -15.09 2.61
CA PHE A 313 0.39 -14.70 3.98
C PHE A 313 -0.52 -15.72 4.66
N LEU A 314 -0.14 -16.08 5.86
CA LEU A 314 -0.98 -16.93 6.70
C LEU A 314 -1.32 -16.20 8.01
N VAL A 315 -2.61 -16.08 8.28
CA VAL A 315 -3.05 -15.36 9.47
C VAL A 315 -3.86 -16.23 10.45
N PRO A 316 -3.18 -16.80 11.46
CA PRO A 316 -3.91 -17.42 12.56
C PRO A 316 -4.59 -16.37 13.44
N ALA A 317 -5.92 -16.26 13.34
CA ALA A 317 -6.70 -15.30 14.12
C ALA A 317 -7.84 -15.98 14.92
N ALA A 318 -7.57 -17.19 15.42
CA ALA A 318 -8.54 -18.02 16.12
C ALA A 318 -8.05 -18.38 17.54
N LEU A 319 -7.75 -19.66 17.80
CA LEU A 319 -7.32 -20.09 19.14
C LEU A 319 -5.81 -20.19 19.22
N GLU A 320 -5.33 -20.50 20.42
CA GLU A 320 -3.90 -20.61 20.71
C GLU A 320 -3.37 -21.94 20.21
N LYS A 321 -2.04 -22.06 20.19
CA LYS A 321 -1.35 -23.30 19.80
C LYS A 321 -1.90 -23.97 18.55
N GLN A 322 -2.10 -23.21 17.47
CA GLN A 322 -2.69 -23.76 16.26
C GLN A 322 -1.64 -24.16 15.24
N ILE A 323 -0.44 -23.61 15.42
CA ILE A 323 0.71 -23.88 14.57
C ILE A 323 1.75 -24.51 15.50
N THR A 324 2.03 -25.79 15.26
CA THR A 324 2.88 -26.61 16.14
C THR A 324 3.89 -27.38 15.31
N GLU A 325 4.80 -28.06 16.01
CA GLU A 325 5.61 -29.17 15.45
C GLU A 325 4.84 -30.05 14.48
N GLN A 326 3.60 -30.38 14.82
CA GLN A 326 2.78 -31.29 14.01
C GLN A 326 2.48 -30.75 12.61
N ASN A 327 2.41 -29.43 12.46
CA ASN A 327 2.10 -28.86 11.14
C ASN A 327 3.03 -27.78 10.57
N ALA A 328 4.03 -27.36 11.32
CA ALA A 328 4.88 -26.23 10.91
C ALA A 328 5.67 -26.49 9.62
N TRP A 329 6.15 -27.71 9.44
CA TRP A 329 6.96 -28.05 8.28
C TRP A 329 6.20 -27.92 6.96
N ARG A 330 4.87 -28.07 7.00
CA ARG A 330 4.03 -27.97 5.79
C ARG A 330 3.78 -26.54 5.32
N ILE A 331 3.85 -25.58 6.26
CA ILE A 331 3.54 -24.19 5.95
C ILE A 331 4.45 -23.67 4.84
N ARG A 332 3.83 -23.17 3.78
CA ARG A 332 4.53 -22.62 2.60
C ARG A 332 4.42 -21.09 2.54
N ALA A 333 3.93 -20.48 3.60
CA ALA A 333 3.78 -19.03 3.66
C ALA A 333 5.13 -18.38 3.83
N ARG A 334 5.27 -17.20 3.23
CA ARG A 334 6.42 -16.35 3.44
C ARG A 334 6.29 -15.54 4.74
N ILE A 335 5.05 -15.12 5.04
CA ILE A 335 4.81 -14.34 6.27
C ILE A 335 3.67 -14.92 7.09
N VAL A 336 3.96 -15.14 8.36
CA VAL A 336 2.88 -15.50 9.27
C VAL A 336 2.55 -14.25 10.13
N ALA A 337 1.29 -13.83 10.10
CA ALA A 337 0.90 -12.69 10.93
C ALA A 337 -0.14 -13.04 12.02
N GLU A 338 0.33 -12.99 13.26
CA GLU A 338 -0.44 -13.46 14.44
C GLU A 338 -1.57 -12.52 14.90
N GLY A 339 -2.78 -12.82 14.45
CA GLY A 339 -3.99 -12.13 14.90
C GLY A 339 -4.42 -12.59 16.28
N ALA A 340 -4.37 -13.89 16.53
CA ALA A 340 -4.66 -14.43 17.87
C ALA A 340 -3.47 -14.23 18.80
N ASN A 341 -3.70 -14.31 20.10
CA ASN A 341 -2.58 -14.42 21.04
C ASN A 341 -2.13 -15.88 21.10
N GLY A 342 -0.83 -16.09 21.31
CA GLY A 342 -0.21 -17.42 21.31
C GLY A 342 -0.58 -18.52 20.30
N PRO A 343 -0.77 -18.17 19.01
CA PRO A 343 -1.16 -19.26 18.09
C PRO A 343 0.00 -20.16 17.65
N THR A 344 1.23 -19.80 17.99
CA THR A 344 2.32 -20.63 17.53
C THR A 344 3.26 -20.98 18.68
N THR A 345 3.58 -22.27 18.79
CA THR A 345 4.40 -22.82 19.89
C THR A 345 5.87 -22.51 19.64
N PRO A 346 6.71 -22.51 20.71
CA PRO A 346 8.13 -22.26 20.55
C PRO A 346 8.83 -23.24 19.60
N ALA A 347 8.54 -24.53 19.73
CA ALA A 347 8.98 -25.53 18.74
C ALA A 347 8.61 -25.13 17.30
N ALA A 348 7.37 -24.71 17.07
CA ALA A 348 6.94 -24.25 15.73
C ALA A 348 7.70 -22.99 15.28
N ASP A 349 8.09 -22.13 16.24
CA ASP A 349 8.95 -20.97 15.97
C ASP A 349 10.27 -21.41 15.33
N ASP A 350 10.92 -22.38 15.97
CA ASP A 350 12.25 -22.84 15.56
C ASP A 350 12.24 -23.43 14.16
N ILE A 351 11.15 -24.11 13.85
CA ILE A 351 10.93 -24.69 12.53
C ILE A 351 10.78 -23.58 11.48
N LEU A 352 9.83 -22.67 11.70
CA LEU A 352 9.63 -21.51 10.82
C LEU A 352 10.90 -20.66 10.56
N LEU A 353 11.75 -20.51 11.59
CA LEU A 353 13.04 -19.85 11.46
C LEU A 353 13.95 -20.60 10.49
N GLU A 354 14.07 -21.91 10.72
CA GLU A 354 14.83 -22.79 9.83
C GLU A 354 14.34 -22.74 8.38
N LYS A 355 13.03 -22.70 8.17
CA LYS A 355 12.47 -22.57 6.82
C LYS A 355 12.57 -21.15 6.27
N GLY A 356 12.91 -20.17 7.11
CA GLY A 356 12.97 -18.76 6.73
C GLY A 356 11.61 -18.10 6.45
N VAL A 357 10.57 -18.54 7.16
CA VAL A 357 9.30 -17.80 7.09
C VAL A 357 9.22 -16.78 8.23
N LEU A 358 9.00 -15.52 7.86
CA LEU A 358 8.85 -14.42 8.84
C LEU A 358 7.58 -14.54 9.66
N VAL A 359 7.76 -14.51 10.98
CA VAL A 359 6.62 -14.54 11.88
C VAL A 359 6.40 -13.17 12.53
N VAL A 360 5.33 -12.48 12.12
CA VAL A 360 4.98 -11.22 12.81
C VAL A 360 4.23 -11.55 14.09
N PRO A 361 4.93 -11.40 15.23
CA PRO A 361 4.49 -11.80 16.57
C PRO A 361 3.26 -11.06 17.03
N ASP A 362 2.43 -11.79 17.79
CA ASP A 362 1.12 -11.36 18.30
C ASP A 362 1.25 -10.01 19.05
N VAL A 363 2.42 -9.80 19.67
CA VAL A 363 2.66 -8.67 20.53
C VAL A 363 2.52 -7.34 19.82
N ILE A 364 3.06 -7.23 18.62
CA ILE A 364 2.82 -6.04 17.87
C ILE A 364 1.72 -6.30 16.81
N ALA A 365 1.58 -7.53 16.32
CA ALA A 365 0.73 -7.76 15.15
C ALA A 365 -0.73 -7.55 15.45
N ASN A 366 -1.17 -7.92 16.65
CA ASN A 366 -2.59 -7.81 16.99
C ASN A 366 -2.96 -6.55 17.81
N ALA A 367 -1.97 -5.68 18.01
CA ALA A 367 -2.09 -4.40 18.76
C ALA A 367 -2.99 -3.29 18.19
N GLY A 368 -3.70 -3.53 17.10
CA GLY A 368 -4.55 -2.46 16.58
C GLY A 368 -5.58 -1.94 17.60
N GLY A 369 -6.23 -2.85 18.31
CA GLY A 369 -7.35 -2.49 19.20
C GLY A 369 -6.83 -1.64 20.33
N VAL A 370 -5.66 -2.03 20.84
CA VAL A 370 -4.99 -1.35 21.92
C VAL A 370 -4.51 0.05 21.53
N THR A 371 -4.15 0.19 20.26
CA THR A 371 -3.65 1.43 19.73
C THR A 371 -4.82 2.39 19.58
N VAL A 372 -5.96 1.91 19.08
CA VAL A 372 -7.14 2.78 19.01
C VAL A 372 -7.74 3.16 20.40
N SER A 373 -7.71 2.28 21.39
CA SER A 373 -8.10 2.70 22.74
C SER A 373 -7.27 3.83 23.24
N TYR A 374 -6.00 3.81 22.84
CA TYR A 374 -5.12 4.89 23.19
C TYR A 374 -5.59 6.14 22.43
N PHE A 375 -5.90 6.00 21.15
CA PHE A 375 -6.43 7.17 20.46
C PHE A 375 -7.70 7.71 21.16
N GLU A 376 -8.43 6.86 21.83
CA GLU A 376 -9.72 7.24 22.45
C GLU A 376 -9.48 8.18 23.64
N TRP A 377 -8.52 7.77 24.47
CA TRP A 377 -7.97 8.53 25.58
C TRP A 377 -7.31 9.86 25.20
N VAL A 378 -6.52 9.86 24.11
CA VAL A 378 -6.01 11.08 23.51
C VAL A 378 -7.12 12.05 23.14
N GLN A 379 -8.10 11.58 22.37
CA GLN A 379 -9.24 12.36 21.96
C GLN A 379 -10.08 12.84 23.10
N ASP A 380 -10.20 12.01 24.13
CA ASP A 380 -10.98 12.35 25.31
C ASP A 380 -10.51 13.53 26.13
N PHE A 381 -9.20 13.81 26.12
CA PHE A 381 -8.58 14.88 26.92
C PHE A 381 -9.14 16.26 26.56
N ASN A 382 -9.49 16.47 25.29
CA ASN A 382 -10.16 17.71 24.91
C ASN A 382 -11.49 17.54 24.16
N SER A 383 -12.07 16.35 24.27
CA SER A 383 -13.27 15.98 23.50
C SER A 383 -13.31 16.61 22.11
N TYR A 384 -12.25 16.39 21.35
CA TYR A 384 -12.23 16.66 19.90
C TYR A 384 -11.86 15.33 19.18
N PHE A 385 -12.83 14.87 18.40
CA PHE A 385 -12.84 13.53 17.86
C PHE A 385 -12.39 13.51 16.38
N TRP A 386 -11.60 12.48 16.05
CA TRP A 386 -11.01 12.29 14.73
C TRP A 386 -11.95 11.53 13.78
N THR A 387 -11.73 11.72 12.48
CA THR A 387 -12.48 10.96 11.48
C THR A 387 -11.90 9.53 11.41
N GLU A 388 -12.70 8.66 10.79
CA GLU A 388 -12.27 7.27 10.50
C GLU A 388 -10.94 7.17 9.72
N GLU A 389 -10.77 7.98 8.67
CA GLU A 389 -9.53 8.00 7.89
C GLU A 389 -8.31 8.41 8.75
N GLU A 390 -8.55 9.38 9.63
CA GLU A 390 -7.51 9.92 10.48
C GLU A 390 -7.02 8.88 11.48
N ILE A 391 -7.98 8.19 12.07
CA ILE A 391 -7.74 7.02 12.92
C ILE A 391 -6.92 5.96 12.17
N ASN A 392 -7.38 5.59 10.98
CA ASN A 392 -6.63 4.59 10.20
C ASN A 392 -5.18 5.01 9.85
N ALA A 393 -4.98 6.30 9.53
CA ALA A 393 -3.66 6.75 9.17
C ALA A 393 -2.75 6.80 10.37
N ARG A 394 -3.27 7.22 11.51
CA ARG A 394 -2.41 7.32 12.74
C ARG A 394 -2.17 5.95 13.34
N LEU A 395 -3.18 5.10 13.24
CA LEU A 395 -3.00 3.67 13.45
C LEU A 395 -1.85 3.09 12.60
N GLU A 396 -1.84 3.38 11.30
CA GLU A 396 -0.76 2.88 10.45
C GLU A 396 0.60 3.34 10.97
N ARG A 397 0.73 4.62 11.36
CA ARG A 397 2.01 5.22 11.84
C ARG A 397 2.52 4.47 13.03
N VAL A 398 1.67 4.34 14.05
CA VAL A 398 2.00 3.61 15.27
C VAL A 398 2.51 2.20 14.94
N LEU A 399 1.72 1.47 14.15
CA LEU A 399 2.07 0.06 13.91
C LEU A 399 3.29 -0.13 13.01
N ARG A 400 3.52 0.74 12.02
CA ARG A 400 4.78 0.62 11.25
C ARG A 400 6.01 1.09 12.02
N ASN A 401 5.84 2.08 12.90
CA ASN A 401 6.92 2.49 13.80
C ASN A 401 7.32 1.32 14.69
N ALA A 402 6.31 0.60 15.18
CA ALA A 402 6.49 -0.56 16.05
C ALA A 402 7.18 -1.70 15.28
N PHE A 403 6.70 -2.00 14.08
CA PHE A 403 7.36 -3.04 13.27
C PHE A 403 8.82 -2.72 13.02
N GLU A 404 9.11 -1.52 12.54
CA GLU A 404 10.47 -1.10 12.19
C GLU A 404 11.43 -1.14 13.39
N ALA A 405 10.96 -0.71 14.56
CA ALA A 405 11.81 -0.75 15.77
C ALA A 405 12.23 -2.18 16.16
N VAL A 406 11.27 -3.10 16.06
CA VAL A 406 11.48 -4.54 16.32
C VAL A 406 12.38 -5.14 15.26
N TRP A 407 12.08 -4.85 13.98
CA TRP A 407 12.93 -5.27 12.88
C TRP A 407 14.39 -4.88 13.13
N GLN A 408 14.59 -3.66 13.60
CA GLN A 408 15.92 -3.10 13.76
C GLN A 408 16.70 -3.86 14.82
N VAL A 409 16.10 -4.02 15.99
CA VAL A 409 16.68 -4.85 17.06
C VAL A 409 16.87 -6.31 16.57
N ALA A 410 15.88 -6.87 15.88
CA ALA A 410 16.05 -8.21 15.30
C ALA A 410 17.33 -8.34 14.44
N GLN A 411 17.62 -7.34 13.61
CA GLN A 411 18.78 -7.39 12.73
C GLN A 411 20.10 -7.17 13.48
N GLU A 412 20.11 -6.27 14.47
CA GLU A 412 21.36 -5.92 15.20
C GLU A 412 21.86 -7.08 16.07
N LYS A 413 20.95 -7.67 16.82
CA LYS A 413 21.27 -8.78 17.71
C LYS A 413 21.13 -10.17 17.08
N LYS A 414 20.72 -10.24 15.81
CA LYS A 414 20.51 -11.54 15.12
C LYS A 414 19.59 -12.47 15.89
N ILE A 415 18.41 -11.97 16.26
CA ILE A 415 17.43 -12.78 16.94
C ILE A 415 16.13 -12.70 16.11
N PRO A 416 15.17 -13.60 16.36
CA PRO A 416 13.91 -13.47 15.59
C PRO A 416 12.97 -12.33 16.05
N LEU A 417 12.00 -12.00 15.21
CA LEU A 417 11.05 -10.92 15.48
C LEU A 417 10.39 -11.04 16.85
N ARG A 418 9.92 -12.24 17.19
CA ARG A 418 9.24 -12.45 18.47
C ARG A 418 10.16 -12.05 19.64
N THR A 419 11.35 -12.65 19.70
CA THR A 419 12.30 -12.27 20.76
C THR A 419 12.55 -10.77 20.79
N ALA A 420 12.80 -10.20 19.61
CA ALA A 420 13.09 -8.78 19.48
C ALA A 420 11.99 -7.86 20.00
N ALA A 421 10.72 -8.23 19.79
CA ALA A 421 9.61 -7.47 20.31
C ALA A 421 9.67 -7.41 21.83
N TYR A 422 10.06 -8.53 22.45
CA TYR A 422 10.17 -8.61 23.91
C TYR A 422 11.37 -7.84 24.40
N VAL A 423 12.49 -7.94 23.66
CA VAL A 423 13.69 -7.12 23.88
C VAL A 423 13.40 -5.60 23.75
N VAL A 424 12.58 -5.21 22.75
CA VAL A 424 12.23 -3.80 22.59
C VAL A 424 11.38 -3.32 23.80
N ALA A 425 10.43 -4.13 24.23
CA ALA A 425 9.59 -3.80 25.36
C ALA A 425 10.41 -3.61 26.61
N ALA A 426 11.15 -4.65 27.00
CA ALA A 426 11.99 -4.59 28.21
C ALA A 426 12.96 -3.42 28.24
N THR A 427 13.59 -3.16 27.10
CA THR A 427 14.63 -2.15 27.02
C THR A 427 14.05 -0.75 27.30
N ARG A 428 12.87 -0.51 26.75
CA ARG A 428 12.20 0.74 26.94
C ARG A 428 11.69 0.98 28.36
N VAL A 429 11.11 -0.05 28.97
CA VAL A 429 10.65 0.06 30.34
C VAL A 429 11.85 0.31 31.25
N LEU A 430 12.89 -0.49 31.11
CA LEU A 430 14.05 -0.29 31.98
C LEU A 430 14.72 1.03 31.69
N GLU A 431 14.69 1.45 30.42
CA GLU A 431 15.24 2.76 30.03
C GLU A 431 14.51 3.91 30.72
N ALA A 432 13.16 3.92 30.65
CA ALA A 432 12.39 4.90 31.44
C ALA A 432 12.81 4.90 32.90
N ARG A 433 12.94 3.71 33.46
CA ARG A 433 13.25 3.57 34.88
C ARG A 433 14.67 4.01 35.19
N ALA A 434 15.60 3.72 34.29
CA ALA A 434 17.00 4.15 34.49
C ALA A 434 17.08 5.69 34.48
N LEU A 435 16.27 6.34 33.64
CA LEU A 435 16.39 7.81 33.55
C LEU A 435 15.68 8.51 34.71
N ARG A 436 14.43 8.15 34.93
CA ARG A 436 13.70 8.57 36.13
C ARG A 436 14.41 8.33 37.46
N GLY A 437 15.11 7.20 37.59
CA GLY A 437 15.88 6.87 38.80
C GLY A 437 15.00 6.33 39.94
N LEU A 438 15.67 5.90 41.00
CA LEU A 438 15.00 5.32 42.18
C LEU A 438 14.55 6.40 43.17
N TYR A 439 13.22 6.66 43.25
CA TYR A 439 12.72 7.65 44.20
C TYR A 439 11.23 7.42 44.46
N PRO A 440 10.85 7.44 45.76
CA PRO A 440 11.72 7.69 46.93
C PRO A 440 12.71 6.57 47.26
N GLU B 20 -17.58 -20.11 49.34
CA GLU B 20 -16.32 -19.91 48.58
C GLU B 20 -15.31 -19.22 49.53
N PRO B 21 -14.29 -19.96 50.00
CA PRO B 21 -13.21 -19.22 50.67
C PRO B 21 -12.48 -18.36 49.65
N LEU B 22 -11.65 -17.45 50.14
CA LEU B 22 -10.92 -16.53 49.27
C LEU B 22 -9.94 -17.30 48.38
N SER B 23 -10.04 -17.10 47.07
CA SER B 23 -9.26 -17.91 46.10
C SER B 23 -7.75 -17.62 46.12
N TYR B 24 -7.37 -16.43 46.57
CA TYR B 24 -5.96 -16.04 46.57
C TYR B 24 -5.14 -16.57 47.75
N LEU B 25 -5.77 -17.38 48.60
CA LEU B 25 -5.08 -18.01 49.73
C LEU B 25 -4.77 -19.50 49.50
N GLY B 26 -5.47 -20.11 48.54
CA GLY B 26 -5.22 -21.51 48.19
C GLY B 26 -5.85 -22.46 49.20
N LYS B 27 -5.31 -23.69 49.26
CA LYS B 27 -5.97 -24.83 49.96
C LYS B 27 -6.06 -24.69 51.49
N ASP B 28 -4.95 -24.31 52.13
CA ASP B 28 -4.99 -23.94 53.55
C ASP B 28 -4.82 -22.43 53.75
N GLY B 29 -5.86 -21.81 54.34
CA GLY B 29 -5.89 -20.35 54.59
C GLY B 29 -5.17 -19.86 55.86
N GLY B 30 -4.56 -20.78 56.60
CA GLY B 30 -3.68 -20.48 57.76
C GLY B 30 -4.27 -19.63 58.87
N PRO B 31 -3.52 -18.60 59.32
CA PRO B 31 -4.00 -17.63 60.32
C PRO B 31 -5.36 -16.99 59.99
N TRP B 32 -5.62 -16.73 58.70
CA TRP B 32 -6.90 -16.17 58.27
C TRP B 32 -8.10 -17.09 58.55
N GLU B 33 -7.90 -18.40 58.33
CA GLU B 33 -8.92 -19.39 58.62
C GLU B 33 -9.27 -19.37 60.12
N ILE B 34 -8.24 -19.29 60.96
CA ILE B 34 -8.43 -19.22 62.40
C ILE B 34 -9.30 -18.00 62.75
N PHE B 35 -9.07 -16.88 62.07
CA PHE B 35 -9.88 -15.68 62.29
C PHE B 35 -11.34 -15.90 61.88
N THR B 36 -11.56 -16.50 60.71
CA THR B 36 -12.93 -16.62 60.19
C THR B 36 -13.73 -17.68 60.95
N GLU B 37 -13.03 -18.67 61.48
CA GLU B 37 -13.66 -19.69 62.33
C GLU B 37 -14.26 -19.01 63.57
N GLN B 38 -13.52 -18.06 64.15
CA GLN B 38 -13.99 -17.28 65.30
C GLN B 38 -15.22 -16.42 65.00
N VAL B 39 -15.28 -15.84 63.79
CA VAL B 39 -16.50 -15.16 63.32
C VAL B 39 -17.67 -16.14 63.30
N ASP B 40 -17.42 -17.33 62.74
CA ASP B 40 -18.39 -18.43 62.71
C ASP B 40 -19.00 -18.67 64.10
N ARG B 41 -18.13 -18.81 65.08
CA ARG B 41 -18.54 -19.19 66.43
C ARG B 41 -19.32 -18.11 67.13
N VAL B 42 -19.19 -16.90 66.62
CA VAL B 42 -19.86 -15.76 67.23
C VAL B 42 -21.24 -15.59 66.59
N VAL B 43 -21.47 -16.22 65.45
CA VAL B 43 -22.72 -16.02 64.70
C VAL B 43 -24.02 -16.37 65.45
N PRO B 44 -24.02 -17.46 66.25
CA PRO B 44 -25.21 -17.79 67.07
C PRO B 44 -25.76 -16.66 67.95
N TYR B 45 -24.92 -15.70 68.32
CA TYR B 45 -25.27 -14.65 69.30
C TYR B 45 -25.60 -13.27 68.71
N LEU B 46 -25.63 -13.19 67.39
CA LEU B 46 -25.79 -11.95 66.66
C LEU B 46 -27.22 -11.47 66.47
N GLY B 47 -28.21 -12.35 66.70
CA GLY B 47 -29.62 -11.99 66.50
C GLY B 47 -29.88 -11.54 65.07
N ARG B 48 -30.52 -10.39 64.91
CA ARG B 48 -30.95 -9.92 63.58
C ARG B 48 -29.76 -9.54 62.68
N LEU B 49 -28.61 -9.34 63.31
CA LEU B 49 -27.39 -8.93 62.61
C LEU B 49 -26.65 -10.11 61.96
N ALA B 50 -27.09 -11.33 62.26
CA ALA B 50 -26.36 -12.53 61.82
C ALA B 50 -26.04 -12.63 60.31
N PRO B 51 -27.02 -12.35 59.40
CA PRO B 51 -26.70 -12.43 57.96
C PRO B 51 -25.55 -11.51 57.50
N LEU B 52 -25.38 -10.39 58.19
CA LEU B 52 -24.38 -9.42 57.83
C LEU B 52 -22.98 -9.92 58.18
N ALA B 53 -22.92 -10.98 58.98
CA ALA B 53 -21.66 -11.53 59.48
C ALA B 53 -20.72 -11.96 58.35
N GLU B 54 -21.29 -12.34 57.21
CA GLU B 54 -20.52 -12.70 56.01
C GLU B 54 -19.47 -11.67 55.60
N SER B 55 -19.85 -10.39 55.66
CA SER B 55 -18.96 -9.29 55.40
C SER B 55 -17.70 -9.32 56.28
N LEU B 56 -17.74 -10.04 57.40
CA LEU B 56 -16.58 -10.08 58.31
C LEU B 56 -15.52 -11.04 57.82
N LYS B 57 -15.89 -11.92 56.89
CA LYS B 57 -14.97 -12.96 56.41
C LYS B 57 -14.23 -12.59 55.12
N ARG B 58 -14.27 -11.32 54.77
CA ARG B 58 -13.47 -10.82 53.64
C ARG B 58 -13.00 -9.41 53.93
N PRO B 59 -11.72 -9.15 53.68
CA PRO B 59 -11.20 -7.82 53.95
C PRO B 59 -11.73 -6.83 52.90
N LYS B 60 -12.07 -5.63 53.35
CA LYS B 60 -12.49 -4.53 52.49
C LYS B 60 -11.47 -4.28 51.38
N ARG B 61 -10.19 -4.28 51.76
CA ARG B 61 -9.15 -3.78 50.91
C ARG B 61 -7.80 -4.43 51.27
N VAL B 62 -7.14 -5.04 50.28
CA VAL B 62 -5.77 -5.55 50.46
C VAL B 62 -4.84 -4.84 49.47
N LEU B 63 -3.69 -4.33 49.94
CA LEU B 63 -2.76 -3.66 49.07
C LEU B 63 -1.41 -4.27 49.21
N ILE B 64 -0.95 -4.84 48.10
CA ILE B 64 0.34 -5.45 48.04
C ILE B 64 1.16 -4.53 47.15
N VAL B 65 2.29 -4.10 47.68
CA VAL B 65 3.19 -3.17 47.02
C VAL B 65 4.58 -3.75 47.00
N ASP B 66 5.35 -3.39 45.97
CA ASP B 66 6.78 -3.68 45.93
C ASP B 66 7.48 -2.55 46.67
N VAL B 67 8.47 -2.87 47.48
CA VAL B 67 9.22 -1.81 48.11
C VAL B 67 10.71 -1.95 47.84
N PRO B 68 11.19 -1.25 46.77
CA PRO B 68 12.58 -1.23 46.34
C PRO B 68 13.42 -0.31 47.20
N VAL B 69 14.65 -0.72 47.50
CA VAL B 69 15.46 0.01 48.47
C VAL B 69 16.89 -0.01 47.98
N ARG B 70 17.51 1.15 47.85
CA ARG B 70 18.94 1.10 47.54
C ARG B 70 19.72 0.75 48.80
N LEU B 71 20.37 -0.41 48.77
CA LEU B 71 21.21 -0.89 49.87
C LEU B 71 22.47 -0.06 49.99
N ASP B 72 23.17 -0.20 51.10
CA ASP B 72 24.40 0.58 51.34
C ASP B 72 25.48 0.43 50.27
N ASP B 73 25.58 -0.74 49.66
CA ASP B 73 26.53 -0.91 48.55
C ASP B 73 26.09 -0.20 47.25
N GLY B 74 24.84 0.26 47.22
CA GLY B 74 24.33 0.97 46.07
C GLY B 74 23.51 0.09 45.13
N SER B 75 23.36 -1.18 45.49
CA SER B 75 22.51 -2.10 44.75
C SER B 75 21.07 -2.06 45.27
N VAL B 76 20.13 -2.46 44.42
CA VAL B 76 18.72 -2.40 44.80
C VAL B 76 18.16 -3.76 45.24
N ALA B 77 17.49 -3.78 46.40
CA ALA B 77 16.77 -4.95 46.88
C ALA B 77 15.28 -4.68 46.80
N TYR B 78 14.49 -5.71 46.53
CA TYR B 78 13.02 -5.56 46.45
C TYR B 78 12.25 -6.32 47.55
N PHE B 79 11.38 -5.63 48.28
CA PHE B 79 10.67 -6.27 49.39
C PHE B 79 9.16 -6.27 49.18
N GLU B 80 8.49 -7.21 49.83
CA GLU B 80 7.05 -7.30 49.78
C GLU B 80 6.49 -6.54 50.94
N GLY B 81 5.71 -5.50 50.67
CA GLY B 81 5.05 -4.75 51.71
C GLY B 81 3.57 -5.00 51.57
N TYR B 82 2.84 -4.92 52.68
CA TYR B 82 1.40 -5.15 52.70
C TYR B 82 0.72 -4.10 53.56
N ARG B 83 -0.54 -3.77 53.22
CA ARG B 83 -1.42 -3.02 54.08
C ARG B 83 -2.84 -3.47 53.78
N VAL B 84 -3.51 -3.95 54.82
CA VAL B 84 -4.85 -4.51 54.69
C VAL B 84 -5.78 -3.63 55.49
N HIS B 85 -6.95 -3.34 54.92
CA HIS B 85 -8.00 -2.76 55.67
C HIS B 85 -9.04 -3.85 55.79
N HIS B 86 -9.06 -4.51 56.94
CA HIS B 86 -10.01 -5.55 57.12
C HIS B 86 -11.44 -5.01 57.09
N ASN B 87 -11.72 -3.97 57.88
CA ASN B 87 -13.11 -3.45 58.01
C ASN B 87 -13.06 -1.99 58.49
N THR B 88 -13.99 -1.19 57.97
CA THR B 88 -13.94 0.26 58.01
C THR B 88 -15.27 0.93 58.45
N ALA B 89 -16.28 0.12 58.72
CA ALA B 89 -17.62 0.61 59.05
C ALA B 89 -17.69 1.60 60.25
N ARG B 90 -16.72 1.48 61.17
CA ARG B 90 -16.72 2.21 62.43
C ARG B 90 -15.73 3.39 62.41
N GLY B 91 -14.86 3.46 61.40
CA GLY B 91 -13.88 4.54 61.27
C GLY B 91 -12.60 4.19 60.52
N PRO B 92 -11.62 5.12 60.52
CA PRO B 92 -10.35 4.89 59.80
C PRO B 92 -9.76 3.54 60.20
N ALA B 93 -8.97 2.93 59.33
CA ALA B 93 -8.36 1.67 59.61
C ALA B 93 -7.34 2.02 60.67
N LYS B 94 -7.03 1.12 61.59
CA LYS B 94 -5.99 1.37 62.64
C LYS B 94 -5.28 0.10 62.97
N GLY B 95 -3.95 0.12 63.06
CA GLY B 95 -3.22 -1.11 63.31
C GLY B 95 -1.78 -0.96 62.89
N GLY B 96 -0.88 -1.58 63.67
CA GLY B 96 0.53 -1.43 63.45
C GLY B 96 1.15 -2.02 62.19
N VAL B 97 2.48 -1.91 62.08
CA VAL B 97 3.18 -2.32 60.91
C VAL B 97 4.39 -3.13 61.39
N ARG B 98 4.53 -4.30 60.79
CA ARG B 98 5.44 -5.29 61.30
C ARG B 98 6.56 -5.56 60.28
N TYR B 99 7.82 -5.47 60.69
CA TYR B 99 8.90 -6.00 59.86
C TYR B 99 9.35 -7.36 60.37
N HIS B 100 9.26 -8.38 59.52
CA HIS B 100 9.62 -9.74 59.91
C HIS B 100 9.69 -10.62 58.67
N PRO B 101 10.76 -11.43 58.57
CA PRO B 101 10.99 -12.33 57.44
C PRO B 101 9.87 -13.34 57.20
N GLU B 102 9.05 -13.59 58.21
CA GLU B 102 7.94 -14.55 58.05
C GLU B 102 6.60 -13.89 57.85
N VAL B 103 6.59 -12.60 57.50
CA VAL B 103 5.34 -11.89 57.18
C VAL B 103 4.76 -12.46 55.92
N THR B 104 3.44 -12.70 55.90
CA THR B 104 2.73 -13.27 54.75
C THR B 104 1.38 -12.53 54.56
N LEU B 105 0.87 -12.51 53.33
CA LEU B 105 -0.44 -11.90 53.07
C LEU B 105 -1.43 -12.34 54.14
N SER B 106 -1.52 -13.66 54.27
CA SER B 106 -2.51 -14.33 55.09
C SER B 106 -2.51 -13.87 56.54
N GLU B 107 -1.31 -13.72 57.10
CA GLU B 107 -1.12 -13.29 58.46
C GLU B 107 -1.53 -11.86 58.65
N VAL B 108 -1.11 -10.99 57.72
CA VAL B 108 -1.39 -9.57 57.78
C VAL B 108 -2.92 -9.33 57.68
N MET B 109 -3.61 -10.15 56.87
CA MET B 109 -5.09 -10.08 56.76
C MET B 109 -5.73 -10.49 58.10
N ALA B 110 -5.23 -11.59 58.65
CA ALA B 110 -5.77 -12.13 59.89
C ALA B 110 -5.61 -11.09 61.00
N LEU B 111 -4.42 -10.52 61.11
CA LEU B 111 -4.10 -9.50 62.10
C LEU B 111 -4.98 -8.23 61.97
N ALA B 112 -5.27 -7.83 60.73
CA ALA B 112 -6.21 -6.73 60.50
C ALA B 112 -7.58 -7.13 61.03
N GLY B 113 -7.97 -8.37 60.76
CA GLY B 113 -9.26 -8.89 61.24
C GLY B 113 -9.37 -8.76 62.76
N TRP B 114 -8.30 -9.15 63.46
CA TRP B 114 -8.22 -8.99 64.93
C TRP B 114 -8.31 -7.55 65.45
N MET B 115 -7.77 -6.61 64.66
CA MET B 115 -7.85 -5.19 65.01
C MET B 115 -9.29 -4.69 64.86
N THR B 116 -10.02 -5.15 63.83
CA THR B 116 -11.44 -4.78 63.75
C THR B 116 -12.12 -5.20 65.04
N ILE B 117 -11.87 -6.44 65.45
CA ILE B 117 -12.49 -6.97 66.66
C ILE B 117 -12.04 -6.22 67.92
N LYS B 118 -10.74 -6.09 68.10
CA LYS B 118 -10.20 -5.41 69.28
C LYS B 118 -10.71 -3.98 69.40
N ASN B 119 -10.68 -3.23 68.30
CA ASN B 119 -11.04 -1.82 68.37
C ASN B 119 -12.52 -1.63 68.64
N ALA B 120 -13.35 -2.51 68.09
CA ALA B 120 -14.78 -2.42 68.40
C ALA B 120 -15.09 -2.88 69.86
N ALA B 121 -14.35 -3.89 70.37
CA ALA B 121 -14.57 -4.41 71.74
C ALA B 121 -14.18 -3.39 72.79
N VAL B 122 -13.07 -2.67 72.57
CA VAL B 122 -12.71 -1.60 73.50
C VAL B 122 -13.42 -0.26 73.21
N GLY B 123 -14.17 -0.19 72.11
CA GLY B 123 -14.96 0.99 71.76
C GLY B 123 -14.13 2.17 71.24
N LEU B 124 -13.07 1.88 70.50
CA LEU B 124 -12.37 2.93 69.76
C LEU B 124 -13.13 3.27 68.46
N PRO B 125 -13.11 4.54 68.02
CA PRO B 125 -13.84 4.84 66.78
C PRO B 125 -13.05 4.44 65.52
N TYR B 126 -12.61 3.20 65.44
CA TYR B 126 -11.76 2.75 64.36
C TYR B 126 -12.19 1.45 63.74
N GLY B 127 -11.80 1.25 62.48
CA GLY B 127 -11.89 -0.03 61.83
C GLY B 127 -10.58 -0.74 62.04
N GLY B 128 -10.40 -1.88 61.35
CA GLY B 128 -9.22 -2.72 61.56
C GLY B 128 -8.31 -2.74 60.35
N GLY B 129 -7.01 -2.62 60.62
CA GLY B 129 -6.02 -2.58 59.59
C GLY B 129 -4.71 -3.13 60.14
N LYS B 130 -3.84 -3.59 59.24
CA LYS B 130 -2.46 -4.03 59.63
C LYS B 130 -1.59 -3.94 58.42
N GLY B 131 -0.28 -3.93 58.64
CA GLY B 131 0.69 -3.90 57.62
C GLY B 131 1.94 -4.65 58.01
N GLY B 132 2.69 -5.05 56.99
CA GLY B 132 3.92 -5.79 57.19
C GLY B 132 4.80 -5.64 55.99
N ILE B 133 6.09 -5.76 56.24
CA ILE B 133 7.09 -5.89 55.21
C ILE B 133 7.85 -7.17 55.53
N ARG B 134 7.93 -8.06 54.56
CA ARG B 134 8.64 -9.31 54.69
C ARG B 134 10.14 -9.05 54.55
N VAL B 135 10.79 -8.77 55.67
CA VAL B 135 12.23 -8.48 55.68
C VAL B 135 12.83 -8.85 57.03
N ASP B 136 14.09 -9.26 57.04
CA ASP B 136 14.80 -9.46 58.29
C ASP B 136 15.55 -8.17 58.62
N PRO B 137 15.02 -7.37 59.57
CA PRO B 137 15.63 -6.09 59.86
C PRO B 137 17.02 -6.19 60.53
N ARG B 138 17.37 -7.36 61.05
CA ARG B 138 18.72 -7.54 61.63
C ARG B 138 19.77 -7.67 60.54
N LYS B 139 19.32 -7.88 59.29
CA LYS B 139 20.22 -7.94 58.13
C LYS B 139 20.48 -6.57 57.50
N LEU B 140 19.80 -5.55 57.99
CA LEU B 140 19.91 -4.20 57.45
C LEU B 140 20.54 -3.21 58.44
N SER B 141 21.24 -2.23 57.89
CA SER B 141 21.73 -1.09 58.67
C SER B 141 20.61 -0.13 59.01
N PRO B 142 20.82 0.74 60.03
CA PRO B 142 19.83 1.79 60.33
C PRO B 142 19.44 2.63 59.10
N GLY B 143 20.43 2.99 58.28
CA GLY B 143 20.20 3.68 56.99
C GLY B 143 19.22 2.95 56.08
N GLU B 144 19.51 1.68 55.81
CA GLU B 144 18.66 0.82 55.03
C GLU B 144 17.23 0.75 55.59
N LEU B 145 17.10 0.55 56.89
CA LEU B 145 15.76 0.51 57.51
C LEU B 145 14.99 1.81 57.27
N GLU B 146 15.70 2.92 57.38
CA GLU B 146 15.12 4.23 57.10
C GLU B 146 14.58 4.31 55.67
N ARG B 147 15.41 3.98 54.68
CA ARG B 147 14.98 4.01 53.28
C ARG B 147 13.80 3.09 52.98
N LEU B 148 13.74 1.97 53.72
CA LEU B 148 12.68 0.99 53.59
C LEU B 148 11.36 1.53 54.12
N THR B 149 11.41 2.16 55.29
CA THR B 149 10.24 2.75 55.94
C THR B 149 9.67 3.84 55.04
N ARG B 150 10.59 4.63 54.48
CA ARG B 150 10.24 5.74 53.60
C ARG B 150 9.57 5.29 52.33
N ARG B 151 10.19 4.31 51.61
CA ARG B 151 9.55 3.75 50.42
C ARG B 151 8.21 3.13 50.73
N TYR B 152 8.15 2.32 51.80
CA TYR B 152 6.89 1.71 52.20
C TYR B 152 5.81 2.79 52.42
N THR B 153 6.11 3.77 53.28
CA THR B 153 5.20 4.93 53.48
C THR B 153 4.74 5.56 52.17
N SER B 154 5.67 5.83 51.26
CA SER B 154 5.29 6.36 49.95
C SER B 154 4.37 5.43 49.21
N GLU B 155 4.71 4.13 49.17
CA GLU B 155 3.86 3.16 48.46
C GLU B 155 2.42 3.01 49.00
N ILE B 156 2.24 3.04 50.33
CA ILE B 156 0.87 2.94 50.86
C ILE B 156 0.22 4.31 51.13
N GLY B 157 0.91 5.35 50.66
CA GLY B 157 0.47 6.73 50.79
C GLY B 157 -0.96 6.99 50.33
N ILE B 158 -1.45 6.19 49.39
CA ILE B 158 -2.82 6.33 48.87
C ILE B 158 -3.87 5.83 49.85
N LEU B 159 -3.40 5.21 50.93
CA LEU B 159 -4.32 4.64 51.91
C LEU B 159 -4.46 5.55 53.13
N LEU B 160 -3.37 6.29 53.35
CA LEU B 160 -3.00 6.90 54.60
C LEU B 160 -3.68 8.23 54.79
N GLY B 161 -3.95 8.55 56.05
CA GLY B 161 -4.48 9.86 56.42
C GLY B 161 -5.10 9.71 57.79
N PRO B 162 -5.11 10.78 58.59
CA PRO B 162 -5.64 10.68 59.94
C PRO B 162 -7.15 10.39 59.92
N ASP B 163 -7.78 10.57 58.76
CA ASP B 163 -9.22 10.20 58.58
C ASP B 163 -9.41 8.95 57.67
N ARG B 164 -8.29 8.22 57.46
CA ARG B 164 -8.30 7.05 56.52
C ARG B 164 -7.64 5.82 57.05
N ASP B 165 -6.37 5.93 57.55
CA ASP B 165 -5.70 4.78 58.02
C ASP B 165 -4.45 5.27 58.82
N ILE B 166 -4.27 4.84 60.06
CA ILE B 166 -3.26 5.44 60.95
C ILE B 166 -2.34 4.35 61.39
N PRO B 167 -1.30 4.10 60.65
CA PRO B 167 -0.43 3.01 61.15
C PRO B 167 0.06 3.19 62.58
N ALA B 168 0.78 2.19 63.11
CA ALA B 168 1.37 2.20 64.45
C ALA B 168 2.58 1.26 64.53
N PRO B 169 3.28 1.22 65.67
CA PRO B 169 4.38 0.23 65.76
C PRO B 169 3.85 -1.19 65.92
N ASP B 170 4.63 -2.19 65.53
CA ASP B 170 4.32 -3.60 65.80
C ASP B 170 5.66 -4.30 65.97
N VAL B 171 5.76 -5.55 65.54
CA VAL B 171 6.96 -6.35 65.78
C VAL B 171 8.14 -5.75 65.00
N ASN B 172 9.22 -5.46 65.72
CA ASN B 172 10.42 -4.88 65.12
C ASN B 172 10.36 -3.42 64.61
N THR B 173 9.24 -2.70 64.87
CA THR B 173 9.14 -1.26 64.62
C THR B 173 8.83 -0.53 65.95
N GLY B 174 9.07 0.77 66.02
CA GLY B 174 8.78 1.57 67.20
C GLY B 174 8.82 3.05 66.84
N GLU B 175 9.14 3.88 67.83
CA GLU B 175 9.22 5.35 67.71
C GLU B 175 10.04 5.83 66.52
N ARG B 176 11.17 5.17 66.29
CA ARG B 176 12.08 5.53 65.22
C ARG B 176 11.39 5.39 63.84
N GLU B 177 10.83 4.22 63.56
CA GLU B 177 10.10 4.01 62.32
C GLU B 177 8.93 4.98 62.21
N MET B 178 8.19 5.17 63.30
CA MET B 178 7.00 6.05 63.30
C MET B 178 7.30 7.52 62.94
N ALA B 179 8.51 7.96 63.31
CA ALA B 179 8.98 9.30 63.01
C ALA B 179 9.22 9.43 61.49
N TRP B 180 9.65 8.31 60.89
CA TRP B 180 10.02 8.28 59.47
C TRP B 180 8.71 8.23 58.64
N MET B 181 7.73 7.47 59.11
CA MET B 181 6.45 7.46 58.40
C MET B 181 5.85 8.86 58.39
N MET B 182 5.82 9.47 59.58
CA MET B 182 5.28 10.78 59.77
C MET B 182 6.00 11.74 58.87
N ASP B 183 7.33 11.79 59.03
CA ASP B 183 8.11 12.71 58.31
C ASP B 183 7.94 12.62 56.82
N THR B 184 7.91 11.38 56.31
CA THR B 184 7.75 11.05 54.88
C THR B 184 6.37 11.37 54.31
N TYR B 185 5.31 11.01 55.03
CA TYR B 185 3.95 11.41 54.58
C TYR B 185 3.85 12.96 54.61
N SER B 186 4.38 13.60 55.66
CA SER B 186 4.33 15.07 55.80
C SER B 186 5.07 15.84 54.68
N MET B 187 6.29 15.40 54.36
CA MET B 187 7.01 15.91 53.16
C MET B 187 6.27 15.63 51.83
N ASN B 188 5.81 14.42 51.61
CA ASN B 188 5.09 14.12 50.35
C ASN B 188 3.86 15.02 50.15
N VAL B 189 3.15 15.27 51.23
CA VAL B 189 1.82 15.82 51.20
C VAL B 189 1.87 17.37 51.35
N GLY B 190 3.00 17.87 51.85
CA GLY B 190 3.24 19.32 51.88
C GLY B 190 2.79 20.01 53.15
N ARG B 191 2.62 19.23 54.22
CA ARG B 191 2.29 19.75 55.54
C ARG B 191 2.56 18.75 56.63
N THR B 192 2.74 19.26 57.83
CA THR B 192 2.97 18.42 58.97
C THR B 192 1.63 17.89 59.47
N VAL B 193 1.52 16.56 59.47
CA VAL B 193 0.29 15.89 59.82
C VAL B 193 0.62 14.85 60.87
N PRO B 194 0.75 15.27 62.15
CA PRO B 194 1.27 14.37 63.23
C PRO B 194 0.47 13.09 63.39
N GLY B 195 -0.84 13.19 63.16
CA GLY B 195 -1.75 12.10 63.42
C GLY B 195 -1.81 11.05 62.34
N VAL B 196 -0.92 11.14 61.35
CA VAL B 196 -0.91 10.13 60.27
C VAL B 196 -0.52 8.73 60.77
N VAL B 197 0.33 8.67 61.79
CA VAL B 197 0.65 7.44 62.52
C VAL B 197 0.49 7.68 64.03
N THR B 198 0.42 6.62 64.83
CA THR B 198 0.70 6.79 66.27
C THR B 198 1.95 6.03 66.77
N GLY B 199 2.21 6.09 68.08
CA GLY B 199 3.49 5.67 68.65
C GLY B 199 4.68 6.49 68.18
N LYS B 200 4.47 7.78 67.96
CA LYS B 200 5.56 8.71 67.63
C LYS B 200 6.30 9.12 68.90
N PRO B 201 7.55 9.60 68.75
CA PRO B 201 8.14 10.22 69.93
C PRO B 201 7.35 11.46 70.42
N ILE B 202 7.45 11.77 71.71
CA ILE B 202 6.81 12.92 72.37
C ILE B 202 7.09 14.22 71.61
N ALA B 203 8.37 14.44 71.28
CA ALA B 203 8.86 15.58 70.48
C ALA B 203 8.18 15.76 69.14
N LEU B 204 7.60 14.68 68.63
CA LEU B 204 7.06 14.71 67.29
C LEU B 204 5.53 14.70 67.29
N GLY B 205 4.93 14.93 68.45
CA GLY B 205 3.48 14.90 68.57
C GLY B 205 3.01 13.60 69.19
N GLY B 206 3.95 12.94 69.89
CA GLY B 206 3.67 11.69 70.61
C GLY B 206 2.87 11.94 71.86
N SER B 207 2.57 10.89 72.60
CA SER B 207 1.74 11.09 73.78
C SER B 207 2.35 10.60 75.07
N LEU B 208 2.08 11.37 76.12
CA LEU B 208 2.43 10.97 77.48
C LEU B 208 1.68 9.71 77.86
N GLY B 209 2.34 8.86 78.64
CA GLY B 209 1.74 7.69 79.25
C GLY B 209 1.65 6.41 78.42
N ARG B 210 2.45 6.33 77.34
CA ARG B 210 2.38 5.19 76.41
C ARG B 210 3.03 3.95 76.96
N ARG B 211 4.21 4.13 77.54
CA ARG B 211 5.03 3.04 78.02
C ARG B 211 4.28 2.13 78.99
N ASP B 212 3.59 2.75 79.95
CA ASP B 212 2.87 2.05 81.03
C ASP B 212 1.41 1.73 80.70
N ALA B 213 0.90 2.28 79.59
CA ALA B 213 -0.51 2.13 79.22
C ALA B 213 -1.05 0.71 79.41
N THR B 214 -0.39 -0.26 78.78
CA THR B 214 -0.87 -1.64 78.74
C THR B 214 -0.93 -2.30 80.14
N GLY B 215 0.18 -2.24 80.89
CA GLY B 215 0.26 -2.83 82.21
C GLY B 215 -0.69 -2.19 83.20
N ARG B 216 -0.88 -0.88 83.08
CA ARG B 216 -1.88 -0.16 83.87
C ARG B 216 -3.30 -0.56 83.48
N GLY B 217 -3.53 -0.81 82.21
CA GLY B 217 -4.85 -1.23 81.74
C GLY B 217 -5.22 -2.64 82.20
N VAL B 218 -4.20 -3.48 82.41
CA VAL B 218 -4.38 -4.82 82.97
C VAL B 218 -4.90 -4.68 84.41
N PHE B 219 -4.27 -3.83 85.18
CA PHE B 219 -4.77 -3.53 86.52
C PHE B 219 -6.18 -2.92 86.53
N ILE B 220 -6.46 -2.00 85.61
CA ILE B 220 -7.75 -1.34 85.58
C ILE B 220 -8.86 -2.34 85.31
N THR B 221 -8.59 -3.26 84.39
CA THR B 221 -9.56 -4.24 84.00
C THR B 221 -9.71 -5.39 85.03
N ALA B 222 -8.58 -5.78 85.63
CA ALA B 222 -8.55 -6.74 86.73
C ALA B 222 -9.34 -6.27 87.94
N ALA B 223 -9.17 -4.98 88.27
CA ALA B 223 -9.86 -4.35 89.40
C ALA B 223 -11.35 -4.15 89.16
N ALA B 224 -11.74 -3.92 87.90
CA ALA B 224 -13.17 -3.84 87.53
C ALA B 224 -13.89 -5.19 87.68
N ALA B 225 -13.16 -6.26 87.39
CA ALA B 225 -13.66 -7.62 87.57
C ALA B 225 -13.83 -7.90 89.07
N ALA B 226 -12.83 -7.55 89.86
CA ALA B 226 -12.84 -7.72 91.30
C ALA B 226 -14.05 -7.07 91.99
N GLU B 227 -14.48 -5.89 91.53
CA GLU B 227 -15.66 -5.24 92.11
C GLU B 227 -16.93 -6.04 91.80
N LYS B 228 -16.99 -6.62 90.60
CA LYS B 228 -18.12 -7.45 90.18
C LYS B 228 -18.27 -8.75 90.99
N ILE B 229 -17.17 -9.25 91.54
CA ILE B 229 -17.18 -10.46 92.39
C ILE B 229 -16.88 -10.18 93.88
N GLY B 230 -16.84 -8.90 94.25
CA GLY B 230 -16.62 -8.48 95.63
C GLY B 230 -15.26 -8.85 96.19
N LEU B 231 -14.24 -8.85 95.34
CA LEU B 231 -12.86 -9.11 95.74
C LEU B 231 -12.19 -7.78 96.07
N GLN B 232 -11.63 -7.70 97.27
CA GLN B 232 -10.93 -6.51 97.71
C GLN B 232 -9.49 -6.48 97.18
N VAL B 233 -9.10 -5.32 96.66
CA VAL B 233 -7.80 -5.15 96.02
C VAL B 233 -6.68 -4.89 97.04
N GLU B 234 -6.98 -4.11 98.08
CA GLU B 234 -5.99 -3.74 99.10
C GLU B 234 -5.36 -4.94 99.80
N GLY B 235 -6.14 -5.98 100.05
CA GLY B 235 -5.57 -7.20 100.64
C GLY B 235 -4.83 -8.08 99.65
N ALA B 236 -5.30 -8.05 98.40
CA ALA B 236 -5.01 -9.06 97.39
C ALA B 236 -3.53 -9.38 97.13
N ARG B 237 -3.25 -10.63 96.75
CA ARG B 237 -1.91 -11.08 96.36
C ARG B 237 -1.83 -11.27 94.85
N VAL B 238 -0.67 -10.96 94.28
CA VAL B 238 -0.49 -10.95 92.81
C VAL B 238 0.72 -11.76 92.37
N ALA B 239 0.51 -12.63 91.39
CA ALA B 239 1.61 -13.29 90.69
C ALA B 239 1.59 -12.89 89.24
N ILE B 240 2.78 -12.63 88.70
CA ILE B 240 2.93 -12.00 87.40
C ILE B 240 4.01 -12.71 86.58
N GLN B 241 3.65 -13.15 85.38
CA GLN B 241 4.60 -13.76 84.47
C GLN B 241 5.06 -12.79 83.39
N GLY B 242 6.36 -12.51 83.39
CA GLY B 242 6.94 -11.54 82.47
C GLY B 242 7.11 -10.22 83.20
N PHE B 243 8.29 -9.63 83.07
CA PHE B 243 8.58 -8.36 83.74
C PHE B 243 9.12 -7.31 82.75
N GLY B 244 8.66 -7.39 81.50
CA GLY B 244 8.95 -6.36 80.49
C GLY B 244 8.08 -5.13 80.70
N ASN B 245 7.82 -4.39 79.63
CA ASN B 245 7.01 -3.17 79.74
C ASN B 245 5.65 -3.38 80.41
N VAL B 246 4.95 -4.43 80.02
CA VAL B 246 3.62 -4.72 80.51
C VAL B 246 3.65 -5.25 81.94
N GLY B 247 4.53 -6.23 82.19
CA GLY B 247 4.58 -6.93 83.46
C GLY B 247 4.90 -6.02 84.63
N ASN B 248 5.97 -5.25 84.48
CA ASN B 248 6.40 -4.35 85.56
C ASN B 248 5.44 -3.16 85.73
N ALA B 249 4.75 -2.79 84.66
CA ALA B 249 3.74 -1.74 84.73
C ALA B 249 2.53 -2.21 85.51
N ALA B 250 2.06 -3.43 85.20
CA ALA B 250 1.03 -4.12 85.99
C ALA B 250 1.47 -4.26 87.46
N ALA B 251 2.72 -4.70 87.66
CA ALA B 251 3.27 -4.87 89.01
C ALA B 251 3.14 -3.58 89.81
N ARG B 252 3.64 -2.49 89.22
CA ARG B 252 3.64 -1.19 89.87
C ARG B 252 2.24 -0.71 90.22
N ALA B 253 1.30 -0.87 89.30
CA ALA B 253 -0.09 -0.45 89.54
C ALA B 253 -0.76 -1.24 90.68
N PHE B 254 -0.60 -2.57 90.67
CA PHE B 254 -1.14 -3.41 91.75
C PHE B 254 -0.56 -2.97 93.10
N HIS B 255 0.77 -2.85 93.15
CA HIS B 255 1.48 -2.38 94.33
C HIS B 255 1.11 -0.97 94.78
N ASP B 256 0.71 -0.12 93.84
CA ASP B 256 0.33 1.26 94.15
C ASP B 256 -1.09 1.33 94.69
N HIS B 257 -1.87 0.29 94.44
CA HIS B 257 -3.26 0.26 94.91
C HIS B 257 -3.48 -0.58 96.17
N GLY B 258 -2.38 -0.99 96.80
CA GLY B 258 -2.46 -1.69 98.07
C GLY B 258 -2.24 -3.19 98.00
N ALA B 259 -2.31 -3.76 96.80
CA ALA B 259 -2.04 -5.19 96.62
C ALA B 259 -0.54 -5.45 96.77
N ARG B 260 -0.14 -6.71 96.89
CA ARG B 260 1.30 -7.04 96.95
C ARG B 260 1.68 -8.08 95.92
N VAL B 261 2.86 -7.94 95.34
CA VAL B 261 3.33 -8.86 94.32
C VAL B 261 4.17 -9.93 95.01
N VAL B 262 3.60 -11.13 95.09
CA VAL B 262 4.21 -12.22 95.86
C VAL B 262 5.12 -13.12 95.02
N ALA B 263 5.03 -13.01 93.70
CA ALA B 263 5.88 -13.77 92.82
C ALA B 263 5.92 -13.21 91.39
N VAL B 264 7.12 -13.26 90.81
CA VAL B 264 7.35 -12.89 89.43
C VAL B 264 8.16 -13.98 88.75
N GLN B 265 7.65 -14.46 87.62
CA GLN B 265 8.39 -15.35 86.74
C GLN B 265 8.78 -14.63 85.45
N ASP B 266 9.99 -14.89 84.96
CA ASP B 266 10.44 -14.42 83.64
C ASP B 266 11.36 -15.47 83.00
N HIS B 267 12.01 -15.09 81.89
CA HIS B 267 12.79 -16.04 81.11
C HIS B 267 14.04 -16.58 81.83
N THR B 268 14.61 -15.80 82.75
CA THR B 268 15.77 -16.26 83.50
C THR B 268 15.36 -17.21 84.63
N GLY B 269 14.43 -16.77 85.47
CA GLY B 269 13.96 -17.60 86.60
C GLY B 269 12.63 -17.19 87.20
N THR B 270 12.46 -17.50 88.49
CA THR B 270 11.26 -17.12 89.23
C THR B 270 11.64 -16.75 90.66
N VAL B 271 10.95 -15.75 91.21
CA VAL B 271 11.18 -15.30 92.59
C VAL B 271 9.88 -15.16 93.37
N TYR B 272 9.92 -15.52 94.64
CA TYR B 272 8.71 -15.59 95.47
C TYR B 272 8.97 -15.04 96.87
N ASN B 273 8.02 -14.25 97.35
CA ASN B 273 8.04 -13.71 98.71
C ASN B 273 6.63 -13.31 99.15
N GLU B 274 5.98 -14.20 99.90
CA GLU B 274 4.59 -14.02 100.35
C GLU B 274 4.33 -12.69 101.09
N ALA B 275 5.34 -12.19 101.78
CA ALA B 275 5.28 -10.89 102.47
C ALA B 275 5.13 -9.74 101.48
N GLY B 276 5.81 -9.86 100.34
CA GLY B 276 5.67 -8.89 99.25
C GLY B 276 6.98 -8.53 98.61
N ILE B 277 6.97 -8.44 97.28
CA ILE B 277 8.12 -7.94 96.54
C ILE B 277 7.86 -6.48 96.13
N ASP B 278 8.90 -5.65 96.22
CA ASP B 278 8.82 -4.27 95.72
C ASP B 278 9.20 -4.22 94.23
N PRO B 279 8.23 -3.83 93.36
CA PRO B 279 8.38 -3.79 91.90
C PRO B 279 9.48 -2.84 91.44
N TYR B 280 9.58 -1.68 92.10
CA TYR B 280 10.60 -0.69 91.80
C TYR B 280 11.99 -1.24 92.15
N ASP B 281 12.07 -1.88 93.31
CA ASP B 281 13.29 -2.49 93.81
C ASP B 281 13.78 -3.58 92.86
N LEU B 282 12.86 -4.48 92.50
CA LEU B 282 13.13 -5.56 91.56
C LEU B 282 13.57 -5.08 90.17
N LEU B 283 12.96 -3.99 89.70
CA LEU B 283 13.22 -3.47 88.36
C LEU B 283 14.68 -3.08 88.13
N ARG B 284 15.28 -2.39 89.11
CA ARG B 284 16.70 -2.03 89.04
C ARG B 284 17.51 -3.26 88.72
N HIS B 285 17.37 -4.27 89.58
CA HIS B 285 17.97 -5.58 89.42
C HIS B 285 17.75 -6.20 88.02
N VAL B 286 16.57 -5.98 87.44
CA VAL B 286 16.21 -6.50 86.11
C VAL B 286 17.07 -5.90 84.97
N GLN B 287 17.30 -4.59 84.99
CA GLN B 287 18.25 -3.99 84.03
C GLN B 287 19.71 -4.17 84.48
N GLU B 288 19.93 -4.09 85.79
CA GLU B 288 21.26 -4.22 86.40
C GLU B 288 21.95 -5.54 86.02
N PHE B 289 21.19 -6.64 86.04
CA PHE B 289 21.78 -7.96 85.79
C PHE B 289 21.28 -8.65 84.51
N GLY B 290 20.01 -8.44 84.16
CA GLY B 290 19.44 -9.01 82.94
C GLY B 290 18.06 -9.64 83.13
N GLY B 291 17.82 -10.19 84.31
CA GLY B 291 16.55 -10.83 84.64
C GLY B 291 16.23 -10.81 86.12
N VAL B 292 15.16 -11.51 86.50
CA VAL B 292 14.67 -11.52 87.88
C VAL B 292 15.52 -12.39 88.83
N ARG B 293 16.24 -13.35 88.25
CA ARG B 293 17.06 -14.30 89.01
C ARG B 293 18.02 -13.65 90.00
N GLY B 294 18.10 -14.21 91.20
CA GLY B 294 19.03 -13.74 92.23
C GLY B 294 18.65 -12.49 92.99
N TYR B 295 17.38 -12.12 92.94
CA TYR B 295 16.89 -10.96 93.70
C TYR B 295 16.94 -11.28 95.19
N PRO B 296 17.81 -10.56 95.93
CA PRO B 296 18.18 -10.91 97.31
C PRO B 296 17.04 -10.88 98.33
N LYS B 297 15.97 -10.13 98.05
CA LYS B 297 14.83 -10.03 98.97
C LYS B 297 13.69 -11.03 98.67
N ALA B 298 14.01 -12.09 97.92
CA ALA B 298 13.06 -13.17 97.62
C ALA B 298 13.76 -14.52 97.39
N GLU B 299 12.99 -15.59 97.50
CA GLU B 299 13.50 -16.96 97.29
C GLU B 299 13.21 -17.47 95.87
N PRO B 300 14.18 -18.18 95.25
CA PRO B 300 13.95 -18.76 93.92
C PRO B 300 12.89 -19.87 93.99
N LEU B 301 12.20 -20.09 92.88
CA LEU B 301 11.07 -21.02 92.83
C LEU B 301 11.09 -21.76 91.50
N PRO B 302 10.75 -23.07 91.52
CA PRO B 302 10.77 -23.85 90.27
C PRO B 302 9.69 -23.41 89.27
N ALA B 303 10.08 -23.32 88.00
CA ALA B 303 9.21 -22.87 86.91
C ALA B 303 7.73 -23.23 87.08
N ALA B 304 7.46 -24.51 87.35
CA ALA B 304 6.10 -25.06 87.36
C ALA B 304 5.26 -24.70 88.60
N ASP B 305 5.93 -24.45 89.72
CA ASP B 305 5.21 -24.15 90.97
C ASP B 305 4.56 -22.77 91.01
N PHE B 306 5.14 -21.84 90.25
CA PHE B 306 4.63 -20.48 90.09
C PHE B 306 3.11 -20.51 89.88
N TRP B 307 2.66 -21.36 88.97
CA TRP B 307 1.26 -21.46 88.58
C TRP B 307 0.31 -21.96 89.68
N GLY B 308 0.87 -22.63 90.68
CA GLY B 308 0.11 -23.19 91.78
C GLY B 308 -0.04 -22.31 93.02
N LEU B 309 0.64 -21.17 93.03
CA LEU B 309 0.62 -20.23 94.16
C LEU B 309 -0.79 -19.73 94.47
N PRO B 310 -1.19 -19.79 95.76
CA PRO B 310 -2.46 -19.20 96.22
C PRO B 310 -2.47 -17.67 96.09
N VAL B 311 -3.22 -17.16 95.11
CA VAL B 311 -3.26 -15.72 94.82
C VAL B 311 -4.66 -15.26 94.48
N GLU B 312 -4.84 -13.95 94.54
CA GLU B 312 -6.08 -13.35 94.11
C GLU B 312 -5.99 -12.99 92.62
N PHE B 313 -4.84 -12.50 92.20
CA PHE B 313 -4.63 -12.06 90.83
C PHE B 313 -3.44 -12.77 90.20
N LEU B 314 -3.67 -13.38 89.04
CA LEU B 314 -2.59 -13.88 88.21
C LEU B 314 -2.55 -13.10 86.90
N VAL B 315 -1.37 -12.61 86.53
CA VAL B 315 -1.21 -11.83 85.30
C VAL B 315 -0.22 -12.49 84.36
N PRO B 316 -0.73 -13.21 83.37
CA PRO B 316 0.11 -13.69 82.28
C PRO B 316 0.45 -12.55 81.31
N ALA B 317 1.69 -12.09 81.36
CA ALA B 317 2.11 -10.90 80.62
C ALA B 317 3.43 -11.12 79.89
N ALA B 318 3.53 -12.24 79.18
CA ALA B 318 4.78 -12.63 78.53
C ALA B 318 4.51 -13.32 77.20
N LEU B 319 4.78 -14.61 77.14
CA LEU B 319 4.63 -15.36 75.89
C LEU B 319 3.19 -15.87 75.72
N GLU B 320 2.90 -16.38 74.53
CA GLU B 320 1.63 -17.06 74.23
C GLU B 320 1.70 -18.51 74.76
N LYS B 321 0.54 -19.13 74.95
CA LYS B 321 0.44 -20.56 75.33
C LYS B 321 1.12 -20.93 76.67
N GLN B 322 0.90 -20.12 77.71
CA GLN B 322 1.58 -20.35 78.99
C GLN B 322 0.66 -21.00 80.04
N ILE B 323 -0.64 -20.74 79.94
CA ILE B 323 -1.63 -21.44 80.74
C ILE B 323 -2.31 -22.44 79.80
N THR B 324 -2.03 -23.73 80.05
CA THR B 324 -2.46 -24.82 79.18
C THR B 324 -3.25 -25.88 79.94
N GLU B 325 -3.77 -26.85 79.18
CA GLU B 325 -4.35 -28.09 79.69
C GLU B 325 -3.43 -28.76 80.72
N GLN B 326 -2.12 -28.61 80.52
CA GLN B 326 -1.11 -29.21 81.40
C GLN B 326 -1.01 -28.63 82.81
N ASN B 327 -1.39 -27.37 82.99
CA ASN B 327 -1.25 -26.69 84.28
C ASN B 327 -2.48 -25.94 84.79
N ALA B 328 -3.54 -25.87 83.98
CA ALA B 328 -4.72 -25.08 84.34
C ALA B 328 -5.37 -25.52 85.66
N TRP B 329 -5.31 -26.82 85.95
CA TRP B 329 -5.86 -27.37 87.21
C TRP B 329 -5.12 -26.86 88.46
N ARG B 330 -3.84 -26.53 88.29
CA ARG B 330 -3.02 -25.98 89.38
C ARG B 330 -3.39 -24.55 89.83
N ILE B 331 -4.04 -23.78 88.96
CA ILE B 331 -4.27 -22.35 89.19
C ILE B 331 -5.27 -22.04 90.30
N ARG B 332 -4.80 -21.27 91.28
CA ARG B 332 -5.55 -20.98 92.49
C ARG B 332 -6.10 -19.55 92.47
N ALA B 333 -5.81 -18.83 91.39
CA ALA B 333 -6.20 -17.42 91.27
C ALA B 333 -7.69 -17.24 91.06
N ARG B 334 -8.26 -16.26 91.74
CA ARG B 334 -9.66 -15.85 91.54
C ARG B 334 -9.84 -15.14 90.19
N ILE B 335 -8.86 -14.35 89.80
CA ILE B 335 -8.90 -13.62 88.53
C ILE B 335 -7.59 -13.78 87.75
N VAL B 336 -7.74 -14.17 86.49
CA VAL B 336 -6.64 -14.18 85.53
C VAL B 336 -6.79 -12.97 84.59
N ALA B 337 -5.81 -12.08 84.60
CA ALA B 337 -5.85 -10.90 83.73
C ALA B 337 -4.77 -11.00 82.67
N GLU B 338 -5.20 -11.14 81.42
CA GLU B 338 -4.33 -11.42 80.29
C GLU B 338 -3.56 -10.19 79.75
N GLY B 339 -2.29 -10.08 80.12
CA GLY B 339 -1.41 -9.03 79.61
C GLY B 339 -0.90 -9.31 78.20
N ALA B 340 -0.43 -10.54 77.97
CA ALA B 340 0.07 -10.94 76.67
C ALA B 340 -1.10 -11.27 75.75
N ASN B 341 -0.85 -11.37 74.45
CA ASN B 341 -1.86 -11.89 73.51
C ASN B 341 -1.87 -13.41 73.53
N GLY B 342 -3.06 -13.98 73.75
CA GLY B 342 -3.29 -15.43 73.81
C GLY B 342 -2.48 -16.28 74.79
N PRO B 343 -2.40 -15.87 76.08
CA PRO B 343 -1.60 -16.68 77.01
C PRO B 343 -2.29 -17.97 77.45
N THR B 344 -3.62 -18.01 77.40
CA THR B 344 -4.33 -19.22 77.79
C THR B 344 -5.04 -19.91 76.62
N THR B 345 -4.77 -21.22 76.48
CA THR B 345 -5.34 -22.08 75.44
C THR B 345 -6.83 -22.33 75.63
N PRO B 346 -7.56 -22.67 74.54
CA PRO B 346 -9.00 -22.98 74.64
C PRO B 346 -9.31 -24.06 75.66
N ALA B 347 -8.47 -25.10 75.70
CA ALA B 347 -8.56 -26.15 76.71
C ALA B 347 -8.42 -25.59 78.13
N ALA B 348 -7.45 -24.71 78.35
CA ALA B 348 -7.27 -24.08 79.66
C ALA B 348 -8.46 -23.21 80.08
N ASP B 349 -9.11 -22.59 79.09
CA ASP B 349 -10.35 -21.81 79.33
C ASP B 349 -11.46 -22.68 79.94
N ASP B 350 -11.73 -23.82 79.31
CA ASP B 350 -12.74 -24.77 79.77
C ASP B 350 -12.47 -25.24 81.21
N ILE B 351 -11.22 -25.58 81.48
CA ILE B 351 -10.79 -25.94 82.82
C ILE B 351 -10.99 -24.78 83.79
N LEU B 352 -10.58 -23.58 83.40
CA LEU B 352 -10.68 -22.43 84.31
C LEU B 352 -12.11 -22.01 84.57
N LEU B 353 -12.99 -22.17 83.56
CA LEU B 353 -14.41 -21.91 83.73
C LEU B 353 -15.01 -22.91 84.74
N GLU B 354 -14.59 -24.17 84.61
CA GLU B 354 -14.93 -25.25 85.53
C GLU B 354 -14.56 -24.92 86.97
N LYS B 355 -13.32 -24.47 87.16
CA LYS B 355 -12.80 -24.14 88.50
C LYS B 355 -13.35 -22.82 89.04
N GLY B 356 -14.18 -22.13 88.26
CA GLY B 356 -14.83 -20.89 88.69
C GLY B 356 -13.98 -19.63 88.67
N VAL B 357 -12.79 -19.71 88.07
CA VAL B 357 -11.90 -18.56 87.94
C VAL B 357 -12.25 -17.61 86.78
N LEU B 358 -12.35 -16.33 87.14
CA LEU B 358 -12.63 -15.21 86.23
C LEU B 358 -11.41 -14.90 85.35
N VAL B 359 -11.58 -15.02 84.03
CA VAL B 359 -10.51 -14.72 83.09
C VAL B 359 -10.86 -13.44 82.32
N VAL B 360 -10.03 -12.41 82.52
CA VAL B 360 -10.22 -11.19 81.76
C VAL B 360 -9.41 -11.32 80.48
N PRO B 361 -10.11 -11.37 79.33
CA PRO B 361 -9.52 -11.69 78.04
C PRO B 361 -8.58 -10.59 77.50
N ASP B 362 -7.48 -11.03 76.91
CA ASP B 362 -6.49 -10.16 76.25
C ASP B 362 -7.15 -9.03 75.44
N VAL B 363 -8.24 -9.37 74.75
CA VAL B 363 -8.99 -8.41 73.94
C VAL B 363 -9.14 -7.03 74.60
N ILE B 364 -9.65 -7.01 75.82
CA ILE B 364 -9.75 -5.74 76.56
C ILE B 364 -8.67 -5.62 77.65
N ALA B 365 -8.27 -6.72 78.26
CA ALA B 365 -7.26 -6.65 79.34
C ALA B 365 -5.99 -5.94 78.90
N ASN B 366 -5.49 -6.24 77.71
CA ASN B 366 -4.26 -5.60 77.24
C ASN B 366 -4.43 -4.37 76.33
N ALA B 367 -5.68 -3.91 76.16
CA ALA B 367 -5.99 -2.77 75.29
C ALA B 367 -5.44 -1.38 75.73
N GLY B 368 -4.71 -1.31 76.84
CA GLY B 368 -4.13 -0.04 77.32
C GLY B 368 -3.31 0.72 76.28
N GLY B 369 -2.42 0.02 75.58
CA GLY B 369 -1.55 0.69 74.59
C GLY B 369 -2.34 1.30 73.43
N VAL B 370 -3.25 0.51 72.89
CA VAL B 370 -4.09 0.93 71.77
C VAL B 370 -4.99 2.09 72.18
N THR B 371 -5.37 2.15 73.45
CA THR B 371 -6.21 3.24 73.92
C THR B 371 -5.43 4.56 73.99
N VAL B 372 -4.19 4.51 74.48
CA VAL B 372 -3.34 5.70 74.51
C VAL B 372 -2.91 6.16 73.10
N SER B 373 -2.69 5.23 72.17
CA SER B 373 -2.45 5.64 70.79
C SER B 373 -3.72 6.24 70.16
N TYR B 374 -4.88 5.84 70.68
CA TYR B 374 -6.11 6.50 70.25
C TYR B 374 -6.01 7.93 70.82
N PHE B 375 -5.63 8.03 72.08
CA PHE B 375 -5.45 9.35 72.72
C PHE B 375 -4.48 10.24 71.94
N GLU B 376 -3.52 9.61 71.29
CA GLU B 376 -2.48 10.32 70.59
C GLU B 376 -3.02 10.89 69.30
N TRP B 377 -3.59 10.05 68.47
CA TRP B 377 -4.47 10.50 67.38
C TRP B 377 -5.37 11.70 67.74
N VAL B 378 -5.95 11.68 68.94
CA VAL B 378 -6.93 12.68 69.37
C VAL B 378 -6.25 14.01 69.68
N GLN B 379 -5.20 13.97 70.51
CA GLN B 379 -4.42 15.14 70.81
C GLN B 379 -3.84 15.76 69.52
N ASP B 380 -3.52 14.94 68.52
CA ASP B 380 -2.82 15.41 67.30
C ASP B 380 -3.65 16.30 66.38
N PHE B 381 -4.97 16.12 66.38
CA PHE B 381 -5.83 16.92 65.52
C PHE B 381 -5.66 18.44 65.69
N ASN B 382 -5.59 18.89 66.96
CA ASN B 382 -5.39 20.31 67.26
C ASN B 382 -4.11 20.55 68.06
N SER B 383 -3.16 19.61 67.94
CA SER B 383 -1.89 19.65 68.67
C SER B 383 -2.00 20.32 70.06
N TYR B 384 -2.65 19.62 70.98
CA TYR B 384 -2.85 20.07 72.34
C TYR B 384 -2.81 18.85 73.25
N PHE B 385 -1.71 18.75 73.99
CA PHE B 385 -1.34 17.54 74.69
C PHE B 385 -1.79 17.52 76.15
N TRP B 386 -2.23 16.35 76.59
CA TRP B 386 -2.76 16.16 77.95
C TRP B 386 -1.68 15.80 78.96
N THR B 387 -1.97 16.04 80.23
CA THR B 387 -1.11 15.65 81.33
C THR B 387 -1.15 14.15 81.56
N GLU B 388 -0.11 13.64 82.20
CA GLU B 388 -0.09 12.26 82.69
C GLU B 388 -1.42 11.82 83.37
N GLU B 389 -1.96 12.71 84.21
CA GLU B 389 -3.15 12.38 85.01
C GLU B 389 -4.45 12.36 84.23
N GLU B 390 -4.54 13.17 83.19
CA GLU B 390 -5.75 13.20 82.36
C GLU B 390 -5.75 11.96 81.45
N ILE B 391 -4.55 11.53 81.07
CA ILE B 391 -4.34 10.33 80.26
C ILE B 391 -4.85 9.11 81.05
N ASN B 392 -4.36 8.92 82.28
CA ASN B 392 -4.84 7.81 83.13
C ASN B 392 -6.32 7.82 83.46
N ALA B 393 -6.85 8.99 83.75
CA ALA B 393 -8.26 9.12 84.06
C ALA B 393 -9.10 8.72 82.84
N ARG B 394 -8.65 9.10 81.64
CA ARG B 394 -9.45 8.86 80.44
C ARG B 394 -9.25 7.41 79.97
N LEU B 395 -8.05 6.90 80.19
CA LEU B 395 -7.73 5.50 80.04
C LEU B 395 -8.65 4.62 80.94
N GLU B 396 -8.92 5.07 82.17
CA GLU B 396 -9.84 4.31 83.04
C GLU B 396 -11.27 4.32 82.50
N ARG B 397 -11.73 5.49 82.06
CA ARG B 397 -13.08 5.63 81.54
C ARG B 397 -13.32 4.67 80.37
N VAL B 398 -12.41 4.66 79.41
CA VAL B 398 -12.49 3.78 78.23
C VAL B 398 -12.49 2.29 78.60
N LEU B 399 -11.52 1.85 79.40
CA LEU B 399 -11.40 0.43 79.72
C LEU B 399 -12.44 -0.09 80.74
N ARG B 400 -12.85 0.77 81.69
CA ARG B 400 -13.91 0.37 82.63
C ARG B 400 -15.25 0.30 81.90
N ASN B 401 -15.43 1.13 80.88
CA ASN B 401 -16.62 1.02 80.02
C ASN B 401 -16.57 -0.22 79.14
N ALA B 402 -15.37 -0.65 78.77
CA ALA B 402 -15.24 -1.80 77.88
C ALA B 402 -15.46 -3.06 78.70
N PHE B 403 -14.93 -3.07 79.92
CA PHE B 403 -15.18 -4.19 80.81
C PHE B 403 -16.67 -4.31 81.14
N GLU B 404 -17.30 -3.18 81.42
CA GLU B 404 -18.72 -3.18 81.77
C GLU B 404 -19.65 -3.70 80.65
N ALA B 405 -19.41 -3.28 79.40
CA ALA B 405 -20.23 -3.72 78.27
C ALA B 405 -20.02 -5.21 77.97
N VAL B 406 -18.77 -5.66 78.08
CA VAL B 406 -18.43 -7.09 77.92
C VAL B 406 -18.99 -7.94 79.08
N TRP B 407 -18.99 -7.41 80.30
CA TRP B 407 -19.60 -8.10 81.43
C TRP B 407 -21.11 -8.29 81.21
N GLN B 408 -21.81 -7.22 80.86
CA GLN B 408 -23.28 -7.26 80.65
C GLN B 408 -23.71 -8.28 79.61
N VAL B 409 -22.94 -8.39 78.53
CA VAL B 409 -23.21 -9.38 77.48
C VAL B 409 -22.94 -10.83 77.95
N ALA B 410 -21.82 -11.02 78.65
CA ALA B 410 -21.50 -12.31 79.28
C ALA B 410 -22.63 -12.83 80.20
N GLN B 411 -23.23 -11.94 80.98
CA GLN B 411 -24.34 -12.31 81.86
C GLN B 411 -25.60 -12.59 81.07
N GLU B 412 -26.01 -11.63 80.23
CA GLU B 412 -27.27 -11.69 79.49
C GLU B 412 -27.37 -12.87 78.49
N LYS B 413 -26.22 -13.38 78.03
CA LYS B 413 -26.19 -14.51 77.09
C LYS B 413 -25.57 -15.79 77.68
N LYS B 414 -25.19 -15.76 78.96
CA LYS B 414 -24.55 -16.90 79.66
C LYS B 414 -23.33 -17.49 78.96
N ILE B 415 -22.45 -16.62 78.50
CA ILE B 415 -21.20 -17.04 77.89
C ILE B 415 -20.02 -16.52 78.70
N PRO B 416 -18.83 -17.10 78.53
CA PRO B 416 -17.67 -16.55 79.25
C PRO B 416 -17.26 -15.15 78.73
N LEU B 417 -16.47 -14.42 79.53
CA LEU B 417 -16.03 -13.05 79.19
C LEU B 417 -15.36 -12.97 77.82
N ARG B 418 -14.51 -13.96 77.53
CA ARG B 418 -13.84 -14.03 76.24
C ARG B 418 -14.81 -14.09 75.06
N THR B 419 -15.79 -14.99 75.11
CA THR B 419 -16.84 -15.05 74.08
C THR B 419 -17.63 -13.74 74.03
N ALA B 420 -17.92 -13.17 75.20
CA ALA B 420 -18.67 -11.93 75.29
C ALA B 420 -17.96 -10.77 74.58
N ALA B 421 -16.64 -10.75 74.66
CA ALA B 421 -15.84 -9.70 74.03
C ALA B 421 -15.95 -9.71 72.51
N TYR B 422 -15.91 -10.91 71.91
CA TYR B 422 -16.08 -11.09 70.48
C TYR B 422 -17.53 -10.87 70.02
N VAL B 423 -18.50 -11.13 70.90
CA VAL B 423 -19.89 -10.84 70.56
C VAL B 423 -20.10 -9.33 70.50
N VAL B 424 -19.48 -8.64 71.46
CA VAL B 424 -19.65 -7.20 71.59
C VAL B 424 -19.05 -6.54 70.34
N ALA B 425 -17.80 -6.91 70.05
CA ALA B 425 -17.07 -6.44 68.88
C ALA B 425 -17.83 -6.64 67.57
N ALA B 426 -18.17 -7.88 67.25
CA ALA B 426 -18.96 -8.18 66.05
C ALA B 426 -20.26 -7.42 66.02
N THR B 427 -20.96 -7.39 67.15
CA THR B 427 -22.25 -6.70 67.23
C THR B 427 -22.14 -5.21 66.85
N ARG B 428 -21.08 -4.54 67.29
CA ARG B 428 -20.92 -3.11 67.07
C ARG B 428 -20.51 -2.76 65.63
N VAL B 429 -19.69 -3.62 65.04
CA VAL B 429 -19.25 -3.44 63.68
C VAL B 429 -20.45 -3.64 62.77
N LEU B 430 -21.24 -4.64 63.12
CA LEU B 430 -22.36 -5.05 62.28
C LEU B 430 -23.51 -4.11 62.43
N GLU B 431 -23.58 -3.42 63.57
CA GLU B 431 -24.60 -2.40 63.78
C GLU B 431 -24.22 -1.13 63.01
N ALA B 432 -22.93 -0.83 62.98
CA ALA B 432 -22.46 0.31 62.23
C ALA B 432 -22.83 0.11 60.75
N ARG B 433 -22.58 -1.10 60.23
CA ARG B 433 -22.84 -1.46 58.84
C ARG B 433 -24.35 -1.50 58.51
N ALA B 434 -25.16 -2.00 59.43
CA ALA B 434 -26.59 -2.06 59.21
C ALA B 434 -27.11 -0.63 59.10
N LEU B 435 -26.56 0.28 59.90
CA LEU B 435 -27.05 1.66 59.90
C LEU B 435 -26.67 2.44 58.65
N ARG B 436 -25.37 2.44 58.33
CA ARG B 436 -24.87 3.10 57.13
C ARG B 436 -25.57 2.58 55.90
N GLY B 437 -25.81 1.26 55.84
CA GLY B 437 -26.38 0.63 54.64
C GLY B 437 -25.36 0.19 53.59
N LEU B 438 -25.87 -0.46 52.54
CA LEU B 438 -25.03 -0.93 51.44
C LEU B 438 -25.04 0.11 50.33
N TYR B 439 -23.88 0.74 50.16
CA TYR B 439 -23.70 1.81 49.18
C TYR B 439 -22.21 2.01 48.96
N PRO B 440 -21.78 2.01 47.68
CA PRO B 440 -22.58 1.78 46.48
C PRO B 440 -23.04 0.34 46.27
N GLU C 20 -45.04 15.70 37.92
CA GLU C 20 -45.64 16.95 38.51
C GLU C 20 -44.81 18.20 38.14
N PRO C 21 -45.48 19.30 37.73
CA PRO C 21 -44.78 20.56 37.39
C PRO C 21 -43.97 21.14 38.55
N LEU C 22 -42.94 21.91 38.22
CA LEU C 22 -42.01 22.48 39.19
C LEU C 22 -42.71 23.49 40.09
N SER C 23 -42.72 23.20 41.39
CA SER C 23 -43.43 24.02 42.37
C SER C 23 -42.93 25.47 42.45
N TYR C 24 -41.61 25.64 42.34
CA TYR C 24 -40.96 26.95 42.50
C TYR C 24 -41.16 27.91 41.33
N LEU C 25 -41.87 27.48 40.30
CA LEU C 25 -42.24 28.37 39.22
C LEU C 25 -43.69 28.81 39.34
N GLY C 26 -44.52 27.94 39.91
CA GLY C 26 -45.94 28.23 40.10
C GLY C 26 -46.74 28.15 38.81
N LYS C 27 -47.98 28.62 38.86
CA LYS C 27 -48.88 28.55 37.72
C LYS C 27 -48.59 29.65 36.68
N ASP C 28 -48.38 29.25 35.42
CA ASP C 28 -48.22 30.16 34.26
C ASP C 28 -47.03 29.81 33.35
N GLY C 29 -45.84 29.66 33.94
CA GLY C 29 -44.67 29.23 33.19
C GLY C 29 -43.43 30.08 33.42
N GLY C 30 -43.03 30.88 32.41
CA GLY C 30 -43.73 30.99 31.13
C GLY C 30 -42.83 30.63 29.95
N PRO C 31 -41.58 31.15 29.92
CA PRO C 31 -40.59 30.62 28.96
C PRO C 31 -40.25 29.14 29.21
N TRP C 32 -40.30 28.71 30.48
CA TRP C 32 -40.05 27.31 30.82
C TRP C 32 -41.14 26.36 30.29
N GLU C 33 -42.41 26.70 30.51
CA GLU C 33 -43.49 25.83 30.02
C GLU C 33 -43.42 25.70 28.51
N ILE C 34 -42.96 26.75 27.84
CA ILE C 34 -42.71 26.71 26.40
C ILE C 34 -41.68 25.64 26.04
N PHE C 35 -40.51 25.64 26.71
CA PHE C 35 -39.52 24.58 26.48
C PHE C 35 -40.06 23.20 26.79
N THR C 36 -40.73 23.10 27.93
CA THR C 36 -41.40 21.90 28.40
C THR C 36 -42.37 21.30 27.35
N GLU C 37 -43.09 22.17 26.64
CA GLU C 37 -44.05 21.73 25.62
C GLU C 37 -43.34 21.18 24.37
N GLN C 38 -42.20 21.78 24.02
CA GLN C 38 -41.37 21.27 22.92
C GLN C 38 -40.87 19.86 23.21
N VAL C 39 -40.57 19.58 24.49
CA VAL C 39 -40.18 18.23 24.91
C VAL C 39 -41.35 17.28 24.72
N ASP C 40 -42.54 17.70 25.13
CA ASP C 40 -43.77 16.91 24.95
C ASP C 40 -44.04 16.55 23.49
N ARG C 41 -43.89 17.52 22.58
CA ARG C 41 -44.13 17.32 21.15
C ARG C 41 -43.14 16.38 20.47
N VAL C 42 -41.94 16.27 21.04
CA VAL C 42 -40.89 15.40 20.49
C VAL C 42 -41.02 13.93 20.93
N VAL C 43 -41.78 13.70 22.00
CA VAL C 43 -41.93 12.37 22.62
C VAL C 43 -42.42 11.24 21.68
N PRO C 44 -43.44 11.50 20.82
CA PRO C 44 -43.88 10.45 19.90
C PRO C 44 -42.79 9.85 19.01
N TYR C 45 -41.70 10.58 18.79
CA TYR C 45 -40.64 10.13 17.87
C TYR C 45 -39.43 9.53 18.61
N LEU C 46 -39.56 9.40 19.93
CA LEU C 46 -38.46 9.00 20.79
C LEU C 46 -38.19 7.49 20.90
N GLY C 47 -39.12 6.67 20.43
CA GLY C 47 -38.98 5.21 20.48
C GLY C 47 -38.87 4.69 21.90
N ARG C 48 -37.91 3.79 22.12
CA ARG C 48 -37.72 3.16 23.44
C ARG C 48 -37.13 4.13 24.48
N LEU C 49 -36.73 5.30 24.01
CA LEU C 49 -36.18 6.35 24.87
C LEU C 49 -37.29 7.20 25.49
N ALA C 50 -38.51 7.07 24.98
CA ALA C 50 -39.65 7.89 25.39
C ALA C 50 -39.86 8.00 26.91
N PRO C 51 -39.77 6.89 27.66
CA PRO C 51 -40.00 7.06 29.09
C PRO C 51 -38.86 7.81 29.84
N LEU C 52 -37.72 8.01 29.19
CA LEU C 52 -36.63 8.80 29.81
C LEU C 52 -36.76 10.32 29.58
N ALA C 53 -37.72 10.72 28.73
CA ALA C 53 -37.88 12.12 28.34
C ALA C 53 -38.36 13.00 29.46
N GLU C 54 -38.97 12.41 30.49
CA GLU C 54 -39.32 13.17 31.67
C GLU C 54 -38.12 13.88 32.30
N SER C 55 -36.94 13.25 32.25
CA SER C 55 -35.73 13.89 32.78
C SER C 55 -35.39 15.23 32.10
N LEU C 56 -35.73 15.37 30.82
CA LEU C 56 -35.57 16.66 30.12
C LEU C 56 -36.43 17.81 30.69
N LYS C 57 -37.49 17.49 31.42
CA LYS C 57 -38.42 18.50 31.93
C LYS C 57 -38.05 18.94 33.35
N ARG C 58 -36.78 18.75 33.71
CA ARG C 58 -36.27 19.23 34.99
C ARG C 58 -34.82 19.61 34.92
N PRO C 59 -34.48 20.79 35.44
CA PRO C 59 -33.08 21.15 35.50
C PRO C 59 -32.38 20.21 36.44
N LYS C 60 -31.18 19.83 36.04
CA LYS C 60 -30.29 19.08 36.89
C LYS C 60 -29.99 19.93 38.12
N ARG C 61 -29.68 21.20 37.90
CA ARG C 61 -29.11 22.03 38.94
C ARG C 61 -29.48 23.50 38.73
N VAL C 62 -29.95 24.17 39.77
CA VAL C 62 -30.24 25.60 39.70
C VAL C 62 -29.53 26.33 40.85
N LEU C 63 -28.64 27.25 40.51
CA LEU C 63 -27.94 28.02 41.54
C LEU C 63 -28.35 29.50 41.52
N ILE C 64 -28.90 29.98 42.62
CA ILE C 64 -29.24 31.40 42.74
C ILE C 64 -28.30 32.04 43.72
N VAL C 65 -27.63 33.09 43.27
CA VAL C 65 -26.70 33.78 44.13
C VAL C 65 -27.11 35.24 44.32
N ASP C 66 -26.67 35.79 45.44
CA ASP C 66 -26.72 37.20 45.66
C ASP C 66 -25.38 37.72 45.20
N VAL C 67 -25.41 38.80 44.43
CA VAL C 67 -24.17 39.44 44.05
C VAL C 67 -24.11 40.88 44.59
N PRO C 68 -23.46 41.04 45.77
CA PRO C 68 -23.25 42.36 46.36
C PRO C 68 -22.11 43.08 45.62
N VAL C 69 -22.33 44.36 45.35
CA VAL C 69 -21.37 45.17 44.62
C VAL C 69 -21.26 46.55 45.28
N ARG C 70 -20.04 46.96 45.62
CA ARG C 70 -19.78 48.32 46.05
C ARG C 70 -19.94 49.28 44.86
N LEU C 71 -20.85 50.24 45.00
CA LEU C 71 -21.07 51.22 43.93
C LEU C 71 -20.02 52.33 44.00
N ASP C 72 -19.87 53.07 42.90
CA ASP C 72 -18.97 54.23 42.88
C ASP C 72 -19.23 55.24 44.01
N ASP C 73 -20.49 55.40 44.41
CA ASP C 73 -20.85 56.28 45.53
C ASP C 73 -20.64 55.69 46.94
N GLY C 74 -20.00 54.52 47.01
CA GLY C 74 -19.59 53.94 48.29
C GLY C 74 -20.61 53.02 48.96
N SER C 75 -21.86 53.05 48.49
CA SER C 75 -22.91 52.17 48.97
C SER C 75 -22.86 50.75 48.34
N VAL C 76 -23.44 49.78 49.03
CA VAL C 76 -23.54 48.42 48.49
C VAL C 76 -24.93 48.19 47.85
N ALA C 77 -24.94 47.59 46.66
CA ALA C 77 -26.18 47.15 46.01
C ALA C 77 -26.16 45.62 45.79
N TYR C 78 -27.34 45.00 45.80
CA TYR C 78 -27.50 43.54 45.79
C TYR C 78 -28.27 43.07 44.55
N PHE C 79 -27.59 42.37 43.65
CA PHE C 79 -28.22 41.86 42.42
C PHE C 79 -28.40 40.35 42.45
N GLU C 80 -29.50 39.89 41.83
CA GLU C 80 -29.82 38.47 41.71
C GLU C 80 -28.99 37.89 40.59
N GLY C 81 -28.33 36.77 40.89
CA GLY C 81 -27.52 36.04 39.91
C GLY C 81 -27.99 34.60 39.81
N TYR C 82 -27.83 34.03 38.62
CA TYR C 82 -28.35 32.71 38.30
C TYR C 82 -27.35 31.97 37.44
N ARG C 83 -27.27 30.66 37.66
CA ARG C 83 -26.58 29.73 36.76
C ARG C 83 -27.34 28.44 36.78
N VAL C 84 -27.72 27.96 35.61
CA VAL C 84 -28.50 26.75 35.55
C VAL C 84 -27.83 25.72 34.70
N HIS C 85 -27.83 24.47 35.19
CA HIS C 85 -27.37 23.32 34.43
C HIS C 85 -28.64 22.55 34.14
N HIS C 86 -29.10 22.62 32.90
CA HIS C 86 -30.32 21.91 32.55
C HIS C 86 -30.10 20.39 32.45
N ASN C 87 -29.07 20.01 31.72
CA ASN C 87 -28.71 18.61 31.56
C ASN C 87 -27.21 18.52 31.32
N THR C 88 -26.60 17.51 31.90
CA THR C 88 -25.16 17.33 31.80
C THR C 88 -24.79 15.88 31.38
N ALA C 89 -25.77 15.16 30.82
CA ALA C 89 -25.55 13.78 30.35
C ALA C 89 -24.49 13.62 29.27
N ARG C 90 -24.26 14.66 28.46
CA ARG C 90 -23.35 14.55 27.31
C ARG C 90 -21.98 15.20 27.50
N GLY C 91 -21.77 15.87 28.62
CA GLY C 91 -20.58 16.69 28.85
C GLY C 91 -20.88 17.88 29.74
N PRO C 92 -19.85 18.65 30.10
CA PRO C 92 -20.01 19.85 30.95
C PRO C 92 -21.07 20.84 30.42
N ALA C 93 -21.63 21.65 31.32
CA ALA C 93 -22.60 22.69 30.95
C ALA C 93 -21.97 23.80 30.12
N LYS C 94 -22.68 24.24 29.08
CA LYS C 94 -22.18 25.28 28.19
C LYS C 94 -23.32 26.18 27.80
N GLY C 95 -23.06 27.47 27.95
CA GLY C 95 -24.03 28.51 27.72
C GLY C 95 -23.58 29.85 28.27
N GLY C 96 -24.09 30.91 27.66
CA GLY C 96 -23.64 32.26 27.99
C GLY C 96 -24.22 32.81 29.28
N VAL C 97 -23.69 33.97 29.69
CA VAL C 97 -24.20 34.75 30.81
C VAL C 97 -24.76 36.06 30.26
N ARG C 98 -25.95 36.40 30.70
CA ARG C 98 -26.64 37.56 30.18
C ARG C 98 -26.86 38.60 31.30
N TYR C 99 -26.66 39.87 30.99
CA TYR C 99 -26.90 40.96 31.93
C TYR C 99 -28.08 41.79 31.42
N HIS C 100 -29.25 41.65 32.01
CA HIS C 100 -30.46 42.34 31.55
C HIS C 100 -31.45 42.53 32.72
N PRO C 101 -32.06 43.73 32.84
CA PRO C 101 -32.99 43.97 33.95
C PRO C 101 -34.22 43.04 33.98
N GLU C 102 -34.57 42.44 32.82
CA GLU C 102 -35.69 41.51 32.73
C GLU C 102 -35.29 40.02 32.77
N VAL C 103 -34.05 39.75 33.21
CA VAL C 103 -33.58 38.38 33.50
C VAL C 103 -34.40 37.80 34.65
N THR C 104 -34.95 36.60 34.46
CA THR C 104 -35.67 35.89 35.52
C THR C 104 -35.20 34.44 35.65
N LEU C 105 -35.42 33.85 36.82
CA LEU C 105 -35.12 32.44 37.04
C LEU C 105 -35.70 31.58 35.91
N SER C 106 -37.01 31.69 35.71
CA SER C 106 -37.76 30.97 34.69
C SER C 106 -37.12 31.02 33.30
N GLU C 107 -36.74 32.23 32.87
CA GLU C 107 -36.12 32.46 31.57
C GLU C 107 -34.72 31.83 31.47
N VAL C 108 -33.89 32.00 32.52
CA VAL C 108 -32.58 31.36 32.55
C VAL C 108 -32.72 29.83 32.44
N MET C 109 -33.72 29.27 33.10
CA MET C 109 -33.95 27.82 33.03
C MET C 109 -34.26 27.37 31.60
N ALA C 110 -35.16 28.07 30.94
CA ALA C 110 -35.61 27.68 29.62
C ALA C 110 -34.47 27.80 28.64
N LEU C 111 -33.76 28.93 28.69
CA LEU C 111 -32.54 29.11 27.88
C LEU C 111 -31.47 28.01 28.10
N ALA C 112 -31.41 27.45 29.31
CA ALA C 112 -30.47 26.37 29.58
C ALA C 112 -30.99 25.12 28.89
N GLY C 113 -32.30 24.92 28.99
CA GLY C 113 -32.97 23.87 28.26
C GLY C 113 -32.67 23.94 26.78
N TRP C 114 -32.73 25.13 26.20
CA TRP C 114 -32.46 25.27 24.78
C TRP C 114 -31.00 25.04 24.45
N MET C 115 -30.10 25.29 25.40
CA MET C 115 -28.67 24.98 25.19
C MET C 115 -28.37 23.49 25.12
N THR C 116 -29.00 22.71 26.01
CA THR C 116 -28.87 21.27 25.98
C THR C 116 -29.24 20.71 24.61
N ILE C 117 -30.40 21.15 24.11
CA ILE C 117 -30.89 20.75 22.80
C ILE C 117 -29.97 21.23 21.70
N LYS C 118 -29.48 22.46 21.81
CA LYS C 118 -28.68 23.01 20.73
C LYS C 118 -27.38 22.24 20.62
N ASN C 119 -26.68 22.09 21.75
CA ASN C 119 -25.37 21.40 21.74
C ASN C 119 -25.48 19.96 21.28
N ALA C 120 -26.56 19.29 21.65
CA ALA C 120 -26.77 17.91 21.21
C ALA C 120 -27.07 17.84 19.72
N ALA C 121 -27.93 18.74 19.23
CA ALA C 121 -28.23 18.80 17.80
C ALA C 121 -27.02 19.13 16.93
N VAL C 122 -26.17 20.06 17.34
CA VAL C 122 -24.99 20.34 16.53
C VAL C 122 -23.87 19.32 16.76
N GLY C 123 -24.00 18.56 17.84
CA GLY C 123 -23.08 17.45 18.11
C GLY C 123 -21.87 17.89 18.90
N LEU C 124 -22.02 18.97 19.67
CA LEU C 124 -20.97 19.42 20.58
C LEU C 124 -21.01 18.58 21.88
N PRO C 125 -19.84 18.30 22.48
CA PRO C 125 -19.71 17.38 23.62
C PRO C 125 -20.01 18.07 24.94
N TYR C 126 -21.18 18.66 25.03
CA TYR C 126 -21.56 19.57 26.12
C TYR C 126 -23.00 19.37 26.54
N GLY C 127 -23.27 19.49 27.84
CA GLY C 127 -24.65 19.66 28.29
C GLY C 127 -25.06 21.11 28.07
N GLY C 128 -26.27 21.48 28.48
CA GLY C 128 -26.64 22.87 28.35
C GLY C 128 -26.73 23.64 29.66
N GLY C 129 -26.11 24.82 29.69
CA GLY C 129 -26.28 25.74 30.81
C GLY C 129 -26.58 27.17 30.34
N LYS C 130 -26.99 28.04 31.28
CA LYS C 130 -27.16 29.46 31.06
C LYS C 130 -26.98 30.19 32.38
N GLY C 131 -26.69 31.48 32.29
CA GLY C 131 -26.62 32.31 33.47
C GLY C 131 -27.22 33.66 33.18
N GLY C 132 -27.62 34.36 34.24
CA GLY C 132 -28.08 35.71 34.12
C GLY C 132 -27.84 36.48 35.40
N ILE C 133 -27.70 37.80 35.26
CA ILE C 133 -27.76 38.72 36.38
C ILE C 133 -28.87 39.75 36.09
N ARG C 134 -29.73 39.97 37.08
CA ARG C 134 -30.83 40.93 36.96
C ARG C 134 -30.35 42.35 37.25
N VAL C 135 -29.86 43.00 36.20
CA VAL C 135 -29.19 44.27 36.29
C VAL C 135 -29.39 44.97 34.96
N ASP C 136 -29.49 46.30 34.98
CA ASP C 136 -29.43 47.08 33.76
C ASP C 136 -28.01 47.61 33.62
N PRO C 137 -27.21 47.02 32.71
CA PRO C 137 -25.79 47.41 32.65
C PRO C 137 -25.53 48.82 32.09
N ARG C 138 -26.54 49.44 31.49
CA ARG C 138 -26.46 50.84 31.01
C ARG C 138 -26.29 51.81 32.17
N LYS C 139 -26.78 51.43 33.35
CA LYS C 139 -26.76 52.28 34.53
C LYS C 139 -25.56 52.05 35.45
N LEU C 140 -24.66 51.17 35.04
CA LEU C 140 -23.41 50.98 35.80
C LEU C 140 -22.23 51.50 35.00
N SER C 141 -21.21 51.98 35.72
CA SER C 141 -19.95 52.36 35.11
C SER C 141 -19.12 51.12 34.79
N PRO C 142 -18.07 51.26 33.94
CA PRO C 142 -17.20 50.10 33.69
C PRO C 142 -16.60 49.52 34.97
N GLY C 143 -16.24 50.38 35.92
CA GLY C 143 -15.70 49.94 37.20
C GLY C 143 -16.68 49.10 38.01
N GLU C 144 -17.95 49.50 37.99
CA GLU C 144 -19.03 48.77 38.66
C GLU C 144 -19.36 47.44 37.98
N LEU C 145 -19.22 47.41 36.66
CA LEU C 145 -19.52 46.23 35.84
C LEU C 145 -18.42 45.18 36.00
N GLU C 146 -17.18 45.63 36.24
CA GLU C 146 -16.06 44.74 36.55
C GLU C 146 -16.29 44.10 37.91
N ARG C 147 -16.64 44.91 38.90
CA ARG C 147 -16.91 44.42 40.25
C ARG C 147 -18.12 43.50 40.30
N LEU C 148 -19.14 43.76 39.49
CA LEU C 148 -20.28 42.86 39.37
C LEU C 148 -19.84 41.51 38.75
N THR C 149 -19.11 41.56 37.65
CA THR C 149 -18.59 40.35 37.00
C THR C 149 -17.69 39.53 37.93
N ARG C 150 -16.73 40.17 38.61
CA ARG C 150 -15.81 39.45 39.49
C ARG C 150 -16.52 38.74 40.65
N ARG C 151 -17.58 39.35 41.19
CA ARG C 151 -18.28 38.80 42.37
C ARG C 151 -19.15 37.61 41.99
N TYR C 152 -19.79 37.73 40.82
CA TYR C 152 -20.65 36.70 40.29
C TYR C 152 -19.83 35.45 40.05
N THR C 153 -18.76 35.60 39.27
CA THR C 153 -17.94 34.46 38.92
C THR C 153 -17.48 33.76 40.20
N SER C 154 -17.26 34.53 41.27
CA SER C 154 -16.85 33.97 42.56
C SER C 154 -17.96 33.17 43.18
N GLU C 155 -19.17 33.73 43.13
CA GLU C 155 -20.32 33.09 43.74
C GLU C 155 -20.69 31.81 42.99
N ILE C 156 -20.47 31.78 41.66
CA ILE C 156 -20.79 30.57 40.89
C ILE C 156 -19.59 29.63 40.71
N GLY C 157 -18.50 29.97 41.40
CA GLY C 157 -17.24 29.28 41.25
C GLY C 157 -17.27 27.81 41.61
N ILE C 158 -18.09 27.45 42.61
CA ILE C 158 -18.28 26.05 42.98
C ILE C 158 -18.75 25.19 41.81
N LEU C 159 -19.27 25.87 40.78
CA LEU C 159 -19.83 25.23 39.59
C LEU C 159 -18.85 25.24 38.42
N LEU C 160 -17.98 26.24 38.34
CA LEU C 160 -17.14 26.43 37.14
C LEU C 160 -15.94 25.48 37.02
N GLY C 161 -15.39 25.41 35.81
CA GLY C 161 -14.21 24.61 35.50
C GLY C 161 -14.39 24.10 34.08
N PRO C 162 -13.28 23.95 33.31
CA PRO C 162 -13.34 23.52 31.90
C PRO C 162 -13.99 22.15 31.71
N ASP C 163 -13.89 21.30 32.72
CA ASP C 163 -14.58 20.00 32.74
C ASP C 163 -15.90 19.99 33.51
N ARG C 164 -16.42 21.16 33.87
CA ARG C 164 -17.65 21.19 34.65
C ARG C 164 -18.70 22.11 34.06
N ASP C 165 -18.31 23.35 33.81
CA ASP C 165 -19.21 24.40 33.39
C ASP C 165 -18.43 25.55 32.75
N ILE C 166 -18.71 25.78 31.48
CA ILE C 166 -18.00 26.78 30.68
C ILE C 166 -18.95 27.88 30.13
N PRO C 167 -19.02 29.04 30.81
CA PRO C 167 -19.77 30.19 30.33
C PRO C 167 -19.15 30.89 29.10
N ALA C 168 -19.99 31.71 28.47
CA ALA C 168 -19.67 32.42 27.24
C ALA C 168 -20.34 33.83 27.26
N PRO C 169 -20.07 34.68 26.26
CA PRO C 169 -20.84 35.92 26.26
C PRO C 169 -22.30 35.62 25.89
N ASP C 170 -23.19 36.55 26.20
CA ASP C 170 -24.59 36.53 25.74
C ASP C 170 -25.07 37.99 25.78
N VAL C 171 -26.38 38.23 25.90
CA VAL C 171 -26.96 39.59 25.86
C VAL C 171 -26.26 40.55 26.83
N ASN C 172 -25.73 41.65 26.27
CA ASN C 172 -25.00 42.69 27.03
C ASN C 172 -23.68 42.26 27.69
N THR C 173 -23.20 41.04 27.38
CA THR C 173 -21.80 40.66 27.73
C THR C 173 -20.97 40.36 26.50
N GLY C 174 -19.65 40.41 26.65
CA GLY C 174 -18.74 40.18 25.56
C GLY C 174 -17.34 39.84 26.07
N GLU C 175 -16.35 40.08 25.22
CA GLU C 175 -14.97 39.79 25.51
C GLU C 175 -14.46 40.40 26.82
N ARG C 176 -14.82 41.66 27.07
CA ARG C 176 -14.38 42.36 28.27
C ARG C 176 -14.76 41.61 29.56
N GLU C 177 -16.00 41.17 29.70
CA GLU C 177 -16.36 40.45 30.92
C GLU C 177 -15.97 38.95 30.95
N MET C 178 -15.80 38.33 29.77
CA MET C 178 -15.22 37.00 29.74
C MET C 178 -13.77 37.11 30.25
N ALA C 179 -13.07 38.17 29.87
CA ALA C 179 -11.70 38.38 30.37
C ALA C 179 -11.68 38.53 31.90
N TRP C 180 -12.75 39.09 32.45
CA TRP C 180 -12.87 39.27 33.89
C TRP C 180 -13.22 37.98 34.62
N MET C 181 -14.16 37.22 34.08
CA MET C 181 -14.46 35.86 34.58
C MET C 181 -13.22 34.95 34.60
N MET C 182 -12.51 34.89 33.48
CA MET C 182 -11.30 34.08 33.40
C MET C 182 -10.30 34.47 34.47
N ASP C 183 -10.09 35.78 34.63
CA ASP C 183 -9.19 36.30 35.65
C ASP C 183 -9.65 36.05 37.10
N THR C 184 -10.94 36.20 37.35
CA THR C 184 -11.45 36.04 38.70
C THR C 184 -11.30 34.57 39.11
N TYR C 185 -11.74 33.68 38.24
CA TYR C 185 -11.55 32.25 38.47
C TYR C 185 -10.06 31.87 38.57
N SER C 186 -9.24 32.40 37.69
CA SER C 186 -7.83 32.00 37.66
C SER C 186 -7.08 32.38 38.93
N MET C 187 -7.21 33.62 39.32
CA MET C 187 -6.66 34.14 40.54
C MET C 187 -7.18 33.39 41.78
N ASN C 188 -8.48 33.08 41.80
CA ASN C 188 -9.08 32.41 42.96
C ASN C 188 -8.61 30.98 43.14
N VAL C 189 -8.13 30.40 42.06
CA VAL C 189 -7.83 28.99 41.99
C VAL C 189 -6.34 28.74 41.92
N GLY C 190 -5.57 29.81 41.66
CA GLY C 190 -4.10 29.74 41.64
C GLY C 190 -3.45 29.19 40.38
N ARG C 191 -4.20 29.18 39.28
CA ARG C 191 -3.69 28.65 38.02
C ARG C 191 -4.33 29.43 36.90
N THR C 192 -3.61 29.55 35.77
CA THR C 192 -4.22 30.02 34.53
C THR C 192 -5.14 28.95 33.94
N VAL C 193 -6.41 29.28 33.78
CA VAL C 193 -7.36 28.33 33.28
C VAL C 193 -8.15 29.01 32.17
N PRO C 194 -7.50 29.19 31.00
CA PRO C 194 -8.10 29.91 29.89
C PRO C 194 -9.42 29.30 29.50
N GLY C 195 -9.52 27.97 29.57
CA GLY C 195 -10.69 27.22 29.14
C GLY C 195 -11.93 27.32 30.04
N VAL C 196 -11.82 28.10 31.12
CA VAL C 196 -12.93 28.27 32.04
C VAL C 196 -14.13 29.02 31.40
N VAL C 197 -13.86 29.85 30.40
CA VAL C 197 -14.91 30.52 29.62
C VAL C 197 -14.44 30.58 28.19
N THR C 198 -15.41 30.73 27.28
CA THR C 198 -15.16 31.07 25.89
C THR C 198 -15.70 32.49 25.52
N GLY C 199 -15.40 32.94 24.30
CA GLY C 199 -15.59 34.34 23.90
C GLY C 199 -14.55 35.27 24.49
N LYS C 200 -13.34 34.76 24.79
CA LYS C 200 -12.24 35.59 25.31
C LYS C 200 -11.47 36.39 24.24
N PRO C 201 -10.79 37.49 24.66
CA PRO C 201 -9.86 38.11 23.72
C PRO C 201 -8.83 37.07 23.30
N ILE C 202 -8.35 37.19 22.06
CA ILE C 202 -7.30 36.31 21.52
C ILE C 202 -5.99 36.40 22.35
N ALA C 203 -5.74 37.54 22.98
CA ALA C 203 -4.57 37.67 23.87
C ALA C 203 -4.67 36.75 25.11
N LEU C 204 -5.87 36.28 25.39
CA LEU C 204 -6.11 35.48 26.60
C LEU C 204 -6.48 34.01 26.34
N GLY C 205 -6.30 33.56 25.09
CA GLY C 205 -6.68 32.21 24.69
C GLY C 205 -8.00 32.11 23.96
N GLY C 206 -8.46 33.22 23.39
CA GLY C 206 -9.57 33.18 22.43
C GLY C 206 -9.16 32.43 21.16
N SER C 207 -10.16 32.18 20.30
CA SER C 207 -10.00 31.47 19.05
C SER C 207 -10.06 32.50 17.94
N LEU C 208 -9.31 32.29 16.87
CA LEU C 208 -9.54 33.06 15.66
C LEU C 208 -10.90 32.63 15.08
N GLY C 209 -11.42 33.41 14.14
CA GLY C 209 -12.57 32.98 13.35
C GLY C 209 -13.93 33.20 13.98
N ARG C 210 -13.97 33.98 15.05
CA ARG C 210 -15.21 34.15 15.80
C ARG C 210 -16.24 35.10 15.17
N ARG C 211 -15.74 36.18 14.57
CA ARG C 211 -16.58 37.24 14.03
C ARG C 211 -17.49 36.74 12.88
N ASP C 212 -16.89 36.02 11.94
CA ASP C 212 -17.61 35.49 10.78
C ASP C 212 -18.24 34.10 10.94
N ALA C 213 -18.05 33.46 12.10
CA ALA C 213 -18.50 32.08 12.32
C ALA C 213 -20.01 31.81 12.02
N THR C 214 -20.89 32.61 12.61
CA THR C 214 -22.33 32.38 12.49
C THR C 214 -22.80 32.55 11.03
N GLY C 215 -22.49 33.69 10.43
CA GLY C 215 -22.69 33.94 9.00
C GLY C 215 -22.11 32.85 8.10
N ARG C 216 -20.85 32.45 8.33
CA ARG C 216 -20.27 31.34 7.56
C ARG C 216 -21.09 30.05 7.75
N GLY C 217 -21.41 29.74 9.01
CA GLY C 217 -22.26 28.62 9.33
C GLY C 217 -23.61 28.63 8.63
N VAL C 218 -24.25 29.81 8.56
CA VAL C 218 -25.52 29.93 7.84
C VAL C 218 -25.32 29.47 6.39
N PHE C 219 -24.15 29.77 5.82
CA PHE C 219 -23.90 29.41 4.43
C PHE C 219 -23.65 27.91 4.30
N ILE C 220 -22.71 27.40 5.09
CA ILE C 220 -22.35 26.00 5.07
C ILE C 220 -23.59 25.11 5.14
N THR C 221 -24.48 25.47 6.05
CA THR C 221 -25.65 24.67 6.25
C THR C 221 -26.66 24.83 5.09
N ALA C 222 -26.85 26.06 4.57
CA ALA C 222 -27.68 26.29 3.35
C ALA C 222 -27.22 25.47 2.13
N ALA C 223 -25.91 25.45 1.90
CA ALA C 223 -25.31 24.75 0.76
C ALA C 223 -25.53 23.24 0.83
N ALA C 224 -25.45 22.69 2.04
CA ALA C 224 -25.73 21.27 2.28
C ALA C 224 -27.19 20.93 1.95
N ALA C 225 -28.11 21.82 2.29
CA ALA C 225 -29.51 21.66 1.94
C ALA C 225 -29.66 21.73 0.43
N ALA C 226 -29.00 22.72 -0.19
CA ALA C 226 -28.98 22.87 -1.65
C ALA C 226 -28.57 21.58 -2.38
N GLU C 227 -27.47 20.97 -1.95
CA GLU C 227 -27.05 19.66 -2.46
C GLU C 227 -28.18 18.64 -2.46
N LYS C 228 -28.90 18.57 -1.34
CA LYS C 228 -29.95 17.58 -1.15
C LYS C 228 -31.13 17.77 -2.09
N ILE C 229 -31.30 18.98 -2.62
CA ILE C 229 -32.39 19.22 -3.60
C ILE C 229 -31.87 19.50 -5.01
N GLY C 230 -30.57 19.28 -5.22
CA GLY C 230 -29.93 19.45 -6.52
C GLY C 230 -29.83 20.90 -6.98
N LEU C 231 -29.92 21.84 -6.04
CA LEU C 231 -29.87 23.27 -6.30
C LEU C 231 -28.42 23.76 -6.39
N GLN C 232 -28.04 24.31 -7.55
CA GLN C 232 -26.69 24.85 -7.77
C GLN C 232 -26.52 26.20 -7.08
N VAL C 233 -25.39 26.37 -6.37
CA VAL C 233 -25.10 27.60 -5.65
C VAL C 233 -24.62 28.72 -6.56
N GLU C 234 -23.73 28.38 -7.50
CA GLU C 234 -23.29 29.34 -8.52
C GLU C 234 -24.44 30.14 -9.17
N GLY C 235 -25.36 29.47 -9.84
CA GLY C 235 -26.53 30.19 -10.39
C GLY C 235 -27.26 31.09 -9.40
N ALA C 236 -27.41 30.58 -8.18
CA ALA C 236 -28.41 30.98 -7.19
C ALA C 236 -28.50 32.43 -6.71
N ARG C 237 -29.74 32.93 -6.63
CA ARG C 237 -30.06 34.26 -6.09
C ARG C 237 -30.33 34.21 -4.58
N VAL C 238 -29.86 35.24 -3.87
CA VAL C 238 -29.91 35.26 -2.41
C VAL C 238 -30.47 36.58 -1.91
N ALA C 239 -31.47 36.50 -1.02
CA ALA C 239 -31.97 37.67 -0.32
C ALA C 239 -31.60 37.52 1.15
N ILE C 240 -31.14 38.60 1.77
CA ILE C 240 -30.62 38.56 3.13
C ILE C 240 -31.22 39.68 3.97
N GLN C 241 -31.84 39.33 5.09
CA GLN C 241 -32.36 40.34 6.02
C GLN C 241 -31.41 40.52 7.19
N GLY C 242 -30.92 41.74 7.38
CA GLY C 242 -29.95 42.01 8.43
C GLY C 242 -28.57 42.12 7.81
N PHE C 243 -27.79 43.08 8.25
CA PHE C 243 -26.46 43.18 7.70
C PHE C 243 -25.38 43.44 8.75
N GLY C 244 -25.66 43.04 10.00
CA GLY C 244 -24.66 43.03 11.07
C GLY C 244 -23.70 41.86 10.88
N ASN C 245 -23.06 41.41 11.95
CA ASN C 245 -22.09 40.31 11.85
C ASN C 245 -22.59 39.03 11.18
N VAL C 246 -23.78 38.58 11.53
CA VAL C 246 -24.33 37.37 10.93
C VAL C 246 -24.66 37.62 9.44
N GLY C 247 -25.37 38.72 9.18
CA GLY C 247 -25.88 39.01 7.84
C GLY C 247 -24.80 39.28 6.80
N ASN C 248 -23.80 40.07 7.17
CA ASN C 248 -22.77 40.46 6.20
C ASN C 248 -21.69 39.39 6.01
N ALA C 249 -21.58 38.48 6.97
CA ALA C 249 -20.71 37.30 6.82
C ALA C 249 -21.37 36.22 5.97
N ALA C 250 -22.67 36.03 6.17
CA ALA C 250 -23.45 35.17 5.29
C ALA C 250 -23.37 35.65 3.85
N ALA C 251 -23.50 36.97 3.65
CA ALA C 251 -23.45 37.56 2.32
C ALA C 251 -22.08 37.40 1.68
N ARG C 252 -21.02 37.74 2.42
CA ARG C 252 -19.65 37.47 1.93
C ARG C 252 -19.47 36.01 1.53
N ALA C 253 -19.88 35.08 2.39
CA ALA C 253 -19.81 33.63 2.08
C ALA C 253 -20.57 33.23 0.82
N PHE C 254 -21.81 33.72 0.65
CA PHE C 254 -22.62 33.38 -0.52
C PHE C 254 -21.96 33.88 -1.82
N HIS C 255 -21.55 35.14 -1.81
CA HIS C 255 -20.88 35.76 -2.95
C HIS C 255 -19.55 35.07 -3.32
N ASP C 256 -18.78 34.68 -2.30
CA ASP C 256 -17.46 34.08 -2.52
C ASP C 256 -17.54 32.62 -2.99
N HIS C 257 -18.75 32.06 -2.99
CA HIS C 257 -18.97 30.73 -3.53
C HIS C 257 -19.78 30.84 -4.82
N GLY C 258 -19.83 32.06 -5.37
CA GLY C 258 -20.37 32.30 -6.71
C GLY C 258 -21.85 32.61 -6.74
N ALA C 259 -22.44 32.79 -5.57
CA ALA C 259 -23.86 33.14 -5.50
C ALA C 259 -24.04 34.63 -5.72
N ARG C 260 -25.23 34.96 -6.17
CA ARG C 260 -25.66 36.32 -6.47
C ARG C 260 -26.54 36.84 -5.33
N VAL C 261 -26.05 37.80 -4.55
CA VAL C 261 -26.88 38.50 -3.55
C VAL C 261 -27.69 39.63 -4.22
N VAL C 262 -29.01 39.49 -4.28
CA VAL C 262 -29.81 40.47 -5.02
C VAL C 262 -30.56 41.48 -4.14
N ALA C 263 -30.67 41.19 -2.84
CA ALA C 263 -31.39 42.08 -1.93
C ALA C 263 -30.84 42.02 -0.51
N VAL C 264 -30.69 43.19 0.10
CA VAL C 264 -30.37 43.30 1.51
C VAL C 264 -31.32 44.28 2.22
N GLN C 265 -31.96 43.81 3.28
CA GLN C 265 -32.80 44.66 4.13
C GLN C 265 -32.11 44.90 5.46
N ASP C 266 -32.10 46.16 5.87
CA ASP C 266 -31.44 46.63 7.09
C ASP C 266 -32.51 47.36 7.92
N HIS C 267 -32.09 48.01 9.01
CA HIS C 267 -32.99 48.82 9.85
C HIS C 267 -33.38 50.13 9.15
N THR C 268 -32.59 50.52 8.15
CA THR C 268 -32.96 51.58 7.23
C THR C 268 -34.09 51.11 6.31
N GLY C 269 -33.72 50.57 5.15
CA GLY C 269 -34.66 50.03 4.18
C GLY C 269 -34.03 48.91 3.39
N THR C 270 -34.46 48.74 2.15
CA THR C 270 -34.03 47.61 1.34
C THR C 270 -33.41 48.06 0.02
N VAL C 271 -32.36 47.37 -0.39
CA VAL C 271 -31.74 47.61 -1.69
C VAL C 271 -31.82 46.35 -2.53
N TYR C 272 -31.91 46.52 -3.85
CA TYR C 272 -32.17 45.41 -4.77
C TYR C 272 -31.48 45.59 -6.12
N ASN C 273 -30.94 44.50 -6.64
CA ASN C 273 -30.29 44.49 -7.93
C ASN C 273 -30.20 43.08 -8.51
N GLU C 274 -31.00 42.83 -9.55
CA GLU C 274 -31.04 41.52 -10.22
C GLU C 274 -29.68 40.97 -10.67
N ALA C 275 -28.81 41.86 -11.16
CA ALA C 275 -27.45 41.47 -11.58
C ALA C 275 -26.58 41.01 -10.40
N GLY C 276 -26.80 41.57 -9.22
CA GLY C 276 -26.11 41.13 -8.00
C GLY C 276 -25.39 42.24 -7.28
N ILE C 277 -25.36 42.16 -5.96
CA ILE C 277 -24.69 43.16 -5.13
C ILE C 277 -23.36 42.64 -4.62
N ASP C 278 -22.31 43.44 -4.78
CA ASP C 278 -21.03 43.16 -4.17
C ASP C 278 -21.12 43.52 -2.68
N PRO C 279 -21.10 42.50 -1.81
CA PRO C 279 -21.32 42.68 -0.37
C PRO C 279 -20.20 43.41 0.36
N TYR C 280 -18.98 43.40 -0.18
CA TYR C 280 -17.86 44.11 0.42
C TYR C 280 -18.05 45.60 0.19
N ASP C 281 -18.33 45.93 -1.07
CA ASP C 281 -18.62 47.29 -1.51
C ASP C 281 -19.81 47.85 -0.74
N LEU C 282 -20.86 47.04 -0.61
CA LEU C 282 -21.99 47.39 0.25
C LEU C 282 -21.53 47.66 1.68
N LEU C 283 -20.67 46.79 2.21
CA LEU C 283 -20.19 46.88 3.59
C LEU C 283 -19.39 48.16 3.82
N ARG C 284 -18.61 48.53 2.81
CA ARG C 284 -17.86 49.78 2.77
C ARG C 284 -18.84 50.95 2.88
N HIS C 285 -19.93 50.83 2.14
CA HIS C 285 -20.98 51.86 2.10
C HIS C 285 -21.79 51.92 3.39
N VAL C 286 -21.93 50.80 4.09
CA VAL C 286 -22.66 50.77 5.36
C VAL C 286 -21.83 51.33 6.51
N GLN C 287 -20.52 51.11 6.49
CA GLN C 287 -19.62 51.61 7.54
C GLN C 287 -19.51 53.13 7.50
N GLU C 288 -19.71 53.70 6.31
CA GLU C 288 -19.83 55.15 6.15
C GLU C 288 -21.23 55.59 6.60
N PHE C 289 -22.22 55.34 5.74
CA PHE C 289 -23.57 55.91 5.91
C PHE C 289 -24.40 55.35 7.07
N GLY C 290 -23.89 54.32 7.74
CA GLY C 290 -24.57 53.76 8.92
C GLY C 290 -25.67 52.76 8.61
N GLY C 291 -25.84 52.45 7.32
CA GLY C 291 -26.85 51.49 6.87
C GLY C 291 -26.96 51.40 5.37
N VAL C 292 -27.66 50.37 4.89
CA VAL C 292 -27.99 50.29 3.46
C VAL C 292 -29.06 51.36 3.18
N ARG C 293 -28.90 52.05 2.05
CA ARG C 293 -29.80 53.11 1.57
C ARG C 293 -28.94 54.07 0.79
N GLY C 294 -29.45 54.50 -0.36
CA GLY C 294 -28.68 55.33 -1.27
C GLY C 294 -27.41 54.63 -1.72
N TYR C 295 -27.32 53.33 -1.47
CA TYR C 295 -26.22 52.56 -2.02
C TYR C 295 -26.28 52.73 -3.53
N PRO C 296 -25.23 53.36 -4.10
CA PRO C 296 -25.19 53.78 -5.50
C PRO C 296 -25.43 52.66 -6.52
N LYS C 297 -25.03 51.43 -6.19
CA LYS C 297 -25.14 50.32 -7.15
C LYS C 297 -26.35 49.39 -6.98
N ALA C 298 -27.40 49.89 -6.32
CA ALA C 298 -28.65 49.16 -6.22
C ALA C 298 -29.85 50.10 -6.11
N GLU C 299 -30.98 49.66 -6.68
CA GLU C 299 -32.25 50.38 -6.55
C GLU C 299 -32.91 50.11 -5.20
N PRO C 300 -33.69 51.07 -4.68
CA PRO C 300 -34.42 50.78 -3.46
C PRO C 300 -35.62 49.88 -3.74
N LEU C 301 -36.01 49.13 -2.71
CA LEU C 301 -37.23 48.34 -2.71
C LEU C 301 -37.99 48.65 -1.44
N PRO C 302 -39.35 48.66 -1.51
CA PRO C 302 -40.17 48.71 -0.31
C PRO C 302 -40.12 47.40 0.47
N ALA C 303 -40.07 47.49 1.80
CA ALA C 303 -39.85 46.32 2.67
C ALA C 303 -40.69 45.09 2.35
N ALA C 304 -41.93 45.31 1.92
CA ALA C 304 -42.89 44.24 1.67
C ALA C 304 -42.56 43.40 0.44
N ASP C 305 -41.96 44.03 -0.57
CA ASP C 305 -41.50 43.35 -1.78
C ASP C 305 -40.32 42.39 -1.49
N PHE C 306 -39.58 42.65 -0.41
CA PHE C 306 -38.42 41.84 -0.03
C PHE C 306 -38.74 40.34 0.12
N TRP C 307 -39.72 40.02 0.96
CA TRP C 307 -40.05 38.63 1.28
C TRP C 307 -40.57 37.84 0.07
N GLY C 308 -41.18 38.52 -0.89
CA GLY C 308 -41.76 37.88 -2.07
C GLY C 308 -40.87 37.79 -3.29
N LEU C 309 -39.62 38.24 -3.15
CA LEU C 309 -38.63 38.20 -4.22
C LEU C 309 -38.41 36.77 -4.73
N PRO C 310 -38.35 36.59 -6.07
CA PRO C 310 -38.08 35.23 -6.51
C PRO C 310 -36.58 34.97 -6.33
N VAL C 311 -36.24 34.18 -5.33
CA VAL C 311 -34.84 33.86 -5.04
C VAL C 311 -34.64 32.37 -4.82
N GLU C 312 -33.40 31.95 -4.68
CA GLU C 312 -33.13 30.57 -4.36
C GLU C 312 -32.96 30.45 -2.84
N PHE C 313 -32.26 31.42 -2.27
CA PHE C 313 -31.93 31.43 -0.85
C PHE C 313 -32.51 32.68 -0.20
N LEU C 314 -33.23 32.49 0.91
CA LEU C 314 -33.66 33.60 1.77
C LEU C 314 -33.05 33.44 3.16
N VAL C 315 -32.38 34.48 3.65
CA VAL C 315 -31.65 34.40 4.90
C VAL C 315 -32.10 35.47 5.90
N PRO C 316 -32.95 35.09 6.87
CA PRO C 316 -33.29 36.03 7.93
C PRO C 316 -32.20 36.00 9.00
N ALA C 317 -31.53 37.12 9.19
CA ALA C 317 -30.40 37.21 10.11
C ALA C 317 -30.51 38.51 10.89
N ALA C 318 -31.75 38.93 11.16
CA ALA C 318 -31.99 40.11 11.97
C ALA C 318 -32.60 39.67 13.30
N LEU C 319 -33.82 40.12 13.60
CA LEU C 319 -34.47 39.85 14.88
C LEU C 319 -35.32 38.60 14.84
N GLU C 320 -35.96 38.28 15.95
CA GLU C 320 -36.90 37.19 15.99
C GLU C 320 -38.20 37.61 15.30
N LYS C 321 -38.97 36.62 14.85
CA LYS C 321 -40.35 36.80 14.37
C LYS C 321 -40.53 37.68 13.12
N GLN C 322 -39.56 37.60 12.20
CA GLN C 322 -39.60 38.37 10.97
C GLN C 322 -40.34 37.64 9.85
N ILE C 323 -40.36 36.32 9.91
CA ILE C 323 -41.20 35.52 9.02
C ILE C 323 -42.41 35.06 9.82
N THR C 324 -43.58 35.39 9.30
CA THR C 324 -44.82 35.43 10.05
C THR C 324 -45.98 34.99 9.17
N GLU C 325 -47.09 34.67 9.80
CA GLU C 325 -48.40 34.55 9.13
C GLU C 325 -48.69 35.70 8.14
N GLN C 326 -48.14 36.88 8.40
CA GLN C 326 -48.33 38.03 7.52
C GLN C 326 -47.56 37.96 6.18
N ASN C 327 -46.33 37.46 6.21
CA ASN C 327 -45.47 37.43 5.03
C ASN C 327 -45.00 36.05 4.52
N ALA C 328 -45.12 35.00 5.33
CA ALA C 328 -44.61 33.67 4.93
C ALA C 328 -45.25 33.10 3.66
N TRP C 329 -46.54 33.38 3.46
CA TRP C 329 -47.26 32.91 2.29
C TRP C 329 -46.76 33.59 0.99
N ARG C 330 -46.02 34.69 1.13
CA ARG C 330 -45.49 35.42 -0.03
C ARG C 330 -44.10 34.92 -0.47
N ILE C 331 -43.44 34.11 0.36
CA ILE C 331 -42.07 33.68 0.09
C ILE C 331 -41.97 32.77 -1.13
N ARG C 332 -41.00 33.07 -2.00
CA ARG C 332 -40.79 32.27 -3.19
C ARG C 332 -39.48 31.47 -3.15
N ALA C 333 -38.62 31.80 -2.19
CA ALA C 333 -37.35 31.09 -1.99
C ALA C 333 -37.53 29.59 -1.89
N ARG C 334 -36.56 28.84 -2.42
CA ARG C 334 -36.56 27.40 -2.24
C ARG C 334 -36.02 27.00 -0.87
N ILE C 335 -35.00 27.72 -0.41
CA ILE C 335 -34.39 27.50 0.89
C ILE C 335 -34.47 28.78 1.75
N VAL C 336 -35.06 28.63 2.93
CA VAL C 336 -34.88 29.58 4.04
C VAL C 336 -33.80 29.01 4.99
N ALA C 337 -32.85 29.85 5.40
CA ALA C 337 -31.72 29.43 6.23
C ALA C 337 -31.56 30.42 7.38
N GLU C 338 -31.97 29.98 8.57
CA GLU C 338 -32.20 30.89 9.70
C GLU C 338 -30.91 31.30 10.41
N GLY C 339 -30.47 32.52 10.15
CA GLY C 339 -29.30 33.11 10.80
C GLY C 339 -29.64 33.67 12.17
N ALA C 340 -30.88 34.14 12.30
CA ALA C 340 -31.34 34.77 13.52
C ALA C 340 -31.78 33.71 14.54
N ASN C 341 -31.95 34.10 15.80
CA ASN C 341 -32.61 33.24 16.78
C ASN C 341 -34.12 33.30 16.57
N GLY C 342 -34.72 32.17 16.23
CA GLY C 342 -36.18 32.08 16.01
C GLY C 342 -36.78 33.18 15.14
N PRO C 343 -36.37 33.27 13.87
CA PRO C 343 -36.92 34.34 13.03
C PRO C 343 -38.30 34.02 12.47
N THR C 344 -38.72 32.76 12.59
CA THR C 344 -39.98 32.35 12.00
C THR C 344 -40.93 31.84 13.08
N THR C 345 -42.22 32.14 12.91
CA THR C 345 -43.24 31.70 13.85
C THR C 345 -43.65 30.27 13.52
N PRO C 346 -44.26 29.54 14.48
CA PRO C 346 -44.78 28.21 14.14
C PRO C 346 -45.87 28.25 13.04
N ALA C 347 -46.73 29.25 13.04
CA ALA C 347 -47.75 29.38 11.97
C ALA C 347 -47.11 29.58 10.58
N ALA C 348 -46.01 30.31 10.51
CA ALA C 348 -45.19 30.47 9.29
C ALA C 348 -44.55 29.15 8.80
N ASP C 349 -44.02 28.36 9.75
CA ASP C 349 -43.46 27.03 9.47
C ASP C 349 -44.50 26.14 8.78
N ASP C 350 -45.73 26.15 9.31
CA ASP C 350 -46.84 25.38 8.74
C ASP C 350 -47.13 25.80 7.30
N ILE C 351 -47.17 27.12 7.06
CA ILE C 351 -47.36 27.70 5.74
C ILE C 351 -46.25 27.33 4.75
N LEU C 352 -45.00 27.51 5.20
CA LEU C 352 -43.82 27.22 4.38
C LEU C 352 -43.73 25.74 4.03
N LEU C 353 -44.13 24.89 4.97
CA LEU C 353 -44.22 23.45 4.74
C LEU C 353 -45.18 23.11 3.59
N GLU C 354 -46.43 23.58 3.66
CA GLU C 354 -47.41 23.37 2.58
C GLU C 354 -46.87 23.88 1.23
N LYS C 355 -46.22 25.02 1.25
CA LYS C 355 -45.63 25.62 0.04
C LYS C 355 -44.38 24.90 -0.49
N GLY C 356 -43.87 23.95 0.28
CA GLY C 356 -42.72 23.16 -0.15
C GLY C 356 -41.37 23.86 -0.03
N VAL C 357 -41.31 24.92 0.77
CA VAL C 357 -40.03 25.60 1.00
C VAL C 357 -39.25 24.95 2.15
N LEU C 358 -37.96 24.76 1.93
CA LEU C 358 -37.11 24.04 2.88
C LEU C 358 -36.56 25.04 3.88
N VAL C 359 -36.83 24.81 5.17
CA VAL C 359 -36.33 25.70 6.23
C VAL C 359 -35.25 25.02 7.08
N VAL C 360 -33.99 25.39 6.82
CA VAL C 360 -32.87 24.99 7.70
C VAL C 360 -33.04 25.73 9.01
N PRO C 361 -33.41 24.98 10.05
CA PRO C 361 -33.78 25.56 11.34
C PRO C 361 -32.61 26.22 12.06
N ASP C 362 -32.92 27.29 12.79
CA ASP C 362 -31.92 28.06 13.49
C ASP C 362 -31.00 27.22 14.39
N VAL C 363 -31.56 26.24 15.11
CA VAL C 363 -30.77 25.42 16.04
C VAL C 363 -29.43 24.93 15.51
N ILE C 364 -29.40 24.50 14.25
CA ILE C 364 -28.15 24.18 13.56
C ILE C 364 -27.72 25.28 12.58
N ALA C 365 -28.65 25.93 11.89
CA ALA C 365 -28.28 26.97 10.91
C ALA C 365 -27.40 28.11 11.48
N ASN C 366 -27.65 28.52 12.72
CA ASN C 366 -26.89 29.64 13.30
C ASN C 366 -25.76 29.26 14.28
N ALA C 367 -25.30 28.00 14.22
CA ALA C 367 -24.51 27.43 15.32
C ALA C 367 -23.00 27.63 15.21
N GLY C 368 -22.59 28.38 14.18
CA GLY C 368 -21.18 28.62 13.90
C GLY C 368 -20.42 29.24 15.05
N GLY C 369 -21.08 30.19 15.73
CA GLY C 369 -20.56 30.86 16.90
C GLY C 369 -20.26 29.90 18.04
N VAL C 370 -21.30 29.21 18.48
CA VAL C 370 -21.22 28.18 19.51
C VAL C 370 -20.18 27.08 19.15
N THR C 371 -20.01 26.82 17.85
CA THR C 371 -19.03 25.84 17.40
C THR C 371 -17.62 26.40 17.53
N VAL C 372 -17.45 27.69 17.24
CA VAL C 372 -16.13 28.30 17.37
C VAL C 372 -15.76 28.49 18.85
N SER C 373 -16.78 28.70 19.68
CA SER C 373 -16.55 28.62 21.12
C SER C 373 -16.07 27.25 21.58
N TYR C 374 -16.75 26.20 21.13
CA TYR C 374 -16.25 24.81 21.32
C TYR C 374 -14.77 24.69 20.95
N PHE C 375 -14.42 25.22 19.77
CA PHE C 375 -13.05 25.20 19.26
C PHE C 375 -12.10 25.96 20.18
N GLU C 376 -12.54 27.08 20.75
CA GLU C 376 -11.75 27.89 21.65
C GLU C 376 -11.37 27.05 22.87
N TRP C 377 -12.40 26.43 23.47
CA TRP C 377 -12.26 25.49 24.57
C TRP C 377 -11.33 24.31 24.28
N VAL C 378 -11.46 23.72 23.08
CA VAL C 378 -10.61 22.62 22.67
C VAL C 378 -9.14 23.12 22.65
N GLN C 379 -8.90 24.30 22.06
CA GLN C 379 -7.54 24.84 21.86
C GLN C 379 -6.92 25.19 23.21
N ASP C 380 -7.75 25.74 24.09
CA ASP C 380 -7.39 26.08 25.47
C ASP C 380 -6.84 24.95 26.33
N PHE C 381 -7.16 23.71 26.00
CA PHE C 381 -6.71 22.59 26.83
C PHE C 381 -5.16 22.46 26.85
N ASN C 382 -4.51 22.75 25.73
CA ASN C 382 -3.05 22.71 25.65
C ASN C 382 -2.48 23.99 25.04
N SER C 383 -3.29 25.04 25.01
CA SER C 383 -2.83 26.35 24.53
C SER C 383 -2.13 26.21 23.19
N TYR C 384 -2.85 25.60 22.24
CA TYR C 384 -2.40 25.49 20.86
C TYR C 384 -3.53 25.91 19.95
N PHE C 385 -3.29 26.98 19.20
CA PHE C 385 -4.36 27.65 18.48
C PHE C 385 -4.20 27.43 17.00
N TRP C 386 -5.34 27.21 16.36
CA TRP C 386 -5.41 26.84 14.97
C TRP C 386 -5.42 28.10 14.10
N THR C 387 -5.05 27.93 12.85
CA THR C 387 -5.13 29.02 11.90
C THR C 387 -6.61 29.24 11.55
N GLU C 388 -6.88 30.37 10.91
CA GLU C 388 -8.21 30.76 10.44
C GLU C 388 -8.71 29.73 9.43
N GLU C 389 -7.77 29.28 8.59
CA GLU C 389 -8.01 28.25 7.60
CA GLU C 389 -8.04 28.24 7.59
C GLU C 389 -8.45 26.94 8.28
N GLU C 390 -7.74 26.54 9.32
CA GLU C 390 -8.12 25.34 10.09
C GLU C 390 -9.47 25.47 10.81
N ILE C 391 -9.75 26.63 11.42
CA ILE C 391 -11.03 26.87 12.10
C ILE C 391 -12.23 26.72 11.16
N ASN C 392 -12.10 27.29 9.95
CA ASN C 392 -13.16 27.27 8.96
C ASN C 392 -13.34 25.89 8.36
N ALA C 393 -12.26 25.13 8.18
CA ALA C 393 -12.37 23.75 7.69
C ALA C 393 -13.08 22.88 8.73
N ARG C 394 -12.66 23.02 9.99
CA ARG C 394 -13.24 22.25 11.07
C ARG C 394 -14.69 22.65 11.35
N LEU C 395 -15.01 23.92 11.09
CA LEU C 395 -16.36 24.40 11.25
C LEU C 395 -17.28 23.79 10.19
N GLU C 396 -16.84 23.77 8.93
CA GLU C 396 -17.59 23.05 7.89
C GLU C 396 -17.90 21.59 8.27
N ARG C 397 -16.90 20.92 8.83
CA ARG C 397 -17.07 19.53 9.25
C ARG C 397 -18.19 19.36 10.28
N VAL C 398 -18.19 20.19 11.32
CA VAL C 398 -19.17 20.08 12.38
C VAL C 398 -20.59 20.26 11.81
N LEU C 399 -20.78 21.26 10.97
CA LEU C 399 -22.11 21.68 10.59
C LEU C 399 -22.71 20.88 9.45
N ARG C 400 -21.87 20.40 8.54
CA ARG C 400 -22.30 19.40 7.54
C ARG C 400 -22.77 18.11 8.21
N ASN C 401 -21.99 17.66 9.20
CA ASN C 401 -22.39 16.48 10.00
C ASN C 401 -23.69 16.70 10.74
N ALA C 402 -23.85 17.87 11.34
CA ALA C 402 -25.05 18.20 12.07
C ALA C 402 -26.26 18.23 11.14
N PHE C 403 -26.08 18.86 9.98
CA PHE C 403 -27.16 18.94 8.97
C PHE C 403 -27.53 17.56 8.44
N GLU C 404 -26.51 16.77 8.10
CA GLU C 404 -26.69 15.40 7.62
C GLU C 404 -27.50 14.56 8.61
N ALA C 405 -27.20 14.66 9.89
CA ALA C 405 -27.93 13.87 10.88
C ALA C 405 -29.39 14.31 10.97
N VAL C 406 -29.65 15.63 10.91
CA VAL C 406 -31.00 16.16 10.97
C VAL C 406 -31.80 15.77 9.71
N TRP C 407 -31.13 15.87 8.56
CA TRP C 407 -31.69 15.42 7.29
C TRP C 407 -32.17 13.96 7.36
N GLN C 408 -31.29 13.07 7.84
CA GLN C 408 -31.58 11.62 7.90
CA GLN C 408 -31.61 11.64 7.87
C GLN C 408 -32.79 11.30 8.76
N VAL C 409 -32.92 11.98 9.91
CA VAL C 409 -34.10 11.78 10.76
C VAL C 409 -35.37 12.41 10.14
N ALA C 410 -35.19 13.49 9.39
CA ALA C 410 -36.31 14.17 8.72
C ALA C 410 -36.93 13.28 7.65
N GLN C 411 -36.07 12.65 6.85
CA GLN C 411 -36.50 11.66 5.84
C GLN C 411 -37.08 10.43 6.52
N GLU C 412 -36.30 9.83 7.44
CA GLU C 412 -36.74 8.67 8.22
C GLU C 412 -38.17 8.80 8.75
N LYS C 413 -38.43 9.87 9.49
CA LYS C 413 -39.68 10.00 10.24
C LYS C 413 -40.73 10.84 9.54
N LYS C 414 -40.42 11.30 8.32
CA LYS C 414 -41.34 12.10 7.50
C LYS C 414 -41.79 13.37 8.21
N ILE C 415 -40.82 14.07 8.81
CA ILE C 415 -41.10 15.31 9.56
C ILE C 415 -40.26 16.46 9.01
N PRO C 416 -40.66 17.73 9.29
CA PRO C 416 -39.86 18.87 8.86
C PRO C 416 -38.52 18.96 9.61
N LEU C 417 -37.55 19.61 8.98
CA LEU C 417 -36.18 19.74 9.52
C LEU C 417 -36.14 20.29 10.93
N ARG C 418 -36.97 21.29 11.21
CA ARG C 418 -37.01 21.92 12.51
C ARG C 418 -37.29 20.86 13.58
N THR C 419 -38.39 20.14 13.41
CA THR C 419 -38.78 19.07 14.31
C THR C 419 -37.68 18.00 14.39
N ALA C 420 -37.09 17.66 13.23
CA ALA C 420 -36.05 16.65 13.15
C ALA C 420 -34.80 17.04 13.97
N ALA C 421 -34.50 18.34 14.02
CA ALA C 421 -33.37 18.81 14.81
C ALA C 421 -33.64 18.60 16.30
N TYR C 422 -34.90 18.73 16.70
CA TYR C 422 -35.26 18.55 18.10
C TYR C 422 -35.23 17.09 18.52
N VAL C 423 -35.65 16.23 17.59
CA VAL C 423 -35.60 14.78 17.78
C VAL C 423 -34.14 14.25 17.90
N VAL C 424 -33.24 14.70 17.03
CA VAL C 424 -31.82 14.24 17.02
C VAL C 424 -31.20 14.58 18.36
N ALA C 425 -31.39 15.83 18.76
CA ALA C 425 -31.00 16.39 20.03
C ALA C 425 -31.47 15.59 21.25
N ALA C 426 -32.79 15.40 21.38
CA ALA C 426 -33.37 14.66 22.51
C ALA C 426 -32.95 13.19 22.53
N THR C 427 -32.79 12.60 21.35
CA THR C 427 -32.29 11.25 21.24
C THR C 427 -30.85 11.19 21.79
N ARG C 428 -29.97 12.07 21.34
CA ARG C 428 -28.57 11.99 21.75
C ARG C 428 -28.44 12.13 23.26
N VAL C 429 -29.12 13.13 23.84
CA VAL C 429 -29.20 13.32 25.30
C VAL C 429 -29.67 12.06 26.03
N LEU C 430 -30.85 11.58 25.63
CA LEU C 430 -31.47 10.41 26.27
C LEU C 430 -30.64 9.11 26.12
N GLU C 431 -30.04 8.91 24.95
CA GLU C 431 -29.11 7.78 24.74
C GLU C 431 -27.86 7.82 25.64
N ALA C 432 -27.31 9.02 25.86
CA ALA C 432 -26.18 9.21 26.79
C ALA C 432 -26.62 8.87 28.22
N ARG C 433 -27.85 9.28 28.55
CA ARG C 433 -28.45 9.01 29.84
C ARG C 433 -28.73 7.51 30.02
N ALA C 434 -29.17 6.84 28.96
CA ALA C 434 -29.49 5.41 29.03
C ALA C 434 -28.23 4.54 29.16
N LEU C 435 -27.22 4.87 28.36
CA LEU C 435 -25.93 4.18 28.42
C LEU C 435 -25.31 4.32 29.79
N ARG C 436 -25.26 5.56 30.28
CA ARG C 436 -24.64 5.88 31.56
C ARG C 436 -25.39 5.22 32.74
N GLY C 437 -26.72 5.19 32.66
CA GLY C 437 -27.51 4.58 33.73
C GLY C 437 -27.87 5.60 34.80
N LEU C 438 -28.63 5.16 35.79
CA LEU C 438 -29.12 6.03 36.84
C LEU C 438 -28.32 5.72 38.08
N TYR C 439 -27.51 6.68 38.51
CA TYR C 439 -26.57 6.52 39.63
C TYR C 439 -26.11 7.88 40.08
N PRO C 440 -26.04 8.11 41.41
CA PRO C 440 -26.51 7.23 42.48
C PRO C 440 -28.05 7.03 42.47
N GLU D 20 -38.31 46.07 48.24
CA GLU D 20 -38.12 45.70 46.79
C GLU D 20 -37.71 44.21 46.65
N PRO D 21 -38.69 43.32 46.46
CA PRO D 21 -38.49 41.90 46.71
C PRO D 21 -37.71 41.18 45.60
N LEU D 22 -37.31 39.94 45.90
CA LEU D 22 -36.61 39.05 44.97
C LEU D 22 -37.54 38.59 43.84
N SER D 23 -37.04 38.65 42.61
CA SER D 23 -37.86 38.46 41.42
C SER D 23 -38.43 37.03 41.24
N TYR D 24 -37.72 36.06 41.77
CA TYR D 24 -38.11 34.66 41.58
C TYR D 24 -39.07 34.13 42.65
N LEU D 25 -39.68 35.02 43.43
CA LEU D 25 -40.74 34.61 44.35
C LEU D 25 -42.11 35.22 44.05
N GLY D 26 -42.15 36.18 43.13
CA GLY D 26 -43.40 36.85 42.78
C GLY D 26 -43.82 37.87 43.82
N LYS D 27 -45.01 38.44 43.64
CA LYS D 27 -45.52 39.55 44.47
C LYS D 27 -45.82 39.17 45.93
N ASP D 28 -46.27 37.93 46.14
CA ASP D 28 -46.37 37.35 47.47
C ASP D 28 -45.30 36.25 47.62
N GLY D 29 -44.40 36.45 48.58
CA GLY D 29 -43.35 35.49 48.89
C GLY D 29 -43.66 34.67 50.12
N GLY D 30 -44.89 34.81 50.63
CA GLY D 30 -45.39 34.05 51.78
C GLY D 30 -44.45 34.03 52.97
N PRO D 31 -43.88 32.85 53.29
CA PRO D 31 -42.92 32.61 54.39
C PRO D 31 -41.70 33.53 54.39
N TRP D 32 -41.06 33.69 53.24
CA TRP D 32 -39.87 34.54 53.13
C TRP D 32 -40.17 36.03 53.39
N GLU D 33 -41.34 36.47 52.93
CA GLU D 33 -41.81 37.84 53.13
C GLU D 33 -41.95 38.09 54.64
N ILE D 34 -42.51 37.12 55.35
CA ILE D 34 -42.64 37.19 56.79
C ILE D 34 -41.28 37.33 57.49
N PHE D 35 -40.30 36.56 57.02
CA PHE D 35 -38.94 36.66 57.54
C PHE D 35 -38.35 38.03 57.24
N THR D 36 -38.50 38.48 56.00
CA THR D 36 -37.98 39.75 55.52
C THR D 36 -38.63 40.96 56.24
N GLU D 37 -39.96 40.91 56.39
CA GLU D 37 -40.71 41.88 57.21
C GLU D 37 -40.18 41.94 58.64
N GLN D 38 -39.86 40.79 59.22
CA GLN D 38 -39.24 40.72 60.56
C GLN D 38 -37.84 41.33 60.64
N VAL D 39 -37.07 41.24 59.55
CA VAL D 39 -35.77 41.90 59.49
C VAL D 39 -35.96 43.43 59.49
N ASP D 40 -36.95 43.91 58.73
CA ASP D 40 -37.30 45.35 58.67
C ASP D 40 -37.53 45.92 60.08
N ARG D 41 -38.38 45.25 60.86
CA ARG D 41 -38.76 45.71 62.19
C ARG D 41 -37.62 45.68 63.20
N VAL D 42 -36.48 45.12 62.79
CA VAL D 42 -35.31 44.99 63.65
C VAL D 42 -34.31 46.10 63.35
N VAL D 43 -34.40 46.69 62.15
CA VAL D 43 -33.46 47.72 61.67
C VAL D 43 -33.33 48.93 62.60
N PRO D 44 -34.45 49.44 63.17
CA PRO D 44 -34.33 50.59 64.05
C PRO D 44 -33.44 50.39 65.27
N TYR D 45 -33.08 49.14 65.59
CA TYR D 45 -32.28 48.87 66.79
C TYR D 45 -30.79 48.57 66.55
N LEU D 46 -30.35 48.70 65.29
CA LEU D 46 -29.04 48.20 64.84
C LEU D 46 -27.85 49.16 64.92
N GLY D 47 -28.10 50.44 65.23
CA GLY D 47 -27.02 51.42 65.36
C GLY D 47 -26.25 51.59 64.07
N ARG D 48 -24.92 51.66 64.15
CA ARG D 48 -24.12 51.92 62.96
C ARG D 48 -24.05 50.74 61.97
N LEU D 49 -24.60 49.59 62.35
CA LEU D 49 -24.68 48.40 61.49
C LEU D 49 -25.97 48.37 60.67
N ALA D 50 -26.86 49.33 60.92
CA ALA D 50 -28.18 49.38 60.25
C ALA D 50 -28.13 49.33 58.71
N PRO D 51 -27.13 49.98 58.10
CA PRO D 51 -27.09 49.92 56.64
C PRO D 51 -26.77 48.52 56.11
N LEU D 52 -25.99 47.75 56.86
CA LEU D 52 -25.62 46.38 56.47
C LEU D 52 -26.80 45.39 56.48
N ALA D 53 -27.89 45.77 57.16
CA ALA D 53 -29.05 44.90 57.33
C ALA D 53 -29.69 44.42 56.03
N GLU D 54 -29.48 45.15 54.94
CA GLU D 54 -29.99 44.75 53.64
C GLU D 54 -29.49 43.35 53.21
N SER D 55 -28.27 43.04 53.63
CA SER D 55 -27.63 41.77 53.32
C SER D 55 -28.43 40.57 53.84
N LEU D 56 -29.09 40.74 54.98
CA LEU D 56 -29.96 39.68 55.53
C LEU D 56 -31.24 39.49 54.73
N LYS D 57 -31.50 40.38 53.77
CA LYS D 57 -32.72 40.26 52.96
C LYS D 57 -32.45 39.48 51.67
N ARG D 58 -31.21 39.01 51.52
CA ARG D 58 -30.90 38.08 50.44
C ARG D 58 -30.30 36.79 51.00
N PRO D 59 -30.69 35.63 50.46
CA PRO D 59 -29.95 34.40 50.70
C PRO D 59 -28.68 34.47 49.91
N LYS D 60 -27.56 34.19 50.57
CA LYS D 60 -26.29 34.05 49.86
C LYS D 60 -26.36 33.03 48.71
N ARG D 61 -26.99 31.89 48.95
CA ARG D 61 -26.94 30.76 48.02
C ARG D 61 -28.23 29.91 48.06
N VAL D 62 -28.83 29.70 46.91
CA VAL D 62 -29.95 28.79 46.81
C VAL D 62 -29.61 27.72 45.79
N LEU D 63 -29.57 26.46 46.21
CA LEU D 63 -29.32 25.35 45.26
C LEU D 63 -30.56 24.50 45.14
N ILE D 64 -31.05 24.34 43.92
CA ILE D 64 -32.23 23.51 43.67
C ILE D 64 -31.78 22.33 42.84
N VAL D 65 -31.94 21.11 43.35
CA VAL D 65 -31.56 19.93 42.58
C VAL D 65 -32.77 19.09 42.16
N ASP D 66 -32.59 18.27 41.13
CA ASP D 66 -33.53 17.25 40.75
C ASP D 66 -33.01 16.03 41.47
N VAL D 67 -33.89 15.30 42.15
CA VAL D 67 -33.49 14.03 42.72
C VAL D 67 -34.32 12.87 42.17
N PRO D 68 -33.80 12.22 41.10
CA PRO D 68 -34.36 11.01 40.52
C PRO D 68 -34.14 9.79 41.42
N VAL D 69 -35.19 9.01 41.60
CA VAL D 69 -35.13 7.78 42.36
C VAL D 69 -35.76 6.65 41.54
N ARG D 70 -35.13 5.48 41.54
CA ARG D 70 -35.78 4.27 41.03
C ARG D 70 -36.75 3.71 42.08
N LEU D 71 -38.03 3.67 41.71
CA LEU D 71 -39.07 3.12 42.57
C LEU D 71 -39.02 1.59 42.59
N ASP D 72 -39.48 0.99 43.69
CA ASP D 72 -39.60 -0.46 43.81
C ASP D 72 -40.27 -1.11 42.59
N ASP D 73 -41.16 -0.35 41.93
CA ASP D 73 -41.84 -0.83 40.74
C ASP D 73 -41.07 -0.60 39.42
N GLY D 74 -39.81 -0.20 39.52
CA GLY D 74 -38.94 -0.09 38.35
C GLY D 74 -38.97 1.22 37.59
N SER D 75 -40.03 2.01 37.77
CA SER D 75 -40.13 3.32 37.13
C SER D 75 -39.35 4.36 37.93
N VAL D 76 -39.09 5.50 37.30
CA VAL D 76 -38.31 6.57 37.91
C VAL D 76 -39.23 7.73 38.29
N ALA D 77 -39.02 8.25 39.50
CA ALA D 77 -39.75 9.40 40.00
C ALA D 77 -38.77 10.55 40.26
N TYR D 78 -39.22 11.77 39.99
CA TYR D 78 -38.34 12.93 40.08
C TYR D 78 -38.81 13.88 41.16
N PHE D 79 -37.94 14.19 42.12
CA PHE D 79 -38.36 15.03 43.25
C PHE D 79 -37.56 16.32 43.37
N GLU D 80 -38.23 17.40 43.78
CA GLU D 80 -37.53 18.68 44.01
C GLU D 80 -36.80 18.68 45.35
N GLY D 81 -35.49 18.90 45.29
CA GLY D 81 -34.61 19.01 46.47
C GLY D 81 -34.03 20.41 46.58
N TYR D 82 -33.84 20.88 47.81
CA TYR D 82 -33.35 22.22 48.03
C TYR D 82 -32.31 22.23 49.12
N ARG D 83 -31.29 23.05 48.94
CA ARG D 83 -30.46 23.44 50.04
C ARG D 83 -30.26 24.92 49.86
N VAL D 84 -30.47 25.66 50.95
CA VAL D 84 -30.33 27.11 50.95
C VAL D 84 -29.31 27.51 52.02
N HIS D 85 -28.38 28.38 51.65
CA HIS D 85 -27.52 29.00 52.64
C HIS D 85 -27.94 30.46 52.81
N HIS D 86 -28.68 30.77 53.86
CA HIS D 86 -29.13 32.15 54.00
C HIS D 86 -27.97 33.13 54.23
N ASN D 87 -27.06 32.75 55.12
CA ASN D 87 -25.99 33.62 55.51
C ASN D 87 -24.92 32.79 56.16
N THR D 88 -23.67 33.20 56.03
CA THR D 88 -22.63 32.31 56.37
C THR D 88 -21.46 33.11 56.92
N ALA D 89 -21.76 34.33 57.39
CA ALA D 89 -20.75 35.23 57.89
C ALA D 89 -20.11 34.73 59.18
N ARG D 90 -20.91 34.14 60.06
CA ARG D 90 -20.42 33.70 61.38
C ARG D 90 -19.76 32.32 61.40
N GLY D 91 -19.96 31.53 60.34
CA GLY D 91 -19.41 30.17 60.27
C GLY D 91 -20.16 29.41 59.20
N PRO D 92 -19.95 28.08 59.11
CA PRO D 92 -20.60 27.28 58.08
C PRO D 92 -22.11 27.21 58.28
N ALA D 93 -22.84 26.83 57.23
CA ALA D 93 -24.31 26.75 57.28
C ALA D 93 -24.76 25.56 58.16
N LYS D 94 -25.84 25.73 58.92
CA LYS D 94 -26.34 24.68 59.81
C LYS D 94 -27.87 24.64 59.81
N GLY D 95 -28.44 23.48 59.50
CA GLY D 95 -29.91 23.40 59.44
C GLY D 95 -30.49 22.09 58.94
N GLY D 96 -31.62 21.69 59.53
CA GLY D 96 -32.24 20.40 59.21
C GLY D 96 -32.59 20.26 57.75
N VAL D 97 -32.79 19.02 57.32
CA VAL D 97 -33.39 18.72 56.02
C VAL D 97 -34.77 18.13 56.28
N ARG D 98 -35.77 18.62 55.57
CA ARG D 98 -37.16 18.27 55.81
C ARG D 98 -37.75 17.53 54.61
N TYR D 99 -38.43 16.41 54.84
CA TYR D 99 -39.20 15.75 53.78
C TYR D 99 -40.70 15.97 54.03
N HIS D 100 -41.33 16.75 53.16
CA HIS D 100 -42.75 17.06 53.30
C HIS D 100 -43.30 17.46 51.93
N PRO D 101 -44.57 17.10 51.62
CA PRO D 101 -45.11 17.43 50.29
C PRO D 101 -45.46 18.91 50.08
N GLU D 102 -45.36 19.71 51.14
CA GLU D 102 -45.67 21.14 51.10
C GLU D 102 -44.43 22.03 51.03
N VAL D 103 -43.25 21.40 51.06
CA VAL D 103 -41.97 22.09 50.94
C VAL D 103 -41.90 22.86 49.62
N THR D 104 -41.58 24.15 49.70
CA THR D 104 -41.41 24.98 48.51
C THR D 104 -40.12 25.76 48.65
N LEU D 105 -39.65 26.35 47.55
CA LEU D 105 -38.48 27.20 47.56
C LEU D 105 -38.61 28.33 48.60
N SER D 106 -39.76 29.00 48.58
CA SER D 106 -40.05 30.10 49.50
C SER D 106 -39.85 29.70 50.97
N GLU D 107 -40.41 28.57 51.36
CA GLU D 107 -40.33 28.08 52.71
C GLU D 107 -38.90 27.68 53.12
N VAL D 108 -38.19 26.96 52.27
CA VAL D 108 -36.82 26.55 52.62
C VAL D 108 -36.00 27.80 52.88
N MET D 109 -36.17 28.81 52.04
CA MET D 109 -35.50 30.10 52.20
C MET D 109 -35.77 30.74 53.57
N ALA D 110 -37.05 30.82 53.93
CA ALA D 110 -37.45 31.43 55.22
C ALA D 110 -36.77 30.73 56.41
N LEU D 111 -36.94 29.40 56.45
CA LEU D 111 -36.38 28.54 57.48
C LEU D 111 -34.86 28.64 57.60
N ALA D 112 -34.19 28.88 56.46
CA ALA D 112 -32.74 29.08 56.46
C ALA D 112 -32.43 30.41 57.10
N GLY D 113 -33.29 31.40 56.83
CA GLY D 113 -33.21 32.71 57.43
C GLY D 113 -33.39 32.65 58.94
N TRP D 114 -34.39 31.91 59.38
CA TRP D 114 -34.62 31.78 60.82
C TRP D 114 -33.44 31.09 61.48
N MET D 115 -32.81 30.17 60.75
CA MET D 115 -31.62 29.47 61.23
C MET D 115 -30.43 30.37 61.39
N THR D 116 -30.30 31.38 60.53
CA THR D 116 -29.27 32.40 60.72
C THR D 116 -29.53 33.16 62.03
N ILE D 117 -30.78 33.53 62.25
CA ILE D 117 -31.17 34.22 63.48
C ILE D 117 -30.92 33.33 64.70
N LYS D 118 -31.51 32.13 64.69
CA LYS D 118 -31.38 31.21 65.81
C LYS D 118 -29.93 30.92 66.15
N ASN D 119 -29.09 30.62 65.16
CA ASN D 119 -27.71 30.20 65.43
C ASN D 119 -26.96 31.33 66.10
N ALA D 120 -27.14 32.52 65.56
CA ALA D 120 -26.58 33.75 66.11
C ALA D 120 -27.11 34.09 67.50
N ALA D 121 -28.42 33.99 67.70
CA ALA D 121 -29.04 34.25 69.02
C ALA D 121 -28.45 33.41 70.14
N VAL D 122 -28.26 32.12 69.91
CA VAL D 122 -27.66 31.25 70.93
C VAL D 122 -26.12 31.31 71.03
N GLY D 123 -25.48 31.89 70.02
CA GLY D 123 -24.02 32.02 70.04
C GLY D 123 -23.29 30.79 69.50
N LEU D 124 -23.97 30.00 68.68
CA LEU D 124 -23.30 28.89 67.97
C LEU D 124 -22.47 29.45 66.80
N PRO D 125 -21.32 28.83 66.50
CA PRO D 125 -20.46 29.35 65.43
C PRO D 125 -20.93 28.99 64.02
N TYR D 126 -22.22 29.19 63.75
CA TYR D 126 -22.80 28.71 62.49
C TYR D 126 -23.57 29.82 61.78
N GLY D 127 -23.55 29.77 60.45
CA GLY D 127 -24.47 30.53 59.63
C GLY D 127 -25.79 29.81 59.58
N GLY D 128 -26.73 30.29 58.78
CA GLY D 128 -28.03 29.62 58.67
C GLY D 128 -28.16 28.83 57.38
N GLY D 129 -28.68 27.61 57.50
CA GLY D 129 -29.06 26.81 56.33
C GLY D 129 -30.33 26.01 56.56
N LYS D 130 -30.77 25.33 55.50
CA LYS D 130 -31.98 24.47 55.52
C LYS D 130 -32.09 23.67 54.22
N GLY D 131 -32.58 22.45 54.31
CA GLY D 131 -32.86 21.64 53.13
C GLY D 131 -34.29 21.17 53.15
N GLY D 132 -34.78 20.76 51.99
CA GLY D 132 -36.09 20.15 51.92
C GLY D 132 -36.15 19.25 50.71
N ILE D 133 -36.89 18.15 50.81
CA ILE D 133 -37.36 17.48 49.61
C ILE D 133 -38.89 17.58 49.61
N ARG D 134 -39.46 17.96 48.48
CA ARG D 134 -40.92 17.98 48.28
C ARG D 134 -41.45 16.58 47.88
N VAL D 135 -41.88 15.83 48.89
CA VAL D 135 -42.29 14.43 48.74
C VAL D 135 -43.12 14.09 49.96
N ASP D 136 -44.11 13.20 49.78
CA ASP D 136 -44.82 12.61 50.91
C ASP D 136 -44.10 11.29 51.27
N PRO D 137 -43.31 11.29 52.36
CA PRO D 137 -42.53 10.10 52.72
C PRO D 137 -43.39 8.90 53.12
N ARG D 138 -44.65 9.15 53.47
CA ARG D 138 -45.57 8.05 53.77
C ARG D 138 -46.02 7.27 52.52
N LYS D 139 -45.71 7.82 51.34
CA LYS D 139 -45.97 7.14 50.07
C LYS D 139 -44.76 6.31 49.60
N LEU D 140 -43.66 6.35 50.34
CA LEU D 140 -42.48 5.56 49.96
C LEU D 140 -42.16 4.44 50.93
N SER D 141 -41.63 3.36 50.38
CA SER D 141 -41.04 2.29 51.18
C SER D 141 -39.69 2.75 51.75
N PRO D 142 -39.22 2.11 52.85
CA PRO D 142 -37.93 2.46 53.47
C PRO D 142 -36.73 2.38 52.53
N GLY D 143 -36.79 1.50 51.54
CA GLY D 143 -35.79 1.43 50.49
C GLY D 143 -35.80 2.63 49.54
N GLU D 144 -37.01 3.07 49.16
CA GLU D 144 -37.16 4.24 48.31
C GLU D 144 -36.69 5.50 49.06
N LEU D 145 -36.97 5.54 50.35
CA LEU D 145 -36.57 6.64 51.21
C LEU D 145 -35.05 6.74 51.37
N GLU D 146 -34.39 5.58 51.39
CA GLU D 146 -32.91 5.50 51.37
C GLU D 146 -32.33 6.01 50.04
N ARG D 147 -32.81 5.46 48.92
CA ARG D 147 -32.28 5.81 47.62
C ARG D 147 -32.54 7.29 47.36
N LEU D 148 -33.61 7.81 47.94
CA LEU D 148 -33.95 9.22 47.84
C LEU D 148 -32.97 10.05 48.66
N THR D 149 -32.68 9.57 49.86
CA THR D 149 -31.78 10.26 50.75
C THR D 149 -30.39 10.28 50.14
N ARG D 150 -29.91 9.16 49.60
CA ARG D 150 -28.53 9.11 49.09
C ARG D 150 -28.34 9.96 47.81
N ARG D 151 -29.40 10.11 47.02
CA ARG D 151 -29.30 10.87 45.78
C ARG D 151 -29.24 12.33 46.15
N TYR D 152 -30.10 12.69 47.10
CA TYR D 152 -30.14 14.05 47.59
C TYR D 152 -28.75 14.41 48.11
N THR D 153 -28.17 13.56 48.95
CA THR D 153 -26.91 13.97 49.55
C THR D 153 -25.80 14.10 48.53
N SER D 154 -25.86 13.28 47.48
CA SER D 154 -25.02 13.41 46.31
C SER D 154 -25.23 14.70 45.54
N GLU D 155 -26.49 15.01 45.18
CA GLU D 155 -26.78 16.26 44.48
C GLU D 155 -26.32 17.53 45.22
N ILE D 156 -26.33 17.53 46.56
CA ILE D 156 -25.92 18.75 47.29
C ILE D 156 -24.45 18.62 47.77
N GLY D 157 -23.82 17.55 47.34
CA GLY D 157 -22.44 17.24 47.65
C GLY D 157 -21.54 18.44 47.59
N ILE D 158 -21.56 19.17 46.47
CA ILE D 158 -20.75 20.38 46.28
C ILE D 158 -20.90 21.43 47.37
N LEU D 159 -21.83 21.24 48.29
CA LEU D 159 -22.04 22.21 49.36
C LEU D 159 -21.57 21.66 50.70
N LEU D 160 -21.51 20.34 50.84
CA LEU D 160 -21.42 19.71 52.17
C LEU D 160 -19.97 19.61 52.65
N GLY D 161 -19.78 19.42 53.95
CA GLY D 161 -18.47 19.41 54.58
C GLY D 161 -18.59 19.98 56.00
N PRO D 162 -17.85 19.43 56.97
CA PRO D 162 -17.94 19.93 58.36
C PRO D 162 -17.57 21.41 58.48
N ASP D 163 -16.76 21.89 57.53
CA ASP D 163 -16.36 23.29 57.52
C ASP D 163 -17.14 24.11 56.53
N ARG D 164 -18.35 23.67 56.15
CA ARG D 164 -19.09 24.32 55.07
C ARG D 164 -20.60 24.33 55.23
N ASP D 165 -21.18 23.17 55.41
CA ASP D 165 -22.63 23.03 55.53
C ASP D 165 -22.80 21.68 56.19
N ILE D 166 -23.50 21.68 57.33
CA ILE D 166 -23.68 20.50 58.16
C ILE D 166 -25.19 20.36 58.45
N PRO D 167 -25.92 19.57 57.62
CA PRO D 167 -27.35 19.29 57.78
C PRO D 167 -27.69 18.50 59.05
N ALA D 168 -28.98 18.23 59.25
CA ALA D 168 -29.45 17.62 60.47
C ALA D 168 -30.90 17.18 60.25
N PRO D 169 -31.52 16.49 61.23
CA PRO D 169 -32.93 16.09 61.03
C PRO D 169 -33.92 17.24 61.14
N ASP D 170 -35.08 17.08 60.53
CA ASP D 170 -36.19 18.04 60.67
C ASP D 170 -37.46 17.26 60.48
N VAL D 171 -38.49 17.86 59.89
CA VAL D 171 -39.79 17.20 59.69
C VAL D 171 -39.62 15.93 58.87
N ASN D 172 -40.02 14.82 59.45
CA ASN D 172 -40.01 13.51 58.81
C ASN D 172 -38.63 12.92 58.53
N THR D 173 -37.58 13.50 59.13
CA THR D 173 -36.26 12.86 59.07
C THR D 173 -35.72 12.66 60.48
N GLY D 174 -34.76 11.75 60.60
CA GLY D 174 -34.19 11.42 61.89
C GLY D 174 -32.84 10.77 61.73
N GLU D 175 -32.48 9.97 62.74
CA GLU D 175 -31.21 9.26 62.82
C GLU D 175 -30.94 8.36 61.62
N ARG D 176 -31.99 7.74 61.11
CA ARG D 176 -31.91 6.81 60.01
C ARG D 176 -31.41 7.48 58.72
N GLU D 177 -32.07 8.58 58.32
CA GLU D 177 -31.63 9.38 57.17
C GLU D 177 -30.23 9.99 57.36
N MET D 178 -29.92 10.40 58.58
CA MET D 178 -28.63 11.05 58.84
C MET D 178 -27.51 10.05 58.59
N ALA D 179 -27.62 8.86 59.17
CA ALA D 179 -26.70 7.76 58.94
C ALA D 179 -26.42 7.57 57.45
N TRP D 180 -27.49 7.61 56.65
CA TRP D 180 -27.41 7.44 55.21
C TRP D 180 -26.71 8.59 54.50
N MET D 181 -26.94 9.80 54.99
CA MET D 181 -26.24 10.99 54.50
C MET D 181 -24.74 10.90 54.83
N MET D 182 -24.42 10.51 56.06
CA MET D 182 -23.02 10.41 56.50
C MET D 182 -22.32 9.39 55.62
N ASP D 183 -23.03 8.31 55.32
CA ASP D 183 -22.50 7.19 54.56
C ASP D 183 -22.30 7.48 53.07
N THR D 184 -23.35 7.99 52.41
CA THR D 184 -23.26 8.39 51.01
C THR D 184 -22.08 9.35 50.82
N TYR D 185 -22.07 10.40 51.65
CA TYR D 185 -21.04 11.40 51.56
C TYR D 185 -19.64 10.82 51.84
N SER D 186 -19.48 9.98 52.87
CA SER D 186 -18.15 9.38 53.23
C SER D 186 -17.64 8.46 52.14
N MET D 187 -18.58 7.77 51.48
CA MET D 187 -18.18 6.87 50.40
C MET D 187 -17.80 7.64 49.15
N ASN D 188 -18.60 8.65 48.81
CA ASN D 188 -18.32 9.52 47.66
C ASN D 188 -16.90 10.13 47.75
N VAL D 189 -16.46 10.42 48.97
CA VAL D 189 -15.25 11.18 49.20
C VAL D 189 -14.06 10.30 49.64
N GLY D 190 -14.34 9.07 50.04
CA GLY D 190 -13.29 8.09 50.41
C GLY D 190 -12.64 8.36 51.76
N ARG D 191 -13.38 9.03 52.63
CA ARG D 191 -12.89 9.39 53.97
C ARG D 191 -13.98 9.17 54.99
N THR D 192 -13.58 8.90 56.23
CA THR D 192 -14.53 8.86 57.34
C THR D 192 -14.86 10.29 57.76
N VAL D 193 -16.10 10.75 57.53
CA VAL D 193 -16.46 12.14 57.89
C VAL D 193 -17.75 12.24 58.73
N PRO D 194 -17.65 11.88 60.02
CA PRO D 194 -18.82 11.82 60.89
C PRO D 194 -19.53 13.18 61.01
N GLY D 195 -18.75 14.24 61.10
CA GLY D 195 -19.26 15.58 61.34
C GLY D 195 -19.89 16.27 60.16
N VAL D 196 -20.18 15.52 59.08
CA VAL D 196 -20.81 16.08 57.88
C VAL D 196 -22.33 16.30 58.12
N VAL D 197 -22.89 15.59 59.09
CA VAL D 197 -24.25 15.87 59.54
C VAL D 197 -24.30 15.56 61.02
N THR D 198 -25.30 16.08 61.71
CA THR D 198 -25.49 15.86 63.13
C THR D 198 -26.85 15.20 63.29
N GLY D 199 -27.19 14.76 64.51
CA GLY D 199 -28.39 13.97 64.72
C GLY D 199 -28.15 12.53 64.23
N LYS D 200 -26.89 12.08 64.27
CA LYS D 200 -26.57 10.68 63.87
C LYS D 200 -26.79 9.72 65.05
N PRO D 201 -26.87 8.41 64.76
CA PRO D 201 -26.75 7.38 65.80
C PRO D 201 -25.39 7.47 66.51
N ILE D 202 -25.40 7.21 67.82
CA ILE D 202 -24.19 7.18 68.64
C ILE D 202 -23.13 6.25 68.05
N ALA D 203 -23.57 5.12 67.51
CA ALA D 203 -22.68 4.13 66.89
C ALA D 203 -21.83 4.71 65.73
N LEU D 204 -22.29 5.84 65.18
CA LEU D 204 -21.67 6.48 64.02
C LEU D 204 -21.12 7.87 64.34
N GLY D 205 -21.13 8.23 65.62
CA GLY D 205 -20.56 9.50 66.02
C GLY D 205 -21.59 10.52 66.47
N GLY D 206 -22.77 10.03 66.85
CA GLY D 206 -23.78 10.86 67.49
C GLY D 206 -23.34 11.30 68.87
N SER D 207 -24.06 12.22 69.45
CA SER D 207 -23.76 12.69 70.80
C SER D 207 -24.74 12.10 71.80
N LEU D 208 -24.27 11.88 73.01
CA LEU D 208 -25.15 11.59 74.16
C LEU D 208 -26.03 12.81 74.48
N GLY D 209 -27.13 12.58 75.20
CA GLY D 209 -27.98 13.64 75.73
C GLY D 209 -28.80 14.40 74.71
N ARG D 210 -29.14 13.74 73.60
CA ARG D 210 -29.91 14.41 72.56
C ARG D 210 -31.40 14.27 72.80
N ARG D 211 -31.80 13.17 73.42
CA ARG D 211 -33.22 12.94 73.70
C ARG D 211 -33.84 14.06 74.55
N ASP D 212 -33.15 14.47 75.62
CA ASP D 212 -33.74 15.42 76.57
C ASP D 212 -33.29 16.87 76.43
N ALA D 213 -32.42 17.15 75.45
CA ALA D 213 -31.75 18.46 75.34
C ALA D 213 -32.67 19.69 75.26
N THR D 214 -33.70 19.60 74.43
CA THR D 214 -34.65 20.68 74.27
C THR D 214 -35.45 20.88 75.54
N GLY D 215 -36.06 19.80 76.04
CA GLY D 215 -36.74 19.79 77.33
C GLY D 215 -35.94 20.47 78.43
N ARG D 216 -34.72 19.98 78.66
CA ARG D 216 -33.82 20.58 79.66
C ARG D 216 -33.57 22.07 79.39
N GLY D 217 -33.28 22.39 78.14
CA GLY D 217 -33.16 23.77 77.69
C GLY D 217 -34.34 24.67 78.02
N VAL D 218 -35.56 24.20 77.79
CA VAL D 218 -36.76 24.95 78.15
C VAL D 218 -36.71 25.33 79.64
N PHE D 219 -36.36 24.35 80.48
CA PHE D 219 -36.22 24.61 81.90
C PHE D 219 -35.09 25.60 82.22
N ILE D 220 -33.87 25.27 81.80
CA ILE D 220 -32.66 26.08 82.08
C ILE D 220 -32.92 27.54 81.79
N THR D 221 -33.68 27.75 80.72
CA THR D 221 -33.92 29.05 80.14
C THR D 221 -35.10 29.71 80.88
N ALA D 222 -36.07 28.90 81.31
CA ALA D 222 -37.15 29.37 82.17
C ALA D 222 -36.62 29.79 83.54
N ALA D 223 -35.62 29.07 84.05
CA ALA D 223 -35.01 29.35 85.35
C ALA D 223 -34.26 30.68 85.36
N ALA D 224 -33.50 30.93 84.30
CA ALA D 224 -32.76 32.17 84.15
C ALA D 224 -33.70 33.37 84.17
N ALA D 225 -34.86 33.22 83.53
CA ALA D 225 -35.94 34.19 83.55
C ALA D 225 -36.51 34.42 84.96
N ALA D 226 -36.69 33.33 85.71
CA ALA D 226 -37.09 33.42 87.11
C ALA D 226 -36.05 34.18 87.95
N GLU D 227 -34.78 33.77 87.86
CA GLU D 227 -33.69 34.36 88.66
C GLU D 227 -33.48 35.86 88.43
N LYS D 228 -34.31 36.43 87.55
CA LYS D 228 -34.25 37.84 87.15
C LYS D 228 -35.52 38.61 87.52
N ILE D 229 -36.67 37.94 87.49
CA ILE D 229 -37.93 38.59 87.91
C ILE D 229 -38.37 38.26 89.34
N GLY D 230 -37.43 37.75 90.14
CA GLY D 230 -37.69 37.37 91.52
C GLY D 230 -38.78 36.31 91.63
N LEU D 231 -38.75 35.34 90.72
CA LEU D 231 -39.66 34.22 90.74
C LEU D 231 -38.95 33.00 91.30
N GLN D 232 -39.64 32.30 92.19
CA GLN D 232 -39.11 31.11 92.85
C GLN D 232 -39.43 29.86 92.03
N VAL D 233 -38.38 29.13 91.63
CA VAL D 233 -38.53 27.78 91.07
C VAL D 233 -38.43 26.89 92.29
N GLU D 234 -39.54 26.23 92.62
CA GLU D 234 -39.71 25.47 93.88
C GLU D 234 -41.08 25.84 94.40
N GLY D 235 -42.00 24.89 94.33
CA GLY D 235 -43.38 25.17 94.66
C GLY D 235 -44.06 25.96 93.56
N ALA D 236 -43.30 26.34 92.51
CA ALA D 236 -43.90 27.01 91.36
C ALA D 236 -44.68 25.98 90.58
N ARG D 237 -45.90 26.33 90.17
CA ARG D 237 -46.73 25.41 89.39
C ARG D 237 -46.56 25.56 87.88
N VAL D 238 -46.50 24.42 87.19
CA VAL D 238 -46.15 24.34 85.77
C VAL D 238 -47.24 23.60 85.01
N ALA D 239 -47.77 24.24 83.97
CA ALA D 239 -48.64 23.55 83.03
C ALA D 239 -47.89 23.37 81.71
N ILE D 240 -48.00 22.17 81.14
CA ILE D 240 -47.24 21.79 79.95
C ILE D 240 -48.15 21.21 78.88
N GLN D 241 -48.19 21.87 77.71
CA GLN D 241 -48.84 21.30 76.55
C GLN D 241 -47.87 20.39 75.77
N GLY D 242 -48.20 19.11 75.65
CA GLY D 242 -47.40 18.16 74.88
C GLY D 242 -46.48 17.32 75.73
N PHE D 243 -46.59 16.00 75.59
CA PHE D 243 -45.84 15.11 76.45
C PHE D 243 -44.95 14.15 75.66
N GLY D 244 -44.42 14.64 74.55
CA GLY D 244 -43.45 13.91 73.75
C GLY D 244 -42.03 14.14 74.28
N ASN D 245 -41.05 14.01 73.41
CA ASN D 245 -39.65 14.18 73.79
C ASN D 245 -39.38 15.50 74.51
N VAL D 246 -39.88 16.60 73.94
CA VAL D 246 -39.68 17.93 74.50
C VAL D 246 -40.43 18.14 75.82
N GLY D 247 -41.74 17.90 75.78
CA GLY D 247 -42.63 18.07 76.93
C GLY D 247 -42.29 17.29 78.20
N ASN D 248 -42.02 16.00 78.06
CA ASN D 248 -41.76 15.17 79.24
C ASN D 248 -40.40 15.37 79.89
N ALA D 249 -39.42 15.82 79.10
CA ALA D 249 -38.12 16.18 79.63
C ALA D 249 -38.17 17.54 80.34
N ALA D 250 -39.03 18.44 79.85
CA ALA D 250 -39.27 19.72 80.49
C ALA D 250 -39.92 19.50 81.86
N ALA D 251 -40.99 18.70 81.88
CA ALA D 251 -41.68 18.36 83.12
C ALA D 251 -40.73 17.71 84.11
N ARG D 252 -39.94 16.74 83.65
CA ARG D 252 -38.97 16.05 84.50
C ARG D 252 -37.94 16.97 85.16
N ALA D 253 -37.49 17.99 84.46
CA ALA D 253 -36.47 18.89 85.01
C ALA D 253 -37.10 19.98 85.89
N PHE D 254 -38.33 20.35 85.58
CA PHE D 254 -39.11 21.24 86.45
C PHE D 254 -39.35 20.51 87.77
N HIS D 255 -39.77 19.25 87.68
CA HIS D 255 -39.98 18.41 88.85
C HIS D 255 -38.69 18.26 89.67
N ASP D 256 -37.62 17.77 89.05
CA ASP D 256 -36.35 17.56 89.74
C ASP D 256 -35.80 18.83 90.40
N HIS D 257 -36.33 19.99 89.99
CA HIS D 257 -35.92 21.24 90.58
C HIS D 257 -36.99 21.81 91.54
N GLY D 258 -37.78 20.91 92.10
CA GLY D 258 -38.75 21.25 93.16
C GLY D 258 -40.05 21.89 92.71
N ALA D 259 -40.36 21.82 91.42
CA ALA D 259 -41.56 22.45 90.88
C ALA D 259 -42.75 21.49 90.77
N ARG D 260 -43.93 22.05 90.53
CA ARG D 260 -45.17 21.29 90.62
C ARG D 260 -45.92 21.24 89.30
N VAL D 261 -45.77 20.11 88.59
CA VAL D 261 -46.47 19.91 87.34
C VAL D 261 -47.95 19.68 87.67
N VAL D 262 -48.76 20.71 87.45
CA VAL D 262 -50.17 20.64 87.83
C VAL D 262 -51.10 20.23 86.69
N ALA D 263 -50.67 20.52 85.45
CA ALA D 263 -51.46 20.17 84.27
C ALA D 263 -50.56 19.65 83.14
N VAL D 264 -51.14 18.81 82.28
CA VAL D 264 -50.50 18.31 81.06
C VAL D 264 -51.59 18.05 80.01
N GLN D 265 -51.36 18.54 78.79
CA GLN D 265 -52.27 18.31 77.66
C GLN D 265 -51.51 17.84 76.41
N ASP D 266 -51.78 16.64 75.91
CA ASP D 266 -51.33 16.21 74.57
C ASP D 266 -52.61 15.96 73.74
N HIS D 267 -52.54 15.04 72.77
CA HIS D 267 -53.64 14.85 71.79
C HIS D 267 -54.89 14.16 72.35
N THR D 268 -54.75 13.47 73.49
CA THR D 268 -55.85 12.67 74.05
C THR D 268 -56.81 13.47 74.95
N GLY D 269 -56.29 14.53 75.57
CA GLY D 269 -57.09 15.37 76.47
C GLY D 269 -56.19 16.23 77.34
N THR D 270 -56.58 16.40 78.60
CA THR D 270 -55.82 17.17 79.58
C THR D 270 -56.05 16.60 80.97
N VAL D 271 -54.98 16.47 81.75
CA VAL D 271 -55.09 15.98 83.13
C VAL D 271 -54.61 17.00 84.16
N TYR D 272 -55.57 17.63 84.83
CA TYR D 272 -55.28 18.59 85.91
C TYR D 272 -55.15 17.87 87.26
N ASN D 273 -54.18 18.30 88.07
CA ASN D 273 -54.14 17.92 89.48
C ASN D 273 -53.48 18.97 90.38
N GLU D 274 -54.34 19.71 91.09
CA GLU D 274 -53.92 20.67 92.11
C GLU D 274 -52.65 20.23 92.85
N ALA D 275 -52.69 19.03 93.42
CA ALA D 275 -51.62 18.54 94.29
C ALA D 275 -50.31 18.31 93.54
N GLY D 276 -50.40 18.10 92.23
CA GLY D 276 -49.24 17.88 91.38
C GLY D 276 -49.22 16.52 90.72
N ILE D 277 -48.39 16.39 89.69
CA ILE D 277 -48.21 15.12 88.97
C ILE D 277 -46.73 14.75 88.88
N ASP D 278 -46.41 13.54 89.32
CA ASP D 278 -45.06 12.98 89.18
C ASP D 278 -44.94 12.41 87.75
N PRO D 279 -44.09 13.04 86.91
CA PRO D 279 -44.06 12.79 85.46
C PRO D 279 -43.60 11.39 85.06
N TYR D 280 -42.65 10.83 85.81
CA TYR D 280 -42.18 9.46 85.59
C TYR D 280 -43.36 8.49 85.68
N ASP D 281 -44.24 8.72 86.66
CA ASP D 281 -45.47 7.95 86.84
C ASP D 281 -46.41 8.19 85.66
N LEU D 282 -46.56 9.45 85.26
CA LEU D 282 -47.37 9.81 84.10
C LEU D 282 -46.81 9.20 82.81
N LEU D 283 -45.48 9.07 82.76
CA LEU D 283 -44.80 8.58 81.55
C LEU D 283 -45.18 7.14 81.18
N ARG D 284 -44.91 6.20 82.09
CA ARG D 284 -45.25 4.78 81.84
C ARG D 284 -46.76 4.56 81.67
N HIS D 285 -47.55 5.59 82.01
CA HIS D 285 -48.98 5.57 81.73
C HIS D 285 -49.24 5.94 80.26
N VAL D 286 -48.53 6.94 79.76
CA VAL D 286 -48.58 7.32 78.35
C VAL D 286 -47.85 6.25 77.52
N GLN D 287 -46.96 5.51 78.17
CA GLN D 287 -46.19 4.44 77.54
C GLN D 287 -46.86 3.10 77.77
N GLU D 288 -48.18 3.06 77.51
CA GLU D 288 -49.00 1.88 77.77
C GLU D 288 -50.38 2.08 77.16
N PHE D 289 -51.03 3.18 77.53
CA PHE D 289 -52.40 3.47 77.09
C PHE D 289 -52.45 4.40 75.88
N GLY D 290 -51.29 4.93 75.48
CA GLY D 290 -51.18 5.73 74.24
C GLY D 290 -51.07 7.23 74.39
N GLY D 291 -51.61 7.77 75.48
CA GLY D 291 -51.57 9.20 75.77
C GLY D 291 -51.81 9.48 77.24
N VAL D 292 -52.23 10.70 77.53
CA VAL D 292 -52.49 11.16 78.90
C VAL D 292 -53.89 10.79 79.43
N ARG D 293 -54.85 10.76 78.51
CA ARG D 293 -56.28 10.73 78.79
C ARG D 293 -56.77 9.98 80.02
N GLY D 294 -56.19 8.81 80.30
CA GLY D 294 -56.73 7.94 81.34
C GLY D 294 -56.02 7.93 82.68
N TYR D 295 -55.23 8.96 82.96
CA TYR D 295 -54.34 8.94 84.13
C TYR D 295 -55.08 8.82 85.46
N PRO D 296 -54.86 7.70 86.17
CA PRO D 296 -55.53 7.38 87.43
C PRO D 296 -55.23 8.35 88.58
N LYS D 297 -54.07 8.99 88.58
CA LYS D 297 -53.67 9.87 89.70
C LYS D 297 -53.94 11.38 89.49
N ALA D 298 -54.87 11.70 88.59
CA ALA D 298 -55.30 13.09 88.35
C ALA D 298 -56.74 13.13 87.84
N GLU D 299 -57.37 14.30 87.92
CA GLU D 299 -58.73 14.50 87.39
C GLU D 299 -58.67 15.15 85.99
N PRO D 300 -59.67 14.88 85.14
CA PRO D 300 -59.68 15.52 83.82
C PRO D 300 -60.46 16.84 83.79
N LEU D 301 -59.77 17.93 83.48
CA LEU D 301 -60.41 19.25 83.31
C LEU D 301 -59.92 20.00 82.05
N PRO D 302 -60.20 19.44 80.85
CA PRO D 302 -59.87 20.02 79.55
C PRO D 302 -60.98 20.92 78.99
N ALA D 303 -60.77 21.59 77.85
CA ALA D 303 -59.54 21.55 77.06
C ALA D 303 -58.97 22.96 76.88
N ALA D 304 -59.85 23.90 76.57
CA ALA D 304 -59.49 25.32 76.54
C ALA D 304 -59.37 25.86 77.97
N ASP D 305 -59.87 25.07 78.93
CA ASP D 305 -59.69 25.33 80.37
C ASP D 305 -58.21 25.37 80.75
N PHE D 306 -57.45 24.42 80.20
CA PHE D 306 -56.01 24.24 80.47
C PHE D 306 -55.19 25.53 80.38
N TRP D 307 -55.49 26.33 79.35
CA TRP D 307 -54.78 27.57 79.10
C TRP D 307 -55.00 28.60 80.20
N GLY D 308 -56.24 28.70 80.66
CA GLY D 308 -56.63 29.67 81.68
C GLY D 308 -56.25 29.33 83.11
N LEU D 309 -55.54 28.21 83.28
CA LEU D 309 -55.12 27.78 84.60
C LEU D 309 -54.18 28.79 85.26
N PRO D 310 -54.44 29.16 86.52
CA PRO D 310 -53.49 29.95 87.32
C PRO D 310 -52.21 29.15 87.54
N VAL D 311 -51.13 29.55 86.85
CA VAL D 311 -49.82 28.91 87.00
C VAL D 311 -48.68 29.93 86.96
N GLU D 312 -47.47 29.46 87.24
CA GLU D 312 -46.27 30.29 87.12
C GLU D 312 -45.56 30.04 85.78
N PHE D 313 -45.60 28.80 85.32
CA PHE D 313 -44.94 28.39 84.07
C PHE D 313 -45.91 27.73 83.11
N LEU D 314 -46.03 28.31 81.92
CA LEU D 314 -46.76 27.69 80.83
C LEU D 314 -45.78 27.30 79.72
N VAL D 315 -45.68 26.01 79.45
CA VAL D 315 -44.71 25.46 78.50
C VAL D 315 -45.46 24.91 77.28
N PRO D 316 -45.59 25.72 76.21
CA PRO D 316 -46.19 25.18 75.00
C PRO D 316 -45.18 24.37 74.19
N ALA D 317 -45.27 23.05 74.29
CA ALA D 317 -44.28 22.13 73.71
C ALA D 317 -44.88 21.12 72.74
N ALA D 318 -45.95 21.51 72.06
CA ALA D 318 -46.55 20.67 71.03
C ALA D 318 -46.40 21.31 69.66
N LEU D 319 -47.52 21.69 69.07
CA LEU D 319 -47.55 22.28 67.74
C LEU D 319 -47.33 23.78 67.77
N GLU D 320 -47.18 24.35 66.58
CA GLU D 320 -47.15 25.80 66.36
C GLU D 320 -48.54 26.40 66.56
N LYS D 321 -48.61 27.73 66.61
CA LYS D 321 -49.87 28.49 66.76
C LYS D 321 -50.86 27.84 67.73
N GLN D 322 -50.43 27.64 68.97
CA GLN D 322 -51.31 27.09 70.00
C GLN D 322 -51.85 28.18 70.91
N ILE D 323 -50.98 29.09 71.31
CA ILE D 323 -51.38 30.32 72.00
C ILE D 323 -51.73 31.34 70.92
N THR D 324 -53.03 31.49 70.70
CA THR D 324 -53.53 32.22 69.55
C THR D 324 -54.34 33.45 69.94
N GLU D 325 -54.53 34.34 68.96
CA GLU D 325 -55.33 35.56 69.11
C GLU D 325 -56.77 35.29 69.55
N GLN D 326 -57.11 34.02 69.73
CA GLN D 326 -58.43 33.60 70.15
C GLN D 326 -58.48 32.99 71.57
N ASN D 327 -57.35 32.50 72.07
CA ASN D 327 -57.30 31.96 73.44
C ASN D 327 -56.18 32.50 74.35
N ALA D 328 -55.50 33.56 73.91
CA ALA D 328 -54.46 34.21 74.71
C ALA D 328 -55.02 34.88 75.97
N TRP D 329 -56.29 35.26 75.89
CA TRP D 329 -56.98 35.98 76.98
C TRP D 329 -56.95 35.23 78.31
N ARG D 330 -57.16 33.91 78.23
CA ARG D 330 -57.28 33.06 79.42
C ARG D 330 -55.98 32.96 80.22
N ILE D 331 -54.85 33.25 79.56
CA ILE D 331 -53.52 32.96 80.11
C ILE D 331 -53.16 33.82 81.32
N ARG D 332 -52.93 33.13 82.44
CA ARG D 332 -52.71 33.77 83.72
C ARG D 332 -51.40 33.26 84.31
N ALA D 333 -50.46 32.90 83.42
CA ALA D 333 -49.14 32.43 83.84
C ALA D 333 -48.16 33.60 83.93
N ARG D 334 -47.11 33.43 84.74
CA ARG D 334 -46.09 34.47 84.83
C ARG D 334 -45.00 34.39 83.75
N ILE D 335 -44.56 33.17 83.43
CA ILE D 335 -43.57 32.94 82.39
C ILE D 335 -44.06 31.88 81.40
N VAL D 336 -44.18 32.26 80.13
CA VAL D 336 -44.40 31.32 79.05
C VAL D 336 -43.02 30.95 78.52
N ALA D 337 -42.73 29.65 78.50
CA ALA D 337 -41.44 29.14 78.00
C ALA D 337 -41.66 28.23 76.80
N GLU D 338 -41.33 28.75 75.62
CA GLU D 338 -41.65 28.08 74.37
C GLU D 338 -40.73 26.90 74.06
N GLY D 339 -41.29 25.69 74.17
CA GLY D 339 -40.60 24.45 73.83
C GLY D 339 -40.78 24.03 72.39
N ALA D 340 -41.91 24.42 71.80
CA ALA D 340 -42.21 24.17 70.39
C ALA D 340 -41.62 25.26 69.51
N ASN D 341 -41.69 25.09 68.19
CA ASN D 341 -41.41 26.20 67.29
C ASN D 341 -42.68 26.96 66.95
N GLY D 342 -42.63 28.28 67.15
CA GLY D 342 -43.76 29.19 66.90
C GLY D 342 -45.06 28.92 67.64
N PRO D 343 -45.01 28.68 68.97
CA PRO D 343 -46.27 28.44 69.66
C PRO D 343 -47.05 29.70 70.10
N THR D 344 -46.65 30.87 69.61
CA THR D 344 -47.39 32.11 69.84
C THR D 344 -47.46 32.97 68.58
N THR D 345 -48.68 33.34 68.18
CA THR D 345 -48.86 34.28 67.07
C THR D 345 -48.42 35.68 67.53
N PRO D 346 -48.13 36.59 66.57
CA PRO D 346 -47.67 37.93 66.94
C PRO D 346 -48.72 38.77 67.67
N ALA D 347 -49.99 38.54 67.35
CA ALA D 347 -51.09 39.22 68.02
C ALA D 347 -51.19 38.75 69.47
N ALA D 348 -50.90 37.46 69.68
CA ALA D 348 -50.91 36.87 71.01
C ALA D 348 -49.78 37.39 71.88
N ASP D 349 -48.66 37.78 71.24
CA ASP D 349 -47.54 38.44 71.92
C ASP D 349 -47.93 39.79 72.53
N ASP D 350 -48.70 40.57 71.77
CA ASP D 350 -49.15 41.91 72.18
C ASP D 350 -49.99 41.84 73.45
N ILE D 351 -50.92 40.88 73.48
CA ILE D 351 -51.78 40.65 74.63
C ILE D 351 -50.98 40.18 75.84
N LEU D 352 -50.01 39.30 75.62
CA LEU D 352 -49.16 38.80 76.70
C LEU D 352 -48.20 39.88 77.22
N LEU D 353 -47.81 40.78 76.33
CA LEU D 353 -47.06 41.96 76.72
C LEU D 353 -47.97 42.83 77.59
N GLU D 354 -49.22 43.02 77.14
CA GLU D 354 -50.22 43.81 77.87
C GLU D 354 -50.43 43.35 79.31
N LYS D 355 -50.55 42.05 79.53
CA LYS D 355 -50.77 41.48 80.86
C LYS D 355 -49.50 41.30 81.70
N GLY D 356 -48.38 41.79 81.19
CA GLY D 356 -47.10 41.72 81.91
C GLY D 356 -46.61 40.29 82.14
N VAL D 357 -46.92 39.41 81.20
CA VAL D 357 -46.38 38.03 81.24
C VAL D 357 -45.12 37.92 80.37
N LEU D 358 -44.09 37.31 80.94
CA LEU D 358 -42.83 37.05 80.26
C LEU D 358 -42.91 35.87 79.28
N VAL D 359 -42.54 36.11 78.04
CA VAL D 359 -42.43 35.05 77.05
C VAL D 359 -40.96 34.91 76.68
N VAL D 360 -40.34 33.83 77.15
CA VAL D 360 -39.01 33.43 76.70
C VAL D 360 -39.21 32.87 75.30
N PRO D 361 -38.62 33.52 74.29
CA PRO D 361 -38.91 33.18 72.90
C PRO D 361 -38.30 31.85 72.47
N ASP D 362 -39.03 31.10 71.65
CA ASP D 362 -38.60 29.78 71.19
C ASP D 362 -37.17 29.78 70.65
N VAL D 363 -36.77 30.87 69.99
CA VAL D 363 -35.44 31.00 69.40
C VAL D 363 -34.29 30.71 70.35
N ILE D 364 -34.48 30.98 71.64
CA ILE D 364 -33.48 30.51 72.59
C ILE D 364 -34.02 29.45 73.54
N ALA D 365 -35.34 29.45 73.73
CA ALA D 365 -35.97 28.58 74.72
C ALA D 365 -36.01 27.10 74.29
N ASN D 366 -36.13 26.84 72.99
CA ASN D 366 -36.05 25.46 72.53
C ASN D 366 -34.69 25.05 71.92
N ALA D 367 -33.67 25.90 72.08
CA ALA D 367 -32.38 25.74 71.37
C ALA D 367 -31.46 24.66 71.94
N GLY D 368 -32.03 23.82 72.80
CA GLY D 368 -31.32 22.72 73.44
C GLY D 368 -30.87 21.66 72.45
N GLY D 369 -31.77 21.23 71.58
CA GLY D 369 -31.41 20.25 70.55
C GLY D 369 -30.30 20.76 69.67
N VAL D 370 -30.43 22.00 69.22
CA VAL D 370 -29.47 22.57 68.29
C VAL D 370 -28.06 22.77 68.92
N THR D 371 -28.02 22.92 70.24
CA THR D 371 -26.77 23.06 70.96
C THR D 371 -26.07 21.71 71.07
N VAL D 372 -26.86 20.65 71.14
CA VAL D 372 -26.31 19.30 71.29
C VAL D 372 -25.80 18.79 69.95
N SER D 373 -26.54 19.10 68.88
CA SER D 373 -26.01 19.02 67.50
C SER D 373 -24.67 19.72 67.34
N TYR D 374 -24.57 20.97 67.79
CA TYR D 374 -23.28 21.68 67.84
C TYR D 374 -22.17 20.88 68.58
N PHE D 375 -22.52 20.32 69.74
CA PHE D 375 -21.61 19.46 70.51
C PHE D 375 -21.26 18.18 69.74
N GLU D 376 -22.22 17.62 69.01
CA GLU D 376 -21.97 16.45 68.18
C GLU D 376 -20.86 16.76 67.18
N TRP D 377 -21.09 17.79 66.36
CA TRP D 377 -20.09 18.29 65.40
C TRP D 377 -18.73 18.57 66.08
N VAL D 378 -18.72 19.14 67.27
CA VAL D 378 -17.47 19.42 67.98
C VAL D 378 -16.71 18.12 68.25
N GLN D 379 -17.42 17.12 68.77
CA GLN D 379 -16.83 15.88 69.23
C GLN D 379 -16.29 15.09 68.03
N ASP D 380 -17.06 15.11 66.95
CA ASP D 380 -16.73 14.51 65.65
C ASP D 380 -15.40 14.92 64.99
N PHE D 381 -14.86 16.08 65.34
CA PHE D 381 -13.62 16.57 64.69
C PHE D 381 -12.39 15.77 65.08
N ASN D 382 -12.39 15.25 66.30
CA ASN D 382 -11.33 14.36 66.78
C ASN D 382 -11.90 13.02 67.30
N SER D 383 -13.18 12.77 66.99
CA SER D 383 -13.88 11.56 67.40
C SER D 383 -13.75 11.21 68.88
N TYR D 384 -13.69 12.24 69.74
CA TYR D 384 -13.60 12.03 71.16
C TYR D 384 -14.90 12.50 71.82
N PHE D 385 -15.53 11.59 72.56
CA PHE D 385 -16.92 11.78 72.98
C PHE D 385 -17.12 12.03 74.48
N TRP D 386 -18.03 12.96 74.79
CA TRP D 386 -18.23 13.50 76.14
C TRP D 386 -19.23 12.67 76.93
N THR D 387 -19.11 12.72 78.26
CA THR D 387 -20.08 12.06 79.14
C THR D 387 -21.41 12.81 79.12
N GLU D 388 -22.46 12.19 79.63
CA GLU D 388 -23.78 12.85 79.75
C GLU D 388 -23.71 14.07 80.68
N GLU D 389 -22.98 13.92 81.79
CA GLU D 389 -22.80 14.99 82.75
C GLU D 389 -22.11 16.21 82.10
N GLU D 390 -21.13 15.95 81.23
CA GLU D 390 -20.40 17.01 80.53
C GLU D 390 -21.29 17.74 79.51
N ILE D 391 -21.98 16.97 78.68
CA ILE D 391 -22.93 17.52 77.70
C ILE D 391 -23.88 18.53 78.37
N ASN D 392 -24.39 18.12 79.54
CA ASN D 392 -25.36 18.87 80.31
C ASN D 392 -24.83 20.17 80.91
N ALA D 393 -23.63 20.10 81.51
CA ALA D 393 -22.97 21.27 82.07
C ALA D 393 -22.60 22.23 80.95
N ARG D 394 -22.20 21.67 79.81
CA ARG D 394 -21.90 22.49 78.66
C ARG D 394 -23.17 23.09 78.07
N LEU D 395 -24.27 22.33 78.03
CA LEU D 395 -25.54 22.86 77.53
C LEU D 395 -26.09 24.02 78.40
N GLU D 396 -25.98 23.91 79.71
CA GLU D 396 -26.38 25.00 80.62
C GLU D 396 -25.55 26.24 80.37
N ARG D 397 -24.24 26.09 80.28
CA ARG D 397 -23.32 27.19 80.01
C ARG D 397 -23.73 27.97 78.76
N VAL D 398 -24.04 27.26 77.69
CA VAL D 398 -24.45 27.89 76.43
C VAL D 398 -25.79 28.62 76.58
N LEU D 399 -26.78 27.96 77.18
CA LEU D 399 -28.14 28.52 77.21
C LEU D 399 -28.33 29.63 78.24
N ARG D 400 -27.48 29.65 79.27
CA ARG D 400 -27.51 30.75 80.23
C ARG D 400 -26.89 32.00 79.63
N ASN D 401 -25.74 31.85 78.96
CA ASN D 401 -25.13 32.95 78.22
C ASN D 401 -26.06 33.56 77.19
N ALA D 402 -26.71 32.72 76.38
CA ALA D 402 -27.66 33.22 75.38
C ALA D 402 -28.72 34.10 76.01
N PHE D 403 -29.38 33.59 77.06
CA PHE D 403 -30.41 34.34 77.79
C PHE D 403 -29.88 35.65 78.37
N GLU D 404 -28.71 35.58 79.04
CA GLU D 404 -28.08 36.74 79.62
C GLU D 404 -27.93 37.85 78.58
N ALA D 405 -27.36 37.51 77.43
CA ALA D 405 -27.22 38.47 76.33
C ALA D 405 -28.58 39.01 75.85
N VAL D 406 -29.55 38.12 75.64
CA VAL D 406 -30.88 38.55 75.19
C VAL D 406 -31.56 39.44 76.23
N TRP D 407 -31.47 39.04 77.50
CA TRP D 407 -32.03 39.84 78.61
C TRP D 407 -31.50 41.28 78.59
N GLN D 408 -30.18 41.42 78.61
CA GLN D 408 -29.55 42.73 78.70
C GLN D 408 -29.94 43.72 77.60
N VAL D 409 -30.12 43.23 76.38
CA VAL D 409 -30.58 44.04 75.26
C VAL D 409 -32.07 44.41 75.38
N ALA D 410 -32.87 43.49 75.92
CA ALA D 410 -34.27 43.78 76.21
C ALA D 410 -34.39 44.88 77.25
N GLN D 411 -33.42 44.96 78.16
CA GLN D 411 -33.42 45.98 79.19
C GLN D 411 -32.82 47.28 78.67
N GLU D 412 -31.60 47.19 78.15
CA GLU D 412 -30.93 48.34 77.53
C GLU D 412 -31.83 49.09 76.52
N LYS D 413 -32.55 48.36 75.69
CA LYS D 413 -33.38 48.98 74.65
C LYS D 413 -34.90 48.96 74.92
N LYS D 414 -35.29 48.55 76.13
CA LYS D 414 -36.71 48.53 76.54
C LYS D 414 -37.62 47.85 75.52
N ILE D 415 -37.26 46.64 75.12
CA ILE D 415 -38.04 45.86 74.15
C ILE D 415 -38.33 44.44 74.65
N PRO D 416 -39.41 43.82 74.15
CA PRO D 416 -39.76 42.47 74.58
C PRO D 416 -38.69 41.42 74.21
N LEU D 417 -38.62 40.36 75.01
CA LEU D 417 -37.57 39.37 74.96
C LEU D 417 -37.37 38.75 73.56
N ARG D 418 -38.48 38.53 72.84
CA ARG D 418 -38.45 37.99 71.49
C ARG D 418 -37.69 38.92 70.54
N THR D 419 -38.09 40.19 70.54
CA THR D 419 -37.50 41.21 69.70
C THR D 419 -36.01 41.41 70.07
N ALA D 420 -35.68 41.28 71.34
CA ALA D 420 -34.30 41.43 71.80
C ALA D 420 -33.38 40.33 71.26
N ALA D 421 -33.89 39.10 71.23
CA ALA D 421 -33.16 37.94 70.66
C ALA D 421 -32.83 38.14 69.17
N TYR D 422 -33.85 38.55 68.41
CA TYR D 422 -33.69 38.90 67.00
C TYR D 422 -32.64 40.01 66.81
N VAL D 423 -32.66 41.01 67.69
CA VAL D 423 -31.70 42.11 67.64
C VAL D 423 -30.27 41.63 67.94
N VAL D 424 -30.10 40.83 68.97
CA VAL D 424 -28.80 40.21 69.30
C VAL D 424 -28.35 39.37 68.09
N ALA D 425 -29.29 38.62 67.52
CA ALA D 425 -28.99 37.78 66.37
C ALA D 425 -28.52 38.63 65.17
N ALA D 426 -29.34 39.61 64.78
CA ALA D 426 -28.99 40.54 63.70
C ALA D 426 -27.67 41.25 63.98
N THR D 427 -27.44 41.65 65.21
CA THR D 427 -26.22 42.38 65.56
C THR D 427 -24.97 41.54 65.38
N ARG D 428 -24.95 40.36 65.99
CA ARG D 428 -23.80 39.45 65.85
C ARG D 428 -23.44 39.08 64.41
N VAL D 429 -24.45 38.88 63.56
CA VAL D 429 -24.20 38.50 62.16
C VAL D 429 -23.56 39.66 61.41
N LEU D 430 -24.16 40.84 61.57
CA LEU D 430 -23.75 42.05 60.89
C LEU D 430 -22.39 42.52 61.37
N GLU D 431 -22.10 42.32 62.65
CA GLU D 431 -20.78 42.68 63.17
C GLU D 431 -19.73 41.81 62.50
N ALA D 432 -20.09 40.55 62.27
CA ALA D 432 -19.18 39.61 61.63
C ALA D 432 -18.94 40.02 60.18
N ARG D 433 -20.05 40.33 59.49
CA ARG D 433 -20.01 40.86 58.13
C ARG D 433 -19.18 42.16 58.00
N ALA D 434 -19.35 43.08 58.95
CA ALA D 434 -18.63 44.36 58.98
C ALA D 434 -17.13 44.19 59.24
N LEU D 435 -16.77 43.29 60.17
CA LEU D 435 -15.37 42.99 60.48
C LEU D 435 -14.64 42.35 59.28
N ARG D 436 -15.30 41.41 58.64
CA ARG D 436 -14.70 40.73 57.48
C ARG D 436 -14.65 41.61 56.23
N GLY D 437 -15.64 42.50 56.11
CA GLY D 437 -15.72 43.44 54.99
C GLY D 437 -16.16 42.73 53.72
N LEU D 438 -16.38 43.50 52.67
CA LEU D 438 -17.02 43.00 51.44
C LEU D 438 -15.95 42.57 50.47
N TYR D 439 -16.03 41.30 50.05
CA TYR D 439 -14.99 40.66 49.24
C TYR D 439 -15.42 39.24 48.89
N PRO D 440 -15.30 38.87 47.60
CA PRO D 440 -14.77 39.69 46.48
C PRO D 440 -15.57 40.96 46.14
N GLU E 20 11.85 54.39 44.22
CA GLU E 20 12.88 53.51 44.86
C GLU E 20 13.05 52.20 44.07
N PRO E 21 14.29 51.66 44.03
CA PRO E 21 14.42 50.30 43.53
C PRO E 21 13.98 49.30 44.61
N LEU E 22 14.03 48.02 44.28
CA LEU E 22 13.70 46.97 45.22
C LEU E 22 14.72 46.97 46.37
N SER E 23 14.19 47.06 47.60
CA SER E 23 15.01 47.24 48.78
C SER E 23 15.93 46.07 49.08
N TYR E 24 15.47 44.85 48.76
CA TYR E 24 16.24 43.65 49.09
C TYR E 24 17.46 43.41 48.22
N LEU E 25 17.56 44.16 47.13
CA LEU E 25 18.68 44.04 46.21
C LEU E 25 19.89 44.85 46.63
N GLY E 26 19.67 45.97 47.32
CA GLY E 26 20.78 46.85 47.73
C GLY E 26 21.16 47.84 46.65
N LYS E 27 22.11 48.73 46.95
CA LYS E 27 22.49 49.85 46.07
C LYS E 27 22.66 49.49 44.58
N ASP E 28 23.58 48.57 44.28
CA ASP E 28 23.70 48.04 42.93
C ASP E 28 22.70 46.89 42.72
N GLY E 29 21.75 47.11 41.82
CA GLY E 29 20.81 46.07 41.40
C GLY E 29 21.37 45.10 40.36
N GLY E 30 22.59 45.36 39.89
CA GLY E 30 23.31 44.47 38.98
C GLY E 30 22.62 44.12 37.66
N PRO E 31 22.54 42.82 37.35
CA PRO E 31 21.85 42.37 36.13
C PRO E 31 20.38 42.78 36.10
N TRP E 32 19.73 42.77 37.27
CA TRP E 32 18.35 43.23 37.39
C TRP E 32 18.20 44.70 36.97
N GLU E 33 19.16 45.54 37.36
CA GLU E 33 19.10 46.97 37.05
C GLU E 33 19.05 47.16 35.53
N ILE E 34 19.87 46.37 34.84
CA ILE E 34 20.00 46.39 33.40
C ILE E 34 18.70 45.91 32.73
N PHE E 35 17.98 44.99 33.37
CA PHE E 35 16.69 44.58 32.85
C PHE E 35 15.71 45.74 32.97
N THR E 36 15.70 46.34 34.16
CA THR E 36 14.90 47.55 34.48
C THR E 36 15.18 48.74 33.53
N GLU E 37 16.46 49.01 33.31
CA GLU E 37 16.88 50.02 32.34
C GLU E 37 16.30 49.73 30.96
N GLN E 38 16.35 48.47 30.52
CA GLN E 38 15.76 48.09 29.22
C GLN E 38 14.25 48.29 29.17
N VAL E 39 13.53 47.98 30.24
CA VAL E 39 12.08 48.26 30.28
C VAL E 39 11.82 49.77 30.14
N ASP E 40 12.68 50.56 30.80
CA ASP E 40 12.61 52.02 30.74
C ASP E 40 12.75 52.55 29.32
N ARG E 41 13.66 51.97 28.53
CA ARG E 41 13.86 52.40 27.12
C ARG E 41 12.67 52.06 26.22
N VAL E 42 11.74 51.26 26.75
CA VAL E 42 10.61 50.76 25.97
C VAL E 42 9.33 51.51 26.30
N VAL E 43 9.30 52.06 27.50
CA VAL E 43 8.16 52.82 28.01
C VAL E 43 7.68 53.94 27.09
N PRO E 44 8.63 54.67 26.42
CA PRO E 44 8.27 55.71 25.46
C PRO E 44 7.36 55.28 24.30
N TYR E 45 7.28 53.96 24.01
CA TYR E 45 6.49 53.45 22.86
C TYR E 45 5.18 52.73 23.17
N LEU E 46 4.77 52.73 24.42
CA LEU E 46 3.68 51.87 24.87
C LEU E 46 2.26 52.41 24.73
N GLY E 47 2.10 53.67 24.35
CA GLY E 47 0.76 54.24 24.20
C GLY E 47 0.07 54.31 25.55
N ARG E 48 -1.22 54.02 25.61
CA ARG E 48 -1.93 54.06 26.89
C ARG E 48 -1.71 52.86 27.81
N LEU E 49 -0.89 51.92 27.37
CA LEU E 49 -0.47 50.80 28.19
C LEU E 49 0.64 51.24 29.13
N ALA E 50 1.20 52.42 28.86
CA ALA E 50 2.45 52.84 29.52
C ALA E 50 2.48 52.95 31.05
N PRO E 51 1.36 53.39 31.69
CA PRO E 51 1.38 53.40 33.17
C PRO E 51 1.62 52.02 33.79
N LEU E 52 1.09 50.99 33.13
CA LEU E 52 1.18 49.60 33.58
C LEU E 52 2.60 49.04 33.51
N ALA E 53 3.48 49.71 32.79
CA ALA E 53 4.84 49.20 32.59
C ALA E 53 5.64 49.02 33.89
N GLU E 54 5.27 49.79 34.92
CA GLU E 54 5.91 49.67 36.25
C GLU E 54 5.84 48.24 36.78
N SER E 55 4.69 47.60 36.54
CA SER E 55 4.47 46.22 36.95
C SER E 55 5.53 45.27 36.39
N LEU E 56 6.18 45.65 35.29
CA LEU E 56 7.27 44.85 34.72
C LEU E 56 8.58 45.03 35.50
N LYS E 57 8.62 46.05 36.35
CA LYS E 57 9.83 46.33 37.13
C LYS E 57 9.80 45.68 38.53
N ARG E 58 8.92 44.70 38.72
CA ARG E 58 8.94 43.89 39.95
C ARG E 58 8.41 42.49 39.71
N PRO E 59 9.21 41.47 40.07
CA PRO E 59 8.75 40.09 39.91
C PRO E 59 7.42 39.87 40.64
N LYS E 60 6.54 39.04 40.09
CA LYS E 60 5.35 38.65 40.84
C LYS E 60 5.70 37.85 42.11
N ARG E 61 6.68 36.95 42.01
CA ARG E 61 7.01 36.03 43.09
C ARG E 61 8.48 35.64 43.07
N VAL E 62 9.17 35.81 44.20
CA VAL E 62 10.54 35.26 44.40
C VAL E 62 10.52 34.21 45.53
N LEU E 63 10.87 32.97 45.19
CA LEU E 63 11.07 31.94 46.20
C LEU E 63 12.54 31.54 46.36
N ILE E 64 13.08 31.77 47.56
CA ILE E 64 14.41 31.34 47.92
C ILE E 64 14.26 30.20 48.90
N VAL E 65 14.91 29.08 48.58
CA VAL E 65 14.80 27.87 49.38
C VAL E 65 16.18 27.38 49.74
N ASP E 66 16.29 26.70 50.89
CA ASP E 66 17.49 26.00 51.26
C ASP E 66 17.38 24.63 50.64
N VAL E 67 18.44 24.15 50.02
CA VAL E 67 18.44 22.77 49.56
C VAL E 67 19.55 21.95 50.23
N PRO E 68 19.20 21.25 51.32
CA PRO E 68 20.16 20.41 52.01
C PRO E 68 20.36 19.12 51.19
N VAL E 69 21.59 18.64 51.11
CA VAL E 69 21.88 17.38 50.40
C VAL E 69 22.88 16.59 51.22
N ARG E 70 22.70 15.27 51.29
CA ARG E 70 23.73 14.44 51.92
C ARG E 70 24.87 14.21 50.93
N LEU E 71 26.07 14.60 51.32
CA LEU E 71 27.21 14.38 50.48
C LEU E 71 27.59 12.91 50.49
N ASP E 72 28.42 12.48 49.54
CA ASP E 72 28.99 11.12 49.54
C ASP E 72 29.78 10.81 50.82
N ASP E 73 30.30 11.83 51.48
CA ASP E 73 31.11 11.60 52.70
C ASP E 73 30.24 11.44 53.95
N GLY E 74 28.93 11.62 53.77
CA GLY E 74 27.96 11.47 54.85
C GLY E 74 27.60 12.79 55.50
N SER E 75 28.36 13.83 55.14
CA SER E 75 28.12 15.20 55.61
C SER E 75 26.87 15.80 54.94
N VAL E 76 26.27 16.81 55.56
CA VAL E 76 25.15 17.54 54.93
C VAL E 76 25.64 18.90 54.46
N ALA E 77 25.45 19.19 53.19
CA ALA E 77 25.78 20.50 52.63
C ALA E 77 24.51 21.23 52.24
N TYR E 78 24.52 22.56 52.43
CA TYR E 78 23.35 23.41 52.24
C TYR E 78 23.57 24.41 51.09
N PHE E 79 22.71 24.38 50.08
CA PHE E 79 22.86 25.20 48.88
C PHE E 79 21.65 26.12 48.68
N GLU E 80 21.87 27.29 48.08
CA GLU E 80 20.80 28.24 47.88
C GLU E 80 20.14 27.89 46.57
N GLY E 81 18.81 27.83 46.58
CA GLY E 81 18.03 27.59 45.38
C GLY E 81 16.99 28.68 45.21
N TYR E 82 16.66 28.99 43.94
CA TYR E 82 15.76 30.09 43.61
C TYR E 82 14.76 29.69 42.55
N ARG E 83 13.54 30.21 42.65
CA ARG E 83 12.60 30.15 41.53
C ARG E 83 11.78 31.43 41.47
N VAL E 84 12.05 32.21 40.43
CA VAL E 84 11.41 33.50 40.30
C VAL E 84 10.37 33.39 39.20
N HIS E 85 9.12 33.78 39.50
CA HIS E 85 8.16 34.14 38.47
C HIS E 85 8.16 35.66 38.31
N HIS E 86 8.72 36.14 37.21
CA HIS E 86 8.69 37.56 36.94
C HIS E 86 7.26 38.08 36.59
N ASN E 87 6.57 37.37 35.72
CA ASN E 87 5.25 37.84 35.27
C ASN E 87 4.49 36.67 34.68
N THR E 88 3.17 36.67 34.81
CA THR E 88 2.37 35.47 34.57
C THR E 88 1.05 35.90 33.94
N ALA E 89 1.04 37.15 33.51
CA ALA E 89 -0.08 37.75 32.85
C ALA E 89 -0.56 36.86 31.69
N ARG E 90 0.41 36.38 30.90
CA ARG E 90 0.11 35.68 29.63
C ARG E 90 -0.03 34.15 29.70
N GLY E 91 0.09 33.57 30.89
CA GLY E 91 0.14 32.12 31.06
C GLY E 91 1.22 31.72 32.07
N PRO E 92 1.45 30.39 32.22
CA PRO E 92 2.30 29.96 33.32
C PRO E 92 3.76 30.38 33.17
N ALA E 93 4.52 30.36 34.27
CA ALA E 93 5.93 30.75 34.23
C ALA E 93 6.73 29.72 33.47
N LYS E 94 7.67 30.19 32.65
CA LYS E 94 8.45 29.29 31.80
C LYS E 94 9.88 29.76 31.71
N GLY E 95 10.82 28.89 32.09
CA GLY E 95 12.22 29.25 32.01
C GLY E 95 13.10 28.21 32.66
N GLY E 96 14.34 28.10 32.18
CA GLY E 96 15.27 27.06 32.60
C GLY E 96 15.72 27.15 34.04
N VAL E 97 16.46 26.13 34.46
CA VAL E 97 17.13 26.13 35.77
C VAL E 97 18.62 25.92 35.59
N ARG E 98 19.41 26.69 36.32
CA ARG E 98 20.81 26.80 36.09
C ARG E 98 21.58 26.45 37.34
N TYR E 99 22.58 25.59 37.20
CA TYR E 99 23.48 25.32 38.33
C TYR E 99 24.84 25.94 38.07
N HIS E 100 25.22 26.94 38.88
CA HIS E 100 26.46 27.71 38.68
C HIS E 100 26.84 28.39 39.99
N PRO E 101 28.15 28.44 40.32
CA PRO E 101 28.63 28.98 41.61
C PRO E 101 28.38 30.49 41.86
N GLU E 102 28.15 31.26 40.81
CA GLU E 102 27.78 32.66 40.98
C GLU E 102 26.37 32.95 40.47
N VAL E 103 25.50 31.98 40.67
CA VAL E 103 24.06 32.20 40.63
C VAL E 103 23.77 33.12 41.81
N THR E 104 23.13 34.25 41.52
CA THR E 104 22.74 35.23 42.52
C THR E 104 21.23 35.42 42.42
N LEU E 105 20.63 35.98 43.46
CA LEU E 105 19.22 36.33 43.46
C LEU E 105 18.92 37.27 42.29
N SER E 106 19.72 38.31 42.17
CA SER E 106 19.57 39.33 41.14
C SER E 106 19.71 38.77 39.72
N GLU E 107 20.69 37.92 39.51
CA GLU E 107 20.82 37.25 38.23
C GLU E 107 19.55 36.50 37.83
N VAL E 108 19.02 35.70 38.77
CA VAL E 108 17.84 34.87 38.51
C VAL E 108 16.59 35.72 38.20
N MET E 109 16.42 36.81 38.94
CA MET E 109 15.35 37.78 38.68
C MET E 109 15.46 38.39 37.27
N ALA E 110 16.67 38.83 36.92
CA ALA E 110 16.95 39.37 35.57
C ALA E 110 16.54 38.41 34.43
N LEU E 111 17.08 37.19 34.50
CA LEU E 111 16.79 36.14 33.53
C LEU E 111 15.29 35.85 33.41
N ALA E 112 14.61 35.80 34.56
CA ALA E 112 13.16 35.63 34.58
C ALA E 112 12.49 36.70 33.75
N GLY E 113 12.82 37.96 34.05
CA GLY E 113 12.43 39.12 33.25
C GLY E 113 12.67 38.97 31.75
N TRP E 114 13.90 38.62 31.37
CA TRP E 114 14.17 38.36 29.96
C TRP E 114 13.24 37.29 29.35
N MET E 115 12.71 36.40 30.21
CA MET E 115 11.89 35.29 29.77
C MET E 115 10.49 35.78 29.55
N THR E 116 10.04 36.73 30.34
CA THR E 116 8.72 37.30 30.14
C THR E 116 8.72 37.97 28.78
N ILE E 117 9.85 38.60 28.45
CA ILE E 117 9.99 39.30 27.17
C ILE E 117 10.22 38.31 26.02
N LYS E 118 11.22 37.45 26.16
CA LYS E 118 11.45 36.44 25.11
C LYS E 118 10.14 35.74 24.72
N ASN E 119 9.37 35.28 25.71
CA ASN E 119 8.21 34.46 25.47
C ASN E 119 7.05 35.25 24.87
N ALA E 120 6.85 36.48 25.32
CA ALA E 120 5.87 37.37 24.71
C ALA E 120 6.25 37.78 23.28
N ALA E 121 7.54 38.03 23.05
CA ALA E 121 7.98 38.34 21.69
C ALA E 121 7.72 37.19 20.71
N VAL E 122 8.03 35.94 21.10
CA VAL E 122 7.78 34.80 20.17
C VAL E 122 6.32 34.34 19.99
N GLY E 123 5.45 34.78 20.88
CA GLY E 123 4.02 34.41 20.77
C GLY E 123 3.67 33.16 21.58
N LEU E 124 4.59 32.73 22.45
CA LEU E 124 4.33 31.63 23.36
C LEU E 124 3.35 32.02 24.49
N PRO E 125 2.41 31.12 24.83
CA PRO E 125 1.44 31.45 25.90
C PRO E 125 2.02 31.23 27.30
N TYR E 126 3.15 31.87 27.57
CA TYR E 126 3.91 31.73 28.80
C TYR E 126 4.26 33.09 29.42
N GLY E 127 4.32 33.16 30.75
CA GLY E 127 4.96 34.30 31.41
C GLY E 127 6.43 33.92 31.47
N GLY E 128 7.24 34.65 32.23
CA GLY E 128 8.65 34.31 32.36
C GLY E 128 8.99 33.78 33.73
N GLY E 129 9.83 32.76 33.77
CA GLY E 129 10.36 32.25 35.01
C GLY E 129 11.83 31.97 34.88
N LYS E 130 12.48 31.61 35.97
CA LYS E 130 13.87 31.14 35.93
C LYS E 130 14.20 30.62 37.30
N GLY E 131 15.09 29.64 37.35
CA GLY E 131 15.58 29.13 38.62
C GLY E 131 17.07 28.98 38.56
N GLY E 132 17.67 28.62 39.68
CA GLY E 132 19.10 28.58 39.80
C GLY E 132 19.39 27.93 41.12
N ILE E 133 20.53 27.26 41.20
CA ILE E 133 21.06 26.84 42.47
C ILE E 133 22.52 27.28 42.45
N ARG E 134 22.98 27.81 43.57
CA ARG E 134 24.33 28.34 43.70
C ARG E 134 25.23 27.21 44.15
N VAL E 135 25.89 26.61 43.18
CA VAL E 135 26.69 25.40 43.38
C VAL E 135 27.64 25.24 42.20
N ASP E 136 28.80 24.64 42.44
CA ASP E 136 29.69 24.25 41.37
C ASP E 136 29.46 22.76 41.07
N PRO E 137 28.71 22.45 39.99
CA PRO E 137 28.38 21.07 39.66
C PRO E 137 29.56 20.16 39.27
N ARG E 138 30.73 20.72 38.96
CA ARG E 138 31.90 19.89 38.64
C ARG E 138 32.54 19.37 39.92
N LYS E 139 32.08 19.89 41.05
CA LYS E 139 32.57 19.47 42.35
C LYS E 139 31.66 18.43 43.02
N LEU E 140 30.51 18.15 42.40
CA LEU E 140 29.58 17.13 42.90
C LEU E 140 29.64 15.86 42.06
N SER E 141 29.46 14.69 42.69
CA SER E 141 29.29 13.43 41.95
C SER E 141 27.89 13.37 41.27
N PRO E 142 27.67 12.40 40.37
CA PRO E 142 26.32 12.27 39.77
C PRO E 142 25.23 11.88 40.79
N GLY E 143 25.63 11.25 41.89
CA GLY E 143 24.70 10.90 42.95
C GLY E 143 24.31 12.14 43.73
N GLU E 144 25.32 12.90 44.15
CA GLU E 144 25.09 14.19 44.80
C GLU E 144 24.25 15.15 43.94
N LEU E 145 24.51 15.14 42.64
CA LEU E 145 23.82 15.98 41.69
C LEU E 145 22.35 15.60 41.61
N GLU E 146 22.08 14.29 41.63
CA GLU E 146 20.68 13.77 41.64
C GLU E 146 19.96 14.14 42.92
N ARG E 147 20.68 14.10 44.03
CA ARG E 147 20.04 14.34 45.31
C ARG E 147 19.72 15.82 45.44
N LEU E 148 20.59 16.65 44.85
CA LEU E 148 20.35 18.10 44.78
C LEU E 148 19.10 18.43 43.93
N THR E 149 18.95 17.72 42.84
CA THR E 149 17.96 18.05 41.83
C THR E 149 16.64 17.70 42.42
N ARG E 150 16.54 16.48 42.93
CA ARG E 150 15.39 16.01 43.68
C ARG E 150 14.95 16.93 44.80
N ARG E 151 15.89 17.34 45.66
CA ARG E 151 15.58 18.22 46.77
C ARG E 151 15.03 19.58 46.33
N TYR E 152 15.63 20.16 45.30
CA TYR E 152 15.21 21.43 44.76
C TYR E 152 13.77 21.34 44.19
N THR E 153 13.43 20.23 43.55
CA THR E 153 12.12 20.15 42.89
C THR E 153 11.04 19.89 43.94
N SER E 154 11.45 19.31 45.06
CA SER E 154 10.54 19.21 46.20
C SER E 154 10.38 20.59 46.84
N GLU E 155 11.50 21.24 47.18
CA GLU E 155 11.43 22.62 47.73
C GLU E 155 10.62 23.63 46.88
N ILE E 156 10.64 23.56 45.54
CA ILE E 156 9.89 24.51 44.70
C ILE E 156 8.55 23.94 44.20
N GLY E 157 8.17 22.82 44.81
CA GLY E 157 7.04 22.03 44.45
C GLY E 157 5.75 22.83 44.52
N ILE E 158 5.63 23.69 45.55
CA ILE E 158 4.45 24.55 45.69
C ILE E 158 4.20 25.46 44.47
N LEU E 159 5.24 25.70 43.68
CA LEU E 159 5.15 26.54 42.50
C LEU E 159 4.88 25.75 41.22
N LEU E 160 5.23 24.45 41.23
CA LEU E 160 5.23 23.64 40.00
C LEU E 160 3.87 23.14 39.49
N GLY E 161 3.77 22.95 38.19
CA GLY E 161 2.56 22.41 37.59
C GLY E 161 2.56 22.75 36.12
N PRO E 162 2.17 21.79 35.27
CA PRO E 162 2.10 22.16 33.86
C PRO E 162 1.21 23.40 33.56
N ASP E 163 0.33 23.78 34.50
CA ASP E 163 -0.47 25.01 34.33
C ASP E 163 -0.07 26.18 35.27
N ARG E 164 1.14 26.13 35.82
CA ARG E 164 1.57 27.10 36.82
C ARG E 164 3.00 27.55 36.54
N ASP E 165 3.91 26.58 36.41
CA ASP E 165 5.34 26.88 36.18
C ASP E 165 5.98 25.58 35.67
N ILE E 166 6.59 25.68 34.49
CA ILE E 166 7.16 24.55 33.79
C ILE E 166 8.69 24.83 33.60
N PRO E 167 9.55 24.26 34.48
CA PRO E 167 11.03 24.43 34.26
C PRO E 167 11.65 23.74 32.97
N ALA E 168 12.99 23.79 32.85
CA ALA E 168 13.72 23.49 31.61
C ALA E 168 15.24 23.55 31.85
N PRO E 169 16.03 23.12 30.85
CA PRO E 169 17.50 23.23 31.11
C PRO E 169 18.08 24.61 30.91
N ASP E 170 19.34 24.79 31.33
CA ASP E 170 20.02 26.06 31.27
C ASP E 170 21.48 25.79 31.64
N VAL E 171 22.23 26.75 32.16
CA VAL E 171 23.67 26.49 32.40
C VAL E 171 23.87 25.25 33.31
N ASN E 172 24.57 24.25 32.76
CA ASN E 172 24.93 23.04 33.49
C ASN E 172 23.79 22.09 33.87
N THR E 173 22.65 22.24 33.21
CA THR E 173 21.60 21.26 33.37
C THR E 173 21.15 20.77 31.99
N GLY E 174 20.80 19.50 31.90
CA GLY E 174 20.22 18.97 30.66
C GLY E 174 19.11 17.97 30.84
N GLU E 175 18.99 17.09 29.85
CA GLU E 175 18.09 15.95 29.87
C GLU E 175 18.10 15.11 31.15
N ARG E 176 19.30 14.88 31.69
CA ARG E 176 19.48 14.07 32.87
C ARG E 176 18.80 14.70 34.07
N GLU E 177 19.07 15.98 34.35
CA GLU E 177 18.41 16.59 35.47
C GLU E 177 16.93 16.89 35.20
N MET E 178 16.53 17.11 33.95
CA MET E 178 15.08 17.21 33.64
C MET E 178 14.30 15.96 33.98
N ALA E 179 14.89 14.79 33.72
CA ALA E 179 14.27 13.51 34.00
C ALA E 179 13.97 13.35 35.51
N TRP E 180 14.99 13.66 36.29
CA TRP E 180 14.93 13.64 37.73
C TRP E 180 13.91 14.64 38.26
N MET E 181 13.82 15.83 37.68
CA MET E 181 12.79 16.81 38.10
C MET E 181 11.39 16.24 37.86
N MET E 182 11.20 15.69 36.65
CA MET E 182 9.89 15.11 36.30
C MET E 182 9.51 13.95 37.25
N ASP E 183 10.51 13.19 37.64
CA ASP E 183 10.24 11.98 38.36
C ASP E 183 9.94 12.32 39.79
N THR E 184 10.67 13.27 40.32
CA THR E 184 10.44 13.75 41.68
C THR E 184 9.02 14.35 41.81
N TYR E 185 8.66 15.30 40.94
CA TYR E 185 7.30 15.89 40.96
C TYR E 185 6.29 14.77 40.91
N SER E 186 6.40 13.88 39.91
CA SER E 186 5.40 12.81 39.64
C SER E 186 5.25 11.85 40.82
N MET E 187 6.36 11.50 41.47
CA MET E 187 6.33 10.66 42.67
C MET E 187 5.75 11.42 43.86
N ASN E 188 6.16 12.68 44.07
CA ASN E 188 5.57 13.51 45.13
C ASN E 188 4.02 13.71 44.92
N VAL E 189 3.58 13.67 43.68
CA VAL E 189 2.17 14.00 43.36
C VAL E 189 1.22 12.80 43.13
N GLY E 190 1.80 11.63 42.88
CA GLY E 190 1.02 10.41 42.73
C GLY E 190 0.47 10.20 41.34
N ARG E 191 1.01 10.94 40.37
CA ARG E 191 0.49 10.94 39.00
C ARG E 191 1.72 11.08 38.14
N THR E 192 1.69 10.51 36.94
CA THR E 192 2.75 10.77 35.97
C THR E 192 2.36 12.09 35.28
N VAL E 193 3.24 13.08 35.42
CA VAL E 193 2.97 14.41 34.85
C VAL E 193 4.12 14.79 33.90
N PRO E 194 4.01 14.46 32.60
CA PRO E 194 5.29 14.73 31.88
C PRO E 194 5.53 16.22 31.58
N GLY E 195 4.47 16.99 31.42
CA GLY E 195 4.60 18.41 31.14
C GLY E 195 5.04 19.27 32.32
N VAL E 196 5.34 18.66 33.46
CA VAL E 196 5.90 19.46 34.55
C VAL E 196 7.16 20.17 34.13
N VAL E 197 7.96 19.60 33.22
CA VAL E 197 9.21 20.22 32.78
C VAL E 197 9.50 19.89 31.33
N THR E 198 10.22 20.73 30.60
CA THR E 198 10.56 20.42 29.22
C THR E 198 12.05 20.17 29.08
N GLY E 199 12.48 19.76 27.87
CA GLY E 199 13.83 19.31 27.59
C GLY E 199 14.06 17.93 28.19
N LYS E 200 13.00 17.13 28.25
CA LYS E 200 13.15 15.77 28.79
C LYS E 200 13.70 14.80 27.74
N PRO E 201 14.24 13.65 28.17
CA PRO E 201 14.51 12.62 27.15
C PRO E 201 13.25 12.28 26.36
N ILE E 202 13.42 11.84 25.11
CA ILE E 202 12.28 11.45 24.29
C ILE E 202 11.52 10.31 24.95
N ALA E 203 12.27 9.44 25.64
CA ALA E 203 11.72 8.22 26.26
C ALA E 203 10.75 8.55 27.38
N LEU E 204 10.78 9.81 27.78
CA LEU E 204 10.06 10.28 28.95
C LEU E 204 9.03 11.38 28.60
N GLY E 205 8.67 11.50 27.33
CA GLY E 205 7.66 12.52 26.94
C GLY E 205 8.28 13.77 26.34
N GLY E 206 9.60 13.70 26.11
CA GLY E 206 10.32 14.75 25.38
C GLY E 206 9.83 14.94 23.95
N SER E 207 10.39 15.92 23.26
CA SER E 207 9.98 16.21 21.89
C SER E 207 11.11 15.92 20.92
N LEU E 208 10.68 15.51 19.73
CA LEU E 208 11.53 15.46 18.54
C LEU E 208 11.93 16.86 18.09
N GLY E 209 13.04 16.94 17.33
CA GLY E 209 13.46 18.14 16.62
C GLY E 209 14.13 19.22 17.45
N ARG E 210 14.47 18.88 18.70
CA ARG E 210 15.21 19.78 19.56
C ARG E 210 16.57 20.25 19.04
N ARG E 211 17.39 19.32 18.57
CA ARG E 211 18.82 19.60 18.24
C ARG E 211 19.05 20.66 17.14
N ASP E 212 18.15 20.73 16.16
CA ASP E 212 18.31 21.66 15.06
C ASP E 212 17.35 22.84 15.14
N ALA E 213 16.54 22.89 16.20
CA ALA E 213 15.46 23.88 16.31
C ALA E 213 15.98 25.31 16.25
N THR E 214 17.03 25.61 17.03
CA THR E 214 17.56 26.97 17.10
C THR E 214 18.20 27.39 15.75
N GLY E 215 19.01 26.50 15.18
CA GLY E 215 19.71 26.72 13.91
C GLY E 215 18.75 26.94 12.75
N ARG E 216 17.70 26.13 12.68
CA ARG E 216 16.66 26.27 11.63
C ARG E 216 15.85 27.53 11.80
N GLY E 217 15.71 27.93 13.07
CA GLY E 217 14.95 29.12 13.42
C GLY E 217 15.70 30.36 13.00
N VAL E 218 17.03 30.32 13.15
CA VAL E 218 17.89 31.36 12.65
C VAL E 218 17.76 31.60 11.15
N PHE E 219 17.79 30.53 10.36
CA PHE E 219 17.54 30.62 8.93
C PHE E 219 16.11 31.07 8.58
N ILE E 220 15.11 30.58 9.27
CA ILE E 220 13.68 30.88 8.91
C ILE E 220 13.40 32.40 9.01
N THR E 221 13.85 32.91 10.14
CA THR E 221 13.79 34.29 10.56
C THR E 221 14.66 35.24 9.67
N ALA E 222 15.85 34.76 9.25
CA ALA E 222 16.70 35.48 8.30
C ALA E 222 16.05 35.55 6.92
N ALA E 223 15.41 34.45 6.52
CA ALA E 223 14.75 34.38 5.22
C ALA E 223 13.50 35.27 5.22
N ALA E 224 12.84 35.33 6.38
CA ALA E 224 11.69 36.21 6.61
C ALA E 224 12.04 37.69 6.36
N ALA E 225 13.21 38.07 6.90
CA ALA E 225 13.81 39.38 6.78
C ALA E 225 14.25 39.63 5.34
N ALA E 226 14.88 38.63 4.75
CA ALA E 226 15.34 38.72 3.39
C ALA E 226 14.18 38.99 2.41
N GLU E 227 13.05 38.31 2.60
CA GLU E 227 11.85 38.55 1.78
C GLU E 227 11.40 40.02 1.87
N LYS E 228 11.47 40.58 3.09
CA LYS E 228 11.06 41.96 3.32
C LYS E 228 11.93 42.99 2.58
N ILE E 229 13.24 42.72 2.50
CA ILE E 229 14.20 43.64 1.89
C ILE E 229 14.54 43.31 0.44
N GLY E 230 13.74 42.43 -0.15
CA GLY E 230 13.94 41.94 -1.52
C GLY E 230 15.23 41.18 -1.78
N LEU E 231 15.79 40.58 -0.74
CA LEU E 231 17.07 39.86 -0.85
C LEU E 231 16.79 38.39 -1.15
N GLN E 232 17.30 37.92 -2.27
CA GLN E 232 17.05 36.57 -2.74
C GLN E 232 18.00 35.59 -2.02
N VAL E 233 17.44 34.54 -1.43
CA VAL E 233 18.22 33.56 -0.67
C VAL E 233 18.98 32.63 -1.62
N GLU E 234 18.31 32.28 -2.73
CA GLU E 234 18.82 31.35 -3.75
C GLU E 234 20.32 31.37 -3.89
N GLY E 235 20.91 32.53 -4.23
CA GLY E 235 22.36 32.54 -4.44
C GLY E 235 23.21 33.26 -3.40
N ALA E 236 22.59 33.69 -2.30
CA ALA E 236 23.28 34.57 -1.34
C ALA E 236 24.48 33.90 -0.68
N ARG E 237 25.39 34.71 -0.14
CA ARG E 237 26.56 34.21 0.58
C ARG E 237 26.35 34.36 2.09
N VAL E 238 26.78 33.35 2.84
CA VAL E 238 26.59 33.33 4.30
C VAL E 238 27.91 33.06 5.01
N ALA E 239 28.21 33.87 6.02
CA ALA E 239 29.31 33.55 6.91
C ALA E 239 28.79 33.27 8.33
N ILE E 240 29.24 32.17 8.92
CA ILE E 240 28.74 31.70 10.22
C ILE E 240 29.86 31.62 11.25
N GLN E 241 29.60 32.15 12.44
CA GLN E 241 30.56 31.99 13.54
C GLN E 241 29.98 31.04 14.58
N GLY E 242 30.68 29.92 14.81
CA GLY E 242 30.22 28.83 15.65
C GLY E 242 29.76 27.69 14.76
N PHE E 243 30.24 26.47 15.01
CA PHE E 243 29.78 25.32 14.24
C PHE E 243 29.30 24.18 15.12
N GLY E 244 28.82 24.54 16.32
CA GLY E 244 28.08 23.63 17.19
C GLY E 244 26.67 23.44 16.67
N ASN E 245 25.76 23.13 17.58
CA ASN E 245 24.38 22.73 17.22
C ASN E 245 23.61 23.80 16.45
N VAL E 246 23.71 25.04 16.92
CA VAL E 246 23.03 26.17 16.32
C VAL E 246 23.69 26.50 14.98
N GLY E 247 25.01 26.71 15.03
CA GLY E 247 25.79 27.04 13.85
C GLY E 247 25.59 26.09 12.71
N ASN E 248 25.93 24.81 12.92
CA ASN E 248 25.84 23.85 11.82
C ASN E 248 24.43 23.59 11.32
N ALA E 249 23.43 23.68 12.20
CA ALA E 249 22.02 23.62 11.76
C ALA E 249 21.66 24.79 10.84
N ALA E 250 22.13 25.99 11.18
CA ALA E 250 21.90 27.17 10.34
C ALA E 250 22.59 26.99 8.98
N ALA E 251 23.83 26.53 9.03
CA ALA E 251 24.62 26.21 7.85
C ALA E 251 23.86 25.30 6.91
N ARG E 252 23.35 24.19 7.45
CA ARG E 252 22.65 23.22 6.63
C ARG E 252 21.32 23.77 6.09
N ALA E 253 20.61 24.56 6.88
CA ALA E 253 19.33 25.12 6.40
C ALA E 253 19.53 26.15 5.28
N PHE E 254 20.61 26.94 5.37
CA PHE E 254 20.95 27.92 4.33
C PHE E 254 21.33 27.19 3.06
N HIS E 255 22.22 26.21 3.20
CA HIS E 255 22.63 25.35 2.09
C HIS E 255 21.45 24.74 1.32
N ASP E 256 20.54 24.12 2.07
CA ASP E 256 19.32 23.50 1.55
C ASP E 256 18.33 24.43 0.85
N HIS E 257 18.50 25.75 1.02
CA HIS E 257 17.67 26.72 0.33
C HIS E 257 18.49 27.48 -0.72
N GLY E 258 19.65 26.95 -1.05
CA GLY E 258 20.44 27.44 -2.18
C GLY E 258 21.51 28.48 -1.88
N ALA E 259 21.70 28.81 -0.60
CA ALA E 259 22.72 29.78 -0.24
C ALA E 259 24.09 29.11 -0.15
N ARG E 260 25.14 29.92 -0.22
CA ARG E 260 26.52 29.43 -0.21
C ARG E 260 27.17 29.77 1.10
N VAL E 261 27.58 28.75 1.83
CA VAL E 261 28.30 29.01 3.07
C VAL E 261 29.76 29.28 2.72
N VAL E 262 30.14 30.55 2.72
CA VAL E 262 31.47 30.93 2.26
C VAL E 262 32.53 30.88 3.36
N ALA E 263 32.08 31.02 4.60
CA ALA E 263 33.01 30.99 5.72
C ALA E 263 32.38 30.47 7.01
N VAL E 264 33.19 29.74 7.77
CA VAL E 264 32.81 29.28 9.10
C VAL E 264 33.98 29.53 10.06
N GLN E 265 33.70 30.24 11.16
CA GLN E 265 34.68 30.42 12.22
C GLN E 265 34.24 29.66 13.46
N ASP E 266 35.08 28.75 13.93
CA ASP E 266 34.84 28.06 15.21
C ASP E 266 35.95 28.35 16.21
N HIS E 267 35.94 27.66 17.35
CA HIS E 267 36.91 27.91 18.44
C HIS E 267 38.39 27.71 18.07
N THR E 268 38.65 26.91 17.04
CA THR E 268 40.02 26.73 16.53
C THR E 268 40.36 27.81 15.50
N GLY E 269 40.12 27.54 14.22
CA GLY E 269 40.39 28.51 13.15
C GLY E 269 39.15 28.94 12.36
N THR E 270 39.40 29.51 11.19
CA THR E 270 38.36 29.92 10.24
C THR E 270 38.69 29.34 8.86
N VAL E 271 37.66 29.08 8.06
CA VAL E 271 37.82 28.55 6.70
C VAL E 271 37.05 29.37 5.68
N TYR E 272 37.60 29.48 4.47
CA TYR E 272 37.00 30.30 3.42
C TYR E 272 37.04 29.66 2.02
N ASN E 273 35.94 29.83 1.30
CA ASN E 273 35.81 29.46 -0.10
C ASN E 273 34.57 30.12 -0.70
N GLU E 274 34.78 31.02 -1.66
CA GLU E 274 33.71 31.81 -2.27
C GLU E 274 32.74 30.95 -3.12
N ALA E 275 33.21 29.80 -3.58
CA ALA E 275 32.38 28.88 -4.35
C ALA E 275 31.30 28.25 -3.49
N GLY E 276 31.58 28.13 -2.19
CA GLY E 276 30.63 27.56 -1.23
C GLY E 276 31.19 26.34 -0.52
N ILE E 277 30.96 26.26 0.79
CA ILE E 277 31.32 25.09 1.56
C ILE E 277 30.08 24.24 1.80
N ASP E 278 30.23 22.93 1.65
CA ASP E 278 29.18 21.97 1.97
C ASP E 278 29.23 21.72 3.47
N PRO E 279 28.16 22.12 4.20
CA PRO E 279 28.21 21.99 5.65
C PRO E 279 28.17 20.53 6.11
N TYR E 280 27.60 19.67 5.27
CA TYR E 280 27.55 18.23 5.54
C TYR E 280 28.96 17.62 5.47
N ASP E 281 29.68 17.92 4.40
CA ASP E 281 31.07 17.49 4.24
C ASP E 281 31.97 18.10 5.31
N LEU E 282 31.68 19.34 5.69
CA LEU E 282 32.42 20.04 6.72
C LEU E 282 32.17 19.48 8.12
N LEU E 283 30.91 19.18 8.44
CA LEU E 283 30.56 18.63 9.76
C LEU E 283 31.15 17.24 9.96
N ARG E 284 31.13 16.45 8.89
CA ARG E 284 31.74 15.12 8.83
C ARG E 284 33.26 15.20 9.10
N HIS E 285 33.85 16.33 8.70
CA HIS E 285 35.25 16.62 9.00
C HIS E 285 35.44 17.11 10.44
N VAL E 286 34.53 17.97 10.90
CA VAL E 286 34.62 18.54 12.26
C VAL E 286 34.38 17.46 13.33
N GLN E 287 33.77 16.35 12.92
CA GLN E 287 33.51 15.25 13.85
C GLN E 287 34.58 14.16 13.80
N GLU E 288 35.37 14.15 12.74
CA GLU E 288 36.48 13.19 12.63
C GLU E 288 37.85 13.89 12.79
N PHE E 289 37.83 15.06 13.43
CA PHE E 289 39.06 15.80 13.73
C PHE E 289 38.93 16.89 14.81
N GLY E 290 37.72 17.37 15.05
CA GLY E 290 37.46 18.28 16.18
C GLY E 290 37.36 19.78 15.90
N GLY E 291 37.37 20.15 14.63
CA GLY E 291 37.24 21.56 14.22
C GLY E 291 37.32 21.76 12.73
N VAL E 292 36.97 22.97 12.27
CA VAL E 292 37.06 23.31 10.85
C VAL E 292 38.52 23.43 10.40
N ARG E 293 39.43 23.43 11.36
CA ARG E 293 40.86 23.51 11.09
C ARG E 293 41.44 22.28 10.38
N GLY E 294 40.69 21.76 9.41
CA GLY E 294 41.26 20.88 8.41
C GLY E 294 41.86 21.82 7.41
N TYR E 295 41.11 22.19 6.36
CA TYR E 295 39.95 21.47 5.90
C TYR E 295 40.13 21.38 4.39
N PRO E 296 40.49 20.19 3.88
CA PRO E 296 40.75 19.89 2.48
C PRO E 296 40.04 20.80 1.46
N LYS E 297 38.73 20.98 1.60
CA LYS E 297 37.92 21.59 0.53
C LYS E 297 37.68 23.09 0.69
N ALA E 298 38.56 23.76 1.45
CA ALA E 298 38.51 25.22 1.63
C ALA E 298 39.82 25.77 2.19
N GLU E 299 40.21 26.95 1.73
CA GLU E 299 41.44 27.59 2.18
C GLU E 299 41.25 28.31 3.51
N PRO E 300 42.26 28.24 4.41
CA PRO E 300 42.22 28.91 5.71
C PRO E 300 42.13 30.43 5.58
N LEU E 301 41.78 31.09 6.69
CA LEU E 301 41.61 32.54 6.72
C LEU E 301 41.92 33.02 8.12
N PRO E 302 42.60 34.18 8.24
CA PRO E 302 42.87 34.69 9.58
C PRO E 302 41.62 35.31 10.19
N ALA E 303 41.46 35.12 11.50
CA ALA E 303 40.36 35.73 12.26
C ALA E 303 40.29 37.23 12.03
N ALA E 304 39.08 37.78 12.12
CA ALA E 304 38.85 39.22 11.91
C ALA E 304 38.89 39.63 10.43
N ASP E 305 39.49 38.78 9.59
CA ASP E 305 39.22 38.87 8.16
C ASP E 305 37.82 38.29 7.88
N PHE E 306 37.31 37.55 8.86
CA PHE E 306 35.98 36.96 8.84
C PHE E 306 34.92 38.05 8.71
N TRP E 307 34.94 38.99 9.64
CA TRP E 307 33.87 40.00 9.78
C TRP E 307 33.70 40.93 8.59
N GLY E 308 34.78 41.12 7.83
CA GLY E 308 34.77 42.02 6.68
C GLY E 308 34.42 41.41 5.33
N LEU E 309 34.27 40.08 5.30
CA LEU E 309 33.88 39.36 4.09
C LEU E 309 32.62 39.94 3.45
N PRO E 310 32.61 40.09 2.12
CA PRO E 310 31.40 40.52 1.43
C PRO E 310 30.40 39.38 1.37
N VAL E 311 29.42 39.41 2.26
CA VAL E 311 28.44 38.33 2.37
C VAL E 311 27.05 38.95 2.35
N GLU E 312 26.03 38.17 2.01
CA GLU E 312 24.67 38.64 2.20
C GLU E 312 24.22 38.34 3.62
N PHE E 313 24.53 37.15 4.15
CA PHE E 313 24.10 36.78 5.50
C PHE E 313 25.27 36.57 6.45
N LEU E 314 25.17 37.16 7.64
CA LEU E 314 26.14 36.88 8.71
C LEU E 314 25.40 36.28 9.92
N VAL E 315 25.86 35.13 10.39
CA VAL E 315 25.20 34.44 11.50
C VAL E 315 26.17 34.21 12.66
N PRO E 316 26.11 35.07 13.68
CA PRO E 316 26.87 34.90 14.94
C PRO E 316 26.23 33.85 15.88
N ALA E 317 26.73 32.62 15.86
CA ALA E 317 26.18 31.51 16.62
C ALA E 317 27.16 30.94 17.67
N ALA E 318 27.95 31.81 18.28
CA ALA E 318 28.96 31.41 19.25
C ALA E 318 28.89 32.30 20.50
N LEU E 319 30.02 32.89 20.88
CA LEU E 319 30.12 33.69 22.10
C LEU E 319 29.44 35.06 21.99
N GLU E 320 29.30 35.74 23.12
CA GLU E 320 28.66 37.05 23.19
C GLU E 320 29.62 38.16 22.76
N LYS E 321 29.05 39.32 22.43
CA LYS E 321 29.84 40.53 22.19
C LYS E 321 30.98 40.29 21.20
N GLN E 322 30.61 39.82 20.02
CA GLN E 322 31.58 39.57 18.96
C GLN E 322 31.55 40.72 17.97
N ILE E 323 30.35 41.23 17.71
CA ILE E 323 30.14 42.40 16.89
C ILE E 323 30.12 43.64 17.81
N THR E 324 31.15 44.47 17.64
CA THR E 324 31.57 45.48 18.63
C THR E 324 31.80 46.86 17.97
N GLU E 325 32.15 47.86 18.79
CA GLU E 325 32.57 49.17 18.30
C GLU E 325 33.80 49.05 17.39
N GLN E 326 34.74 48.18 17.77
CA GLN E 326 35.95 47.95 16.99
C GLN E 326 35.71 47.47 15.55
N ASN E 327 34.85 46.47 15.39
CA ASN E 327 34.72 45.79 14.09
C ASN E 327 33.47 46.05 13.26
N ALA E 328 32.44 46.65 13.85
CA ALA E 328 31.13 46.83 13.17
C ALA E 328 31.24 47.59 11.84
N TRP E 329 32.30 48.38 11.71
CA TRP E 329 32.59 49.12 10.50
C TRP E 329 32.91 48.21 9.30
N ARG E 330 33.50 47.05 9.58
CA ARG E 330 33.93 46.15 8.52
C ARG E 330 32.78 45.33 7.90
N ILE E 331 31.67 45.21 8.62
CA ILE E 331 30.58 44.30 8.25
C ILE E 331 29.84 44.72 6.96
N ARG E 332 29.88 43.85 5.97
CA ARG E 332 29.33 44.12 4.64
C ARG E 332 27.98 43.42 4.41
N ALA E 333 27.54 42.64 5.40
CA ALA E 333 26.32 41.85 5.32
C ALA E 333 25.07 42.71 5.21
N ARG E 334 24.08 42.23 4.48
CA ARG E 334 22.78 42.90 4.43
C ARG E 334 21.96 42.48 5.64
N ILE E 335 22.20 41.26 6.13
CA ILE E 335 21.45 40.73 7.25
C ILE E 335 22.35 40.02 8.25
N VAL E 336 22.25 40.46 9.50
CA VAL E 336 22.87 39.77 10.63
C VAL E 336 21.77 39.05 11.42
N ALA E 337 21.89 37.73 11.50
CA ALA E 337 20.90 36.90 12.20
C ALA E 337 21.56 36.25 13.41
N GLU E 338 21.11 36.66 14.59
CA GLU E 338 21.77 36.30 15.85
C GLU E 338 21.31 34.92 16.35
N GLY E 339 22.17 33.93 16.21
CA GLY E 339 21.93 32.62 16.81
C GLY E 339 22.25 32.62 18.30
N ALA E 340 23.42 33.15 18.65
CA ALA E 340 23.88 33.25 20.03
C ALA E 340 23.11 34.32 20.79
N ASN E 341 23.17 34.29 22.13
CA ASN E 341 22.65 35.42 22.93
C ASN E 341 23.63 36.57 23.07
N GLY E 342 23.12 37.79 22.90
CA GLY E 342 23.93 39.03 22.99
C GLY E 342 25.24 39.09 22.20
N PRO E 343 25.20 38.78 20.90
CA PRO E 343 26.45 38.80 20.13
C PRO E 343 26.86 40.19 19.62
N THR E 344 25.93 41.15 19.60
CA THR E 344 26.27 42.50 19.18
C THR E 344 25.98 43.53 20.27
N THR E 345 27.00 44.30 20.63
CA THR E 345 26.91 45.41 21.59
C THR E 345 25.97 46.53 21.10
N PRO E 346 25.40 47.31 22.04
CA PRO E 346 24.51 48.41 21.67
C PRO E 346 25.21 49.51 20.85
N ALA E 347 26.52 49.60 20.97
CA ALA E 347 27.30 50.51 20.15
C ALA E 347 27.40 50.01 18.71
N ALA E 348 27.58 48.70 18.55
CA ALA E 348 27.57 48.06 17.23
C ALA E 348 26.20 48.11 16.58
N ASP E 349 25.15 48.05 17.38
CA ASP E 349 23.78 48.20 16.90
C ASP E 349 23.61 49.51 16.13
N ASP E 350 24.01 50.61 16.77
CA ASP E 350 23.91 51.95 16.20
C ASP E 350 24.75 52.07 14.93
N ILE E 351 26.00 51.64 14.99
CA ILE E 351 26.88 51.62 13.81
C ILE E 351 26.25 50.86 12.64
N LEU E 352 25.80 49.63 12.90
CA LEU E 352 25.17 48.82 11.85
C LEU E 352 23.82 49.39 11.39
N LEU E 353 23.08 50.00 12.30
CA LEU E 353 21.83 50.68 11.93
C LEU E 353 22.02 51.82 10.93
N GLU E 354 23.16 52.52 11.03
CA GLU E 354 23.40 53.69 10.19
C GLU E 354 23.95 53.31 8.82
N LYS E 355 24.52 52.11 8.70
CA LYS E 355 25.01 51.60 7.42
C LYS E 355 23.92 50.87 6.66
N GLY E 356 22.75 50.69 7.28
CA GLY E 356 21.66 49.93 6.68
C GLY E 356 21.77 48.41 6.73
N VAL E 357 22.63 47.88 7.60
CA VAL E 357 22.65 46.44 7.85
C VAL E 357 21.48 46.10 8.79
N LEU E 358 20.79 45.01 8.47
CA LEU E 358 19.55 44.65 9.12
C LEU E 358 19.76 43.53 10.15
N VAL E 359 19.65 43.85 11.43
CA VAL E 359 19.92 42.87 12.49
C VAL E 359 18.65 42.24 13.08
N VAL E 360 18.45 40.96 12.75
CA VAL E 360 17.40 40.17 13.37
C VAL E 360 17.89 39.78 14.76
N PRO E 361 17.19 40.27 15.80
CA PRO E 361 17.68 40.18 17.18
C PRO E 361 17.47 38.79 17.79
N ASP E 362 18.46 38.34 18.56
CA ASP E 362 18.38 37.09 19.34
C ASP E 362 17.00 36.76 19.92
N VAL E 363 16.33 37.74 20.54
CA VAL E 363 15.03 37.48 21.14
C VAL E 363 14.16 36.58 20.25
N ILE E 364 14.14 36.84 18.95
CA ILE E 364 13.33 36.01 18.05
C ILE E 364 14.15 35.08 17.16
N ALA E 365 15.29 35.58 16.69
CA ALA E 365 16.18 34.81 15.84
C ALA E 365 16.59 33.44 16.41
N ASN E 366 16.72 33.36 17.73
CA ASN E 366 17.24 32.13 18.35
C ASN E 366 16.20 31.40 19.20
N ALA E 367 14.91 31.70 18.97
CA ALA E 367 13.78 31.16 19.72
C ALA E 367 13.30 29.78 19.27
N GLY E 368 13.96 29.24 18.26
CA GLY E 368 13.73 27.85 17.85
C GLY E 368 13.68 26.87 19.01
N GLY E 369 14.71 26.84 19.87
CA GLY E 369 14.71 25.79 20.90
C GLY E 369 13.61 25.99 21.93
N VAL E 370 13.38 27.23 22.31
CA VAL E 370 12.35 27.57 23.23
C VAL E 370 10.97 27.29 22.61
N THR E 371 10.87 27.37 21.29
CA THR E 371 9.59 27.05 20.64
C THR E 371 9.37 25.52 20.59
N VAL E 372 10.47 24.75 20.66
CA VAL E 372 10.31 23.30 20.58
C VAL E 372 10.01 22.73 21.98
N SER E 373 10.47 23.45 23.03
CA SER E 373 10.01 23.21 24.40
C SER E 373 8.50 23.52 24.56
N TYR E 374 8.04 24.59 23.95
CA TYR E 374 6.58 24.90 24.00
C TYR E 374 5.93 23.65 23.44
N PHE E 375 6.15 23.34 22.17
CA PHE E 375 5.70 22.06 21.58
C PHE E 375 5.73 20.79 22.44
N GLU E 376 6.85 20.57 23.15
CA GLU E 376 7.01 19.43 23.98
C GLU E 376 5.97 19.43 25.07
N TRP E 377 5.69 20.62 25.61
CA TRP E 377 4.69 20.82 26.66
C TRP E 377 3.27 20.64 26.06
N VAL E 378 3.06 21.04 24.81
CA VAL E 378 1.72 20.81 24.13
C VAL E 378 1.43 19.31 23.95
N GLN E 379 2.30 18.60 23.23
CA GLN E 379 2.14 17.14 22.99
C GLN E 379 1.87 16.32 24.31
N ASP E 380 2.68 16.60 25.36
CA ASP E 380 2.59 16.10 26.76
C ASP E 380 1.23 16.20 27.46
N PHE E 381 0.47 17.21 27.13
CA PHE E 381 -0.89 17.28 27.70
C PHE E 381 -1.72 16.02 27.47
N ASN E 382 -1.68 15.51 26.25
CA ASN E 382 -2.37 14.26 25.90
C ASN E 382 -1.41 13.16 25.42
N SER E 383 -0.11 13.28 25.70
CA SER E 383 0.82 12.24 25.27
C SER E 383 0.65 11.76 23.78
N TYR E 384 0.49 12.69 22.86
CA TYR E 384 0.41 12.35 21.46
C TYR E 384 1.52 13.11 20.74
N PHE E 385 2.58 12.40 20.32
CA PHE E 385 3.80 13.01 19.84
C PHE E 385 3.87 13.20 18.36
N TRP E 386 4.17 14.43 17.99
CA TRP E 386 4.34 14.86 16.60
C TRP E 386 5.57 14.29 15.87
N THR E 387 5.45 14.19 14.54
CA THR E 387 6.56 13.72 13.71
C THR E 387 7.57 14.84 13.53
N GLU E 388 8.75 14.50 13.02
CA GLU E 388 9.76 15.55 12.82
C GLU E 388 9.33 16.56 11.73
N GLU E 389 8.61 16.08 10.70
CA GLU E 389 8.05 16.98 9.68
C GLU E 389 7.11 18.01 10.29
N GLU E 390 6.30 17.55 11.23
CA GLU E 390 5.27 18.38 11.84
C GLU E 390 5.87 19.46 12.74
N ILE E 391 6.89 19.07 13.51
CA ILE E 391 7.65 19.96 14.38
C ILE E 391 8.22 21.09 13.51
N ASN E 392 8.92 20.74 12.44
CA ASN E 392 9.53 21.77 11.62
C ASN E 392 8.53 22.72 10.95
N ALA E 393 7.48 22.20 10.33
CA ALA E 393 6.44 23.08 9.80
C ALA E 393 5.86 23.99 10.87
N ARG E 394 5.65 23.44 12.06
CA ARG E 394 5.14 24.25 13.14
C ARG E 394 6.11 25.29 13.70
N LEU E 395 7.39 24.94 13.81
CA LEU E 395 8.44 25.89 14.14
C LEU E 395 8.48 27.06 13.15
N GLU E 396 8.40 26.74 11.86
CA GLU E 396 8.37 27.81 10.86
C GLU E 396 7.18 28.76 11.08
N ARG E 397 6.00 28.21 11.41
CA ARG E 397 4.79 29.02 11.59
C ARG E 397 4.93 30.01 12.78
N VAL E 398 5.39 29.52 13.92
CA VAL E 398 5.62 30.37 15.09
C VAL E 398 6.61 31.50 14.78
N LEU E 399 7.76 31.13 14.21
CA LEU E 399 8.78 32.11 13.99
C LEU E 399 8.48 33.09 12.84
N ARG E 400 7.90 32.61 11.73
CA ARG E 400 7.43 33.56 10.71
C ARG E 400 6.49 34.58 11.32
N ASN E 401 5.60 34.11 12.19
CA ASN E 401 4.59 34.97 12.82
C ASN E 401 5.20 35.98 13.77
N ALA E 402 6.19 35.53 14.54
CA ALA E 402 6.90 36.40 15.46
C ALA E 402 7.65 37.45 14.66
N PHE E 403 8.25 37.06 13.53
CA PHE E 403 8.92 38.05 12.67
C PHE E 403 7.96 39.10 12.08
N GLU E 404 6.89 38.65 11.45
CA GLU E 404 5.90 39.58 10.92
C GLU E 404 5.57 40.68 11.95
N ALA E 405 5.15 40.30 13.15
CA ALA E 405 4.70 41.23 14.18
C ALA E 405 5.79 42.20 14.62
N VAL E 406 6.99 41.68 14.90
CA VAL E 406 8.13 42.56 15.19
C VAL E 406 8.38 43.53 14.02
N TRP E 407 8.28 43.03 12.79
CA TRP E 407 8.49 43.88 11.60
C TRP E 407 7.50 45.04 11.49
N GLN E 408 6.20 44.74 11.64
CA GLN E 408 5.16 45.75 11.54
C GLN E 408 5.38 46.86 12.57
N VAL E 409 5.70 46.50 13.81
CA VAL E 409 6.02 47.51 14.83
C VAL E 409 7.26 48.34 14.46
N ALA E 410 8.29 47.68 13.97
CA ALA E 410 9.50 48.38 13.55
C ALA E 410 9.24 49.45 12.49
N GLN E 411 8.27 49.20 11.61
CA GLN E 411 7.93 50.12 10.53
C GLN E 411 6.98 51.23 11.00
N GLU E 412 5.99 50.86 11.80
CA GLU E 412 5.02 51.82 12.31
C GLU E 412 5.68 52.90 13.20
N LYS E 413 6.61 52.49 14.05
CA LYS E 413 7.25 53.38 15.02
C LYS E 413 8.67 53.78 14.63
N LYS E 414 9.08 53.38 13.43
CA LYS E 414 10.42 53.66 12.90
C LYS E 414 11.51 53.43 13.93
N ILE E 415 11.66 52.17 14.32
CA ILE E 415 12.69 51.75 15.26
C ILE E 415 13.33 50.46 14.74
N PRO E 416 14.58 50.15 15.18
CA PRO E 416 15.23 48.92 14.79
C PRO E 416 14.45 47.66 15.22
N LEU E 417 14.78 46.53 14.60
CA LEU E 417 14.18 45.26 14.92
C LEU E 417 14.30 44.86 16.40
N ARG E 418 15.50 44.99 16.96
CA ARG E 418 15.74 44.69 18.35
C ARG E 418 14.75 45.41 19.27
N THR E 419 14.66 46.73 19.12
CA THR E 419 13.78 47.55 19.94
C THR E 419 12.32 47.25 19.67
N ALA E 420 11.97 46.92 18.43
CA ALA E 420 10.58 46.59 18.14
C ALA E 420 10.15 45.24 18.76
N ALA E 421 11.12 44.34 18.96
CA ALA E 421 10.81 43.06 19.60
C ALA E 421 10.43 43.25 21.06
N TYR E 422 11.28 43.98 21.80
CA TYR E 422 10.98 44.41 23.16
C TYR E 422 9.62 45.14 23.26
N VAL E 423 9.34 45.99 22.29
CA VAL E 423 8.09 46.74 22.27
C VAL E 423 6.90 45.81 22.07
N VAL E 424 7.03 44.88 21.12
CA VAL E 424 5.99 43.86 20.88
C VAL E 424 5.72 43.02 22.16
N ALA E 425 6.81 42.53 22.75
CA ALA E 425 6.79 41.76 23.98
C ALA E 425 6.11 42.52 25.10
N ALA E 426 6.57 43.75 25.40
CA ALA E 426 5.93 44.56 26.45
C ALA E 426 4.46 44.88 26.13
N THR E 427 4.16 45.17 24.87
CA THR E 427 2.76 45.44 24.48
C THR E 427 1.85 44.27 24.84
N ARG E 428 2.26 43.06 24.43
CA ARG E 428 1.51 41.84 24.68
C ARG E 428 1.32 41.49 26.16
N VAL E 429 2.38 41.61 26.98
CA VAL E 429 2.30 41.34 28.40
C VAL E 429 1.29 42.31 29.03
N LEU E 430 1.48 43.60 28.76
CA LEU E 430 0.67 44.64 29.39
C LEU E 430 -0.79 44.63 28.91
N GLU E 431 -1.02 44.20 27.66
CA GLU E 431 -2.38 44.12 27.13
C GLU E 431 -3.16 42.98 27.81
N ALA E 432 -2.44 41.94 28.22
CA ALA E 432 -3.07 40.80 28.91
C ALA E 432 -3.43 41.25 30.30
N ARG E 433 -2.49 41.93 30.93
CA ARG E 433 -2.70 42.51 32.25
C ARG E 433 -3.85 43.52 32.26
N ALA E 434 -3.91 44.39 31.26
CA ALA E 434 -4.99 45.40 31.15
C ALA E 434 -6.39 44.78 30.99
N LEU E 435 -6.46 43.71 30.20
CA LEU E 435 -7.73 43.01 29.91
C LEU E 435 -8.18 42.19 31.13
N ARG E 436 -7.22 41.57 31.81
CA ARG E 436 -7.51 40.78 33.02
C ARG E 436 -7.91 41.70 34.17
N GLY E 437 -7.30 42.89 34.22
CA GLY E 437 -7.57 43.87 35.28
C GLY E 437 -6.85 43.50 36.57
N LEU E 438 -6.97 44.38 37.56
CA LEU E 438 -6.27 44.23 38.83
C LEU E 438 -7.16 43.53 39.85
N TYR E 439 -6.75 42.31 40.23
CA TYR E 439 -7.53 41.47 41.15
C TYR E 439 -6.69 40.30 41.63
N PRO E 440 -6.70 40.01 42.95
CA PRO E 440 -7.42 40.73 44.01
C PRO E 440 -6.94 42.18 44.25
N GLU F 20 30.63 31.05 55.26
CA GLU F 20 30.08 31.69 54.02
C GLU F 20 28.57 31.92 54.16
N PRO F 21 28.15 33.18 54.35
CA PRO F 21 26.72 33.47 54.59
C PRO F 21 25.89 33.43 53.31
N LEU F 22 24.58 33.51 53.46
CA LEU F 22 23.68 33.54 52.33
C LEU F 22 24.10 34.69 51.41
N SER F 23 24.34 34.37 50.14
CA SER F 23 24.79 35.35 49.16
C SER F 23 23.80 36.49 48.90
N TYR F 24 22.50 36.20 48.93
CA TYR F 24 21.51 37.22 48.63
C TYR F 24 21.42 38.35 49.68
N LEU F 25 22.35 38.35 50.64
CA LEU F 25 22.36 39.37 51.69
C LEU F 25 23.53 40.36 51.66
N GLY F 26 24.71 39.91 51.22
CA GLY F 26 25.87 40.79 51.17
C GLY F 26 26.87 40.62 52.32
N LYS F 27 27.72 41.63 52.54
CA LYS F 27 28.83 41.53 53.51
C LYS F 27 28.36 41.63 54.97
N ASP F 28 27.90 42.82 55.37
CA ASP F 28 27.20 42.96 56.65
C ASP F 28 25.78 42.44 56.43
N GLY F 29 25.38 41.46 57.25
CA GLY F 29 24.05 40.84 57.13
C GLY F 29 23.06 41.35 58.17
N GLY F 30 23.49 42.35 58.95
CA GLY F 30 22.62 43.06 59.90
C GLY F 30 21.99 42.24 61.01
N PRO F 31 20.65 42.31 61.12
CA PRO F 31 19.91 41.58 62.16
C PRO F 31 19.94 40.07 61.95
N TRP F 32 19.98 39.61 60.70
CA TRP F 32 20.09 38.18 60.44
C TRP F 32 21.40 37.64 61.01
N GLU F 33 22.49 38.36 60.77
CA GLU F 33 23.82 38.00 61.27
C GLU F 33 23.87 37.91 62.81
N ILE F 34 23.05 38.71 63.47
CA ILE F 34 22.95 38.68 64.92
C ILE F 34 22.27 37.40 65.38
N PHE F 35 21.22 36.99 64.67
CA PHE F 35 20.56 35.70 64.92
C PHE F 35 21.54 34.54 64.74
N THR F 36 22.32 34.59 63.66
CA THR F 36 23.35 33.62 63.32
C THR F 36 24.37 33.42 64.44
N GLU F 37 24.76 34.53 65.07
CA GLU F 37 25.73 34.52 66.14
C GLU F 37 25.15 33.97 67.44
N GLN F 38 23.84 34.18 67.64
CA GLN F 38 23.15 33.54 68.77
C GLN F 38 23.11 32.03 68.59
N VAL F 39 22.99 31.58 67.34
CA VAL F 39 23.06 30.16 67.04
C VAL F 39 24.46 29.60 67.33
N ASP F 40 25.50 30.29 66.85
CA ASP F 40 26.88 29.88 67.14
C ASP F 40 27.20 29.76 68.63
N ARG F 41 26.60 30.61 69.46
CA ARG F 41 26.88 30.63 70.89
C ARG F 41 26.27 29.47 71.65
N VAL F 42 25.24 28.87 71.05
CA VAL F 42 24.50 27.76 71.63
C VAL F 42 25.09 26.38 71.23
N VAL F 43 25.92 26.38 70.19
CA VAL F 43 26.46 25.15 69.59
C VAL F 43 27.31 24.34 70.57
N PRO F 44 28.05 25.02 71.47
CA PRO F 44 28.88 24.26 72.44
C PRO F 44 28.11 23.50 73.52
N TYR F 45 26.79 23.65 73.58
CA TYR F 45 25.98 22.95 74.57
C TYR F 45 25.05 21.90 73.96
N LEU F 46 25.14 21.73 72.66
CA LEU F 46 24.18 20.93 71.93
C LEU F 46 24.53 19.43 71.92
N GLY F 47 25.73 19.09 72.38
CA GLY F 47 26.18 17.70 72.43
C GLY F 47 26.14 17.03 71.07
N ARG F 48 25.46 15.89 70.98
CA ARG F 48 25.38 15.13 69.73
C ARG F 48 24.58 15.87 68.63
N LEU F 49 23.79 16.87 69.03
CA LEU F 49 22.99 17.62 68.05
C LEU F 49 23.79 18.68 67.28
N ALA F 50 25.03 18.95 67.74
CA ALA F 50 25.89 20.01 67.19
C ALA F 50 25.99 20.10 65.65
N PRO F 51 26.25 18.97 64.97
CA PRO F 51 26.41 19.05 63.51
C PRO F 51 25.15 19.48 62.76
N LEU F 52 23.99 19.40 63.41
CA LEU F 52 22.74 19.80 62.80
C LEU F 52 22.44 21.28 62.96
N ALA F 53 23.23 21.96 63.79
CA ALA F 53 23.00 23.38 64.07
C ALA F 53 23.12 24.26 62.83
N GLU F 54 23.93 23.84 61.86
CA GLU F 54 24.02 24.54 60.57
C GLU F 54 22.67 24.77 59.91
N SER F 55 21.73 23.85 60.08
CA SER F 55 20.38 24.00 59.50
C SER F 55 19.59 25.20 60.08
N LEU F 56 19.98 25.63 61.29
CA LEU F 56 19.34 26.80 61.92
C LEU F 56 19.78 28.10 61.26
N LYS F 57 20.88 28.02 60.51
CA LYS F 57 21.53 29.20 59.94
C LYS F 57 21.09 29.46 58.50
N ARG F 58 19.92 28.95 58.14
CA ARG F 58 19.29 29.31 56.88
C ARG F 58 17.80 29.00 56.84
N PRO F 59 17.01 29.97 56.37
CA PRO F 59 15.57 29.76 56.32
C PRO F 59 15.20 28.62 55.39
N LYS F 60 14.21 27.84 55.82
CA LYS F 60 13.57 26.88 54.95
C LYS F 60 13.12 27.56 53.68
N ARG F 61 12.45 28.69 53.84
CA ARG F 61 11.65 29.26 52.76
C ARG F 61 11.53 30.78 52.87
N VAL F 62 11.77 31.48 51.76
CA VAL F 62 11.58 32.94 51.69
C VAL F 62 10.71 33.26 50.50
N LEU F 63 9.55 33.84 50.73
CA LEU F 63 8.71 34.29 49.63
C LEU F 63 8.65 35.80 49.65
N ILE F 64 9.09 36.40 48.54
CA ILE F 64 8.95 37.83 48.31
C ILE F 64 7.92 37.98 47.22
N VAL F 65 6.98 38.89 47.45
CA VAL F 65 5.83 39.04 46.57
C VAL F 65 5.64 40.52 46.25
N ASP F 66 5.20 40.79 45.02
CA ASP F 66 4.75 42.13 44.63
C ASP F 66 3.35 42.28 45.19
N VAL F 67 3.03 43.44 45.78
CA VAL F 67 1.66 43.65 46.23
C VAL F 67 1.00 44.92 45.64
N PRO F 68 0.43 44.77 44.43
CA PRO F 68 -0.22 45.90 43.75
C PRO F 68 -1.47 46.28 44.52
N VAL F 69 -1.69 47.58 44.67
CA VAL F 69 -2.84 48.14 45.35
C VAL F 69 -3.29 49.37 44.56
N ARG F 70 -4.57 49.40 44.21
CA ARG F 70 -5.15 50.59 43.61
C ARG F 70 -5.38 51.58 44.77
N LEU F 71 -4.76 52.75 44.70
CA LEU F 71 -4.98 53.80 45.70
C LEU F 71 -6.30 54.50 45.45
N ASP F 72 -6.73 55.34 46.40
CA ASP F 72 -8.03 56.02 46.27
C ASP F 72 -8.08 56.97 45.07
N ASP F 73 -6.93 57.57 44.75
CA ASP F 73 -6.77 58.40 43.54
C ASP F 73 -6.80 57.66 42.20
N GLY F 74 -6.83 56.32 42.23
CA GLY F 74 -7.00 55.52 41.01
C GLY F 74 -5.74 54.98 40.37
N SER F 75 -4.58 55.43 40.83
CA SER F 75 -3.32 54.89 40.36
C SER F 75 -2.98 53.60 41.12
N VAL F 76 -1.96 52.89 40.65
CA VAL F 76 -1.54 51.65 41.30
C VAL F 76 -0.18 51.83 41.99
N ALA F 77 -0.13 51.49 43.28
CA ALA F 77 1.14 51.41 43.99
C ALA F 77 1.52 49.95 44.17
N TYR F 78 2.81 49.71 44.37
CA TYR F 78 3.39 48.37 44.40
C TYR F 78 4.31 48.29 45.61
N PHE F 79 3.98 47.45 46.59
CA PHE F 79 4.85 47.35 47.77
C PHE F 79 5.49 45.96 47.82
N GLU F 80 6.69 45.90 48.38
CA GLU F 80 7.36 44.64 48.65
C GLU F 80 6.70 43.98 49.85
N GLY F 81 6.38 42.70 49.72
CA GLY F 81 5.88 41.92 50.84
C GLY F 81 6.74 40.69 51.03
N TYR F 82 6.83 40.21 52.27
CA TYR F 82 7.68 39.08 52.61
C TYR F 82 6.93 38.12 53.51
N ARG F 83 7.13 36.83 53.27
CA ARG F 83 6.82 35.80 54.26
C ARG F 83 7.96 34.79 54.30
N VAL F 84 8.57 34.68 55.48
CA VAL F 84 9.66 33.72 55.73
C VAL F 84 9.23 32.56 56.64
N HIS F 85 9.59 31.34 56.29
CA HIS F 85 9.51 30.20 57.20
C HIS F 85 10.94 29.86 57.53
N HIS F 86 11.43 30.31 58.67
CA HIS F 86 12.79 29.94 59.06
C HIS F 86 12.98 28.44 59.23
N ASN F 87 12.20 27.84 60.10
CA ASN F 87 12.30 26.41 60.39
C ASN F 87 10.91 25.82 60.66
N THR F 88 10.72 24.55 60.30
CA THR F 88 9.39 23.97 60.35
C THR F 88 9.42 22.49 60.86
N ALA F 89 10.53 22.12 61.52
CA ALA F 89 10.72 20.77 62.04
C ALA F 89 9.69 20.39 63.13
N ARG F 90 9.23 21.38 63.88
CA ARG F 90 8.42 21.12 65.06
C ARG F 90 6.94 21.34 64.79
N GLY F 91 6.62 21.91 63.64
CA GLY F 91 5.23 22.15 63.29
C GLY F 91 5.14 23.29 62.31
N PRO F 92 3.90 23.72 61.99
CA PRO F 92 3.70 24.78 61.01
C PRO F 92 4.32 26.13 61.43
N ALA F 93 4.51 26.99 60.43
CA ALA F 93 5.08 28.31 60.67
C ALA F 93 4.12 29.21 61.45
N LYS F 94 4.67 29.90 62.45
CA LYS F 94 3.88 30.79 63.27
C LYS F 94 4.67 32.05 63.53
N GLY F 95 4.06 33.16 63.19
CA GLY F 95 4.61 34.49 63.48
C GLY F 95 3.81 35.61 62.88
N GLY F 96 4.04 36.83 63.35
CA GLY F 96 3.23 37.96 62.89
C GLY F 96 3.67 38.62 61.60
N VAL F 97 2.87 39.57 61.16
CA VAL F 97 3.10 40.33 59.94
C VAL F 97 3.11 41.80 60.34
N ARG F 98 4.21 42.49 60.04
CA ARG F 98 4.29 43.92 60.31
C ARG F 98 4.13 44.81 59.07
N TYR F 99 3.59 46.01 59.28
CA TYR F 99 3.53 47.05 58.27
C TYR F 99 4.41 48.21 58.73
N HIS F 100 5.55 48.39 58.08
CA HIS F 100 6.51 49.40 58.48
C HIS F 100 7.39 49.80 57.29
N PRO F 101 7.64 51.12 57.13
CA PRO F 101 8.42 51.59 56.00
C PRO F 101 9.86 51.04 56.00
N GLU F 102 10.32 50.54 57.16
CA GLU F 102 11.70 50.02 57.26
C GLU F 102 11.86 48.49 57.25
N VAL F 103 10.76 47.79 56.95
CA VAL F 103 10.77 46.34 56.79
C VAL F 103 11.76 45.98 55.70
N THR F 104 12.72 45.10 56.00
CA THR F 104 13.64 44.56 54.99
C THR F 104 13.63 43.04 55.01
N LEU F 105 13.93 42.42 53.87
CA LEU F 105 14.15 40.99 53.82
C LEU F 105 14.94 40.43 55.02
N SER F 106 16.14 40.96 55.25
CA SER F 106 17.04 40.47 56.32
C SER F 106 16.38 40.47 57.70
N GLU F 107 15.63 41.55 57.97
CA GLU F 107 14.89 41.75 59.20
C GLU F 107 13.80 40.70 59.38
N VAL F 108 12.96 40.53 58.35
CA VAL F 108 11.92 39.50 58.37
C VAL F 108 12.54 38.10 58.56
N MET F 109 13.73 37.87 58.01
CA MET F 109 14.40 36.58 58.19
C MET F 109 14.81 36.37 59.64
N ALA F 110 15.43 37.39 60.23
CA ALA F 110 15.89 37.37 61.62
C ALA F 110 14.72 37.12 62.57
N LEU F 111 13.65 37.91 62.41
CA LEU F 111 12.44 37.74 63.19
C LEU F 111 11.86 36.32 63.11
N ALA F 112 11.75 35.77 61.91
CA ALA F 112 11.30 34.38 61.75
C ALA F 112 12.18 33.43 62.57
N GLY F 113 13.51 33.59 62.46
CA GLY F 113 14.45 32.82 63.28
C GLY F 113 14.22 32.90 64.77
N TRP F 114 14.00 34.11 65.29
CA TRP F 114 13.65 34.33 66.70
C TRP F 114 12.34 33.61 67.06
N MET F 115 11.38 33.61 66.14
CA MET F 115 10.12 32.89 66.38
C MET F 115 10.29 31.37 66.46
N THR F 116 11.15 30.80 65.62
CA THR F 116 11.52 29.41 65.76
C THR F 116 12.01 29.12 67.17
N ILE F 117 12.92 29.96 67.67
CA ILE F 117 13.47 29.82 69.01
C ILE F 117 12.39 30.04 70.09
N LYS F 118 11.69 31.16 70.01
CA LYS F 118 10.68 31.49 71.02
C LYS F 118 9.67 30.35 71.13
N ASN F 119 9.12 29.93 69.99
CA ASN F 119 8.19 28.81 69.94
C ASN F 119 8.77 27.51 70.51
N ALA F 120 10.03 27.20 70.19
CA ALA F 120 10.65 26.03 70.78
C ALA F 120 10.77 26.12 72.31
N ALA F 121 11.23 27.27 72.83
CA ALA F 121 11.47 27.43 74.28
C ALA F 121 10.16 27.38 75.08
N VAL F 122 9.11 27.95 74.49
CA VAL F 122 7.80 27.93 75.13
C VAL F 122 7.19 26.56 75.00
N GLY F 123 7.63 25.79 74.00
CA GLY F 123 7.12 24.45 73.80
C GLY F 123 5.78 24.45 73.07
N LEU F 124 5.52 25.46 72.25
CA LEU F 124 4.36 25.42 71.36
C LEU F 124 4.68 24.51 70.15
N PRO F 125 3.66 23.86 69.55
CA PRO F 125 4.00 22.95 68.47
C PRO F 125 4.15 23.70 67.12
N TYR F 126 5.16 24.55 67.05
CA TYR F 126 5.24 25.50 65.94
C TYR F 126 6.67 25.66 65.49
N GLY F 127 6.81 25.92 64.19
CA GLY F 127 8.05 26.38 63.60
C GLY F 127 8.05 27.89 63.67
N GLY F 128 9.02 28.52 63.01
CA GLY F 128 9.10 29.97 63.02
C GLY F 128 8.83 30.60 61.68
N GLY F 129 7.91 31.57 61.69
CA GLY F 129 7.60 32.38 60.53
C GLY F 129 7.54 33.86 60.88
N LYS F 130 7.67 34.71 59.86
CA LYS F 130 7.39 36.14 59.96
C LYS F 130 7.02 36.71 58.60
N GLY F 131 6.42 37.90 58.63
CA GLY F 131 5.90 38.54 57.44
C GLY F 131 6.06 40.03 57.61
N GLY F 132 6.27 40.70 56.49
CA GLY F 132 6.40 42.13 56.51
C GLY F 132 6.00 42.73 55.19
N ILE F 133 5.45 43.93 55.25
CA ILE F 133 5.20 44.72 54.06
C ILE F 133 5.89 46.03 54.26
N ARG F 134 6.64 46.44 53.24
CA ARG F 134 7.42 47.64 53.31
C ARG F 134 6.54 48.80 52.85
N VAL F 135 5.84 49.34 53.84
CA VAL F 135 4.88 50.43 53.65
C VAL F 135 4.77 51.24 54.95
N ASP F 136 4.47 52.54 54.83
CA ASP F 136 4.05 53.37 55.96
C ASP F 136 2.52 53.35 55.97
N PRO F 137 1.93 52.60 56.93
CA PRO F 137 0.46 52.48 56.98
C PRO F 137 -0.29 53.78 57.36
N ARG F 138 0.40 54.74 57.99
CA ARG F 138 -0.21 56.04 58.37
C ARG F 138 -0.47 56.92 57.15
N LYS F 139 0.26 56.64 56.07
CA LYS F 139 0.12 57.35 54.81
C LYS F 139 -0.96 56.73 53.91
N LEU F 140 -1.73 55.79 54.44
CA LEU F 140 -2.80 55.14 53.67
C LEU F 140 -4.15 55.24 54.36
N SER F 141 -5.21 55.40 53.57
CA SER F 141 -6.56 55.37 54.11
C SER F 141 -6.92 53.95 54.58
N PRO F 142 -7.99 53.80 55.39
CA PRO F 142 -8.37 52.45 55.80
C PRO F 142 -8.72 51.53 54.62
N GLY F 143 -9.35 52.08 53.58
CA GLY F 143 -9.76 51.30 52.42
C GLY F 143 -8.55 50.76 51.67
N GLU F 144 -7.49 51.56 51.64
CA GLU F 144 -6.21 51.20 51.05
C GLU F 144 -5.50 50.10 51.82
N LEU F 145 -5.50 50.24 53.14
CA LEU F 145 -5.02 49.22 54.06
C LEU F 145 -5.74 47.87 53.87
N GLU F 146 -7.06 47.92 53.65
CA GLU F 146 -7.86 46.73 53.39
C GLU F 146 -7.38 46.04 52.11
N ARG F 147 -7.25 46.82 51.04
CA ARG F 147 -6.82 46.29 49.76
C ARG F 147 -5.37 45.81 49.79
N LEU F 148 -4.51 46.52 50.53
CA LEU F 148 -3.15 46.04 50.78
C LEU F 148 -3.16 44.67 51.46
N THR F 149 -3.97 44.55 52.52
CA THR F 149 -4.02 43.32 53.31
C THR F 149 -4.64 42.15 52.54
N ARG F 150 -5.73 42.40 51.83
CA ARG F 150 -6.37 41.39 51.00
C ARG F 150 -5.43 40.84 49.93
N ARG F 151 -4.69 41.73 49.26
CA ARG F 151 -3.79 41.35 48.20
C ARG F 151 -2.59 40.57 48.74
N TYR F 152 -2.04 41.01 49.87
CA TYR F 152 -0.87 40.33 50.44
C TYR F 152 -1.22 38.89 50.82
N THR F 153 -2.39 38.72 51.42
CA THR F 153 -2.77 37.38 51.85
C THR F 153 -3.06 36.50 50.65
N SER F 154 -3.50 37.10 49.54
CA SER F 154 -3.63 36.32 48.30
C SER F 154 -2.27 35.95 47.71
N GLU F 155 -1.31 36.85 47.75
CA GLU F 155 -0.01 36.51 47.20
C GLU F 155 0.65 35.40 48.03
N ILE F 156 0.37 35.38 49.33
CA ILE F 156 1.01 34.39 50.18
C ILE F 156 0.10 33.20 50.44
N GLY F 157 -1.08 33.20 49.82
CA GLY F 157 -1.97 32.05 49.81
C GLY F 157 -1.31 30.67 49.65
N ILE F 158 -0.37 30.54 48.73
CA ILE F 158 0.32 29.27 48.54
C ILE F 158 1.01 28.77 49.83
N LEU F 159 1.20 29.67 50.79
CA LEU F 159 1.84 29.31 52.05
C LEU F 159 0.88 29.01 53.20
N LEU F 160 -0.34 29.55 53.13
CA LEU F 160 -1.19 29.65 54.31
C LEU F 160 -1.97 28.40 54.58
N GLY F 161 -2.55 28.31 55.77
CA GLY F 161 -3.38 27.19 56.13
C GLY F 161 -3.06 26.88 57.59
N PRO F 162 -4.09 26.52 58.38
CA PRO F 162 -3.95 26.19 59.79
C PRO F 162 -2.95 25.08 60.09
N ASP F 163 -2.54 24.33 59.08
CA ASP F 163 -1.59 23.25 59.27
C ASP F 163 -0.27 23.46 58.49
N ARG F 164 0.03 24.73 58.19
CA ARG F 164 1.09 25.10 57.25
C ARG F 164 1.76 26.41 57.69
N ASP F 165 0.94 27.42 57.93
CA ASP F 165 1.41 28.76 58.26
C ASP F 165 0.29 29.63 58.83
N ILE F 166 0.47 30.04 60.08
CA ILE F 166 -0.51 30.86 60.77
C ILE F 166 0.09 32.22 61.13
N PRO F 167 -0.21 33.26 60.33
CA PRO F 167 0.13 34.63 60.71
C PRO F 167 -0.64 35.17 61.93
N ALA F 168 -0.29 36.39 62.33
CA ALA F 168 -0.80 37.03 63.54
C ALA F 168 -0.48 38.50 63.39
N PRO F 169 -0.74 39.30 64.44
CA PRO F 169 -0.33 40.70 64.33
C PRO F 169 1.10 40.96 64.80
N ASP F 170 1.64 42.09 64.37
CA ASP F 170 2.95 42.57 64.80
C ASP F 170 2.92 44.13 64.72
N VAL F 171 4.06 44.76 64.45
CA VAL F 171 4.11 46.24 64.38
C VAL F 171 3.15 46.81 63.31
N ASN F 172 2.20 47.64 63.76
CA ASN F 172 1.21 48.32 62.91
C ASN F 172 0.09 47.46 62.33
N THR F 173 -0.10 46.26 62.86
CA THR F 173 -1.25 45.45 62.51
C THR F 173 -1.89 44.93 63.79
N GLY F 174 -3.18 44.62 63.70
CA GLY F 174 -3.88 44.01 64.80
C GLY F 174 -5.15 43.33 64.35
N GLU F 175 -6.16 43.45 65.20
CA GLU F 175 -7.44 42.80 65.02
C GLU F 175 -8.01 43.02 63.62
N ARG F 176 -8.16 44.28 63.23
CA ARG F 176 -8.78 44.64 61.96
C ARG F 176 -8.20 43.90 60.76
N GLU F 177 -6.88 43.84 60.64
CA GLU F 177 -6.31 43.20 59.45
C GLU F 177 -6.23 41.65 59.53
N MET F 178 -6.14 41.10 60.75
CA MET F 178 -6.27 39.65 60.93
C MET F 178 -7.66 39.25 60.43
N ALA F 179 -8.68 40.04 60.76
CA ALA F 179 -10.04 39.79 60.25
C ALA F 179 -10.00 39.77 58.74
N TRP F 180 -9.34 40.77 58.14
CA TRP F 180 -9.26 40.84 56.67
C TRP F 180 -8.60 39.62 56.03
N MET F 181 -7.40 39.28 56.51
CA MET F 181 -6.64 38.08 56.08
C MET F 181 -7.51 36.86 56.15
N MET F 182 -8.10 36.64 57.33
CA MET F 182 -9.00 35.52 57.53
C MET F 182 -10.18 35.53 56.55
N ASP F 183 -10.82 36.68 56.30
CA ASP F 183 -11.88 36.75 55.27
C ASP F 183 -11.38 36.45 53.85
N THR F 184 -10.18 36.92 53.55
CA THR F 184 -9.70 36.80 52.17
C THR F 184 -9.43 35.36 51.82
N TYR F 185 -8.57 34.74 52.64
CA TYR F 185 -8.30 33.30 52.57
C TYR F 185 -9.58 32.49 52.56
N SER F 186 -10.52 32.80 53.44
CA SER F 186 -11.76 32.02 53.52
C SER F 186 -12.58 32.13 52.25
N MET F 187 -12.72 33.34 51.71
CA MET F 187 -13.45 33.49 50.44
C MET F 187 -12.75 32.74 49.29
N ASN F 188 -11.42 32.74 49.29
CA ASN F 188 -10.65 32.24 48.15
C ASN F 188 -10.69 30.74 48.03
N VAL F 189 -10.94 30.13 49.18
CA VAL F 189 -10.76 28.73 49.42
C VAL F 189 -12.14 28.10 49.60
N GLY F 190 -13.18 28.93 49.63
CA GLY F 190 -14.58 28.43 49.71
C GLY F 190 -14.97 27.75 51.01
N ARG F 191 -14.15 27.89 52.06
CA ARG F 191 -14.52 27.36 53.38
C ARG F 191 -14.31 28.47 54.41
N THR F 192 -14.99 28.39 55.56
CA THR F 192 -14.61 29.23 56.71
C THR F 192 -13.48 28.61 57.55
N VAL F 193 -12.36 29.32 57.61
CA VAL F 193 -11.11 28.82 58.19
C VAL F 193 -10.61 29.85 59.22
N PRO F 194 -11.19 29.85 60.42
CA PRO F 194 -10.80 30.86 61.40
C PRO F 194 -9.34 30.69 61.85
N GLY F 195 -8.83 29.46 61.78
CA GLY F 195 -7.50 29.11 62.30
C GLY F 195 -6.33 29.52 61.45
N VAL F 196 -6.62 30.15 60.30
CA VAL F 196 -5.59 30.63 59.37
C VAL F 196 -4.72 31.79 59.89
N VAL F 197 -5.24 32.57 60.85
CA VAL F 197 -4.56 33.68 61.52
C VAL F 197 -5.02 33.70 62.98
N THR F 198 -4.12 34.09 63.88
CA THR F 198 -4.49 34.37 65.28
C THR F 198 -4.46 35.89 65.54
N GLY F 199 -5.01 36.29 66.68
CA GLY F 199 -5.24 37.71 66.97
C GLY F 199 -6.55 38.20 66.36
N LYS F 200 -7.45 37.29 66.01
CA LYS F 200 -8.74 37.75 65.44
C LYS F 200 -9.64 38.41 66.48
N PRO F 201 -10.57 39.28 66.04
CA PRO F 201 -11.70 39.66 66.91
C PRO F 201 -12.36 38.43 67.50
N ILE F 202 -12.83 38.52 68.75
CA ILE F 202 -13.53 37.40 69.38
C ILE F 202 -14.75 36.95 68.56
N ALA F 203 -15.38 37.88 67.85
CA ALA F 203 -16.57 37.51 67.05
C ALA F 203 -16.22 36.68 65.81
N LEU F 204 -14.94 36.52 65.52
CA LEU F 204 -14.55 35.72 64.34
C LEU F 204 -13.81 34.42 64.67
N GLY F 205 -13.72 34.07 65.94
CA GLY F 205 -13.00 32.86 66.36
C GLY F 205 -11.73 33.23 67.08
N GLY F 206 -11.70 34.45 67.60
CA GLY F 206 -10.64 34.91 68.50
C GLY F 206 -10.80 34.29 69.87
N SER F 207 -9.79 34.45 70.70
CA SER F 207 -9.78 33.86 72.02
C SER F 207 -9.92 34.94 73.11
N LEU F 208 -10.60 34.60 74.20
CA LEU F 208 -10.52 35.35 75.47
C LEU F 208 -9.08 35.32 76.04
N GLY F 209 -8.76 36.33 76.85
CA GLY F 209 -7.48 36.38 77.56
C GLY F 209 -6.30 37.04 76.87
N ARG F 210 -6.52 37.63 75.70
CA ARG F 210 -5.45 38.25 74.90
C ARG F 210 -4.78 39.46 75.58
N ARG F 211 -5.63 40.31 76.14
CA ARG F 211 -5.24 41.61 76.65
C ARG F 211 -4.18 41.47 77.75
N ASP F 212 -4.50 40.66 78.75
CA ASP F 212 -3.67 40.55 79.94
C ASP F 212 -2.60 39.44 79.87
N ALA F 213 -2.59 38.68 78.77
CA ALA F 213 -1.82 37.45 78.68
C ALA F 213 -0.34 37.65 79.01
N THR F 214 0.31 38.60 78.33
CA THR F 214 1.76 38.81 78.51
C THR F 214 2.15 39.20 79.93
N GLY F 215 1.33 40.03 80.57
CA GLY F 215 1.60 40.48 81.94
C GLY F 215 1.41 39.39 82.98
N ARG F 216 0.32 38.64 82.86
CA ARG F 216 0.12 37.58 83.71
CA ARG F 216 0.10 37.49 83.72
C ARG F 216 1.27 36.53 83.58
N GLY F 217 1.72 36.34 82.34
CA GLY F 217 2.82 35.45 82.02
C GLY F 217 4.13 35.87 82.63
N VAL F 218 4.32 37.19 82.73
CA VAL F 218 5.48 37.75 83.40
C VAL F 218 5.44 37.38 84.88
N PHE F 219 4.28 37.56 85.53
CA PHE F 219 4.14 37.19 86.92
C PHE F 219 4.37 35.69 87.13
N ILE F 220 3.70 34.88 86.32
CA ILE F 220 3.74 33.42 86.41
C ILE F 220 5.16 32.87 86.33
N THR F 221 5.98 33.47 85.48
CA THR F 221 7.36 33.06 85.37
C THR F 221 8.21 33.59 86.53
N ALA F 222 7.89 34.79 87.01
CA ALA F 222 8.53 35.34 88.21
C ALA F 222 8.23 34.48 89.45
N ALA F 223 6.99 34.02 89.56
CA ALA F 223 6.55 33.26 90.73
C ALA F 223 7.30 31.93 90.81
N ALA F 224 7.41 31.23 89.68
CA ALA F 224 8.04 29.91 89.63
C ALA F 224 9.54 29.99 89.88
N ALA F 225 10.11 31.17 89.63
CA ALA F 225 11.49 31.46 89.95
C ALA F 225 11.65 31.63 91.45
N ALA F 226 10.73 32.42 92.04
CA ALA F 226 10.71 32.63 93.48
C ALA F 226 10.58 31.29 94.19
N GLU F 227 9.54 30.54 93.82
CA GLU F 227 9.30 29.17 94.28
C GLU F 227 10.56 28.29 94.23
N LYS F 228 11.57 28.72 93.45
CA LYS F 228 12.84 27.99 93.31
C LYS F 228 13.93 28.47 94.28
N ILE F 229 14.01 29.78 94.50
CA ILE F 229 15.03 30.34 95.39
C ILE F 229 14.51 30.58 96.81
N GLY F 230 13.28 30.14 97.07
CA GLY F 230 12.65 30.28 98.39
C GLY F 230 12.32 31.71 98.76
N LEU F 231 12.11 32.55 97.74
CA LEU F 231 11.70 33.94 97.96
C LEU F 231 10.18 33.97 98.09
N GLN F 232 9.68 34.66 99.11
CA GLN F 232 8.23 34.70 99.37
C GLN F 232 7.50 35.75 98.54
N VAL F 233 6.48 35.33 97.80
CA VAL F 233 5.68 36.21 96.95
C VAL F 233 4.82 37.19 97.78
N GLU F 234 4.17 36.66 98.82
CA GLU F 234 3.26 37.43 99.69
C GLU F 234 3.78 38.81 100.12
N GLY F 235 4.89 38.83 100.85
CA GLY F 235 5.44 40.10 101.31
C GLY F 235 5.95 40.95 100.16
N ALA F 236 6.93 40.38 99.44
CA ALA F 236 7.59 40.91 98.23
C ALA F 236 7.29 42.32 97.70
N ARG F 237 8.37 43.07 97.53
CA ARG F 237 8.35 44.39 96.90
C ARG F 237 8.68 44.31 95.41
N VAL F 238 7.93 45.06 94.60
CA VAL F 238 7.93 44.92 93.14
C VAL F 238 8.08 46.27 92.45
N ALA F 239 9.08 46.40 91.59
CA ALA F 239 9.22 47.59 90.74
C ALA F 239 9.02 47.26 89.26
N ILE F 240 8.18 48.05 88.60
CA ILE F 240 7.80 47.75 87.22
C ILE F 240 7.98 48.99 86.35
N GLN F 241 8.79 48.87 85.31
CA GLN F 241 8.93 49.92 84.30
C GLN F 241 7.96 49.66 83.14
N GLY F 242 7.12 50.64 82.83
CA GLY F 242 6.12 50.49 81.78
C GLY F 242 4.78 50.19 82.40
N PHE F 243 3.72 50.73 81.81
CA PHE F 243 2.37 50.54 82.37
C PHE F 243 1.31 50.38 81.28
N GLY F 244 1.78 50.11 80.06
CA GLY F 244 0.90 49.70 78.96
C GLY F 244 0.29 48.35 79.28
N ASN F 245 -0.18 47.65 78.25
CA ASN F 245 -0.84 46.36 78.48
C ASN F 245 0.01 45.35 79.27
N VAL F 246 1.28 45.23 78.92
CA VAL F 246 2.18 44.31 79.62
C VAL F 246 2.41 44.76 81.06
N GLY F 247 2.89 46.00 81.23
CA GLY F 247 3.26 46.51 82.56
C GLY F 247 2.17 46.46 83.61
N ASN F 248 0.96 46.86 83.23
CA ASN F 248 -0.12 46.95 84.21
C ASN F 248 -0.82 45.63 84.51
N ALA F 249 -0.91 44.73 83.54
CA ALA F 249 -1.32 43.35 83.80
C ALA F 249 -0.33 42.72 84.79
N ALA F 250 0.96 42.80 84.50
CA ALA F 250 1.99 42.34 85.44
C ALA F 250 1.75 42.91 86.85
N ALA F 251 1.54 44.22 86.92
CA ALA F 251 1.25 44.92 88.18
C ALA F 251 0.06 44.32 88.91
N ARG F 252 -1.07 44.26 88.21
CA ARG F 252 -2.31 43.69 88.74
C ARG F 252 -2.13 42.26 89.25
N ALA F 253 -1.51 41.40 88.44
CA ALA F 253 -1.22 40.02 88.83
C ALA F 253 -0.30 39.94 90.04
N PHE F 254 0.74 40.77 90.08
CA PHE F 254 1.60 40.84 91.25
C PHE F 254 0.84 41.26 92.53
N HIS F 255 -0.03 42.26 92.39
CA HIS F 255 -0.85 42.75 93.51
C HIS F 255 -1.91 41.73 93.97
N ASP F 256 -2.59 41.11 93.01
CA ASP F 256 -3.65 40.12 93.28
C ASP F 256 -3.14 38.90 94.04
N HIS F 257 -1.85 38.63 93.94
CA HIS F 257 -1.25 37.52 94.64
C HIS F 257 -0.51 38.01 95.88
N GLY F 258 -0.77 39.26 96.25
CA GLY F 258 -0.42 39.79 97.55
C GLY F 258 0.89 40.55 97.66
N ALA F 259 1.59 40.68 96.53
CA ALA F 259 2.85 41.40 96.50
C ALA F 259 2.62 42.91 96.47
N ARG F 260 3.53 43.67 97.10
CA ARG F 260 3.44 45.13 97.13
C ARG F 260 4.08 45.73 95.89
N VAL F 261 3.28 46.41 95.07
CA VAL F 261 3.81 47.20 93.95
C VAL F 261 4.34 48.51 94.53
N VAL F 262 5.66 48.64 94.62
CA VAL F 262 6.26 49.82 95.27
C VAL F 262 6.71 50.89 94.30
N ALA F 263 6.91 50.54 93.04
CA ALA F 263 7.40 51.49 92.02
C ALA F 263 6.87 51.23 90.61
N VAL F 264 6.47 52.31 89.95
CA VAL F 264 6.11 52.28 88.53
C VAL F 264 6.80 53.45 87.81
N GLN F 265 7.81 53.14 87.00
CA GLN F 265 8.36 54.11 86.06
C GLN F 265 7.50 54.07 84.82
N ASP F 266 7.54 55.12 84.02
CA ASP F 266 6.55 55.27 82.96
C ASP F 266 7.03 56.26 81.91
N HIS F 267 6.18 56.46 80.90
CA HIS F 267 6.32 57.50 79.89
C HIS F 267 6.54 58.86 80.57
N THR F 268 5.93 59.03 81.74
CA THR F 268 6.03 60.26 82.51
C THR F 268 6.56 59.97 83.91
N GLY F 269 7.87 59.76 84.00
CA GLY F 269 8.53 59.68 85.30
C GLY F 269 8.10 58.51 86.16
N THR F 270 8.34 58.64 87.47
CA THR F 270 8.35 57.49 88.37
C THR F 270 7.74 57.84 89.73
N VAL F 271 6.92 56.93 90.28
CA VAL F 271 6.31 57.12 91.63
C VAL F 271 6.66 55.98 92.61
N TYR F 272 6.81 56.32 93.89
CA TYR F 272 7.27 55.38 94.92
C TYR F 272 6.41 55.38 96.18
N ASN F 273 6.18 54.19 96.74
CA ASN F 273 5.50 54.03 98.03
C ASN F 273 5.84 52.69 98.71
N GLU F 274 6.62 52.77 99.79
CA GLU F 274 7.02 51.62 100.60
C GLU F 274 5.87 50.66 100.95
N ALA F 275 4.77 51.24 101.44
CA ALA F 275 3.60 50.47 101.91
C ALA F 275 2.82 49.80 100.78
N GLY F 276 3.08 50.21 99.55
CA GLY F 276 2.46 49.59 98.38
C GLY F 276 1.55 50.53 97.59
N ILE F 277 1.47 50.28 96.28
CA ILE F 277 0.58 51.02 95.39
C ILE F 277 -0.46 50.09 94.77
N ASP F 278 -1.72 50.45 94.95
CA ASP F 278 -2.82 49.78 94.27
C ASP F 278 -2.79 50.19 92.78
N PRO F 279 -2.58 49.20 91.88
CA PRO F 279 -2.47 49.49 90.45
C PRO F 279 -3.82 49.66 89.75
N TYR F 280 -4.89 49.17 90.36
CA TYR F 280 -6.25 49.39 89.84
C TYR F 280 -6.58 50.88 89.98
N ASP F 281 -6.22 51.45 91.13
CA ASP F 281 -6.44 52.85 91.43
C ASP F 281 -5.48 53.74 90.63
N LEU F 282 -4.21 53.34 90.56
CA LEU F 282 -3.19 54.01 89.75
C LEU F 282 -3.63 54.09 88.29
N LEU F 283 -4.29 53.04 87.82
CA LEU F 283 -4.76 52.96 86.46
C LEU F 283 -5.89 53.95 86.17
N ARG F 284 -6.78 54.14 87.14
CA ARG F 284 -7.80 55.20 87.02
C ARG F 284 -7.14 56.57 86.82
N HIS F 285 -6.10 56.84 87.60
CA HIS F 285 -5.33 58.09 87.51
C HIS F 285 -4.69 58.24 86.13
N VAL F 286 -4.23 57.12 85.57
CA VAL F 286 -3.63 57.11 84.24
C VAL F 286 -4.71 57.24 83.14
N GLN F 287 -5.93 56.81 83.45
CA GLN F 287 -7.07 57.02 82.54
C GLN F 287 -7.42 58.49 82.44
N GLU F 288 -7.55 59.15 83.59
CA GLU F 288 -7.95 60.56 83.63
C GLU F 288 -6.82 61.49 83.18
N PHE F 289 -5.61 61.27 83.69
CA PHE F 289 -4.50 62.22 83.55
C PHE F 289 -3.43 61.83 82.52
N GLY F 290 -3.40 60.56 82.13
CA GLY F 290 -2.51 60.11 81.05
C GLY F 290 -1.22 59.41 81.45
N GLY F 291 -0.65 59.82 82.59
CA GLY F 291 0.58 59.21 83.05
C GLY F 291 0.53 58.83 84.51
N VAL F 292 1.60 58.18 84.98
CA VAL F 292 1.77 57.80 86.38
C VAL F 292 1.99 59.05 87.27
N ARG F 293 2.19 60.19 86.61
CA ARG F 293 2.75 61.43 87.16
C ARG F 293 2.39 61.90 88.57
N GLY F 294 1.11 62.14 88.82
CA GLY F 294 0.72 62.81 90.04
C GLY F 294 0.04 61.94 91.08
N TYR F 295 0.01 60.63 90.81
CA TYR F 295 -0.74 59.69 91.65
C TYR F 295 -0.74 60.11 93.14
N PRO F 296 -1.90 60.58 93.66
CA PRO F 296 -1.95 61.21 94.98
C PRO F 296 -1.49 60.32 96.13
N LYS F 297 -1.55 59.00 95.96
CA LYS F 297 -1.14 58.06 97.01
C LYS F 297 0.28 57.52 96.82
N ALA F 298 1.19 58.37 96.33
CA ALA F 298 2.60 58.01 96.15
C ALA F 298 3.50 59.22 95.88
N GLU F 299 4.68 59.22 96.51
CA GLU F 299 5.73 60.21 96.27
C GLU F 299 6.39 59.98 94.90
N PRO F 300 6.78 61.06 94.20
CA PRO F 300 7.53 60.91 92.93
C PRO F 300 9.02 60.54 93.10
N LEU F 301 9.65 60.10 92.01
CA LEU F 301 11.07 59.66 91.98
C LEU F 301 11.78 60.10 90.71
N PRO F 302 13.11 60.36 90.79
CA PRO F 302 13.86 60.59 89.55
C PRO F 302 14.19 59.26 88.85
N ALA F 303 14.12 59.26 87.52
CA ALA F 303 14.41 58.08 86.72
C ALA F 303 15.90 57.76 86.76
N ALA F 304 16.33 57.14 87.85
CA ALA F 304 17.75 56.81 88.08
C ALA F 304 17.92 56.11 89.42
N ASP F 305 17.12 56.50 90.40
CA ASP F 305 17.10 55.81 91.69
C ASP F 305 16.13 54.64 91.64
N PHE F 306 15.22 54.69 90.65
CA PHE F 306 14.29 53.61 90.37
C PHE F 306 15.01 52.27 90.26
N TRP F 307 16.02 52.23 89.41
CA TRP F 307 16.86 51.05 89.21
C TRP F 307 17.62 50.57 90.45
N GLY F 308 17.88 51.49 91.38
CA GLY F 308 18.64 51.18 92.59
C GLY F 308 17.77 50.70 93.75
N LEU F 309 16.47 50.92 93.63
CA LEU F 309 15.49 50.64 94.68
C LEU F 309 15.64 49.23 95.27
N PRO F 310 15.44 49.07 96.60
CA PRO F 310 15.50 47.73 97.19
C PRO F 310 14.16 46.97 97.05
N VAL F 311 14.19 45.94 96.20
CA VAL F 311 12.99 45.16 95.86
C VAL F 311 13.32 43.66 95.78
N GLU F 312 12.27 42.85 95.69
CA GLU F 312 12.43 41.42 95.43
C GLU F 312 12.26 41.13 93.94
N PHE F 313 11.40 41.91 93.28
CA PHE F 313 11.08 41.73 91.86
C PHE F 313 11.23 43.02 91.07
N LEU F 314 11.93 42.95 89.94
CA LEU F 314 12.03 44.07 89.01
C LEU F 314 11.52 43.66 87.64
N VAL F 315 10.54 44.41 87.14
CA VAL F 315 9.86 44.07 85.90
C VAL F 315 10.10 45.15 84.83
N PRO F 316 11.10 44.94 83.96
CA PRO F 316 11.22 45.80 82.78
C PRO F 316 10.19 45.39 81.73
N ALA F 317 9.22 46.27 81.48
CA ALA F 317 8.09 45.96 80.61
C ALA F 317 7.82 47.11 79.67
N ALA F 318 8.89 47.78 79.23
CA ALA F 318 8.79 48.92 78.34
C ALA F 318 9.64 48.77 77.08
N LEU F 319 10.62 49.64 76.91
CA LEU F 319 11.49 49.59 75.72
C LEU F 319 12.58 48.55 75.91
N GLU F 320 13.42 48.45 74.88
CA GLU F 320 14.60 47.60 74.91
C GLU F 320 15.79 48.32 75.55
N LYS F 321 16.82 47.57 75.90
CA LYS F 321 18.10 48.11 76.37
C LYS F 321 17.98 49.11 77.53
N GLN F 322 17.10 48.77 78.48
CA GLN F 322 16.85 49.60 79.65
C GLN F 322 17.79 49.26 80.80
N ILE F 323 18.10 47.98 80.95
CA ILE F 323 19.11 47.55 81.92
C ILE F 323 20.41 47.40 81.14
N THR F 324 21.33 48.33 81.37
CA THR F 324 22.54 48.46 80.56
C THR F 324 23.79 48.39 81.45
N GLU F 325 24.96 48.56 80.84
CA GLU F 325 26.25 48.62 81.53
C GLU F 325 26.27 49.79 82.51
N GLN F 326 25.43 50.77 82.19
CA GLN F 326 25.42 52.08 82.84
C GLN F 326 24.65 52.10 84.16
N ASN F 327 23.80 51.10 84.41
CA ASN F 327 23.00 51.07 85.64
C ASN F 327 22.81 49.69 86.27
N ALA F 328 23.39 48.66 85.65
CA ALA F 328 23.24 47.28 86.09
C ALA F 328 23.75 47.04 87.51
N TRP F 329 24.84 47.70 87.88
CA TRP F 329 25.41 47.56 89.22
C TRP F 329 24.50 48.08 90.32
N ARG F 330 23.61 49.02 89.97
CA ARG F 330 22.69 49.62 90.94
C ARG F 330 21.60 48.67 91.46
N ILE F 331 21.19 47.71 90.63
CA ILE F 331 19.99 46.89 90.92
C ILE F 331 20.16 46.00 92.16
N ARG F 332 19.20 46.10 93.09
CA ARG F 332 19.21 45.28 94.32
C ARG F 332 18.16 44.16 94.30
N ALA F 333 17.45 44.02 93.17
CA ALA F 333 16.40 42.99 93.04
C ALA F 333 16.99 41.58 93.10
N ARG F 334 16.18 40.64 93.55
CA ARG F 334 16.56 39.24 93.58
C ARG F 334 16.27 38.60 92.23
N ILE F 335 15.14 38.99 91.62
CA ILE F 335 14.68 38.45 90.35
C ILE F 335 14.32 39.59 89.40
N VAL F 336 14.84 39.52 88.18
CA VAL F 336 14.43 40.43 87.10
C VAL F 336 13.60 39.61 86.11
N ALA F 337 12.40 40.10 85.82
CA ALA F 337 11.45 39.38 84.97
C ALA F 337 11.03 40.20 83.76
N GLU F 338 11.54 39.84 82.59
CA GLU F 338 11.47 40.69 81.41
C GLU F 338 10.14 40.64 80.62
N GLY F 339 9.38 41.71 80.70
CA GLY F 339 8.12 41.82 79.97
C GLY F 339 8.34 42.38 78.57
N ALA F 340 9.33 43.24 78.43
CA ALA F 340 9.68 43.82 77.16
C ALA F 340 10.52 42.84 76.37
N ASN F 341 10.79 43.18 75.11
CA ASN F 341 11.78 42.46 74.33
C ASN F 341 13.15 43.12 74.48
N GLY F 342 14.19 42.29 74.58
CA GLY F 342 15.57 42.73 74.86
C GLY F 342 15.76 43.89 75.83
N PRO F 343 15.21 43.79 77.06
CA PRO F 343 15.34 44.92 77.97
C PRO F 343 16.66 45.00 78.73
N THR F 344 17.46 43.93 78.72
CA THR F 344 18.79 43.99 79.34
C THR F 344 19.89 43.56 78.35
N THR F 345 20.97 44.35 78.29
CA THR F 345 22.06 44.05 77.36
C THR F 345 22.88 42.86 77.87
N PRO F 346 23.58 42.17 76.95
CA PRO F 346 24.50 41.10 77.33
C PRO F 346 25.52 41.50 78.41
N ALA F 347 25.98 42.75 78.36
CA ALA F 347 26.91 43.27 79.39
C ALA F 347 26.24 43.43 80.76
N ALA F 348 24.95 43.79 80.75
CA ALA F 348 24.18 43.92 81.98
C ALA F 348 23.88 42.55 82.57
N ASP F 349 23.69 41.56 81.70
CA ASP F 349 23.49 40.18 82.12
C ASP F 349 24.71 39.65 82.86
N ASP F 350 25.90 39.94 82.33
CA ASP F 350 27.16 39.52 82.94
C ASP F 350 27.32 40.06 84.34
N ILE F 351 26.96 41.33 84.51
CA ILE F 351 27.03 42.03 85.79
C ILE F 351 26.00 41.47 86.77
N LEU F 352 24.76 41.32 86.32
CA LEU F 352 23.68 40.74 87.12
C LEU F 352 23.99 39.32 87.57
N LEU F 353 24.71 38.57 86.73
CA LEU F 353 25.18 37.23 87.08
C LEU F 353 26.18 37.29 88.22
N GLU F 354 27.16 38.20 88.09
CA GLU F 354 28.18 38.40 89.11
C GLU F 354 27.61 38.98 90.42
N LYS F 355 26.42 39.60 90.35
CA LYS F 355 25.73 40.09 91.55
C LYS F 355 24.80 39.06 92.17
N GLY F 356 24.58 37.96 91.46
CA GLY F 356 23.71 36.89 91.94
C GLY F 356 22.21 37.15 91.80
N VAL F 357 21.85 38.12 90.96
CA VAL F 357 20.42 38.36 90.66
C VAL F 357 19.95 37.48 89.50
N LEU F 358 18.75 36.93 89.68
CA LEU F 358 18.15 35.96 88.78
C LEU F 358 17.30 36.63 87.70
N VAL F 359 17.78 36.58 86.45
CA VAL F 359 17.10 37.19 85.32
C VAL F 359 16.24 36.15 84.59
N VAL F 360 14.93 36.38 84.59
CA VAL F 360 13.99 35.51 83.85
C VAL F 360 13.82 36.05 82.43
N PRO F 361 14.39 35.33 81.45
CA PRO F 361 14.56 35.87 80.11
C PRO F 361 13.24 36.14 79.39
N ASP F 362 13.26 37.17 78.55
CA ASP F 362 12.11 37.62 77.78
C ASP F 362 11.53 36.52 76.91
N VAL F 363 12.40 35.63 76.41
CA VAL F 363 12.00 34.52 75.54
C VAL F 363 10.86 33.68 76.13
N ILE F 364 10.92 33.40 77.43
CA ILE F 364 9.81 32.75 78.13
C ILE F 364 8.97 33.72 78.97
N ALA F 365 9.61 34.72 79.56
CA ALA F 365 8.92 35.67 80.46
C ALA F 365 7.72 36.40 79.80
N ASN F 366 7.87 36.76 78.52
CA ASN F 366 6.86 37.54 77.83
C ASN F 366 5.97 36.77 76.85
N ALA F 367 5.91 35.44 77.02
CA ALA F 367 5.34 34.55 76.00
C ALA F 367 3.82 34.36 76.10
N GLY F 368 3.20 35.00 77.07
CA GLY F 368 1.79 34.81 77.32
C GLY F 368 0.89 35.10 76.12
N GLY F 369 1.20 36.15 75.38
CA GLY F 369 0.39 36.54 74.20
C GLY F 369 0.49 35.47 73.11
N VAL F 370 1.72 35.05 72.86
CA VAL F 370 2.03 33.96 71.95
C VAL F 370 1.41 32.61 72.39
N THR F 371 1.43 32.32 73.70
CA THR F 371 0.70 31.17 74.26
C THR F 371 -0.82 31.22 73.99
N VAL F 372 -1.44 32.37 74.17
CA VAL F 372 -2.91 32.51 73.99
C VAL F 372 -3.35 32.52 72.52
N SER F 373 -2.49 33.05 71.64
CA SER F 373 -2.66 32.93 70.20
C SER F 373 -2.72 31.46 69.83
N TYR F 374 -1.76 30.70 70.36
CA TYR F 374 -1.79 29.25 70.24
C TYR F 374 -3.08 28.62 70.76
N PHE F 375 -3.61 29.07 71.90
CA PHE F 375 -4.91 28.54 72.36
C PHE F 375 -6.04 28.94 71.40
N GLU F 376 -5.96 30.13 70.82
CA GLU F 376 -6.91 30.59 69.79
C GLU F 376 -6.93 29.68 68.56
N TRP F 377 -5.74 29.34 68.08
CA TRP F 377 -5.56 28.35 66.99
C TRP F 377 -6.14 26.99 67.40
N VAL F 378 -5.83 26.55 68.62
CA VAL F 378 -6.38 25.28 69.14
C VAL F 378 -7.93 25.29 69.14
N GLN F 379 -8.53 26.37 69.65
CA GLN F 379 -10.00 26.50 69.74
C GLN F 379 -10.67 26.57 68.38
N ASP F 380 -9.95 27.15 67.41
CA ASP F 380 -10.44 27.32 66.03
C ASP F 380 -10.62 26.02 65.28
N PHE F 381 -9.87 25.01 65.68
CA PHE F 381 -9.99 23.69 65.02
C PHE F 381 -11.39 23.07 65.03
N ASN F 382 -12.07 23.17 66.17
CA ASN F 382 -13.46 22.73 66.28
C ASN F 382 -14.41 23.80 66.88
N SER F 383 -14.09 25.09 66.69
CA SER F 383 -14.93 26.21 67.14
C SER F 383 -15.65 25.92 68.47
N TYR F 384 -14.88 25.51 69.47
CA TYR F 384 -15.35 25.36 70.84
C TYR F 384 -14.42 26.19 71.71
N PHE F 385 -14.98 27.18 72.39
CA PHE F 385 -14.18 28.21 73.01
C PHE F 385 -14.17 28.16 74.52
N TRP F 386 -13.00 28.43 75.06
CA TRP F 386 -12.70 28.30 76.47
C TRP F 386 -13.07 29.56 77.25
N THR F 387 -13.52 29.36 78.49
CA THR F 387 -13.80 30.44 79.42
C THR F 387 -12.49 31.10 79.81
N GLU F 388 -12.61 32.30 80.38
CA GLU F 388 -11.50 33.10 80.85
C GLU F 388 -10.64 32.35 81.87
N GLU F 389 -11.30 31.69 82.81
CA GLU F 389 -10.63 30.90 83.84
C GLU F 389 -9.92 29.66 83.25
N GLU F 390 -10.52 29.04 82.24
CA GLU F 390 -9.85 27.99 81.47
C GLU F 390 -8.57 28.48 80.76
N ILE F 391 -8.60 29.68 80.17
CA ILE F 391 -7.43 30.23 79.47
C ILE F 391 -6.31 30.47 80.48
N ASN F 392 -6.63 31.10 81.60
CA ASN F 392 -5.67 31.36 82.68
C ASN F 392 -5.00 30.11 83.28
N ALA F 393 -5.80 29.12 83.67
CA ALA F 393 -5.25 27.85 84.16
C ALA F 393 -4.32 27.24 83.10
N ARG F 394 -4.81 27.15 81.88
CA ARG F 394 -4.00 26.56 80.80
C ARG F 394 -2.74 27.36 80.47
N LEU F 395 -2.79 28.67 80.71
CA LEU F 395 -1.66 29.54 80.44
C LEU F 395 -0.55 29.38 81.49
N GLU F 396 -0.96 29.12 82.73
CA GLU F 396 -0.04 28.83 83.83
C GLU F 396 0.71 27.53 83.56
N ARG F 397 -0.03 26.55 83.04
CA ARG F 397 0.51 25.22 82.74
C ARG F 397 1.66 25.38 81.77
N VAL F 398 1.38 25.98 80.60
CA VAL F 398 2.37 26.14 79.54
C VAL F 398 3.64 26.81 80.08
N LEU F 399 3.46 27.95 80.75
CA LEU F 399 4.56 28.80 81.16
C LEU F 399 5.38 28.27 82.35
N ARG F 400 4.70 27.70 83.35
CA ARG F 400 5.36 26.98 84.43
C ARG F 400 6.17 25.80 83.88
N ASN F 401 5.56 25.05 82.96
CA ASN F 401 6.29 23.99 82.28
C ASN F 401 7.49 24.51 81.51
N ALA F 402 7.36 25.70 80.92
CA ALA F 402 8.44 26.26 80.11
C ALA F 402 9.59 26.66 81.01
N PHE F 403 9.26 27.30 82.14
CA PHE F 403 10.27 27.71 83.11
C PHE F 403 10.99 26.52 83.72
N GLU F 404 10.25 25.48 84.08
CA GLU F 404 10.81 24.27 84.70
C GLU F 404 11.87 23.62 83.82
N ALA F 405 11.58 23.56 82.52
CA ALA F 405 12.51 22.98 81.54
C ALA F 405 13.79 23.80 81.41
N VAL F 406 13.63 25.12 81.41
CA VAL F 406 14.75 26.05 81.32
C VAL F 406 15.59 26.03 82.62
N TRP F 407 14.90 26.01 83.76
CA TRP F 407 15.59 25.87 85.05
C TRP F 407 16.45 24.60 85.09
N GLN F 408 15.86 23.47 84.67
CA GLN F 408 16.57 22.19 84.68
C GLN F 408 17.82 22.15 83.79
N VAL F 409 17.74 22.72 82.59
CA VAL F 409 18.91 22.84 81.71
C VAL F 409 19.97 23.83 82.25
N ALA F 410 19.52 24.92 82.85
CA ALA F 410 20.42 25.89 83.47
C ALA F 410 21.32 25.26 84.55
N GLN F 411 20.72 24.44 85.43
CA GLN F 411 21.44 23.74 86.51
C GLN F 411 22.31 22.59 85.98
N GLU F 412 21.74 21.80 85.09
CA GLU F 412 22.42 20.65 84.48
C GLU F 412 23.73 21.04 83.78
N LYS F 413 23.78 22.28 83.24
CA LYS F 413 24.90 22.72 82.40
C LYS F 413 25.66 23.92 82.96
N LYS F 414 25.27 24.37 84.16
CA LYS F 414 25.85 25.54 84.83
C LYS F 414 25.89 26.79 83.92
N ILE F 415 24.74 27.15 83.36
CA ILE F 415 24.63 28.34 82.52
C ILE F 415 23.54 29.28 83.05
N PRO F 416 23.57 30.57 82.67
CA PRO F 416 22.45 31.47 83.02
C PRO F 416 21.13 31.04 82.37
N LEU F 417 20.02 31.61 82.84
CA LEU F 417 18.69 31.22 82.36
C LEU F 417 18.44 31.63 80.92
N ARG F 418 18.96 32.80 80.54
CA ARG F 418 18.91 33.26 79.15
C ARG F 418 19.58 32.25 78.20
N THR F 419 20.85 31.92 78.46
CA THR F 419 21.57 30.94 77.66
C THR F 419 20.81 29.60 77.59
N ALA F 420 20.35 29.13 78.76
CA ALA F 420 19.59 27.90 78.88
C ALA F 420 18.28 27.86 78.07
N ALA F 421 17.55 28.97 78.03
CA ALA F 421 16.33 29.04 77.22
C ALA F 421 16.65 28.88 75.73
N TYR F 422 17.82 29.36 75.32
CA TYR F 422 18.19 29.24 73.92
C TYR F 422 18.65 27.80 73.62
N VAL F 423 19.29 27.17 74.61
CA VAL F 423 19.71 25.76 74.52
C VAL F 423 18.50 24.84 74.47
N VAL F 424 17.50 25.10 75.30
CA VAL F 424 16.26 24.33 75.28
C VAL F 424 15.66 24.43 73.89
N ALA F 425 15.58 25.67 73.39
CA ALA F 425 15.04 25.97 72.05
C ALA F 425 15.72 25.21 70.93
N ALA F 426 17.05 25.39 70.80
CA ALA F 426 17.82 24.74 69.74
C ALA F 426 17.71 23.23 69.84
N THR F 427 17.90 22.72 71.06
CA THR F 427 17.82 21.30 71.36
C THR F 427 16.51 20.69 70.86
N ARG F 428 15.40 21.33 71.22
CA ARG F 428 14.11 20.84 70.75
C ARG F 428 13.93 20.90 69.24
N VAL F 429 14.39 21.97 68.60
CA VAL F 429 14.24 22.07 67.14
C VAL F 429 15.06 20.98 66.46
N LEU F 430 16.30 20.84 66.90
CA LEU F 430 17.23 19.93 66.30
C LEU F 430 16.88 18.45 66.56
N GLU F 431 16.30 18.17 67.72
CA GLU F 431 15.81 16.82 68.03
C GLU F 431 14.65 16.42 67.12
N ALA F 432 13.70 17.32 66.87
CA ALA F 432 12.60 17.01 65.94
C ALA F 432 13.18 16.70 64.56
N ARG F 433 14.17 17.50 64.18
CA ARG F 433 14.86 17.33 62.90
C ARG F 433 15.66 16.03 62.84
N ALA F 434 16.30 15.65 63.96
CA ALA F 434 17.10 14.41 64.00
C ALA F 434 16.21 13.18 63.88
N LEU F 435 15.09 13.23 64.60
CA LEU F 435 14.12 12.13 64.63
C LEU F 435 13.44 11.97 63.27
N ARG F 436 12.97 13.08 62.73
CA ARG F 436 12.30 13.08 61.41
C ARG F 436 13.18 12.58 60.27
N GLY F 437 14.50 12.87 60.37
CA GLY F 437 15.49 12.58 59.31
C GLY F 437 15.59 13.58 58.16
N LEU F 438 16.63 13.43 57.32
CA LEU F 438 16.75 14.18 56.04
C LEU F 438 15.92 13.56 54.90
N TYR F 439 14.85 14.23 54.48
CA TYR F 439 14.01 13.74 53.35
C TYR F 439 13.11 14.86 52.88
N PRO F 440 12.98 15.07 51.55
CA PRO F 440 13.58 14.28 50.46
C PRO F 440 15.11 14.35 50.39
N GLU G 20 31.62 11.46 -36.93
CA GLU G 20 30.85 11.74 -38.18
C GLU G 20 29.36 11.91 -37.86
N PRO G 21 28.91 13.16 -37.60
CA PRO G 21 27.46 13.31 -37.46
C PRO G 21 26.77 12.82 -38.72
N LEU G 22 25.54 12.32 -38.58
CA LEU G 22 24.79 11.79 -39.71
C LEU G 22 24.61 12.85 -40.80
N SER G 23 25.17 12.56 -41.98
CA SER G 23 25.18 13.50 -43.09
C SER G 23 23.79 13.95 -43.58
N TYR G 24 22.81 13.05 -43.56
CA TYR G 24 21.44 13.35 -44.00
C TYR G 24 20.60 14.25 -43.08
N LEU G 25 21.20 14.81 -42.04
CA LEU G 25 20.51 15.77 -41.17
C LEU G 25 20.96 17.22 -41.34
N GLY G 26 21.93 17.47 -42.21
CA GLY G 26 22.52 18.80 -42.32
C GLY G 26 23.35 19.11 -41.08
N LYS G 27 23.62 20.40 -40.85
CA LYS G 27 24.47 20.82 -39.73
C LYS G 27 23.71 20.81 -38.40
N ASP G 28 22.49 21.35 -38.37
CA ASP G 28 21.71 21.21 -37.13
C ASP G 28 20.78 20.01 -37.17
N GLY G 29 20.95 19.14 -36.18
CA GLY G 29 20.21 17.87 -36.08
C GLY G 29 18.93 17.92 -35.29
N GLY G 30 18.67 19.05 -34.63
CA GLY G 30 17.42 19.30 -33.89
C GLY G 30 17.14 18.37 -32.71
N PRO G 31 15.93 17.78 -32.67
CA PRO G 31 15.62 16.84 -31.58
C PRO G 31 16.62 15.65 -31.48
N TRP G 32 17.12 15.18 -32.61
CA TRP G 32 18.06 14.05 -32.63
C TRP G 32 19.36 14.37 -31.88
N GLU G 33 19.87 15.59 -32.08
CA GLU G 33 21.06 16.05 -31.38
C GLU G 33 20.77 16.14 -29.89
N ILE G 34 19.51 16.41 -29.52
CA ILE G 34 19.14 16.43 -28.10
C ILE G 34 19.23 15.01 -27.53
N PHE G 35 18.93 14.02 -28.37
CA PHE G 35 19.06 12.63 -27.91
C PHE G 35 20.53 12.23 -27.80
N THR G 36 21.27 12.55 -28.83
CA THR G 36 22.69 12.27 -28.95
C THR G 36 23.52 12.81 -27.77
N GLU G 37 23.17 13.99 -27.29
CA GLU G 37 23.82 14.62 -26.15
C GLU G 37 23.48 13.89 -24.85
N GLN G 38 22.22 13.47 -24.71
CA GLN G 38 21.84 12.60 -23.59
C GLN G 38 22.75 11.35 -23.56
N VAL G 39 23.01 10.77 -24.72
CA VAL G 39 23.90 9.61 -24.77
C VAL G 39 25.31 9.95 -24.27
N ASP G 40 25.89 11.05 -24.75
CA ASP G 40 27.23 11.45 -24.27
C ASP G 40 27.29 11.68 -22.75
N ARG G 41 26.17 12.10 -22.16
CA ARG G 41 26.15 12.42 -20.73
C ARG G 41 26.11 11.18 -19.87
N VAL G 42 25.78 10.06 -20.50
CA VAL G 42 25.68 8.76 -19.82
C VAL G 42 27.02 8.00 -19.86
N VAL G 43 27.83 8.33 -20.85
CA VAL G 43 29.09 7.66 -21.18
C VAL G 43 30.08 7.51 -20.02
N PRO G 44 30.25 8.54 -19.17
CA PRO G 44 31.14 8.32 -18.01
C PRO G 44 30.66 7.29 -16.97
N TYR G 45 29.40 6.84 -17.08
CA TYR G 45 28.86 5.87 -16.12
C TYR G 45 28.83 4.43 -16.65
N LEU G 46 29.20 4.28 -17.91
CA LEU G 46 29.11 3.03 -18.68
C LEU G 46 30.18 1.98 -18.43
N GLY G 47 31.24 2.32 -17.69
CA GLY G 47 32.32 1.40 -17.37
C GLY G 47 32.96 0.79 -18.61
N ARG G 48 33.08 -0.53 -18.64
CA ARG G 48 33.64 -1.22 -19.82
C ARG G 48 32.72 -1.16 -21.07
N LEU G 49 31.44 -0.84 -20.88
CA LEU G 49 30.49 -0.74 -22.00
C LEU G 49 30.62 0.54 -22.86
N ALA G 50 31.40 1.51 -22.39
CA ALA G 50 31.47 2.84 -23.02
C ALA G 50 31.82 2.88 -24.51
N PRO G 51 32.88 2.16 -24.95
CA PRO G 51 33.19 2.15 -26.39
C PRO G 51 32.00 1.80 -27.27
N LEU G 52 31.04 1.07 -26.72
CA LEU G 52 29.90 0.63 -27.46
C LEU G 52 28.83 1.69 -27.55
N ALA G 53 28.99 2.77 -26.78
CA ALA G 53 27.97 3.83 -26.68
C ALA G 53 27.67 4.44 -28.03
N GLU G 54 28.75 4.67 -28.79
CA GLU G 54 28.69 5.13 -30.17
C GLU G 54 27.55 4.49 -30.97
N SER G 55 27.31 3.19 -30.77
CA SER G 55 26.26 2.50 -31.50
C SER G 55 24.86 3.11 -31.23
N LEU G 56 24.73 3.77 -30.08
CA LEU G 56 23.47 4.42 -29.69
C LEU G 56 23.23 5.69 -30.48
N LYS G 57 24.27 6.18 -31.14
CA LYS G 57 24.16 7.43 -31.88
C LYS G 57 23.80 7.26 -33.36
N ARG G 58 23.48 6.04 -33.78
CA ARG G 58 23.05 5.76 -35.14
C ARG G 58 21.78 4.92 -35.08
N PRO G 59 20.71 5.31 -35.80
CA PRO G 59 19.63 4.34 -35.78
C PRO G 59 20.02 3.16 -36.65
N LYS G 60 19.63 1.97 -36.25
CA LYS G 60 19.79 0.78 -37.07
C LYS G 60 19.12 0.91 -38.45
N ARG G 61 17.98 1.57 -38.51
CA ARG G 61 17.14 1.44 -39.68
C ARG G 61 16.20 2.60 -39.78
N VAL G 62 16.26 3.33 -40.88
CA VAL G 62 15.26 4.33 -41.23
C VAL G 62 14.54 3.97 -42.54
N LEU G 63 13.21 3.91 -42.46
CA LEU G 63 12.41 3.73 -43.65
C LEU G 63 11.47 4.91 -43.93
N ILE G 64 11.71 5.59 -45.06
CA ILE G 64 10.85 6.68 -45.50
C ILE G 64 10.03 6.15 -46.64
N VAL G 65 8.72 6.36 -46.56
CA VAL G 65 7.77 5.86 -47.56
C VAL G 65 6.88 6.98 -48.10
N ASP G 66 6.32 6.75 -49.28
CA ASP G 66 5.36 7.65 -49.92
C ASP G 66 4.04 7.04 -49.56
N VAL G 67 3.16 7.81 -48.94
CA VAL G 67 1.84 7.25 -48.74
C VAL G 67 0.79 7.93 -49.62
N PRO G 68 0.52 7.35 -50.78
CA PRO G 68 -0.46 8.00 -51.67
C PRO G 68 -1.89 7.69 -51.23
N VAL G 69 -2.75 8.69 -51.19
CA VAL G 69 -4.14 8.47 -50.76
C VAL G 69 -5.12 9.16 -51.71
N ARG G 70 -6.07 8.40 -52.22
CA ARG G 70 -7.18 9.02 -52.94
C ARG G 70 -8.09 9.79 -51.97
N LEU G 71 -8.09 11.12 -52.11
CA LEU G 71 -9.00 12.00 -51.37
C LEU G 71 -10.45 11.79 -51.82
N ASP G 72 -11.39 12.33 -51.04
CA ASP G 72 -12.84 12.22 -51.30
C ASP G 72 -13.32 12.88 -52.60
N ASP G 73 -12.55 13.84 -53.11
CA ASP G 73 -12.85 14.54 -54.35
C ASP G 73 -12.24 13.90 -55.61
N GLY G 74 -11.83 12.64 -55.49
CA GLY G 74 -11.21 11.91 -56.62
C GLY G 74 -9.73 12.21 -56.81
N SER G 75 -9.23 13.12 -55.99
CA SER G 75 -7.85 13.57 -56.09
C SER G 75 -6.92 12.62 -55.36
N VAL G 76 -5.66 12.58 -55.79
CA VAL G 76 -4.65 11.77 -55.11
C VAL G 76 -3.68 12.69 -54.41
N ALA G 77 -3.50 12.49 -53.12
CA ALA G 77 -2.54 13.28 -52.38
C ALA G 77 -1.40 12.35 -51.98
N TYR G 78 -0.29 12.93 -51.55
CA TYR G 78 0.91 12.16 -51.30
C TYR G 78 1.49 12.64 -50.00
N PHE G 79 1.58 11.75 -49.02
CA PHE G 79 2.10 12.13 -47.70
C PHE G 79 3.42 11.40 -47.40
N GLU G 80 4.30 12.01 -46.64
CA GLU G 80 5.54 11.31 -46.27
C GLU G 80 5.32 10.40 -45.07
N GLY G 81 5.72 9.13 -45.18
CA GLY G 81 5.62 8.19 -44.05
C GLY G 81 7.01 7.93 -43.45
N TYR G 82 7.05 7.61 -42.17
CA TYR G 82 8.35 7.26 -41.57
C TYR G 82 8.19 6.09 -40.61
N ARG G 83 9.05 5.10 -40.70
CA ARG G 83 9.17 4.18 -39.58
C ARG G 83 10.67 4.08 -39.25
N VAL G 84 11.04 4.30 -38.00
CA VAL G 84 12.45 4.19 -37.58
C VAL G 84 12.59 3.13 -36.48
N HIS G 85 13.65 2.31 -36.60
CA HIS G 85 14.04 1.37 -35.59
C HIS G 85 15.38 1.86 -35.04
N HIS G 86 15.39 2.38 -33.85
CA HIS G 86 16.58 3.04 -33.43
C HIS G 86 17.54 1.95 -33.00
N ASN G 87 17.05 0.98 -32.24
CA ASN G 87 17.91 -0.07 -31.72
C ASN G 87 17.06 -1.25 -31.38
N THR G 88 17.59 -2.43 -31.63
CA THR G 88 16.83 -3.64 -31.64
C THR G 88 17.55 -4.82 -30.95
N ALA G 89 18.67 -4.52 -30.27
CA ALA G 89 19.47 -5.49 -29.55
C ALA G 89 18.71 -6.27 -28.45
N ARG G 90 17.95 -5.58 -27.62
CA ARG G 90 17.18 -6.22 -26.56
C ARG G 90 15.85 -6.82 -27.06
N GLY G 91 15.44 -6.54 -28.29
CA GLY G 91 14.09 -7.05 -28.70
C GLY G 91 13.52 -6.41 -29.94
N PRO G 92 12.25 -6.78 -30.32
CA PRO G 92 11.63 -6.09 -31.48
C PRO G 92 11.38 -4.60 -31.19
N ALA G 93 11.41 -3.77 -32.24
CA ALA G 93 11.12 -2.36 -32.11
C ALA G 93 9.70 -2.13 -31.63
N LYS G 94 9.57 -1.24 -30.64
CA LYS G 94 8.30 -0.86 -30.07
C LYS G 94 8.18 0.68 -29.96
N GLY G 95 7.07 1.22 -30.47
CA GLY G 95 6.88 2.66 -30.40
C GLY G 95 5.67 3.01 -31.26
N GLY G 96 5.03 4.13 -30.92
CA GLY G 96 3.80 4.55 -31.61
C GLY G 96 4.01 5.28 -32.94
N VAL G 97 2.90 5.43 -33.64
CA VAL G 97 2.79 6.15 -34.88
C VAL G 97 2.09 7.49 -34.65
N ARG G 98 2.77 8.58 -35.02
CA ARG G 98 2.24 9.94 -34.94
C ARG G 98 1.62 10.46 -36.26
N TYR G 99 0.46 11.12 -36.20
CA TYR G 99 -0.01 11.94 -37.33
C TYR G 99 -0.01 13.42 -36.94
N HIS G 100 0.85 14.21 -37.57
CA HIS G 100 1.02 15.60 -37.21
C HIS G 100 1.59 16.35 -38.42
N PRO G 101 1.22 17.65 -38.61
CA PRO G 101 1.77 18.32 -39.79
C PRO G 101 3.25 18.72 -39.64
N GLU G 102 3.81 18.58 -38.44
CA GLU G 102 5.22 18.95 -38.22
C GLU G 102 6.10 17.73 -38.01
N VAL G 103 5.60 16.56 -38.43
CA VAL G 103 6.40 15.33 -38.38
C VAL G 103 7.64 15.53 -39.24
N THR G 104 8.81 15.42 -38.63
CA THR G 104 10.07 15.40 -39.38
C THR G 104 10.80 14.06 -39.19
N LEU G 105 11.70 13.79 -40.13
CA LEU G 105 12.57 12.64 -40.05
C LEU G 105 13.45 12.68 -38.78
N SER G 106 13.95 13.85 -38.48
CA SER G 106 14.73 14.09 -37.28
C SER G 106 13.94 13.80 -35.99
N GLU G 107 12.65 14.16 -36.00
CA GLU G 107 11.81 13.99 -34.84
C GLU G 107 11.54 12.52 -34.61
N VAL G 108 11.16 11.82 -35.69
CA VAL G 108 10.94 10.40 -35.64
C VAL G 108 12.16 9.60 -35.23
N MET G 109 13.33 10.00 -35.71
CA MET G 109 14.57 9.37 -35.26
C MET G 109 14.73 9.51 -33.77
N ALA G 110 14.60 10.74 -33.31
CA ALA G 110 14.77 11.09 -31.92
C ALA G 110 13.79 10.35 -31.03
N LEU G 111 12.50 10.29 -31.43
CA LEU G 111 11.48 9.62 -30.67
C LEU G 111 11.74 8.11 -30.55
N ALA G 112 12.27 7.51 -31.64
CA ALA G 112 12.67 6.11 -31.58
C ALA G 112 13.86 5.90 -30.61
N GLY G 113 14.80 6.84 -30.58
CA GLY G 113 15.91 6.78 -29.59
C GLY G 113 15.36 6.80 -28.16
N TRP G 114 14.48 7.76 -27.85
CA TRP G 114 13.87 7.80 -26.51
C TRP G 114 13.16 6.48 -26.13
N MET G 115 12.64 5.78 -27.13
CA MET G 115 11.99 4.50 -26.88
C MET G 115 12.98 3.38 -26.58
N THR G 116 14.07 3.31 -27.30
CA THR G 116 15.11 2.37 -26.91
C THR G 116 15.34 2.48 -25.39
N ILE G 117 15.42 3.72 -24.94
CA ILE G 117 15.82 4.09 -23.57
C ILE G 117 14.74 3.78 -22.53
N LYS G 118 13.48 4.10 -22.88
CA LYS G 118 12.34 3.86 -22.01
C LYS G 118 12.08 2.36 -21.81
N ASN G 119 11.90 1.64 -22.93
CA ASN G 119 11.83 0.19 -22.91
C ASN G 119 13.02 -0.40 -22.11
N ALA G 120 14.23 -0.01 -22.45
CA ALA G 120 15.38 -0.56 -21.68
C ALA G 120 15.12 -0.38 -20.22
N ALA G 121 14.76 0.85 -19.79
CA ALA G 121 14.66 1.23 -18.41
C ALA G 121 13.49 0.62 -17.63
N VAL G 122 12.28 0.52 -18.26
CA VAL G 122 11.15 -0.13 -17.62
C VAL G 122 11.34 -1.64 -17.56
N GLY G 123 12.23 -2.19 -18.40
CA GLY G 123 12.58 -3.61 -18.36
C GLY G 123 11.79 -4.43 -19.39
N LEU G 124 11.23 -3.76 -20.38
CA LEU G 124 10.43 -4.46 -21.38
C LEU G 124 11.36 -5.07 -22.43
N PRO G 125 10.96 -6.24 -22.98
CA PRO G 125 11.77 -7.02 -23.87
C PRO G 125 11.72 -6.43 -25.30
N TYR G 126 11.84 -5.11 -25.39
CA TYR G 126 11.73 -4.40 -26.65
C TYR G 126 12.91 -3.47 -26.94
N GLY G 127 13.19 -3.25 -28.22
CA GLY G 127 14.11 -2.17 -28.63
C GLY G 127 13.28 -0.91 -28.85
N GLY G 128 13.85 0.10 -29.48
CA GLY G 128 13.15 1.35 -29.72
C GLY G 128 12.75 1.62 -31.16
N GLY G 129 11.44 1.81 -31.39
CA GLY G 129 10.92 2.22 -32.68
C GLY G 129 10.00 3.45 -32.58
N LYS G 130 9.71 4.07 -33.72
CA LYS G 130 8.71 5.15 -33.77
C LYS G 130 8.30 5.38 -35.20
N GLY G 131 7.04 5.73 -35.40
CA GLY G 131 6.51 6.01 -36.72
C GLY G 131 5.80 7.34 -36.73
N GLY G 132 5.57 7.87 -37.93
CA GLY G 132 4.85 9.12 -38.11
C GLY G 132 4.56 9.40 -39.56
N ILE G 133 3.40 10.05 -39.80
CA ILE G 133 3.00 10.59 -41.10
C ILE G 133 2.91 12.13 -40.97
N ARG G 134 3.54 12.85 -41.91
CA ARG G 134 3.49 14.30 -41.97
C ARG G 134 2.18 14.72 -42.65
N VAL G 135 1.15 14.90 -41.84
CA VAL G 135 -0.21 15.19 -42.33
C VAL G 135 -0.94 15.98 -41.26
N ASP G 136 -2.01 16.69 -41.66
CA ASP G 136 -2.92 17.30 -40.69
C ASP G 136 -4.23 16.52 -40.64
N PRO G 137 -4.37 15.68 -39.59
CA PRO G 137 -5.52 14.77 -39.48
C PRO G 137 -6.85 15.52 -39.37
N ARG G 138 -6.82 16.72 -38.78
CA ARG G 138 -8.00 17.57 -38.66
C ARG G 138 -8.60 17.92 -40.01
N LYS G 139 -7.74 17.93 -41.04
CA LYS G 139 -8.17 18.30 -42.38
C LYS G 139 -8.61 17.12 -43.27
N LEU G 140 -8.61 15.90 -42.73
CA LEU G 140 -9.14 14.74 -43.48
C LEU G 140 -10.46 14.20 -42.89
N SER G 141 -11.30 13.64 -43.77
CA SER G 141 -12.52 12.92 -43.36
C SER G 141 -12.12 11.59 -42.69
N PRO G 142 -13.05 10.93 -41.96
CA PRO G 142 -12.66 9.65 -41.36
C PRO G 142 -12.23 8.58 -42.41
N GLY G 143 -12.90 8.57 -43.56
CA GLY G 143 -12.53 7.70 -44.67
C GLY G 143 -11.12 7.95 -45.22
N GLU G 144 -10.76 9.22 -45.37
CA GLU G 144 -9.44 9.60 -45.84
C GLU G 144 -8.38 9.12 -44.86
N LEU G 145 -8.73 9.16 -43.58
CA LEU G 145 -7.80 8.81 -42.52
C LEU G 145 -7.63 7.28 -42.45
N GLU G 146 -8.72 6.58 -42.79
CA GLU G 146 -8.71 5.14 -42.92
C GLU G 146 -7.85 4.73 -44.12
N ARG G 147 -8.07 5.35 -45.28
CA ARG G 147 -7.28 5.01 -46.47
C ARG G 147 -5.81 5.33 -46.23
N LEU G 148 -5.54 6.44 -45.56
CA LEU G 148 -4.17 6.82 -45.20
C LEU G 148 -3.51 5.78 -44.31
N THR G 149 -4.26 5.37 -43.27
CA THR G 149 -3.78 4.39 -42.31
C THR G 149 -3.51 3.07 -43.01
N ARG G 150 -4.46 2.59 -43.81
CA ARG G 150 -4.25 1.32 -44.51
C ARG G 150 -3.02 1.34 -45.42
N ARG G 151 -2.87 2.41 -46.24
CA ARG G 151 -1.73 2.51 -47.15
C ARG G 151 -0.38 2.63 -46.40
N TYR G 152 -0.36 3.38 -45.31
CA TYR G 152 0.87 3.49 -44.50
C TYR G 152 1.27 2.10 -43.98
N THR G 153 0.28 1.27 -43.65
CA THR G 153 0.61 -0.02 -43.04
C THR G 153 0.99 -1.07 -44.08
N SER G 154 0.43 -0.99 -45.29
CA SER G 154 1.01 -1.72 -46.42
C SER G 154 2.45 -1.30 -46.64
N GLU G 155 2.69 0.01 -46.61
CA GLU G 155 3.97 0.52 -47.06
C GLU G 155 5.12 0.16 -46.11
N ILE G 156 4.81 0.00 -44.82
CA ILE G 156 5.83 -0.36 -43.81
C ILE G 156 5.74 -1.86 -43.46
N GLY G 157 4.85 -2.56 -44.18
CA GLY G 157 4.65 -4.00 -44.08
C GLY G 157 5.89 -4.86 -43.91
N ILE G 158 6.93 -4.56 -44.69
CA ILE G 158 8.18 -5.33 -44.69
C ILE G 158 8.90 -5.22 -43.34
N LEU G 159 8.43 -4.30 -42.50
CA LEU G 159 9.03 -4.05 -41.21
C LEU G 159 8.29 -4.79 -40.10
N LEU G 160 6.97 -4.96 -40.30
CA LEU G 160 6.01 -5.33 -39.28
C LEU G 160 6.03 -6.83 -38.96
N GLY G 161 5.55 -7.15 -37.77
CA GLY G 161 5.48 -8.53 -37.29
C GLY G 161 5.52 -8.53 -35.78
N PRO G 162 4.73 -9.39 -35.12
CA PRO G 162 4.80 -9.40 -33.66
C PRO G 162 6.20 -9.73 -33.11
N ASP G 163 7.11 -10.24 -33.93
CA ASP G 163 8.53 -10.42 -33.48
C ASP G 163 9.58 -9.53 -34.17
N ARG G 164 9.13 -8.46 -34.82
CA ARG G 164 10.02 -7.54 -35.54
C ARG G 164 9.76 -6.09 -35.16
N ASP G 165 8.50 -5.63 -35.31
CA ASP G 165 8.15 -4.25 -35.06
C ASP G 165 6.65 -4.14 -34.78
N ILE G 166 6.31 -3.55 -33.63
CA ILE G 166 4.92 -3.54 -33.15
C ILE G 166 4.45 -2.08 -32.88
N PRO G 167 3.82 -1.42 -33.87
CA PRO G 167 3.35 -0.04 -33.63
C PRO G 167 2.32 0.07 -32.50
N ALA G 168 1.91 1.30 -32.24
CA ALA G 168 1.02 1.69 -31.15
C ALA G 168 0.46 3.09 -31.45
N PRO G 169 -0.50 3.57 -30.63
CA PRO G 169 -0.94 4.98 -30.69
C PRO G 169 0.14 5.98 -30.29
N ASP G 170 0.03 7.19 -30.83
CA ASP G 170 0.79 8.36 -30.40
C ASP G 170 -0.10 9.54 -30.72
N VAL G 171 0.47 10.71 -31.00
CA VAL G 171 -0.32 11.92 -31.26
C VAL G 171 -1.30 11.80 -32.46
N ASN G 172 -2.57 12.09 -32.19
CA ASN G 172 -3.67 12.00 -33.16
C ASN G 172 -3.93 10.61 -33.75
N THR G 173 -3.45 9.56 -33.08
CA THR G 173 -3.83 8.19 -33.42
C THR G 173 -4.31 7.54 -32.12
N GLY G 174 -5.11 6.49 -32.25
CA GLY G 174 -5.64 5.80 -31.09
C GLY G 174 -6.24 4.46 -31.50
N GLU G 175 -7.28 4.07 -30.77
CA GLU G 175 -7.98 2.79 -30.95
C GLU G 175 -8.37 2.56 -32.38
N ARG G 176 -8.94 3.58 -32.99
CA ARG G 176 -9.53 3.48 -34.32
C ARG G 176 -8.49 3.09 -35.36
N GLU G 177 -7.30 3.67 -35.32
CA GLU G 177 -6.37 3.40 -36.42
C GLU G 177 -5.55 2.14 -36.19
N MET G 178 -5.29 1.79 -34.92
CA MET G 178 -4.72 0.49 -34.55
C MET G 178 -5.58 -0.67 -35.09
N ALA G 179 -6.90 -0.53 -34.95
CA ALA G 179 -7.85 -1.47 -35.54
C ALA G 179 -7.68 -1.58 -37.05
N TRP G 180 -7.64 -0.46 -37.73
CA TRP G 180 -7.27 -0.41 -39.15
C TRP G 180 -5.89 -1.05 -39.49
N MET G 181 -4.85 -0.67 -38.76
CA MET G 181 -3.53 -1.26 -38.92
C MET G 181 -3.55 -2.78 -38.80
N MET G 182 -4.14 -3.28 -37.70
CA MET G 182 -4.27 -4.73 -37.48
C MET G 182 -5.00 -5.42 -38.63
N ASP G 183 -6.15 -4.90 -39.02
CA ASP G 183 -6.92 -5.54 -40.05
C ASP G 183 -6.21 -5.49 -41.41
N THR G 184 -5.57 -4.36 -41.69
CA THR G 184 -4.85 -4.21 -42.98
C THR G 184 -3.78 -5.29 -43.13
N TYR G 185 -2.98 -5.43 -42.10
CA TYR G 185 -1.83 -6.33 -42.09
C TYR G 185 -2.30 -7.77 -42.21
N SER G 186 -3.32 -8.09 -41.41
CA SER G 186 -3.92 -9.42 -41.35
C SER G 186 -4.54 -9.85 -42.66
N MET G 187 -5.25 -8.93 -43.31
CA MET G 187 -5.80 -9.24 -44.64
C MET G 187 -4.64 -9.39 -45.62
N ASN G 188 -3.60 -8.57 -45.46
CA ASN G 188 -2.44 -8.71 -46.34
C ASN G 188 -1.78 -10.10 -46.31
N VAL G 189 -1.77 -10.73 -45.13
CA VAL G 189 -0.91 -11.89 -44.87
C VAL G 189 -1.70 -13.20 -44.76
N GLY G 190 -3.03 -13.09 -44.87
CA GLY G 190 -3.94 -14.24 -44.78
C GLY G 190 -3.99 -14.90 -43.42
N ARG G 191 -3.66 -14.14 -42.37
CA ARG G 191 -3.69 -14.66 -41.00
CA ARG G 191 -3.69 -14.66 -41.00
C ARG G 191 -4.24 -13.56 -40.11
N THR G 192 -4.97 -13.93 -39.08
CA THR G 192 -5.34 -12.88 -38.17
C THR G 192 -4.26 -12.82 -37.09
N VAL G 193 -3.61 -11.66 -36.99
CA VAL G 193 -2.40 -11.45 -36.15
C VAL G 193 -2.70 -10.25 -35.25
N PRO G 194 -3.14 -10.50 -34.00
CA PRO G 194 -3.59 -9.40 -33.18
C PRO G 194 -2.43 -8.59 -32.64
N GLY G 195 -1.31 -9.22 -32.29
CA GLY G 195 -0.15 -8.52 -31.70
C GLY G 195 0.84 -7.84 -32.63
N VAL G 196 0.43 -7.60 -33.87
CA VAL G 196 1.20 -6.76 -34.81
C VAL G 196 1.09 -5.27 -34.39
N VAL G 197 -0.01 -4.87 -33.72
CA VAL G 197 -0.09 -3.53 -33.06
C VAL G 197 -0.64 -3.68 -31.63
N THR G 198 -0.50 -2.66 -30.77
CA THR G 198 -1.12 -2.67 -29.44
C THR G 198 -1.77 -1.35 -29.35
N GLY G 199 -2.59 -1.13 -28.31
CA GLY G 199 -3.49 0.04 -28.25
C GLY G 199 -4.79 -0.26 -29.00
N LYS G 200 -5.08 -1.54 -29.17
CA LYS G 200 -6.29 -1.99 -29.91
C LYS G 200 -7.54 -2.02 -29.02
N PRO G 201 -8.74 -1.93 -29.65
CA PRO G 201 -9.91 -2.17 -28.82
C PRO G 201 -9.91 -3.58 -28.22
N ILE G 202 -10.50 -3.73 -27.02
CA ILE G 202 -10.67 -5.03 -26.39
C ILE G 202 -11.33 -6.05 -27.33
N ALA G 203 -12.30 -5.62 -28.14
CA ALA G 203 -12.97 -6.52 -29.07
C ALA G 203 -12.06 -7.10 -30.17
N LEU G 204 -10.85 -6.58 -30.28
CA LEU G 204 -9.93 -7.02 -31.31
C LEU G 204 -8.63 -7.56 -30.73
N GLY G 205 -8.61 -7.86 -29.44
CA GLY G 205 -7.40 -8.37 -28.83
C GLY G 205 -6.63 -7.35 -28.03
N GLY G 206 -7.28 -6.23 -27.71
CA GLY G 206 -6.74 -5.25 -26.76
C GLY G 206 -6.68 -5.77 -25.32
N SER G 207 -6.27 -4.91 -24.40
CA SER G 207 -6.06 -5.35 -23.04
C SER G 207 -6.88 -4.51 -22.10
N LEU G 208 -7.34 -5.14 -21.04
CA LEU G 208 -7.95 -4.44 -19.93
C LEU G 208 -6.86 -3.63 -19.23
N GLY G 209 -7.28 -2.55 -18.56
CA GLY G 209 -6.41 -1.77 -17.69
C GLY G 209 -5.57 -0.73 -18.41
N ARG G 210 -5.92 -0.46 -19.66
CA ARG G 210 -5.11 0.40 -20.50
C ARG G 210 -5.30 1.89 -20.20
N ARG G 211 -6.55 2.36 -20.16
CA ARG G 211 -6.89 3.75 -19.84
C ARG G 211 -6.21 4.36 -18.59
N ASP G 212 -6.32 3.69 -17.45
CA ASP G 212 -5.84 4.27 -16.18
C ASP G 212 -4.38 3.87 -15.89
N ALA G 213 -3.78 3.08 -16.79
CA ALA G 213 -2.45 2.50 -16.61
C ALA G 213 -1.37 3.50 -16.27
N THR G 214 -1.22 4.54 -17.10
CA THR G 214 -0.19 5.56 -16.90
C THR G 214 -0.33 6.32 -15.56
N GLY G 215 -1.53 6.79 -15.28
CA GLY G 215 -1.86 7.44 -13.99
C GLY G 215 -1.71 6.52 -12.78
N ARG G 216 -2.04 5.24 -12.95
CA ARG G 216 -1.80 4.25 -11.88
C ARG G 216 -0.29 4.09 -11.61
N GLY G 217 0.49 4.11 -12.70
CA GLY G 217 1.94 3.88 -12.65
C GLY G 217 2.69 5.04 -12.07
N VAL G 218 2.09 6.22 -12.17
CA VAL G 218 2.61 7.42 -11.50
C VAL G 218 2.51 7.17 -9.99
N PHE G 219 1.34 6.72 -9.54
CA PHE G 219 1.20 6.40 -8.13
C PHE G 219 2.08 5.26 -7.64
N ILE G 220 2.20 4.21 -8.47
CA ILE G 220 2.90 3.02 -8.07
C ILE G 220 4.36 3.39 -7.84
N THR G 221 4.95 4.14 -8.76
CA THR G 221 6.38 4.52 -8.63
C THR G 221 6.57 5.64 -7.57
N ALA G 222 5.60 6.55 -7.47
CA ALA G 222 5.54 7.48 -6.32
C ALA G 222 5.53 6.71 -5.00
N ALA G 223 4.69 5.65 -4.92
CA ALA G 223 4.63 4.83 -3.68
C ALA G 223 5.95 4.11 -3.40
N ALA G 224 6.64 3.69 -4.45
CA ALA G 224 7.87 2.92 -4.25
C ALA G 224 8.92 3.84 -3.67
N ALA G 225 9.00 5.06 -4.19
CA ALA G 225 9.90 6.09 -3.69
C ALA G 225 9.61 6.44 -2.24
N ALA G 226 8.32 6.56 -1.93
CA ALA G 226 7.80 6.82 -0.59
C ALA G 226 8.32 5.82 0.48
N GLU G 227 8.27 4.52 0.18
CA GLU G 227 8.82 3.51 1.09
C GLU G 227 10.33 3.68 1.36
N LYS G 228 11.07 4.24 0.40
CA LYS G 228 12.52 4.41 0.59
C LYS G 228 12.83 5.52 1.58
N ILE G 229 11.87 6.42 1.79
CA ILE G 229 12.11 7.60 2.62
C ILE G 229 11.25 7.61 3.88
N GLY G 230 10.52 6.51 4.09
CA GLY G 230 9.67 6.40 5.25
C GLY G 230 8.36 7.16 5.13
N LEU G 231 8.01 7.58 3.92
CA LEU G 231 6.80 8.37 3.72
C LEU G 231 5.57 7.48 3.66
N GLN G 232 4.63 7.69 4.58
CA GLN G 232 3.39 6.92 4.60
C GLN G 232 2.42 7.45 3.55
N VAL G 233 1.84 6.56 2.76
CA VAL G 233 0.85 6.95 1.74
C VAL G 233 -0.52 7.30 2.36
N GLU G 234 -0.99 6.44 3.27
CA GLU G 234 -2.30 6.60 3.90
C GLU G 234 -2.68 8.01 4.42
N GLY G 235 -1.78 8.70 5.10
CA GLY G 235 -2.20 10.07 5.49
C GLY G 235 -1.95 11.19 4.48
N ALA G 236 -1.29 10.86 3.37
CA ALA G 236 -0.54 11.85 2.60
C ALA G 236 -1.37 12.81 1.75
N ARG G 237 -0.80 14.00 1.54
CA ARG G 237 -1.38 15.02 0.67
C ARG G 237 -0.69 15.08 -0.70
N VAL G 238 -1.51 15.23 -1.73
CA VAL G 238 -1.08 15.20 -3.13
C VAL G 238 -1.59 16.41 -3.87
N ALA G 239 -0.70 17.02 -4.65
CA ALA G 239 -1.11 18.08 -5.55
C ALA G 239 -0.82 17.63 -6.98
N ILE G 240 -1.84 17.73 -7.83
CA ILE G 240 -1.71 17.28 -9.20
C ILE G 240 -1.90 18.41 -10.22
N GLN G 241 -0.90 18.63 -11.06
CA GLN G 241 -1.09 19.45 -12.25
C GLN G 241 -1.60 18.66 -13.46
N GLY G 242 -2.76 19.06 -13.95
CA GLY G 242 -3.41 18.36 -15.06
C GLY G 242 -4.40 17.34 -14.59
N PHE G 243 -5.57 17.29 -15.25
CA PHE G 243 -6.60 16.32 -14.90
C PHE G 243 -7.08 15.55 -16.14
N GLY G 244 -6.12 15.27 -17.05
CA GLY G 244 -6.35 14.48 -18.25
C GLY G 244 -6.36 13.01 -17.87
N ASN G 245 -6.18 12.14 -18.86
CA ASN G 245 -6.16 10.71 -18.57
C ASN G 245 -5.10 10.35 -17.52
N VAL G 246 -3.91 10.95 -17.59
CA VAL G 246 -2.89 10.67 -16.57
C VAL G 246 -3.30 11.25 -15.20
N GLY G 247 -3.54 12.57 -15.15
CA GLY G 247 -3.80 13.28 -13.90
C GLY G 247 -4.96 12.71 -13.11
N ASN G 248 -6.11 12.57 -13.77
CA ASN G 248 -7.27 12.00 -13.08
C ASN G 248 -7.08 10.54 -12.64
N ALA G 249 -6.50 9.68 -13.48
CA ALA G 249 -6.17 8.31 -13.03
C ALA G 249 -5.14 8.26 -11.87
N ALA G 250 -4.19 9.16 -11.87
CA ALA G 250 -3.24 9.28 -10.74
C ALA G 250 -3.97 9.78 -9.46
N ALA G 251 -5.03 10.57 -9.67
CA ALA G 251 -5.78 11.15 -8.56
C ALA G 251 -6.63 10.07 -7.90
N ARG G 252 -7.24 9.23 -8.73
CA ARG G 252 -7.96 8.06 -8.24
C ARG G 252 -7.07 7.01 -7.56
N ALA G 253 -5.93 6.71 -8.15
CA ALA G 253 -4.97 5.80 -7.53
C ALA G 253 -4.62 6.31 -6.13
N PHE G 254 -4.18 7.55 -6.04
CA PHE G 254 -3.78 8.15 -4.76
C PHE G 254 -4.89 8.10 -3.71
N HIS G 255 -6.08 8.51 -4.12
CA HIS G 255 -7.26 8.52 -3.27
C HIS G 255 -7.54 7.12 -2.78
N ASP G 256 -7.61 6.18 -3.72
CA ASP G 256 -7.94 4.80 -3.39
C ASP G 256 -6.92 4.09 -2.46
N HIS G 257 -5.68 4.59 -2.38
CA HIS G 257 -4.71 4.07 -1.42
C HIS G 257 -4.58 4.88 -0.11
N GLY G 258 -5.54 5.77 0.12
CA GLY G 258 -5.66 6.45 1.39
C GLY G 258 -5.18 7.89 1.39
N ALA G 259 -4.54 8.33 0.31
CA ALA G 259 -4.04 9.69 0.26
C ALA G 259 -5.14 10.71 -0.03
N ARG G 260 -4.88 11.96 0.37
CA ARG G 260 -5.75 13.11 0.13
C ARG G 260 -5.25 13.94 -1.04
N VAL G 261 -6.09 14.10 -2.06
CA VAL G 261 -5.81 15.09 -3.12
C VAL G 261 -6.29 16.48 -2.66
N VAL G 262 -5.35 17.35 -2.30
CA VAL G 262 -5.69 18.70 -1.81
C VAL G 262 -5.76 19.80 -2.89
N ALA G 263 -5.13 19.58 -4.03
CA ALA G 263 -5.11 20.57 -5.12
C ALA G 263 -5.01 19.94 -6.52
N VAL G 264 -5.79 20.47 -7.46
CA VAL G 264 -5.63 20.15 -8.87
C VAL G 264 -5.55 21.43 -9.68
N GLN G 265 -4.54 21.53 -10.54
CA GLN G 265 -4.39 22.68 -11.43
C GLN G 265 -4.66 22.29 -12.88
N ASP G 266 -5.28 23.21 -13.60
CA ASP G 266 -5.74 23.05 -14.98
C ASP G 266 -5.19 24.11 -15.92
N HIS G 267 -5.57 24.03 -17.19
CA HIS G 267 -5.53 25.21 -18.06
C HIS G 267 -6.63 26.18 -17.58
N THR G 268 -7.68 25.61 -17.01
CA THR G 268 -8.88 26.31 -16.55
C THR G 268 -8.75 27.05 -15.21
N GLY G 269 -7.91 26.53 -14.31
CA GLY G 269 -7.68 27.18 -13.02
C GLY G 269 -7.08 26.21 -12.02
N THR G 270 -7.21 26.53 -10.74
CA THR G 270 -6.66 25.71 -9.66
C THR G 270 -7.65 25.63 -8.52
N VAL G 271 -7.89 24.40 -8.03
CA VAL G 271 -8.77 24.19 -6.88
C VAL G 271 -8.02 23.61 -5.68
N TYR G 272 -8.47 23.96 -4.47
CA TYR G 272 -7.79 23.64 -3.22
C TYR G 272 -8.74 23.36 -2.07
N ASN G 273 -8.54 22.21 -1.42
CA ASN G 273 -9.29 21.84 -0.24
C ASN G 273 -8.46 20.90 0.64
N GLU G 274 -7.89 21.45 1.71
CA GLU G 274 -7.01 20.71 2.61
C GLU G 274 -7.68 19.49 3.25
N ALA G 275 -9.01 19.49 3.28
CA ALA G 275 -9.76 18.31 3.72
C ALA G 275 -9.74 17.18 2.68
N GLY G 276 -9.41 17.51 1.43
CA GLY G 276 -9.31 16.52 0.37
C GLY G 276 -10.42 16.64 -0.64
N ILE G 277 -10.09 16.40 -1.91
CA ILE G 277 -11.05 16.46 -3.00
C ILE G 277 -11.33 15.05 -3.52
N ASP G 278 -12.61 14.74 -3.65
CA ASP G 278 -13.04 13.47 -4.23
C ASP G 278 -12.79 13.52 -5.73
N PRO G 279 -11.83 12.69 -6.23
CA PRO G 279 -11.46 12.72 -7.65
C PRO G 279 -12.60 12.32 -8.56
N TYR G 280 -13.44 11.39 -8.08
CA TYR G 280 -14.59 10.92 -8.86
C TYR G 280 -15.63 12.03 -8.97
N ASP G 281 -15.85 12.75 -7.88
CA ASP G 281 -16.78 13.87 -7.87
C ASP G 281 -16.25 14.99 -8.75
N LEU G 282 -14.95 15.26 -8.67
CA LEU G 282 -14.34 16.30 -9.49
C LEU G 282 -14.40 15.98 -10.98
N LEU G 283 -14.17 14.72 -11.33
CA LEU G 283 -14.13 14.31 -12.73
C LEU G 283 -15.49 14.56 -13.38
N ARG G 284 -16.57 14.27 -12.65
CA ARG G 284 -17.93 14.55 -13.10
C ARG G 284 -18.07 16.03 -13.44
N HIS G 285 -17.51 16.89 -12.59
CA HIS G 285 -17.51 18.33 -12.85
C HIS G 285 -16.73 18.67 -14.11
N VAL G 286 -15.51 18.12 -14.22
CA VAL G 286 -14.66 18.31 -15.41
C VAL G 286 -15.40 17.86 -16.66
N GLN G 287 -16.17 16.77 -16.54
CA GLN G 287 -16.96 16.25 -17.66
C GLN G 287 -18.11 17.17 -18.04
N GLU G 288 -18.71 17.85 -17.06
CA GLU G 288 -19.85 18.74 -17.34
C GLU G 288 -19.47 20.14 -17.79
N PHE G 289 -18.43 20.71 -17.18
CA PHE G 289 -18.07 22.11 -17.43
C PHE G 289 -16.74 22.31 -18.15
N GLY G 290 -15.96 21.24 -18.27
CA GLY G 290 -14.72 21.27 -19.04
C GLY G 290 -13.44 21.52 -18.27
N GLY G 291 -13.55 21.75 -16.96
CA GLY G 291 -12.37 22.06 -16.15
C GLY G 291 -12.62 22.22 -14.66
N VAL G 292 -11.55 22.32 -13.88
CA VAL G 292 -11.63 22.35 -12.42
C VAL G 292 -12.36 23.58 -11.84
N ARG G 293 -12.24 24.73 -12.51
CA ARG G 293 -12.91 25.95 -12.07
C ARG G 293 -14.42 25.75 -11.84
N GLY G 294 -14.91 26.34 -10.75
CA GLY G 294 -16.33 26.28 -10.41
C GLY G 294 -16.68 25.03 -9.62
N TYR G 295 -15.68 24.21 -9.30
CA TYR G 295 -15.93 22.99 -8.54
C TYR G 295 -16.43 23.36 -7.15
N PRO G 296 -17.69 22.97 -6.82
CA PRO G 296 -18.31 23.50 -5.60
C PRO G 296 -17.69 23.08 -4.27
N LYS G 297 -16.94 21.98 -4.23
CA LYS G 297 -16.40 21.46 -2.96
C LYS G 297 -14.93 21.79 -2.67
N ALA G 298 -14.45 22.88 -3.27
CA ALA G 298 -13.11 23.42 -3.06
C ALA G 298 -13.15 24.95 -3.25
N GLU G 299 -12.11 25.65 -2.77
CA GLU G 299 -11.97 27.09 -3.04
C GLU G 299 -11.10 27.27 -4.30
N PRO G 300 -11.20 28.42 -5.00
CA PRO G 300 -10.26 28.66 -6.09
C PRO G 300 -8.89 29.02 -5.52
N LEU G 301 -7.87 29.08 -6.37
CA LEU G 301 -6.52 29.43 -5.91
C LEU G 301 -5.71 30.11 -7.02
N PRO G 302 -4.87 31.11 -6.67
CA PRO G 302 -4.01 31.69 -7.69
C PRO G 302 -3.00 30.67 -8.21
N ALA G 303 -2.81 30.64 -9.53
CA ALA G 303 -1.98 29.67 -10.21
C ALA G 303 -0.60 29.44 -9.58
N ALA G 304 0.06 30.52 -9.16
CA ALA G 304 1.45 30.42 -8.72
C ALA G 304 1.57 29.89 -7.30
N ASP G 305 0.46 29.91 -6.58
CA ASP G 305 0.41 29.37 -5.22
C ASP G 305 0.33 27.83 -5.20
N PHE G 306 -0.09 27.24 -6.32
CA PHE G 306 -0.16 25.77 -6.44
C PHE G 306 1.19 25.13 -6.07
N TRP G 307 2.28 25.68 -6.61
CA TRP G 307 3.57 25.03 -6.51
C TRP G 307 4.14 24.97 -5.10
N GLY G 308 3.80 25.98 -4.29
CA GLY G 308 4.36 26.12 -2.96
C GLY G 308 3.54 25.49 -1.85
N LEU G 309 2.44 24.84 -2.22
CA LEU G 309 1.57 24.17 -1.25
C LEU G 309 2.33 23.14 -0.40
N PRO G 310 1.99 23.03 0.89
CA PRO G 310 2.59 21.99 1.74
C PRO G 310 1.94 20.62 1.47
N VAL G 311 2.70 19.73 0.82
CA VAL G 311 2.22 18.42 0.37
C VAL G 311 3.33 17.37 0.45
N GLU G 312 2.92 16.10 0.46
CA GLU G 312 3.87 14.98 0.42
C GLU G 312 4.26 14.63 -1.02
N PHE G 313 3.27 14.64 -1.91
CA PHE G 313 3.46 14.29 -3.30
C PHE G 313 3.02 15.41 -4.24
N LEU G 314 3.86 15.66 -5.23
CA LEU G 314 3.54 16.59 -6.33
C LEU G 314 3.66 15.89 -7.70
N VAL G 315 2.55 15.89 -8.43
CA VAL G 315 2.40 15.18 -9.70
C VAL G 315 2.11 16.11 -10.87
N PRO G 316 3.17 16.57 -11.55
CA PRO G 316 2.95 17.29 -12.80
C PRO G 316 2.54 16.32 -13.91
N ALA G 317 1.31 16.45 -14.40
CA ALA G 317 0.79 15.55 -15.42
C ALA G 317 0.02 16.37 -16.47
N ALA G 318 0.64 17.47 -16.85
CA ALA G 318 0.08 18.43 -17.80
C ALA G 318 1.10 18.67 -18.90
N LEU G 319 1.54 19.90 -19.08
CA LEU G 319 2.49 20.21 -20.14
C LEU G 319 3.92 20.10 -19.60
N GLU G 320 4.88 20.28 -20.48
CA GLU G 320 6.27 20.19 -20.09
C GLU G 320 6.78 21.55 -19.62
N LYS G 321 7.96 21.53 -19.02
CA LYS G 321 8.59 22.75 -18.52
C LYS G 321 7.69 23.52 -17.58
N GLN G 322 7.03 22.81 -16.68
CA GLN G 322 6.11 23.45 -15.74
C GLN G 322 6.82 23.69 -14.43
N ILE G 323 7.84 22.89 -14.15
CA ILE G 323 8.68 23.09 -12.96
C ILE G 323 10.03 23.62 -13.41
N THR G 324 10.27 24.91 -13.15
CA THR G 324 11.46 25.61 -13.63
C THR G 324 12.23 26.28 -12.48
N GLU G 325 13.40 26.84 -12.82
CA GLU G 325 14.11 27.83 -12.01
C GLU G 325 13.19 28.82 -11.27
N GLN G 326 12.08 29.20 -11.90
CA GLN G 326 11.18 30.24 -11.34
C GLN G 326 10.25 29.82 -10.22
N ASN G 327 9.97 28.52 -10.10
CA ASN G 327 9.12 28.01 -9.01
C ASN G 327 9.74 26.89 -8.18
N ALA G 328 10.78 26.26 -8.70
CA ALA G 328 11.41 25.12 -8.02
C ALA G 328 11.74 25.34 -6.56
N TRP G 329 12.18 26.54 -6.18
CA TRP G 329 12.54 26.79 -4.78
C TRP G 329 11.33 26.85 -3.85
N ARG G 330 10.16 27.08 -4.41
CA ARG G 330 8.94 27.17 -3.61
C ARG G 330 8.36 25.81 -3.25
N ILE G 331 8.78 24.80 -4.00
CA ILE G 331 8.26 23.45 -3.85
C ILE G 331 8.59 22.87 -2.47
N ARG G 332 7.56 22.32 -1.82
CA ARG G 332 7.64 21.73 -0.49
C ARG G 332 7.39 20.21 -0.45
N ALA G 333 7.11 19.63 -1.61
CA ALA G 333 6.86 18.20 -1.76
C ALA G 333 8.09 17.43 -1.37
N ARG G 334 7.90 16.25 -0.78
CA ARG G 334 9.00 15.33 -0.57
C ARG G 334 9.29 14.52 -1.82
N ILE G 335 8.27 14.37 -2.68
CA ILE G 335 8.35 13.55 -3.88
C ILE G 335 7.57 14.16 -5.04
N VAL G 336 8.30 14.40 -6.14
CA VAL G 336 7.69 14.77 -7.40
C VAL G 336 7.68 13.55 -8.31
N ALA G 337 6.51 13.16 -8.81
CA ALA G 337 6.46 12.06 -9.73
C ALA G 337 5.92 12.53 -11.07
N GLU G 338 6.73 12.33 -12.12
CA GLU G 338 6.47 12.94 -13.41
C GLU G 338 5.46 12.17 -14.29
N GLY G 339 4.22 12.64 -14.25
CA GLY G 339 3.14 12.11 -15.10
C GLY G 339 3.31 12.45 -16.56
N ALA G 340 3.54 13.71 -16.87
CA ALA G 340 3.82 14.13 -18.25
C ALA G 340 5.27 13.94 -18.63
N ASN G 341 5.56 14.05 -19.93
CA ASN G 341 6.95 14.01 -20.41
C ASN G 341 7.57 15.37 -20.27
N GLY G 342 8.77 15.42 -19.69
CA GLY G 342 9.52 16.65 -19.52
C GLY G 342 8.94 17.81 -18.72
N PRO G 343 8.27 17.54 -17.57
CA PRO G 343 7.71 18.69 -16.84
C PRO G 343 8.72 19.47 -16.00
N THR G 344 9.95 18.98 -15.85
CA THR G 344 10.93 19.72 -15.08
C THR G 344 12.24 19.93 -15.81
N THR G 345 12.65 21.20 -15.85
CA THR G 345 13.85 21.67 -16.54
C THR G 345 15.09 21.21 -15.79
N PRO G 346 16.23 21.10 -16.50
CA PRO G 346 17.49 20.74 -15.89
C PRO G 346 17.78 21.61 -14.68
N ALA G 347 17.72 22.94 -14.85
CA ALA G 347 17.94 23.90 -13.77
C ALA G 347 17.11 23.59 -12.52
N ALA G 348 15.82 23.31 -12.73
CA ALA G 348 14.93 22.84 -11.67
C ALA G 348 15.38 21.53 -10.98
N ASP G 349 15.85 20.53 -11.76
CA ASP G 349 16.47 19.31 -11.20
C ASP G 349 17.58 19.61 -10.18
N ASP G 350 18.49 20.50 -10.54
CA ASP G 350 19.62 20.85 -9.66
C ASP G 350 19.11 21.50 -8.39
N ILE G 351 18.03 22.26 -8.53
CA ILE G 351 17.44 22.97 -7.41
C ILE G 351 16.82 21.96 -6.44
N LEU G 352 15.99 21.08 -7.00
CA LEU G 352 15.31 20.04 -6.25
C LEU G 352 16.30 19.04 -5.65
N LEU G 353 17.37 18.75 -6.39
CA LEU G 353 18.44 17.96 -5.80
C LEU G 353 18.94 18.63 -4.51
N GLU G 354 19.34 19.91 -4.60
CA GLU G 354 19.80 20.64 -3.42
C GLU G 354 18.81 20.67 -2.22
N LYS G 355 17.51 20.82 -2.49
CA LYS G 355 16.53 20.84 -1.40
C LYS G 355 16.24 19.46 -0.83
N GLY G 356 16.65 18.42 -1.57
CA GLY G 356 16.49 17.06 -1.09
C GLY G 356 15.12 16.51 -1.42
N VAL G 357 14.48 17.02 -2.47
CA VAL G 357 13.24 16.39 -2.95
C VAL G 357 13.56 15.32 -4.01
N LEU G 358 12.93 14.16 -3.88
CA LEU G 358 13.12 13.04 -4.78
C LEU G 358 12.20 13.25 -5.97
N VAL G 359 12.79 13.23 -7.16
CA VAL G 359 12.03 13.33 -8.38
C VAL G 359 12.02 11.96 -9.03
N VAL G 360 10.85 11.35 -9.17
CA VAL G 360 10.74 10.12 -9.96
C VAL G 360 10.62 10.57 -11.41
N PRO G 361 11.65 10.24 -12.22
CA PRO G 361 11.74 10.81 -13.56
C PRO G 361 10.67 10.20 -14.44
N ASP G 362 10.31 10.90 -15.51
CA ASP G 362 9.20 10.48 -16.40
C ASP G 362 9.50 9.17 -17.18
N VAL G 363 10.80 8.87 -17.37
CA VAL G 363 11.26 7.64 -18.03
C VAL G 363 10.57 6.42 -17.44
N ILE G 364 10.44 6.38 -16.12
CA ILE G 364 9.79 5.23 -15.48
C ILE G 364 8.42 5.57 -14.91
N ALA G 365 8.27 6.77 -14.35
CA ALA G 365 7.05 7.16 -13.68
C ALA G 365 5.82 7.13 -14.59
N ASN G 366 5.96 7.59 -15.82
CA ASN G 366 4.78 7.53 -16.72
C ASN G 366 4.69 6.26 -17.61
N ALA G 367 5.53 5.26 -17.32
CA ALA G 367 5.57 4.01 -18.17
C ALA G 367 4.39 3.04 -18.09
N GLY G 368 3.34 3.40 -17.37
CA GLY G 368 2.26 2.47 -17.16
C GLY G 368 1.62 2.08 -18.48
N GLY G 369 1.38 3.09 -19.33
CA GLY G 369 0.70 2.86 -20.61
C GLY G 369 1.48 1.89 -21.48
N VAL G 370 2.81 2.05 -21.47
CA VAL G 370 3.71 1.29 -22.32
C VAL G 370 3.79 -0.15 -21.76
N THR G 371 3.75 -0.26 -20.44
CA THR G 371 3.71 -1.55 -19.81
C THR G 371 2.42 -2.36 -20.12
N VAL G 372 1.27 -1.73 -20.06
CA VAL G 372 0.07 -2.49 -20.40
C VAL G 372 0.09 -2.84 -21.87
N SER G 373 0.66 -1.97 -22.70
CA SER G 373 0.70 -2.27 -24.10
C SER G 373 1.58 -3.52 -24.34
N TYR G 374 2.68 -3.64 -23.60
CA TYR G 374 3.44 -4.86 -23.60
C TYR G 374 2.62 -6.05 -23.12
N PHE G 375 1.85 -5.89 -22.03
CA PHE G 375 0.92 -6.95 -21.64
C PHE G 375 -0.04 -7.37 -22.76
N GLU G 376 -0.49 -6.40 -23.57
CA GLU G 376 -1.48 -6.68 -24.64
C GLU G 376 -0.91 -7.66 -25.67
N TRP G 377 0.35 -7.39 -26.01
CA TRP G 377 1.10 -8.15 -26.99
C TRP G 377 1.39 -9.54 -26.43
N VAL G 378 1.78 -9.60 -25.16
CA VAL G 378 1.90 -10.88 -24.44
C VAL G 378 0.61 -11.69 -24.53
N GLN G 379 -0.51 -11.06 -24.18
CA GLN G 379 -1.81 -11.72 -24.24
C GLN G 379 -2.19 -12.16 -25.64
N ASP G 380 -1.86 -11.37 -26.66
CA ASP G 380 -2.19 -11.68 -28.05
C ASP G 380 -1.50 -12.91 -28.63
N PHE G 381 -0.33 -13.26 -28.10
CA PHE G 381 0.39 -14.44 -28.57
C PHE G 381 -0.39 -15.75 -28.49
N ASN G 382 -1.19 -15.91 -27.42
CA ASN G 382 -2.06 -17.07 -27.30
C ASN G 382 -3.54 -16.72 -27.11
N SER G 383 -3.92 -15.49 -27.44
CA SER G 383 -5.31 -15.03 -27.28
C SER G 383 -5.98 -15.48 -25.94
N TYR G 384 -5.19 -15.48 -24.86
CA TYR G 384 -5.72 -15.66 -23.50
C TYR G 384 -5.57 -14.38 -22.64
N PHE G 385 -6.70 -13.76 -22.31
CA PHE G 385 -6.72 -12.42 -21.68
C PHE G 385 -6.87 -12.40 -20.15
N TRP G 386 -6.11 -11.53 -19.50
CA TRP G 386 -6.04 -11.41 -18.06
C TRP G 386 -7.15 -10.51 -17.53
N THR G 387 -7.53 -10.72 -16.27
CA THR G 387 -8.50 -9.83 -15.60
C THR G 387 -7.89 -8.47 -15.31
N GLU G 388 -8.74 -7.48 -15.02
CA GLU G 388 -8.19 -6.18 -14.63
C GLU G 388 -7.23 -6.25 -13.43
N GLU G 389 -7.57 -7.05 -12.42
CA GLU G 389 -6.76 -7.11 -11.20
C GLU G 389 -5.40 -7.76 -11.44
N GLU G 390 -5.38 -8.81 -12.23
CA GLU G 390 -4.15 -9.41 -12.75
C GLU G 390 -3.32 -8.40 -13.54
N ILE G 391 -3.95 -7.66 -14.45
CA ILE G 391 -3.27 -6.55 -15.12
C ILE G 391 -2.59 -5.62 -14.11
N ASN G 392 -3.35 -5.21 -13.09
CA ASN G 392 -2.83 -4.23 -12.13
C ASN G 392 -1.68 -4.74 -11.23
N ALA G 393 -1.69 -6.02 -10.89
CA ALA G 393 -0.63 -6.59 -10.01
C ALA G 393 0.62 -6.77 -10.81
N ARG G 394 0.44 -7.18 -12.06
CA ARG G 394 1.56 -7.36 -12.98
C ARG G 394 2.22 -6.03 -13.37
N LEU G 395 1.38 -5.03 -13.65
CA LEU G 395 1.81 -3.64 -13.89
C LEU G 395 2.68 -3.16 -12.73
N GLU G 396 2.18 -3.38 -11.51
CA GLU G 396 2.91 -3.01 -10.30
C GLU G 396 4.27 -3.70 -10.14
N ARG G 397 4.32 -4.98 -10.51
CA ARG G 397 5.56 -5.75 -10.48
C ARG G 397 6.59 -5.18 -11.44
N VAL G 398 6.18 -4.94 -12.68
CA VAL G 398 7.10 -4.26 -13.61
C VAL G 398 7.56 -2.89 -13.06
N LEU G 399 6.62 -2.05 -12.66
CA LEU G 399 7.08 -0.70 -12.29
C LEU G 399 7.94 -0.68 -11.04
N ARG G 400 7.65 -1.56 -10.09
CA ARG G 400 8.43 -1.59 -8.87
C ARG G 400 9.82 -2.14 -9.07
N ASN G 401 9.97 -3.17 -9.91
CA ASN G 401 11.28 -3.64 -10.40
C ASN G 401 12.08 -2.51 -11.07
N ALA G 402 11.44 -1.78 -11.99
CA ALA G 402 12.11 -0.64 -12.67
C ALA G 402 12.65 0.39 -11.68
N PHE G 403 11.78 0.84 -10.77
CA PHE G 403 12.21 1.83 -9.79
C PHE G 403 13.39 1.36 -8.94
N GLU G 404 13.31 0.13 -8.47
CA GLU G 404 14.35 -0.44 -7.62
C GLU G 404 15.69 -0.55 -8.33
N ALA G 405 15.67 -0.97 -9.59
CA ALA G 405 16.91 -1.06 -10.37
C ALA G 405 17.57 0.32 -10.54
N VAL G 406 16.76 1.32 -10.85
CA VAL G 406 17.21 2.72 -10.98
C VAL G 406 17.70 3.26 -9.65
N TRP G 407 16.95 2.94 -8.58
CA TRP G 407 17.30 3.36 -7.24
C TRP G 407 18.73 2.89 -6.89
N GLN G 408 19.02 1.61 -7.17
CA GLN G 408 20.29 0.96 -6.82
C GLN G 408 21.48 1.60 -7.50
N VAL G 409 21.34 1.84 -8.80
CA VAL G 409 22.33 2.59 -9.60
C VAL G 409 22.50 4.03 -9.08
N ALA G 410 21.39 4.71 -8.81
CA ALA G 410 21.46 6.03 -8.17
C ALA G 410 22.30 6.02 -6.88
N GLN G 411 22.07 5.07 -5.97
CA GLN G 411 22.82 4.99 -4.71
C GLN G 411 24.27 4.62 -4.93
N GLU G 412 24.48 3.69 -5.86
CA GLU G 412 25.79 3.12 -6.12
C GLU G 412 26.71 4.14 -6.79
N LYS G 413 26.20 4.79 -7.83
CA LYS G 413 27.02 5.77 -8.53
C LYS G 413 26.87 7.20 -7.98
N LYS G 414 25.99 7.38 -6.99
CA LYS G 414 25.78 8.69 -6.32
C LYS G 414 25.27 9.76 -7.29
N ILE G 415 24.14 9.48 -7.93
CA ILE G 415 23.63 10.33 -8.99
C ILE G 415 22.14 10.43 -8.84
N PRO G 416 21.53 11.51 -9.37
CA PRO G 416 20.08 11.66 -9.31
C PRO G 416 19.34 10.51 -9.99
N LEU G 417 18.15 10.20 -9.49
CA LEU G 417 17.31 9.19 -10.11
C LEU G 417 17.19 9.34 -11.63
N ARG G 418 17.03 10.57 -12.11
CA ARG G 418 16.82 10.79 -13.56
C ARG G 418 18.07 10.36 -14.34
N THR G 419 19.24 10.76 -13.87
CA THR G 419 20.47 10.28 -14.51
C THR G 419 20.58 8.74 -14.51
N ALA G 420 20.33 8.10 -13.36
CA ALA G 420 20.34 6.66 -13.22
C ALA G 420 19.39 5.94 -14.18
N ALA G 421 18.19 6.47 -14.41
CA ALA G 421 17.26 5.82 -15.33
C ALA G 421 17.91 5.65 -16.69
N TYR G 422 18.47 6.74 -17.20
CA TYR G 422 19.19 6.74 -18.47
C TYR G 422 20.43 5.85 -18.45
N VAL G 423 21.16 5.81 -17.32
CA VAL G 423 22.29 4.87 -17.20
C VAL G 423 21.86 3.40 -17.26
N VAL G 424 20.81 3.06 -16.52
CA VAL G 424 20.29 1.71 -16.50
C VAL G 424 19.78 1.31 -17.91
N ALA G 425 19.20 2.28 -18.61
CA ALA G 425 18.64 1.99 -19.93
C ALA G 425 19.77 1.76 -20.92
N ALA G 426 20.82 2.58 -20.85
CA ALA G 426 21.92 2.45 -21.77
C ALA G 426 22.82 1.24 -21.43
N THR G 427 22.94 0.91 -20.13
CA THR G 427 23.74 -0.25 -19.71
C THR G 427 23.10 -1.54 -20.22
N ARG G 428 21.78 -1.57 -20.16
CA ARG G 428 21.03 -2.71 -20.61
C ARG G 428 21.06 -2.95 -22.11
N VAL G 429 20.92 -1.90 -22.91
CA VAL G 429 20.98 -2.02 -24.36
C VAL G 429 22.40 -2.46 -24.74
N LEU G 430 23.40 -1.85 -24.12
CA LEU G 430 24.79 -2.14 -24.44
C LEU G 430 25.29 -3.51 -23.98
N GLU G 431 24.80 -3.99 -22.84
CA GLU G 431 25.05 -5.38 -22.43
C GLU G 431 24.43 -6.37 -23.40
N ALA G 432 23.18 -6.15 -23.84
CA ALA G 432 22.59 -7.07 -24.81
C ALA G 432 23.42 -7.14 -26.10
N ARG G 433 23.82 -5.97 -26.62
CA ARG G 433 24.75 -5.89 -27.77
C ARG G 433 26.13 -6.49 -27.48
N ALA G 434 26.66 -6.27 -26.27
CA ALA G 434 27.99 -6.82 -25.98
C ALA G 434 27.95 -8.37 -26.00
N LEU G 435 26.85 -8.94 -25.52
CA LEU G 435 26.74 -10.38 -25.30
C LEU G 435 26.47 -11.07 -26.63
N ARG G 436 25.54 -10.48 -27.36
CA ARG G 436 25.24 -10.86 -28.71
C ARG G 436 26.45 -10.80 -29.67
N GLY G 437 27.29 -9.77 -29.53
CA GLY G 437 28.42 -9.55 -30.43
C GLY G 437 28.06 -8.97 -31.79
N LEU G 438 29.10 -8.58 -32.53
CA LEU G 438 28.93 -7.94 -33.85
C LEU G 438 28.85 -9.01 -34.91
N TYR G 439 27.70 -9.03 -35.63
CA TYR G 439 27.46 -9.99 -36.68
C TYR G 439 26.15 -9.65 -37.44
N PRO G 440 26.19 -9.64 -38.78
CA PRO G 440 27.32 -9.93 -39.67
C PRO G 440 28.54 -9.03 -39.53
N GLU H 20 -30.25 -11.25 -51.81
CA GLU H 20 -30.59 -12.41 -52.68
C GLU H 20 -29.95 -13.69 -52.13
N PRO H 21 -30.72 -14.79 -52.04
CA PRO H 21 -30.20 -16.07 -51.55
C PRO H 21 -29.06 -16.63 -52.41
N LEU H 22 -28.16 -17.37 -51.77
CA LEU H 22 -27.02 -17.99 -52.43
C LEU H 22 -27.49 -18.92 -53.54
N SER H 23 -26.97 -18.70 -54.75
CA SER H 23 -27.45 -19.42 -55.94
C SER H 23 -27.20 -20.93 -55.87
N TYR H 24 -26.06 -21.31 -55.32
CA TYR H 24 -25.60 -22.70 -55.33
C TYR H 24 -26.32 -23.61 -54.32
N LEU H 25 -27.36 -23.10 -53.67
CA LEU H 25 -28.16 -23.90 -52.74
C LEU H 25 -29.57 -24.20 -53.26
N GLY H 26 -30.05 -23.41 -54.22
CA GLY H 26 -31.40 -23.58 -54.79
C GLY H 26 -32.51 -23.10 -53.87
N LYS H 27 -33.77 -23.24 -54.32
CA LYS H 27 -34.96 -22.68 -53.63
C LYS H 27 -34.93 -22.83 -52.11
N ASP H 28 -34.79 -24.05 -51.62
CA ASP H 28 -34.58 -24.26 -50.19
C ASP H 28 -33.16 -24.72 -49.89
N GLY H 29 -32.36 -23.81 -49.33
CA GLY H 29 -31.05 -24.17 -48.77
C GLY H 29 -31.23 -25.32 -47.80
N GLY H 30 -32.07 -25.12 -46.79
CA GLY H 30 -32.44 -26.16 -45.83
C GLY H 30 -31.98 -25.83 -44.42
N PRO H 31 -30.93 -26.53 -43.94
CA PRO H 31 -30.25 -26.20 -42.67
C PRO H 31 -29.74 -24.76 -42.66
N TRP H 32 -29.16 -24.32 -43.79
CA TRP H 32 -28.68 -22.96 -43.95
C TRP H 32 -29.76 -21.89 -43.79
N GLU H 33 -30.90 -22.12 -44.46
CA GLU H 33 -32.01 -21.17 -44.48
C GLU H 33 -32.56 -20.91 -43.09
N ILE H 34 -32.53 -21.93 -42.23
CA ILE H 34 -32.95 -21.80 -40.85
C ILE H 34 -31.98 -20.89 -40.08
N PHE H 35 -30.68 -21.06 -40.31
CA PHE H 35 -29.67 -20.19 -39.70
C PHE H 35 -29.84 -18.75 -40.16
N THR H 36 -30.05 -18.62 -41.47
CA THR H 36 -30.33 -17.34 -42.12
C THR H 36 -31.51 -16.63 -41.46
N GLU H 37 -32.56 -17.39 -41.14
CA GLU H 37 -33.74 -16.82 -40.48
C GLU H 37 -33.47 -16.40 -39.03
N GLN H 38 -32.62 -17.14 -38.32
CA GLN H 38 -32.22 -16.75 -36.97
C GLN H 38 -31.46 -15.42 -36.95
N VAL H 39 -30.64 -15.18 -37.98
CA VAL H 39 -29.99 -13.89 -38.14
C VAL H 39 -31.02 -12.79 -38.41
N ASP H 40 -31.96 -13.03 -39.34
CA ASP H 40 -33.08 -12.12 -39.62
C ASP H 40 -33.79 -11.69 -38.33
N ARG H 41 -34.17 -12.68 -37.52
CA ARG H 41 -34.93 -12.44 -36.27
C ARG H 41 -34.15 -11.69 -35.20
N VAL H 42 -32.83 -11.61 -35.35
CA VAL H 42 -31.96 -10.91 -34.42
C VAL H 42 -31.78 -9.42 -34.76
N VAL H 43 -32.00 -9.07 -36.03
CA VAL H 43 -31.70 -7.73 -36.56
C VAL H 43 -32.24 -6.53 -35.75
N PRO H 44 -33.52 -6.59 -35.31
CA PRO H 44 -34.07 -5.43 -34.59
C PRO H 44 -33.37 -5.06 -33.27
N TYR H 45 -32.53 -5.96 -32.73
CA TYR H 45 -31.81 -5.68 -31.48
C TYR H 45 -30.36 -5.28 -31.70
N LEU H 46 -29.97 -5.12 -32.96
CA LEU H 46 -28.59 -4.84 -33.31
C LEU H 46 -28.24 -3.35 -33.33
N GLY H 47 -29.24 -2.49 -33.32
CA GLY H 47 -29.03 -1.04 -33.24
C GLY H 47 -28.21 -0.50 -34.40
N ARG H 48 -27.18 0.28 -34.10
CA ARG H 48 -26.32 0.87 -35.14
C ARG H 48 -25.62 -0.19 -36.03
N LEU H 49 -25.62 -1.45 -35.58
CA LEU H 49 -24.91 -2.54 -36.28
C LEU H 49 -25.74 -3.31 -37.30
N ALA H 50 -27.05 -3.06 -37.33
CA ALA H 50 -27.99 -3.81 -38.17
C ALA H 50 -27.66 -3.87 -39.68
N PRO H 51 -27.25 -2.75 -40.30
CA PRO H 51 -26.87 -2.85 -41.73
C PRO H 51 -25.75 -3.86 -42.04
N LEU H 52 -24.97 -4.24 -41.04
CA LEU H 52 -23.85 -5.17 -41.22
C LEU H 52 -24.31 -6.62 -41.11
N ALA H 53 -25.55 -6.83 -40.67
CA ALA H 53 -26.09 -8.17 -40.43
C ALA H 53 -26.13 -9.02 -41.69
N GLU H 54 -26.23 -8.36 -42.85
CA GLU H 54 -26.21 -9.04 -44.14
C GLU H 54 -24.95 -9.89 -44.32
N SER H 55 -23.84 -9.50 -43.68
CA SER H 55 -22.58 -10.23 -43.77
C SER H 55 -22.63 -11.64 -43.19
N LEU H 56 -23.46 -11.84 -42.17
CA LEU H 56 -23.60 -13.13 -41.51
C LEU H 56 -24.46 -14.09 -42.34
N LYS H 57 -25.14 -13.54 -43.34
CA LYS H 57 -25.95 -14.32 -44.26
C LYS H 57 -25.14 -14.78 -45.47
N ARG H 58 -23.83 -14.79 -45.34
CA ARG H 58 -22.96 -15.50 -46.27
C ARG H 58 -21.68 -16.03 -45.62
N PRO H 59 -21.29 -17.24 -46.02
CA PRO H 59 -20.03 -17.77 -45.54
C PRO H 59 -18.86 -17.03 -46.18
N LYS H 60 -17.81 -16.77 -45.40
CA LYS H 60 -16.61 -16.18 -45.94
C LYS H 60 -16.04 -17.09 -47.03
N ARG H 61 -15.97 -18.38 -46.73
CA ARG H 61 -15.20 -19.29 -47.53
C ARG H 61 -15.84 -20.67 -47.50
N VAL H 62 -16.08 -21.26 -48.66
CA VAL H 62 -16.54 -22.64 -48.73
C VAL H 62 -15.54 -23.42 -49.57
N LEU H 63 -14.91 -24.44 -48.98
CA LEU H 63 -13.96 -25.27 -49.70
C LEU H 63 -14.46 -26.71 -49.84
N ILE H 64 -14.71 -27.14 -51.07
CA ILE H 64 -15.18 -28.50 -51.34
C ILE H 64 -14.02 -29.26 -51.95
N VAL H 65 -13.74 -30.44 -51.40
CA VAL H 65 -12.57 -31.22 -51.85
C VAL H 65 -12.97 -32.66 -52.17
N ASP H 66 -12.28 -33.25 -53.13
CA ASP H 66 -12.35 -34.66 -53.37
C ASP H 66 -11.33 -35.33 -52.47
N VAL H 67 -11.75 -36.36 -51.75
CA VAL H 67 -10.77 -37.12 -50.99
C VAL H 67 -10.66 -38.58 -51.49
N PRO H 68 -9.59 -38.83 -52.27
CA PRO H 68 -9.44 -40.20 -52.76
C PRO H 68 -8.76 -41.05 -51.73
N VAL H 69 -9.28 -42.26 -51.55
CA VAL H 69 -8.76 -43.23 -50.59
C VAL H 69 -8.55 -44.57 -51.30
N ARG H 70 -7.36 -45.13 -51.16
CA ARG H 70 -7.11 -46.54 -51.53
C ARG H 70 -7.76 -47.45 -50.46
N LEU H 71 -8.74 -48.23 -50.90
CA LEU H 71 -9.45 -49.16 -50.01
C LEU H 71 -8.62 -50.43 -49.73
N ASP H 72 -9.00 -51.15 -48.69
CA ASP H 72 -8.35 -52.44 -48.36
C ASP H 72 -8.33 -53.44 -49.53
N ASP H 73 -9.41 -53.49 -50.32
CA ASP H 73 -9.45 -54.36 -51.51
C ASP H 73 -8.51 -53.90 -52.64
N GLY H 74 -7.96 -52.69 -52.53
CA GLY H 74 -6.97 -52.21 -53.49
C GLY H 74 -7.48 -51.20 -54.49
N SER H 75 -8.80 -51.04 -54.57
CA SER H 75 -9.43 -50.03 -55.42
C SER H 75 -9.50 -48.65 -54.74
N VAL H 76 -9.81 -47.61 -55.53
CA VAL H 76 -9.84 -46.24 -55.03
C VAL H 76 -11.27 -45.72 -54.92
N ALA H 77 -11.64 -45.20 -53.74
CA ALA H 77 -12.94 -44.58 -53.54
C ALA H 77 -12.81 -43.07 -53.40
N TYR H 78 -13.86 -42.34 -53.76
CA TYR H 78 -13.82 -40.89 -53.85
C TYR H 78 -14.91 -40.26 -53.00
N PHE H 79 -14.51 -39.61 -51.92
CA PHE H 79 -15.49 -39.06 -50.99
C PHE H 79 -15.51 -37.53 -51.03
N GLU H 80 -16.70 -36.95 -50.95
CA GLU H 80 -16.82 -35.49 -50.84
C GLU H 80 -16.34 -35.02 -49.46
N GLY H 81 -15.40 -34.09 -49.47
CA GLY H 81 -14.96 -33.43 -48.23
C GLY H 81 -15.31 -31.96 -48.25
N TYR H 82 -15.63 -31.42 -47.08
CA TYR H 82 -16.00 -30.02 -46.95
C TYR H 82 -15.27 -29.38 -45.78
N ARG H 83 -14.92 -28.11 -45.96
CA ARG H 83 -14.48 -27.24 -44.87
C ARG H 83 -15.02 -25.84 -45.15
N VAL H 84 -15.70 -25.29 -44.17
CA VAL H 84 -16.32 -23.99 -44.31
C VAL H 84 -15.89 -23.04 -43.23
N HIS H 85 -15.58 -21.81 -43.62
CA HIS H 85 -15.39 -20.72 -42.68
C HIS H 85 -16.57 -19.80 -42.91
N HIS H 86 -17.47 -19.73 -41.93
CA HIS H 86 -18.65 -18.87 -42.09
C HIS H 86 -18.29 -17.40 -41.88
N ASN H 87 -17.57 -17.12 -40.81
CA ASN H 87 -17.15 -15.77 -40.47
C ASN H 87 -15.83 -15.83 -39.67
N THR H 88 -14.94 -14.88 -39.92
CA THR H 88 -13.65 -14.86 -39.23
C THR H 88 -13.28 -13.49 -38.62
N ALA H 89 -14.29 -12.66 -38.36
CA ALA H 89 -14.05 -11.31 -37.84
C ALA H 89 -13.38 -11.31 -36.47
N ARG H 90 -13.68 -12.32 -35.67
CA ARG H 90 -13.21 -12.32 -34.28
C ARG H 90 -11.95 -13.15 -34.02
N GLY H 91 -11.54 -13.94 -35.00
CA GLY H 91 -10.35 -14.78 -34.86
C GLY H 91 -10.39 -15.94 -35.84
N PRO H 92 -9.39 -16.83 -35.75
CA PRO H 92 -9.37 -17.99 -36.67
C PRO H 92 -10.66 -18.83 -36.60
N ALA H 93 -11.04 -19.49 -37.70
CA ALA H 93 -12.19 -20.41 -37.72
C ALA H 93 -12.03 -21.57 -36.75
N LYS H 94 -13.09 -21.90 -36.01
CA LYS H 94 -13.06 -23.05 -35.09
C LYS H 94 -14.34 -23.86 -35.21
N GLY H 95 -14.16 -25.17 -35.34
CA GLY H 95 -15.25 -26.10 -35.51
C GLY H 95 -14.80 -27.50 -35.85
N GLY H 96 -15.55 -28.48 -35.33
CA GLY H 96 -15.29 -29.88 -35.57
C GLY H 96 -15.51 -30.39 -36.97
N VAL H 97 -15.11 -31.65 -37.18
CA VAL H 97 -15.26 -32.35 -38.46
C VAL H 97 -16.19 -33.55 -38.26
N ARG H 98 -17.25 -33.61 -39.06
CA ARG H 98 -18.23 -34.71 -39.04
C ARG H 98 -17.93 -35.79 -40.13
N TYR H 99 -17.99 -37.07 -39.77
CA TYR H 99 -18.02 -38.17 -40.76
C TYR H 99 -19.39 -38.87 -40.74
N HIS H 100 -20.19 -38.69 -41.78
CA HIS H 100 -21.60 -39.12 -41.76
C HIS H 100 -22.15 -39.15 -43.20
N PRO H 101 -22.98 -40.17 -43.54
CA PRO H 101 -23.41 -40.30 -44.94
C PRO H 101 -24.50 -39.31 -45.40
N GLU H 102 -24.98 -38.45 -44.50
CA GLU H 102 -25.93 -37.40 -44.87
C GLU H 102 -25.35 -35.98 -44.71
N VAL H 103 -24.02 -35.90 -44.57
CA VAL H 103 -23.27 -34.64 -44.65
C VAL H 103 -23.54 -34.01 -46.01
N THR H 104 -23.94 -32.75 -46.01
CA THR H 104 -24.21 -32.03 -47.24
C THR H 104 -23.55 -30.65 -47.13
N LEU H 105 -23.43 -29.96 -48.26
CA LEU H 105 -22.91 -28.59 -48.28
C LEU H 105 -23.72 -27.68 -47.37
N SER H 106 -25.03 -27.57 -47.64
CA SER H 106 -25.96 -26.75 -46.88
C SER H 106 -25.83 -26.98 -45.38
N GLU H 107 -25.65 -28.23 -44.99
CA GLU H 107 -25.52 -28.61 -43.59
C GLU H 107 -24.19 -28.15 -42.96
N VAL H 108 -23.07 -28.37 -43.64
CA VAL H 108 -21.76 -27.96 -43.09
C VAL H 108 -21.72 -26.44 -42.95
N MET H 109 -22.36 -25.76 -43.88
CA MET H 109 -22.47 -24.30 -43.89
C MET H 109 -23.23 -23.76 -42.67
N ALA H 110 -24.40 -24.32 -42.42
CA ALA H 110 -25.23 -23.94 -41.28
C ALA H 110 -24.49 -24.18 -39.97
N LEU H 111 -23.87 -25.34 -39.87
CA LEU H 111 -23.15 -25.71 -38.66
C LEU H 111 -21.98 -24.76 -38.37
N ALA H 112 -21.32 -24.30 -39.44
CA ALA H 112 -20.24 -23.30 -39.33
C ALA H 112 -20.81 -21.96 -38.85
N GLY H 113 -22.02 -21.60 -39.32
CA GLY H 113 -22.70 -20.41 -38.85
C GLY H 113 -23.00 -20.47 -37.34
N TRP H 114 -23.49 -21.61 -36.88
CA TRP H 114 -23.84 -21.75 -35.49
C TRP H 114 -22.59 -21.68 -34.62
N MET H 115 -21.45 -22.08 -35.18
CA MET H 115 -20.18 -21.94 -34.49
C MET H 115 -19.72 -20.49 -34.36
N THR H 116 -20.01 -19.68 -35.39
CA THR H 116 -19.68 -18.26 -35.33
C THR H 116 -20.43 -17.67 -34.15
N ILE H 117 -21.74 -17.94 -34.10
CA ILE H 117 -22.60 -17.55 -33.00
C ILE H 117 -22.16 -18.16 -31.66
N LYS H 118 -21.84 -19.45 -31.65
CA LYS H 118 -21.50 -20.11 -30.40
C LYS H 118 -20.25 -19.49 -29.76
N ASN H 119 -19.22 -19.29 -30.57
CA ASN H 119 -17.95 -18.77 -30.07
C ASN H 119 -18.04 -17.33 -29.58
N ALA H 120 -18.90 -16.56 -30.23
CA ALA H 120 -19.10 -15.15 -29.89
C ALA H 120 -19.87 -15.01 -28.58
N ALA H 121 -20.97 -15.75 -28.50
CA ALA H 121 -21.80 -15.77 -27.30
C ALA H 121 -21.05 -16.24 -26.05
N VAL H 122 -20.12 -17.17 -26.21
CA VAL H 122 -19.33 -17.61 -25.06
C VAL H 122 -18.03 -16.81 -24.89
N GLY H 123 -17.71 -16.05 -25.93
CA GLY H 123 -16.63 -15.10 -25.89
C GLY H 123 -15.26 -15.72 -26.09
N LEU H 124 -15.17 -16.71 -26.97
CA LEU H 124 -13.85 -17.28 -27.33
C LEU H 124 -13.27 -16.55 -28.56
N PRO H 125 -11.93 -16.41 -28.65
CA PRO H 125 -11.37 -15.56 -29.68
C PRO H 125 -11.34 -16.25 -31.07
N TYR H 126 -12.50 -16.75 -31.51
CA TYR H 126 -12.61 -17.55 -32.74
C TYR H 126 -13.82 -17.16 -33.59
N GLY H 127 -13.67 -17.34 -34.90
CA GLY H 127 -14.79 -17.31 -35.84
C GLY H 127 -15.39 -18.70 -35.99
N GLY H 128 -16.37 -18.84 -36.87
CA GLY H 128 -17.06 -20.12 -37.05
C GLY H 128 -16.57 -20.94 -38.24
N GLY H 129 -16.25 -22.19 -37.98
CA GLY H 129 -15.88 -23.13 -39.03
C GLY H 129 -16.46 -24.47 -38.73
N LYS H 130 -16.58 -25.30 -39.78
CA LYS H 130 -17.08 -26.67 -39.66
C LYS H 130 -16.61 -27.48 -40.85
N GLY H 131 -16.51 -28.79 -40.70
CA GLY H 131 -16.10 -29.64 -41.79
C GLY H 131 -16.79 -30.96 -41.75
N GLY H 132 -16.75 -31.67 -42.86
CA GLY H 132 -17.40 -32.96 -42.97
C GLY H 132 -16.90 -33.77 -44.12
N ILE H 133 -17.01 -35.08 -43.99
CA ILE H 133 -16.86 -36.03 -45.10
C ILE H 133 -18.17 -36.83 -45.19
N ARG H 134 -18.77 -36.86 -46.38
CA ARG H 134 -19.99 -37.64 -46.65
C ARG H 134 -19.61 -39.09 -46.90
N VAL H 135 -19.71 -39.91 -45.86
CA VAL H 135 -19.13 -41.24 -45.82
C VAL H 135 -19.79 -41.97 -44.65
N ASP H 136 -19.83 -43.30 -44.69
CA ASP H 136 -20.29 -44.07 -43.54
C ASP H 136 -19.07 -44.69 -42.87
N PRO H 137 -18.62 -44.10 -41.75
CA PRO H 137 -17.41 -44.56 -41.07
C PRO H 137 -17.50 -46.01 -40.61
N ARG H 138 -18.73 -46.49 -40.37
CA ARG H 138 -18.96 -47.85 -39.86
C ARG H 138 -18.75 -48.90 -40.96
N LYS H 139 -18.57 -48.44 -42.20
CA LYS H 139 -18.31 -49.31 -43.34
C LYS H 139 -16.83 -49.38 -43.70
N LEU H 140 -16.01 -48.54 -43.07
CA LEU H 140 -14.58 -48.54 -43.34
C LEU H 140 -13.81 -49.15 -42.17
N SER H 141 -12.68 -49.79 -42.48
CA SER H 141 -11.78 -50.31 -41.45
C SER H 141 -10.96 -49.17 -40.83
N PRO H 142 -10.36 -49.39 -39.64
CA PRO H 142 -9.38 -48.44 -39.08
C PRO H 142 -8.31 -47.97 -40.07
N GLY H 143 -7.82 -48.86 -40.93
CA GLY H 143 -6.86 -48.49 -41.98
C GLY H 143 -7.39 -47.52 -43.02
N GLU H 144 -8.61 -47.75 -43.47
CA GLU H 144 -9.30 -46.88 -44.42
C GLU H 144 -9.65 -45.51 -43.82
N LEU H 145 -10.03 -45.53 -42.54
CA LEU H 145 -10.34 -44.32 -41.78
C LEU H 145 -9.12 -43.43 -41.62
N GLU H 146 -7.98 -44.02 -41.27
CA GLU H 146 -6.73 -43.29 -41.17
C GLU H 146 -6.43 -42.61 -42.50
N ARG H 147 -6.41 -43.39 -43.59
CA ARG H 147 -6.09 -42.88 -44.92
C ARG H 147 -7.07 -41.79 -45.38
N LEU H 148 -8.34 -41.96 -45.05
CA LEU H 148 -9.34 -40.95 -45.34
C LEU H 148 -9.07 -39.65 -44.57
N THR H 149 -8.83 -39.77 -43.28
CA THR H 149 -8.52 -38.61 -42.44
C THR H 149 -7.28 -37.88 -42.95
N ARG H 150 -6.25 -38.65 -43.32
CA ARG H 150 -4.96 -38.12 -43.76
C ARG H 150 -5.06 -37.35 -45.08
N ARG H 151 -5.74 -37.94 -46.06
CA ARG H 151 -6.01 -37.30 -47.32
C ARG H 151 -6.90 -36.05 -47.13
N TYR H 152 -7.88 -36.14 -46.23
CA TYR H 152 -8.75 -35.00 -45.99
C TYR H 152 -7.96 -33.79 -45.51
N THR H 153 -7.12 -33.97 -44.49
CA THR H 153 -6.36 -32.88 -43.92
C THR H 153 -5.28 -32.32 -44.87
N SER H 154 -4.89 -33.13 -45.86
CA SER H 154 -3.99 -32.66 -46.92
C SER H 154 -4.74 -31.76 -47.88
N GLU H 155 -5.94 -32.17 -48.30
CA GLU H 155 -6.73 -31.36 -49.22
C GLU H 155 -7.20 -30.01 -48.62
N ILE H 156 -7.46 -29.95 -47.31
CA ILE H 156 -7.84 -28.69 -46.67
C ILE H 156 -6.67 -27.97 -46.00
N GLY H 157 -5.47 -28.51 -46.16
CA GLY H 157 -4.29 -27.92 -45.53
C GLY H 157 -4.02 -26.45 -45.79
N ILE H 158 -4.36 -25.97 -47.01
CA ILE H 158 -4.22 -24.55 -47.37
C ILE H 158 -5.03 -23.61 -46.46
N LEU H 159 -5.92 -24.18 -45.64
CA LEU H 159 -6.75 -23.44 -44.72
C LEU H 159 -6.26 -23.57 -43.27
N LEU H 160 -5.63 -24.70 -42.97
CA LEU H 160 -5.27 -25.06 -41.58
C LEU H 160 -4.14 -24.24 -40.98
N GLY H 161 -4.14 -24.17 -39.66
CA GLY H 161 -3.08 -23.53 -38.90
C GLY H 161 -3.64 -22.96 -37.61
N PRO H 162 -2.82 -22.92 -36.54
CA PRO H 162 -3.27 -22.43 -35.24
C PRO H 162 -3.74 -20.98 -35.29
N ASP H 163 -3.25 -20.20 -36.27
CA ASP H 163 -3.68 -18.81 -36.44
C ASP H 163 -4.70 -18.63 -37.56
N ARG H 164 -5.25 -19.74 -38.03
CA ARG H 164 -6.04 -19.74 -39.26
C ARG H 164 -7.33 -20.54 -39.17
N ASP H 165 -7.21 -21.83 -38.89
CA ASP H 165 -8.34 -22.73 -38.81
C ASP H 165 -7.97 -23.97 -38.03
N ILE H 166 -8.70 -24.20 -36.94
CA ILE H 166 -8.38 -25.26 -35.99
C ILE H 166 -9.60 -26.16 -35.85
N PRO H 167 -9.58 -27.32 -36.53
CA PRO H 167 -10.60 -28.34 -36.39
C PRO H 167 -10.61 -29.02 -35.01
N ALA H 168 -11.72 -29.70 -34.73
CA ALA H 168 -11.97 -30.40 -33.47
C ALA H 168 -12.79 -31.69 -33.75
N PRO H 169 -13.08 -32.52 -32.71
CA PRO H 169 -13.98 -33.64 -32.96
C PRO H 169 -15.43 -33.20 -33.21
N ASP H 170 -16.19 -34.08 -33.86
CA ASP H 170 -17.64 -33.94 -34.05
C ASP H 170 -18.20 -35.35 -34.29
N VAL H 171 -19.36 -35.45 -34.94
CA VAL H 171 -20.04 -36.71 -35.15
C VAL H 171 -19.17 -37.76 -35.83
N ASN H 172 -19.03 -38.90 -35.16
CA ASN H 172 -18.19 -40.01 -35.61
C ASN H 172 -16.68 -39.73 -35.70
N THR H 173 -16.22 -38.64 -35.05
CA THR H 173 -14.77 -38.41 -34.87
C THR H 173 -14.39 -38.13 -33.42
N GLY H 174 -13.11 -38.34 -33.09
CA GLY H 174 -12.61 -38.21 -31.73
C GLY H 174 -11.10 -38.11 -31.67
N GLU H 175 -10.53 -38.57 -30.56
CA GLU H 175 -9.12 -38.43 -30.27
C GLU H 175 -8.24 -39.01 -31.36
N ARG H 176 -8.59 -40.22 -31.77
CA ARG H 176 -7.83 -40.98 -32.74
C ARG H 176 -7.63 -40.19 -34.05
N GLU H 177 -8.72 -39.73 -34.67
CA GLU H 177 -8.56 -38.96 -35.90
C GLU H 177 -8.01 -37.53 -35.73
N MET H 178 -8.20 -36.91 -34.57
CA MET H 178 -7.49 -35.67 -34.27
C MET H 178 -5.97 -35.93 -34.18
N ALA H 179 -5.58 -37.07 -33.62
CA ALA H 179 -4.14 -37.44 -33.58
C ALA H 179 -3.60 -37.60 -35.02
N TRP H 180 -4.49 -37.98 -35.94
CA TRP H 180 -4.11 -38.28 -37.31
C TRP H 180 -3.94 -36.97 -38.09
N MET H 181 -4.89 -36.05 -37.95
CA MET H 181 -4.79 -34.66 -38.45
C MET H 181 -3.58 -33.86 -37.94
N MET H 182 -3.34 -33.92 -36.63
CA MET H 182 -2.19 -33.26 -36.04
C MET H 182 -0.96 -33.76 -36.81
N ASP H 183 -0.78 -35.09 -36.85
CA ASP H 183 0.37 -35.72 -37.50
C ASP H 183 0.51 -35.38 -38.99
N THR H 184 -0.61 -35.41 -39.72
CA THR H 184 -0.59 -35.23 -41.15
C THR H 184 -0.15 -33.82 -41.49
N TYR H 185 -0.80 -32.83 -40.88
CA TYR H 185 -0.41 -31.45 -41.05
C TYR H 185 1.06 -31.28 -40.62
N SER H 186 1.40 -31.84 -39.46
CA SER H 186 2.75 -31.69 -38.91
C SER H 186 3.85 -32.17 -39.81
N MET H 187 3.68 -33.38 -40.35
CA MET H 187 4.67 -33.99 -41.23
C MET H 187 4.75 -33.23 -42.57
N ASN H 188 3.59 -32.91 -43.16
CA ASN H 188 3.51 -32.14 -44.38
C ASN H 188 4.29 -30.84 -44.25
N VAL H 189 4.18 -30.21 -43.08
CA VAL H 189 4.65 -28.85 -42.91
C VAL H 189 6.04 -28.79 -42.29
N GLY H 190 6.55 -29.92 -41.80
CA GLY H 190 7.96 -30.00 -41.37
C GLY H 190 8.25 -29.59 -39.95
N ARG H 191 7.21 -29.49 -39.14
CA ARG H 191 7.33 -29.16 -37.73
CA ARG H 191 7.33 -29.16 -37.73
C ARG H 191 6.08 -29.65 -36.99
N THR H 192 6.21 -29.95 -35.71
CA THR H 192 5.06 -30.33 -34.88
C THR H 192 4.19 -29.12 -34.46
N VAL H 193 2.92 -29.15 -34.86
CA VAL H 193 2.04 -28.06 -34.58
C VAL H 193 0.88 -28.62 -33.77
N PRO H 194 1.12 -28.87 -32.47
CA PRO H 194 0.07 -29.49 -31.69
C PRO H 194 -1.24 -28.72 -31.78
N GLY H 195 -1.16 -27.41 -31.98
CA GLY H 195 -2.32 -26.54 -31.89
C GLY H 195 -3.19 -26.48 -33.14
N VAL H 196 -2.84 -27.29 -34.16
CA VAL H 196 -3.57 -27.25 -35.43
C VAL H 196 -4.98 -27.84 -35.28
N VAL H 197 -5.16 -28.74 -34.31
CA VAL H 197 -6.42 -29.35 -33.97
C VAL H 197 -6.53 -29.41 -32.46
N THR H 198 -7.77 -29.47 -31.98
CA THR H 198 -8.07 -29.74 -30.58
C THR H 198 -8.85 -31.05 -30.44
N GLY H 199 -9.08 -31.48 -29.21
CA GLY H 199 -9.65 -32.80 -28.99
C GLY H 199 -8.57 -33.86 -29.08
N LYS H 200 -7.31 -33.49 -28.82
CA LYS H 200 -6.23 -34.45 -28.98
C LYS H 200 -6.08 -35.32 -27.75
N PRO H 201 -5.39 -36.46 -27.88
CA PRO H 201 -4.99 -37.21 -26.70
C PRO H 201 -4.01 -36.39 -25.87
N ILE H 202 -4.11 -36.50 -24.55
CA ILE H 202 -3.22 -35.82 -23.60
C ILE H 202 -1.74 -35.99 -23.96
N ALA H 203 -1.39 -37.16 -24.45
CA ALA H 203 0.02 -37.49 -24.72
C ALA H 203 0.61 -36.72 -25.92
N LEU H 204 -0.28 -36.12 -26.72
CA LEU H 204 0.09 -35.33 -27.89
C LEU H 204 -0.10 -33.82 -27.71
N GLY H 205 -0.51 -33.40 -26.52
CA GLY H 205 -0.75 -31.97 -26.25
C GLY H 205 -2.21 -31.63 -26.06
N GLY H 206 -2.99 -32.67 -25.79
CA GLY H 206 -4.38 -32.54 -25.37
C GLY H 206 -4.48 -31.88 -24.00
N SER H 207 -5.68 -31.46 -23.64
CA SER H 207 -5.90 -30.76 -22.39
C SER H 207 -6.52 -31.68 -21.35
N LEU H 208 -6.05 -31.59 -20.10
CA LEU H 208 -6.83 -32.14 -18.97
C LEU H 208 -8.23 -31.51 -18.93
N GLY H 209 -9.15 -32.21 -18.27
CA GLY H 209 -10.49 -31.71 -18.01
C GLY H 209 -11.50 -31.83 -19.13
N ARG H 210 -11.19 -32.56 -20.20
CA ARG H 210 -12.07 -32.56 -21.36
CA ARG H 210 -12.06 -32.58 -21.38
C ARG H 210 -13.31 -33.44 -21.17
N ARG H 211 -13.16 -34.54 -20.46
CA ARG H 211 -14.26 -35.49 -20.32
C ARG H 211 -15.52 -34.90 -19.68
N ASP H 212 -15.32 -34.19 -18.56
CA ASP H 212 -16.42 -33.66 -17.76
C ASP H 212 -16.75 -32.20 -18.05
N ALA H 213 -16.04 -31.64 -19.03
CA ALA H 213 -16.16 -30.22 -19.37
C ALA H 213 -17.60 -29.74 -19.58
N THR H 214 -18.32 -30.40 -20.49
CA THR H 214 -19.68 -29.97 -20.82
C THR H 214 -20.62 -30.17 -19.65
N GLY H 215 -20.43 -31.27 -18.92
CA GLY H 215 -21.21 -31.57 -17.73
C GLY H 215 -21.09 -30.54 -16.63
N ARG H 216 -19.86 -30.20 -16.25
CA ARG H 216 -19.62 -29.18 -15.23
C ARG H 216 -20.12 -27.80 -15.68
N GLY H 217 -20.03 -27.53 -16.98
CA GLY H 217 -20.46 -26.24 -17.51
C GLY H 217 -21.97 -26.06 -17.46
N VAL H 218 -22.71 -27.14 -17.66
CA VAL H 218 -24.14 -27.14 -17.42
C VAL H 218 -24.39 -26.75 -15.95
N PHE H 219 -23.60 -27.29 -15.02
CA PHE H 219 -23.81 -26.93 -13.61
C PHE H 219 -23.52 -25.46 -13.35
N ILE H 220 -22.40 -24.98 -13.88
CA ILE H 220 -21.88 -23.61 -13.63
C ILE H 220 -22.85 -22.58 -14.19
N THR H 221 -23.27 -22.83 -15.41
CA THR H 221 -24.32 -22.07 -16.03
C THR H 221 -25.58 -22.11 -15.17
N ALA H 222 -26.02 -23.30 -14.78
CA ALA H 222 -27.19 -23.47 -13.90
C ALA H 222 -27.07 -22.70 -12.57
N ALA H 223 -25.91 -22.82 -11.88
CA ALA H 223 -25.70 -22.11 -10.62
C ALA H 223 -25.79 -20.60 -10.80
N ALA H 224 -25.24 -20.11 -11.92
CA ALA H 224 -25.27 -18.68 -12.29
C ALA H 224 -26.70 -18.13 -12.46
N ALA H 225 -27.56 -18.90 -13.12
CA ALA H 225 -28.96 -18.55 -13.20
C ALA H 225 -29.61 -18.61 -11.81
N ALA H 226 -29.24 -19.62 -11.02
CA ALA H 226 -29.84 -19.79 -9.70
C ALA H 226 -29.62 -18.57 -8.79
N GLU H 227 -28.37 -18.11 -8.74
CA GLU H 227 -28.02 -16.93 -7.94
C GLU H 227 -28.92 -15.75 -8.34
N LYS H 228 -29.19 -15.63 -9.64
CA LYS H 228 -29.98 -14.54 -10.18
C LYS H 228 -31.43 -14.52 -9.69
N ILE H 229 -31.96 -15.68 -9.34
CA ILE H 229 -33.33 -15.75 -8.83
C ILE H 229 -33.46 -16.24 -7.39
N GLY H 230 -32.33 -16.31 -6.69
CA GLY H 230 -32.31 -16.61 -5.25
C GLY H 230 -32.56 -18.05 -4.88
N LEU H 231 -32.24 -18.95 -5.82
CA LEU H 231 -32.43 -20.38 -5.61
C LEU H 231 -31.17 -20.98 -5.03
N GLN H 232 -31.26 -21.46 -3.80
CA GLN H 232 -30.14 -22.12 -3.15
C GLN H 232 -29.82 -23.46 -3.84
N VAL H 233 -28.54 -23.72 -4.07
CA VAL H 233 -28.10 -24.97 -4.69
C VAL H 233 -28.05 -26.10 -3.65
N GLU H 234 -27.68 -25.76 -2.43
CA GLU H 234 -27.58 -26.72 -1.32
C GLU H 234 -28.70 -27.75 -1.19
N GLY H 235 -29.94 -27.32 -1.02
CA GLY H 235 -31.02 -28.29 -0.85
C GLY H 235 -31.79 -28.68 -2.10
N ALA H 236 -31.29 -28.30 -3.28
CA ALA H 236 -32.10 -28.35 -4.50
C ALA H 236 -32.21 -29.74 -5.14
N ARG H 237 -33.39 -30.00 -5.71
CA ARG H 237 -33.65 -31.27 -6.36
C ARG H 237 -33.36 -31.10 -7.85
N VAL H 238 -32.84 -32.15 -8.46
CA VAL H 238 -32.38 -32.11 -9.86
C VAL H 238 -32.84 -33.34 -10.65
N ALA H 239 -33.56 -33.09 -11.74
CA ALA H 239 -33.87 -34.15 -12.69
C ALA H 239 -32.90 -34.04 -13.87
N ILE H 240 -32.34 -35.18 -14.28
CA ILE H 240 -31.39 -35.23 -15.38
C ILE H 240 -31.82 -36.29 -16.41
N GLN H 241 -31.96 -35.89 -17.67
CA GLN H 241 -32.23 -36.83 -18.75
C GLN H 241 -30.95 -37.13 -19.51
N GLY H 242 -30.63 -38.42 -19.63
CA GLY H 242 -29.36 -38.83 -20.23
C GLY H 242 -28.34 -38.98 -19.13
N PHE H 243 -27.52 -40.01 -19.26
CA PHE H 243 -26.45 -40.24 -18.29
C PHE H 243 -25.13 -40.61 -18.99
N GLY H 244 -24.96 -40.13 -20.23
CA GLY H 244 -23.66 -40.18 -20.93
C GLY H 244 -22.63 -39.25 -20.27
N ASN H 245 -21.57 -38.88 -20.98
CA ASN H 245 -20.55 -37.98 -20.41
C ASN H 245 -21.09 -36.61 -19.94
N VAL H 246 -22.09 -36.07 -20.64
CA VAL H 246 -22.65 -34.77 -20.28
C VAL H 246 -23.50 -34.87 -19.03
N GLY H 247 -24.49 -35.76 -19.06
CA GLY H 247 -25.45 -35.91 -17.98
C GLY H 247 -24.87 -36.40 -16.66
N ASN H 248 -23.92 -37.33 -16.75
CA ASN H 248 -23.38 -37.91 -15.54
C ASN H 248 -22.28 -37.05 -14.88
N ALA H 249 -21.69 -36.15 -15.66
CA ALA H 249 -20.80 -35.13 -15.10
C ALA H 249 -21.61 -33.99 -14.47
N ALA H 250 -22.71 -33.60 -15.14
CA ALA H 250 -23.69 -32.68 -14.60
C ALA H 250 -24.21 -33.22 -13.28
N ALA H 251 -24.51 -34.52 -13.25
CA ALA H 251 -24.97 -35.16 -12.02
C ALA H 251 -23.94 -35.07 -10.91
N ARG H 252 -22.68 -35.40 -11.22
CA ARG H 252 -21.63 -35.36 -10.19
C ARG H 252 -21.36 -33.96 -9.63
N ALA H 253 -21.32 -32.94 -10.49
CA ALA H 253 -21.16 -31.56 -10.05
C ALA H 253 -22.33 -31.04 -9.22
N PHE H 254 -23.56 -31.27 -9.68
CA PHE H 254 -24.74 -30.91 -8.88
C PHE H 254 -24.68 -31.52 -7.46
N HIS H 255 -24.29 -32.80 -7.40
CA HIS H 255 -24.21 -33.56 -6.16
C HIS H 255 -23.08 -33.10 -5.24
N ASP H 256 -21.91 -32.86 -5.83
CA ASP H 256 -20.73 -32.42 -5.08
C ASP H 256 -20.88 -31.00 -4.52
N HIS H 257 -21.84 -30.25 -5.06
CA HIS H 257 -22.14 -28.91 -4.57
C HIS H 257 -23.32 -28.92 -3.61
N GLY H 258 -23.77 -30.14 -3.26
CA GLY H 258 -24.78 -30.34 -2.23
C GLY H 258 -26.21 -30.46 -2.74
N ALA H 259 -26.41 -30.45 -4.06
CA ALA H 259 -27.75 -30.66 -4.60
C ALA H 259 -28.09 -32.15 -4.56
N ARG H 260 -29.38 -32.44 -4.64
CA ARG H 260 -29.85 -33.83 -4.63
C ARG H 260 -30.38 -34.19 -6.00
N VAL H 261 -29.78 -35.20 -6.61
CA VAL H 261 -30.24 -35.77 -7.87
C VAL H 261 -31.38 -36.72 -7.54
N VAL H 262 -32.60 -36.38 -7.94
CA VAL H 262 -33.76 -37.22 -7.62
C VAL H 262 -34.21 -38.14 -8.75
N ALA H 263 -33.85 -37.81 -9.99
CA ALA H 263 -34.32 -38.57 -11.14
C ALA H 263 -33.33 -38.59 -12.28
N VAL H 264 -33.20 -39.75 -12.92
CA VAL H 264 -32.37 -39.90 -14.10
C VAL H 264 -33.14 -40.74 -15.12
N GLN H 265 -33.46 -40.12 -16.26
CA GLN H 265 -34.03 -40.84 -17.40
C GLN H 265 -32.92 -41.26 -18.37
N ASP H 266 -33.04 -42.47 -18.89
CA ASP H 266 -31.99 -43.08 -19.71
C ASP H 266 -32.63 -43.60 -20.99
N HIS H 267 -31.84 -44.31 -21.79
CA HIS H 267 -32.40 -45.08 -22.89
C HIS H 267 -33.18 -46.27 -22.35
N THR H 268 -32.70 -46.81 -21.23
CA THR H 268 -33.28 -48.02 -20.63
C THR H 268 -34.57 -47.79 -19.86
N GLY H 269 -34.71 -46.63 -19.21
CA GLY H 269 -35.92 -46.31 -18.46
C GLY H 269 -35.83 -44.99 -17.71
N THR H 270 -36.31 -44.99 -16.47
CA THR H 270 -36.23 -43.83 -15.56
C THR H 270 -36.22 -44.34 -14.12
N VAL H 271 -35.36 -43.77 -13.28
CA VAL H 271 -35.36 -44.06 -11.85
C VAL H 271 -35.68 -42.81 -11.02
N TYR H 272 -36.41 -43.01 -9.92
CA TYR H 272 -36.80 -41.91 -9.02
C TYR H 272 -36.51 -42.26 -7.56
N ASN H 273 -35.96 -41.30 -6.83
CA ASN H 273 -35.68 -41.47 -5.40
C ASN H 273 -35.55 -40.12 -4.71
N GLU H 274 -36.65 -39.69 -4.11
CA GLU H 274 -36.79 -38.37 -3.49
C GLU H 274 -35.76 -38.10 -2.38
N ALA H 275 -35.23 -39.16 -1.79
CA ALA H 275 -34.21 -39.03 -0.76
C ALA H 275 -32.86 -38.64 -1.35
N GLY H 276 -32.74 -38.76 -2.67
CA GLY H 276 -31.51 -38.45 -3.39
C GLY H 276 -30.85 -39.70 -3.96
N ILE H 277 -30.11 -39.50 -5.04
CA ILE H 277 -29.36 -40.57 -5.70
C ILE H 277 -27.88 -40.19 -5.72
N ASP H 278 -27.04 -41.08 -5.22
CA ASP H 278 -25.61 -40.89 -5.29
C ASP H 278 -25.19 -41.27 -6.71
N PRO H 279 -24.79 -40.26 -7.52
CA PRO H 279 -24.54 -40.43 -8.95
C PRO H 279 -23.34 -41.32 -9.26
N TYR H 280 -22.38 -41.40 -8.33
CA TYR H 280 -21.20 -42.26 -8.48
C TYR H 280 -21.58 -43.74 -8.42
N ASP H 281 -22.56 -44.04 -7.57
CA ASP H 281 -23.08 -45.39 -7.41
C ASP H 281 -23.88 -45.81 -8.65
N LEU H 282 -24.78 -44.94 -9.10
CA LEU H 282 -25.56 -45.17 -10.31
C LEU H 282 -24.67 -45.38 -11.53
N LEU H 283 -23.53 -44.66 -11.54
CA LEU H 283 -22.58 -44.72 -12.63
C LEU H 283 -21.88 -46.09 -12.74
N ARG H 284 -21.64 -46.74 -11.60
CA ARG H 284 -21.09 -48.10 -11.61
C ARG H 284 -22.11 -49.10 -12.14
N HIS H 285 -23.37 -48.91 -11.75
CA HIS H 285 -24.48 -49.77 -12.20
C HIS H 285 -24.77 -49.63 -13.70
N VAL H 286 -24.59 -48.43 -14.25
CA VAL H 286 -24.77 -48.20 -15.68
C VAL H 286 -23.59 -48.81 -16.48
N GLN H 287 -22.49 -49.11 -15.79
CA GLN H 287 -21.35 -49.83 -16.39
C GLN H 287 -21.42 -51.34 -16.10
N GLU H 288 -22.58 -51.77 -15.59
CA GLU H 288 -22.94 -53.19 -15.48
C GLU H 288 -24.03 -53.48 -16.50
N PHE H 289 -25.29 -53.23 -16.12
CA PHE H 289 -26.46 -53.50 -16.97
C PHE H 289 -26.48 -52.68 -18.28
N GLY H 290 -25.56 -51.71 -18.40
CA GLY H 290 -25.48 -50.86 -19.58
C GLY H 290 -26.54 -49.77 -19.61
N GLY H 291 -27.12 -49.48 -18.45
CA GLY H 291 -28.20 -48.51 -18.35
C GLY H 291 -28.70 -48.27 -16.93
N VAL H 292 -29.63 -47.33 -16.80
CA VAL H 292 -30.20 -46.93 -15.51
C VAL H 292 -31.20 -47.95 -14.96
N ARG H 293 -31.89 -48.66 -15.88
CA ARG H 293 -32.94 -49.63 -15.51
C ARG H 293 -32.48 -50.62 -14.46
N GLY H 294 -33.42 -51.02 -13.61
CA GLY H 294 -33.14 -51.84 -12.46
C GLY H 294 -32.72 -50.93 -11.33
N TYR H 295 -31.48 -50.45 -11.41
CA TYR H 295 -30.82 -49.76 -10.30
C TYR H 295 -31.40 -50.07 -8.92
N PRO H 296 -30.77 -51.00 -8.21
CA PRO H 296 -31.23 -51.41 -6.89
C PRO H 296 -30.86 -50.35 -5.89
N LYS H 297 -31.77 -49.41 -5.66
CA LYS H 297 -31.55 -48.28 -4.75
C LYS H 297 -32.41 -47.10 -5.19
N ALA H 298 -33.27 -47.35 -6.18
CA ALA H 298 -34.28 -46.41 -6.62
C ALA H 298 -35.40 -47.14 -7.35
N GLU H 299 -36.63 -46.67 -7.14
CA GLU H 299 -37.81 -47.21 -7.81
C GLU H 299 -37.89 -46.71 -9.25
N PRO H 300 -38.46 -47.53 -10.17
CA PRO H 300 -38.66 -47.07 -11.54
C PRO H 300 -39.76 -46.02 -11.65
N LEU H 301 -39.77 -45.29 -12.76
CA LEU H 301 -40.81 -44.32 -13.04
C LEU H 301 -41.17 -44.54 -14.51
N PRO H 302 -42.46 -44.39 -14.87
CA PRO H 302 -42.83 -44.71 -16.26
C PRO H 302 -42.56 -43.58 -17.28
N ALA H 303 -41.34 -43.04 -17.29
CA ALA H 303 -41.00 -41.85 -18.10
C ALA H 303 -42.12 -40.83 -17.90
N ALA H 304 -42.44 -40.06 -18.95
CA ALA H 304 -43.61 -39.16 -18.97
C ALA H 304 -43.88 -38.35 -17.69
N ASP H 305 -43.87 -39.04 -16.55
CA ASP H 305 -43.94 -38.39 -15.23
C ASP H 305 -42.61 -37.73 -14.85
N PHE H 306 -41.55 -38.08 -15.57
CA PHE H 306 -40.23 -37.44 -15.44
C PHE H 306 -40.36 -35.92 -15.54
N TRP H 307 -41.07 -35.45 -16.56
CA TRP H 307 -41.16 -34.01 -16.85
C TRP H 307 -42.03 -33.21 -15.86
N GLY H 308 -42.89 -33.90 -15.10
CA GLY H 308 -43.78 -33.25 -14.13
C GLY H 308 -43.27 -33.26 -12.70
N LEU H 309 -42.13 -33.93 -12.49
CA LEU H 309 -41.51 -34.07 -11.17
C LEU H 309 -41.29 -32.74 -10.45
N PRO H 310 -41.63 -32.69 -9.14
CA PRO H 310 -41.32 -31.47 -8.40
C PRO H 310 -39.81 -31.37 -8.17
N VAL H 311 -39.13 -30.55 -8.99
CA VAL H 311 -37.68 -30.32 -8.86
C VAL H 311 -37.32 -28.84 -8.88
N GLU H 312 -36.04 -28.55 -8.68
CA GLU H 312 -35.56 -27.19 -8.85
C GLU H 312 -34.85 -27.01 -10.19
N PHE H 313 -34.07 -28.02 -10.58
CA PHE H 313 -33.31 -28.02 -11.83
C PHE H 313 -33.70 -29.18 -12.72
N LEU H 314 -33.90 -28.90 -14.01
CA LEU H 314 -34.11 -29.95 -15.00
C LEU H 314 -33.00 -29.85 -16.03
N VAL H 315 -32.37 -30.98 -16.33
CA VAL H 315 -31.21 -30.99 -17.22
C VAL H 315 -31.47 -31.97 -18.36
N PRO H 316 -31.95 -31.45 -19.51
CA PRO H 316 -31.96 -32.32 -20.69
C PRO H 316 -30.54 -32.47 -21.27
N ALA H 317 -30.01 -33.69 -21.24
CA ALA H 317 -28.65 -33.97 -21.69
C ALA H 317 -28.58 -35.23 -22.56
N ALA H 318 -29.67 -35.49 -23.28
CA ALA H 318 -29.69 -36.59 -24.25
C ALA H 318 -30.01 -36.07 -25.66
N LEU H 319 -31.14 -36.48 -26.22
CA LEU H 319 -31.43 -36.18 -27.62
C LEU H 319 -32.03 -34.80 -27.82
N GLU H 320 -32.14 -34.37 -29.07
CA GLU H 320 -32.80 -33.12 -29.41
C GLU H 320 -34.30 -33.30 -29.24
N LYS H 321 -35.01 -32.19 -29.17
CA LYS H 321 -36.49 -32.14 -29.17
C LYS H 321 -37.18 -32.96 -28.07
N GLN H 322 -36.54 -33.03 -26.89
CA GLN H 322 -37.11 -33.78 -25.77
C GLN H 322 -38.13 -33.01 -24.94
N ILE H 323 -37.97 -31.69 -24.84
CA ILE H 323 -38.97 -30.85 -24.19
C ILE H 323 -39.85 -30.24 -25.27
N THR H 324 -41.12 -30.61 -25.25
CA THR H 324 -42.01 -30.42 -26.36
C THR H 324 -43.35 -29.86 -25.92
N GLU H 325 -44.05 -29.25 -26.85
CA GLU H 325 -45.46 -28.88 -26.72
C GLU H 325 -46.31 -29.90 -25.93
N GLN H 326 -45.99 -31.18 -26.08
CA GLN H 326 -46.69 -32.26 -25.39
C GLN H 326 -46.41 -32.31 -23.89
N ASN H 327 -45.13 -32.18 -23.50
CA ASN H 327 -44.73 -32.34 -22.11
C ASN H 327 -44.36 -31.06 -21.34
N ALA H 328 -44.24 -29.94 -22.06
CA ALA H 328 -43.71 -28.68 -21.51
C ALA H 328 -44.51 -28.13 -20.33
N TRP H 329 -45.84 -28.19 -20.45
CA TRP H 329 -46.74 -27.68 -19.42
C TRP H 329 -46.55 -28.33 -18.05
N ARG H 330 -46.11 -29.58 -18.04
CA ARG H 330 -45.91 -30.37 -16.82
C ARG H 330 -44.73 -29.90 -15.98
N ILE H 331 -43.75 -29.27 -16.62
CA ILE H 331 -42.45 -29.01 -15.97
C ILE H 331 -42.53 -28.10 -14.75
N ARG H 332 -42.12 -28.62 -13.60
CA ARG H 332 -42.19 -27.84 -12.35
C ARG H 332 -40.89 -27.11 -12.02
N ALA H 333 -39.83 -27.45 -12.75
CA ALA H 333 -38.50 -26.88 -12.52
C ALA H 333 -38.47 -25.35 -12.52
N ARG H 334 -37.65 -24.78 -11.64
CA ARG H 334 -37.41 -23.33 -11.64
C ARG H 334 -36.41 -22.95 -12.75
N ILE H 335 -35.51 -23.89 -13.06
CA ILE H 335 -34.44 -23.68 -14.04
C ILE H 335 -34.29 -24.92 -14.92
N VAL H 336 -34.33 -24.71 -16.23
CA VAL H 336 -33.99 -25.76 -17.19
C VAL H 336 -32.62 -25.39 -17.75
N ALA H 337 -31.69 -26.33 -17.68
CA ALA H 337 -30.31 -26.11 -18.11
C ALA H 337 -29.94 -27.12 -19.20
N GLU H 338 -29.86 -26.62 -20.43
CA GLU H 338 -29.71 -27.46 -21.62
C GLU H 338 -28.28 -27.95 -21.84
N GLY H 339 -28.02 -29.21 -21.50
CA GLY H 339 -26.73 -29.84 -21.81
C GLY H 339 -26.70 -30.48 -23.19
N ALA H 340 -27.88 -30.76 -23.73
CA ALA H 340 -28.02 -31.35 -25.06
C ALA H 340 -28.02 -30.26 -26.14
N ASN H 341 -27.71 -30.62 -27.38
CA ASN H 341 -27.92 -29.67 -28.49
C ASN H 341 -29.41 -29.61 -28.83
N GLY H 342 -29.98 -28.40 -28.77
CA GLY H 342 -31.39 -28.18 -29.13
C GLY H 342 -32.39 -29.10 -28.42
N PRO H 343 -32.28 -29.24 -27.09
CA PRO H 343 -33.14 -30.22 -26.44
C PRO H 343 -34.58 -29.78 -26.28
N THR H 344 -34.90 -28.51 -26.50
CA THR H 344 -36.29 -28.07 -26.37
C THR H 344 -36.81 -27.34 -27.62
N THR H 345 -38.06 -27.61 -28.00
CA THR H 345 -38.65 -26.96 -29.18
C THR H 345 -38.99 -25.51 -28.90
N PRO H 346 -39.09 -24.67 -29.95
CA PRO H 346 -39.55 -23.29 -29.76
C PRO H 346 -40.97 -23.14 -29.18
N ALA H 347 -41.88 -24.05 -29.51
CA ALA H 347 -43.22 -24.03 -28.90
C ALA H 347 -43.13 -24.21 -27.38
N ALA H 348 -42.20 -25.06 -26.94
CA ALA H 348 -41.97 -25.33 -25.53
C ALA H 348 -41.37 -24.13 -24.80
N ASP H 349 -40.47 -23.40 -25.49
CA ASP H 349 -39.92 -22.11 -25.03
C ASP H 349 -41.03 -21.11 -24.70
N ASP H 350 -42.01 -20.97 -25.59
CA ASP H 350 -43.15 -20.08 -25.37
C ASP H 350 -44.01 -20.49 -24.17
N ILE H 351 -44.15 -21.80 -23.98
CA ILE H 351 -44.81 -22.36 -22.80
C ILE H 351 -43.99 -22.09 -21.54
N LEU H 352 -42.72 -22.51 -21.54
CA LEU H 352 -41.84 -22.33 -20.39
C LEU H 352 -41.70 -20.86 -19.96
N LEU H 353 -41.60 -19.97 -20.93
CA LEU H 353 -41.58 -18.53 -20.68
C LEU H 353 -42.85 -18.07 -19.93
N GLU H 354 -44.01 -18.54 -20.37
CA GLU H 354 -45.27 -18.21 -19.71
C GLU H 354 -45.39 -18.80 -18.29
N LYS H 355 -44.86 -20.00 -18.10
CA LYS H 355 -44.87 -20.64 -16.78
C LYS H 355 -43.85 -20.00 -15.84
N GLY H 356 -43.01 -19.13 -16.39
CA GLY H 356 -42.03 -18.39 -15.60
C GLY H 356 -40.75 -19.16 -15.33
N VAL H 357 -40.55 -20.28 -16.02
CA VAL H 357 -39.32 -21.08 -15.87
C VAL H 357 -38.15 -20.54 -16.71
N LEU H 358 -36.98 -20.52 -16.07
CA LEU H 358 -35.76 -20.03 -16.68
C LEU H 358 -35.10 -21.12 -17.50
N VAL H 359 -34.95 -20.88 -18.79
CA VAL H 359 -34.25 -21.81 -19.67
C VAL H 359 -32.88 -21.25 -20.01
N VAL H 360 -31.84 -21.84 -19.43
CA VAL H 360 -30.47 -21.49 -19.84
C VAL H 360 -30.20 -22.14 -21.20
N PRO H 361 -29.88 -21.31 -22.23
CA PRO H 361 -29.77 -21.88 -23.58
C PRO H 361 -28.53 -22.76 -23.81
N ASP H 362 -28.72 -23.75 -24.68
CA ASP H 362 -27.64 -24.65 -25.08
C ASP H 362 -26.40 -23.91 -25.56
N VAL H 363 -26.60 -22.84 -26.32
CA VAL H 363 -25.47 -22.07 -26.87
C VAL H 363 -24.39 -21.75 -25.83
N ILE H 364 -24.78 -21.41 -24.59
CA ILE H 364 -23.79 -21.21 -23.50
C ILE H 364 -23.75 -22.35 -22.44
N ALA H 365 -24.90 -22.98 -22.18
CA ALA H 365 -24.99 -24.00 -21.12
C ALA H 365 -24.18 -25.27 -21.41
N ASN H 366 -24.08 -25.67 -22.68
CA ASN H 366 -23.32 -26.87 -23.04
C ASN H 366 -21.92 -26.58 -23.60
N ALA H 367 -21.47 -25.34 -23.43
CA ALA H 367 -20.24 -24.85 -24.09
C ALA H 367 -18.93 -25.17 -23.34
N GLY H 368 -19.01 -25.96 -22.27
CA GLY H 368 -17.81 -26.33 -21.50
C GLY H 368 -16.70 -27.03 -22.29
N GLY H 369 -17.08 -27.91 -23.20
CA GLY H 369 -16.12 -28.69 -24.01
C GLY H 369 -15.39 -27.78 -24.98
N VAL H 370 -16.19 -27.03 -25.74
CA VAL H 370 -15.69 -25.99 -26.63
C VAL H 370 -14.71 -25.04 -25.89
N THR H 371 -14.96 -24.77 -24.61
CA THR H 371 -14.10 -23.92 -23.78
C THR H 371 -12.80 -24.63 -23.40
N VAL H 372 -12.84 -25.93 -23.14
CA VAL H 372 -11.62 -26.66 -22.78
C VAL H 372 -10.78 -26.90 -24.04
N SER H 373 -11.47 -27.01 -25.18
CA SER H 373 -10.84 -27.04 -26.51
C SER H 373 -10.05 -25.77 -26.79
N TYR H 374 -10.62 -24.62 -26.45
CA TYR H 374 -9.93 -23.34 -26.46
C TYR H 374 -8.65 -23.36 -25.58
N PHE H 375 -8.80 -23.78 -24.33
CA PHE H 375 -7.69 -23.91 -23.37
C PHE H 375 -6.58 -24.82 -23.91
N GLU H 376 -6.99 -25.87 -24.63
CA GLU H 376 -6.05 -26.83 -25.25
C GLU H 376 -5.17 -26.08 -26.24
N TRP H 377 -5.83 -25.35 -27.12
CA TRP H 377 -5.18 -24.46 -28.07
C TRP H 377 -4.30 -23.40 -27.40
N VAL H 378 -4.79 -22.78 -26.31
CA VAL H 378 -3.99 -21.81 -25.59
C VAL H 378 -2.68 -22.49 -25.11
N GLN H 379 -2.79 -23.57 -24.32
CA GLN H 379 -1.64 -24.33 -23.76
C GLN H 379 -0.63 -24.82 -24.82
N ASP H 380 -1.19 -25.14 -25.98
CA ASP H 380 -0.46 -25.68 -27.12
C ASP H 380 0.53 -24.69 -27.75
N PHE H 381 0.36 -23.40 -27.48
CA PHE H 381 1.24 -22.40 -28.03
C PHE H 381 2.66 -22.46 -27.43
N ASN H 382 2.75 -22.81 -26.16
CA ASN H 382 4.08 -22.83 -25.52
C ASN H 382 4.36 -24.14 -24.79
N SER H 383 3.49 -25.11 -25.06
CA SER H 383 3.51 -26.43 -24.43
C SER H 383 3.66 -26.40 -22.91
N TYR H 384 2.76 -25.64 -22.32
CA TYR H 384 2.66 -25.59 -20.87
C TYR H 384 1.24 -25.94 -20.50
N PHE H 385 1.08 -27.05 -19.80
CA PHE H 385 -0.25 -27.58 -19.57
C PHE H 385 -0.70 -27.31 -18.15
N TRP H 386 -1.97 -26.97 -18.02
CA TRP H 386 -2.51 -26.55 -16.73
C TRP H 386 -2.95 -27.75 -15.91
N THR H 387 -3.05 -27.55 -14.60
CA THR H 387 -3.60 -28.59 -13.72
C THR H 387 -5.11 -28.67 -13.91
N GLU H 388 -5.70 -29.72 -13.33
CA GLU H 388 -7.13 -30.00 -13.41
C GLU H 388 -7.94 -28.87 -12.77
N GLU H 389 -7.47 -28.44 -11.60
CA GLU H 389 -8.14 -27.36 -10.88
C GLU H 389 -8.10 -26.03 -11.64
N GLU H 390 -6.96 -25.73 -12.26
CA GLU H 390 -6.81 -24.54 -13.10
C GLU H 390 -7.78 -24.53 -14.30
N ILE H 391 -7.90 -25.65 -14.99
CA ILE H 391 -8.87 -25.78 -16.07
C ILE H 391 -10.24 -25.41 -15.56
N ASN H 392 -10.61 -26.01 -14.42
CA ASN H 392 -11.93 -25.81 -13.83
C ASN H 392 -12.23 -24.39 -13.41
N ALA H 393 -11.28 -23.76 -12.73
CA ALA H 393 -11.37 -22.35 -12.31
C ALA H 393 -11.52 -21.40 -13.51
N ARG H 394 -10.73 -21.65 -14.57
CA ARG H 394 -10.79 -20.84 -15.78
C ARG H 394 -12.05 -21.16 -16.58
N LEU H 395 -12.55 -22.38 -16.43
CA LEU H 395 -13.75 -22.78 -17.14
C LEU H 395 -14.97 -22.04 -16.54
N GLU H 396 -15.06 -22.03 -15.22
CA GLU H 396 -16.03 -21.20 -14.48
C GLU H 396 -16.02 -19.71 -14.90
N ARG H 397 -14.83 -19.10 -14.83
CA ARG H 397 -14.58 -17.74 -15.31
C ARG H 397 -15.27 -17.49 -16.66
N VAL H 398 -14.86 -18.26 -17.66
CA VAL H 398 -15.36 -18.09 -19.02
C VAL H 398 -16.89 -18.15 -19.05
N LEU H 399 -17.48 -19.19 -18.45
CA LEU H 399 -18.92 -19.45 -18.60
C LEU H 399 -19.80 -18.55 -17.72
N ARG H 400 -19.25 -18.11 -16.60
CA ARG H 400 -19.95 -17.11 -15.77
C ARG H 400 -20.00 -15.75 -16.46
N ASN H 401 -18.92 -15.40 -17.16
CA ASN H 401 -18.86 -14.14 -17.92
C ASN H 401 -19.83 -14.23 -19.06
N ALA H 402 -19.93 -15.41 -19.65
CA ALA H 402 -20.79 -15.64 -20.78
C ALA H 402 -22.23 -15.48 -20.35
N PHE H 403 -22.60 -16.17 -19.28
CA PHE H 403 -23.95 -16.11 -18.76
C PHE H 403 -24.31 -14.69 -18.33
N GLU H 404 -23.39 -14.06 -17.60
CA GLU H 404 -23.55 -12.68 -17.14
C GLU H 404 -23.81 -11.68 -18.27
N ALA H 405 -23.09 -11.84 -19.39
CA ALA H 405 -23.32 -10.99 -20.55
C ALA H 405 -24.69 -11.23 -21.19
N VAL H 406 -25.09 -12.50 -21.29
CA VAL H 406 -26.39 -12.83 -21.87
C VAL H 406 -27.54 -12.34 -20.98
N TRP H 407 -27.37 -12.47 -19.66
CA TRP H 407 -28.38 -12.04 -18.69
C TRP H 407 -28.62 -10.54 -18.82
N GLN H 408 -27.53 -9.76 -18.89
CA GLN H 408 -27.65 -8.31 -18.97
C GLN H 408 -28.43 -7.88 -20.21
N VAL H 409 -28.07 -8.42 -21.37
CA VAL H 409 -28.85 -8.17 -22.60
C VAL H 409 -30.32 -8.64 -22.49
N ALA H 410 -30.54 -9.80 -21.87
CA ALA H 410 -31.90 -10.31 -21.64
C ALA H 410 -32.75 -9.30 -20.87
N GLN H 411 -32.19 -8.79 -19.78
CA GLN H 411 -32.87 -7.83 -18.91
C GLN H 411 -33.04 -6.47 -19.58
N GLU H 412 -31.96 -6.01 -20.21
CA GLU H 412 -31.89 -4.72 -20.89
C GLU H 412 -32.87 -4.66 -22.07
N LYS H 413 -32.91 -5.71 -22.88
CA LYS H 413 -33.75 -5.72 -24.07
C LYS H 413 -35.09 -6.44 -23.92
N LYS H 414 -35.42 -6.86 -22.70
CA LYS H 414 -36.68 -7.54 -22.36
C LYS H 414 -37.02 -8.73 -23.26
N ILE H 415 -36.08 -9.69 -23.30
CA ILE H 415 -36.17 -10.86 -24.18
C ILE H 415 -35.66 -12.09 -23.41
N PRO H 416 -36.05 -13.32 -23.84
CA PRO H 416 -35.57 -14.54 -23.17
C PRO H 416 -34.07 -14.79 -23.35
N LEU H 417 -33.49 -15.56 -22.44
CA LEU H 417 -32.06 -15.84 -22.49
C LEU H 417 -31.62 -16.39 -23.87
N ARG H 418 -32.45 -17.24 -24.47
CA ARG H 418 -32.12 -17.82 -25.77
C ARG H 418 -31.87 -16.73 -26.83
N THR H 419 -32.81 -15.81 -26.96
CA THR H 419 -32.67 -14.73 -27.92
C THR H 419 -31.49 -13.83 -27.58
N ALA H 420 -31.24 -13.66 -26.29
CA ALA H 420 -30.19 -12.76 -25.82
C ALA H 420 -28.79 -13.28 -26.12
N ALA H 421 -28.62 -14.60 -26.11
CA ALA H 421 -27.35 -15.20 -26.47
C ALA H 421 -27.04 -14.98 -27.96
N TYR H 422 -28.07 -15.01 -28.79
CA TYR H 422 -27.94 -14.78 -30.22
C TYR H 422 -27.68 -13.31 -30.54
N VAL H 423 -28.25 -12.41 -29.74
CA VAL H 423 -28.01 -10.98 -29.88
C VAL H 423 -26.56 -10.67 -29.45
N VAL H 424 -26.13 -11.21 -28.30
CA VAL H 424 -24.75 -11.00 -27.80
C VAL H 424 -23.75 -11.38 -28.89
N ALA H 425 -23.81 -12.64 -29.32
CA ALA H 425 -23.01 -13.17 -30.41
C ALA H 425 -22.96 -12.28 -31.66
N ALA H 426 -24.11 -12.02 -32.27
CA ALA H 426 -24.22 -11.12 -33.42
C ALA H 426 -23.62 -9.73 -33.17
N THR H 427 -23.93 -9.14 -32.02
CA THR H 427 -23.34 -7.86 -31.64
C THR H 427 -21.81 -7.96 -31.60
N ARG H 428 -21.26 -9.02 -31.01
CA ARG H 428 -19.78 -9.14 -30.95
C ARG H 428 -19.12 -9.38 -32.30
N VAL H 429 -19.82 -10.06 -33.21
CA VAL H 429 -19.24 -10.37 -34.51
C VAL H 429 -19.25 -9.10 -35.35
N LEU H 430 -20.42 -8.49 -35.43
CA LEU H 430 -20.65 -7.25 -36.16
C LEU H 430 -19.80 -6.09 -35.65
N GLU H 431 -19.58 -6.00 -34.35
CA GLU H 431 -18.68 -5.00 -33.81
C GLU H 431 -17.23 -5.19 -34.25
N ALA H 432 -16.74 -6.43 -34.22
CA ALA H 432 -15.38 -6.75 -34.64
C ALA H 432 -15.19 -6.39 -36.13
N ARG H 433 -16.23 -6.65 -36.92
CA ARG H 433 -16.30 -6.31 -38.33
C ARG H 433 -16.32 -4.80 -38.57
N ALA H 434 -17.01 -4.05 -37.73
CA ALA H 434 -17.12 -2.60 -37.90
C ALA H 434 -15.81 -1.90 -37.53
N LEU H 435 -15.21 -2.34 -36.41
CA LEU H 435 -13.91 -1.82 -36.01
C LEU H 435 -12.92 -2.00 -37.16
N ARG H 436 -12.83 -3.23 -37.65
CA ARG H 436 -11.88 -3.63 -38.68
C ARG H 436 -12.06 -2.92 -40.02
N GLY H 437 -13.32 -2.69 -40.42
CA GLY H 437 -13.61 -1.98 -41.66
C GLY H 437 -13.64 -2.93 -42.84
N LEU H 438 -14.09 -2.42 -43.99
CA LEU H 438 -14.11 -3.20 -45.22
C LEU H 438 -12.79 -3.03 -45.94
N TYR H 439 -12.07 -4.15 -46.08
CA TYR H 439 -10.76 -4.18 -46.69
C TYR H 439 -10.35 -5.63 -47.03
N PRO H 440 -9.81 -5.86 -48.22
CA PRO H 440 -9.66 -4.91 -49.32
C PRO H 440 -10.98 -4.64 -50.07
N GLU I 20 20.21 -56.11 -39.06
CA GLU I 20 21.51 -55.38 -39.01
C GLU I 20 21.46 -54.15 -38.08
N PRO I 21 22.56 -53.90 -37.35
CA PRO I 21 22.80 -52.59 -36.73
C PRO I 21 23.12 -51.56 -37.83
N LEU I 22 23.05 -50.27 -37.50
CA LEU I 22 23.31 -49.21 -38.47
C LEU I 22 24.69 -49.39 -39.09
N SER I 23 24.73 -49.46 -40.42
CA SER I 23 25.98 -49.78 -41.14
C SER I 23 27.10 -48.75 -41.00
N TYR I 24 26.75 -47.48 -40.82
CA TYR I 24 27.74 -46.40 -40.79
C TYR I 24 28.65 -46.33 -39.57
N LEU I 25 28.36 -47.16 -38.58
CA LEU I 25 29.10 -47.13 -37.31
C LEU I 25 30.26 -48.12 -37.19
N GLY I 26 30.20 -49.21 -37.95
CA GLY I 26 31.18 -50.30 -37.83
C GLY I 26 30.90 -51.29 -36.71
N LYS I 27 31.84 -52.22 -36.51
CA LYS I 27 31.70 -53.34 -35.54
C LYS I 27 31.80 -52.90 -34.07
N ASP I 28 30.95 -53.48 -33.21
CA ASP I 28 30.99 -53.24 -31.76
C ASP I 28 30.93 -51.72 -31.47
N GLY I 29 29.91 -51.05 -32.02
CA GLY I 29 29.85 -49.58 -32.16
C GLY I 29 29.66 -48.66 -30.94
N GLY I 30 30.37 -48.94 -29.85
CA GLY I 30 30.60 -47.97 -28.76
C GLY I 30 29.46 -47.47 -27.88
N PRO I 31 29.48 -46.16 -27.54
CA PRO I 31 28.49 -45.52 -26.70
C PRO I 31 27.06 -45.67 -27.24
N TRP I 32 26.90 -45.63 -28.55
CA TRP I 32 25.60 -45.89 -29.17
C TRP I 32 25.09 -47.33 -28.89
N GLU I 33 26.00 -48.30 -28.91
CA GLU I 33 25.60 -49.70 -28.71
C GLU I 33 25.02 -49.87 -27.30
N ILE I 34 25.71 -49.25 -26.35
CA ILE I 34 25.30 -49.16 -24.97
C ILE I 34 23.89 -48.56 -24.83
N PHE I 35 23.57 -47.50 -25.59
CA PHE I 35 22.20 -46.97 -25.57
C PHE I 35 21.19 -48.01 -26.09
N THR I 36 21.52 -48.60 -27.23
CA THR I 36 20.71 -49.63 -27.90
C THR I 36 20.45 -50.88 -27.02
N GLU I 37 21.47 -51.30 -26.29
CA GLU I 37 21.36 -52.40 -25.32
C GLU I 37 20.38 -52.06 -24.19
N GLN I 38 20.46 -50.83 -23.68
CA GLN I 38 19.50 -50.36 -22.71
C GLN I 38 18.06 -50.35 -23.29
N VAL I 39 17.90 -50.03 -24.57
CA VAL I 39 16.57 -50.13 -25.20
C VAL I 39 16.10 -51.58 -25.22
N ASP I 40 17.01 -52.52 -25.50
CA ASP I 40 16.69 -53.94 -25.51
C ASP I 40 16.06 -54.38 -24.17
N ARG I 41 16.74 -54.06 -23.06
CA ARG I 41 16.32 -54.48 -21.72
C ARG I 41 14.94 -53.96 -21.27
N VAL I 42 14.40 -53.00 -22.02
CA VAL I 42 13.16 -52.36 -21.64
C VAL I 42 12.00 -52.91 -22.46
N VAL I 43 12.31 -53.47 -23.63
CA VAL I 43 11.30 -54.04 -24.55
C VAL I 43 10.29 -54.99 -23.88
N PRO I 44 10.76 -55.91 -23.00
CA PRO I 44 9.87 -56.84 -22.31
C PRO I 44 8.76 -56.22 -21.47
N TYR I 45 8.88 -54.92 -21.16
CA TYR I 45 7.90 -54.25 -20.29
C TYR I 45 6.91 -53.39 -21.04
N LEU I 46 7.07 -53.37 -22.38
CA LEU I 46 6.42 -52.38 -23.22
C LEU I 46 5.01 -52.78 -23.68
N GLY I 47 4.66 -54.04 -23.49
CA GLY I 47 3.31 -54.51 -23.82
C GLY I 47 3.02 -54.44 -25.30
N ARG I 48 1.83 -53.96 -25.66
CA ARG I 48 1.43 -53.84 -27.07
C ARG I 48 2.27 -52.82 -27.86
N LEU I 49 3.00 -51.98 -27.14
CA LEU I 49 3.89 -51.02 -27.73
C LEU I 49 5.22 -51.63 -28.17
N ALA I 50 5.54 -52.81 -27.64
CA ALA I 50 6.84 -53.47 -27.89
C ALA I 50 7.37 -53.56 -29.35
N PRO I 51 6.49 -53.89 -30.34
CA PRO I 51 7.02 -53.99 -31.72
C PRO I 51 7.55 -52.66 -32.26
N LEU I 52 7.02 -51.55 -31.75
CA LEU I 52 7.42 -50.22 -32.19
C LEU I 52 8.79 -49.83 -31.65
N ALA I 53 9.31 -50.57 -30.69
CA ALA I 53 10.58 -50.18 -30.05
C ALA I 53 11.80 -50.17 -30.97
N GLU I 54 11.72 -50.89 -32.10
CA GLU I 54 12.80 -50.82 -33.10
C GLU I 54 13.10 -49.37 -33.48
N SER I 55 12.05 -48.57 -33.73
CA SER I 55 12.21 -47.13 -34.02
C SER I 55 13.18 -46.36 -33.10
N LEU I 56 13.33 -46.83 -31.86
CA LEU I 56 14.22 -46.18 -30.89
C LEU I 56 15.69 -46.54 -31.11
N LYS I 57 15.94 -47.57 -31.91
CA LYS I 57 17.30 -48.04 -32.18
C LYS I 57 17.91 -47.42 -33.44
N ARG I 58 17.39 -46.27 -33.84
CA ARG I 58 17.89 -45.53 -35.00
C ARG I 58 17.43 -44.08 -34.99
N PRO I 59 18.40 -43.14 -35.02
CA PRO I 59 18.10 -41.71 -35.01
C PRO I 59 17.18 -41.38 -36.17
N LYS I 60 16.28 -40.43 -35.95
CA LYS I 60 15.49 -39.94 -37.07
C LYS I 60 16.35 -39.15 -38.07
N ARG I 61 17.39 -38.48 -37.57
CA ARG I 61 18.13 -37.50 -38.34
C ARG I 61 19.53 -37.28 -37.78
N VAL I 62 20.54 -37.52 -38.60
CA VAL I 62 21.91 -37.15 -38.25
C VAL I 62 22.39 -36.11 -39.25
N LEU I 63 22.62 -34.88 -38.79
CA LEU I 63 23.35 -33.91 -39.62
C LEU I 63 24.86 -33.86 -39.27
N ILE I 64 25.72 -34.12 -40.27
CA ILE I 64 27.17 -33.87 -40.13
C ILE I 64 27.49 -32.66 -41.02
N VAL I 65 28.08 -31.63 -40.41
CA VAL I 65 28.44 -30.42 -41.15
C VAL I 65 29.96 -30.24 -41.01
N ASP I 66 30.56 -29.61 -42.03
CA ASP I 66 31.87 -29.02 -41.90
C ASP I 66 31.66 -27.63 -41.30
N VAL I 67 32.58 -27.22 -40.42
CA VAL I 67 32.55 -25.86 -39.87
C VAL I 67 33.93 -25.22 -39.98
N PRO I 68 34.19 -24.52 -41.12
CA PRO I 68 35.47 -23.83 -41.38
C PRO I 68 35.55 -22.53 -40.57
N VAL I 69 36.73 -22.20 -40.06
CA VAL I 69 36.96 -21.02 -39.23
C VAL I 69 38.27 -20.34 -39.64
N ARG I 70 38.23 -19.01 -39.79
CA ARG I 70 39.46 -18.24 -39.92
C ARG I 70 40.15 -18.14 -38.56
N LEU I 71 41.28 -18.82 -38.44
CA LEU I 71 42.11 -18.69 -37.24
C LEU I 71 42.69 -17.28 -37.14
N ASP I 72 43.01 -16.84 -35.93
CA ASP I 72 43.68 -15.55 -35.71
C ASP I 72 44.93 -15.38 -36.59
N ASP I 73 45.65 -16.48 -36.81
CA ASP I 73 46.86 -16.46 -37.63
C ASP I 73 46.57 -16.24 -39.12
N GLY I 74 45.28 -16.23 -39.48
CA GLY I 74 44.88 -15.92 -40.84
C GLY I 74 44.48 -17.10 -41.70
N SER I 75 44.85 -18.31 -41.26
CA SER I 75 44.60 -19.55 -42.01
C SER I 75 43.23 -20.15 -41.70
N VAL I 76 42.70 -20.96 -42.63
CA VAL I 76 41.41 -21.62 -42.43
C VAL I 76 41.60 -23.00 -41.77
N ALA I 77 40.82 -23.24 -40.72
CA ALA I 77 40.75 -24.53 -40.04
C ALA I 77 39.36 -25.14 -40.25
N TYR I 78 39.32 -26.46 -40.31
CA TYR I 78 38.11 -27.23 -40.58
C TYR I 78 37.79 -28.14 -39.40
N PHE I 79 36.60 -27.97 -38.83
CA PHE I 79 36.19 -28.81 -37.69
C PHE I 79 34.91 -29.55 -38.03
N GLU I 80 34.74 -30.73 -37.42
CA GLU I 80 33.53 -31.55 -37.59
C GLU I 80 32.46 -31.13 -36.60
N GLY I 81 31.24 -31.02 -37.11
CA GLY I 81 30.12 -30.59 -36.29
C GLY I 81 28.95 -31.51 -36.52
N TYR I 82 28.17 -31.75 -35.47
CA TYR I 82 27.18 -32.80 -35.49
C TYR I 82 25.95 -32.25 -34.84
N ARG I 83 24.80 -32.56 -35.41
CA ARG I 83 23.52 -32.36 -34.74
C ARG I 83 22.66 -33.57 -35.06
N VAL I 84 22.23 -34.26 -34.00
CA VAL I 84 21.48 -35.48 -34.11
C VAL I 84 20.08 -35.34 -33.53
N HIS I 85 19.06 -35.62 -34.34
CA HIS I 85 17.69 -35.78 -33.82
C HIS I 85 17.43 -37.28 -33.64
N HIS I 86 17.39 -37.75 -32.40
CA HIS I 86 17.14 -39.17 -32.16
C HIS I 86 15.66 -39.51 -32.37
N ASN I 87 14.81 -38.73 -31.72
CA ASN I 87 13.39 -38.95 -31.77
C ASN I 87 12.68 -37.63 -31.54
N THR I 88 11.52 -37.50 -32.18
CA THR I 88 10.85 -36.24 -32.31
C THR I 88 9.33 -36.51 -32.26
N ALA I 89 8.98 -37.70 -31.77
CA ALA I 89 7.60 -38.09 -31.66
C ALA I 89 6.83 -37.22 -30.64
N ARG I 90 7.49 -36.82 -29.56
CA ARG I 90 6.81 -36.11 -28.46
CA ARG I 90 6.79 -36.10 -28.48
C ARG I 90 6.83 -34.59 -28.59
N GLY I 91 7.79 -34.07 -29.34
CA GLY I 91 7.92 -32.65 -29.57
C GLY I 91 9.19 -32.34 -30.34
N PRO I 92 9.58 -31.06 -30.36
CA PRO I 92 10.81 -30.66 -31.02
C PRO I 92 12.00 -31.27 -30.27
N ALA I 93 13.16 -31.31 -30.91
CA ALA I 93 14.31 -31.96 -30.31
C ALA I 93 14.97 -31.04 -29.34
N LYS I 94 15.56 -31.61 -28.29
CA LYS I 94 16.18 -30.77 -27.26
C LYS I 94 17.45 -31.39 -26.71
N GLY I 95 18.53 -30.64 -26.67
CA GLY I 95 19.74 -31.14 -26.00
C GLY I 95 20.89 -30.26 -26.32
N GLY I 96 21.92 -30.31 -25.48
CA GLY I 96 23.04 -29.41 -25.55
C GLY I 96 23.99 -29.64 -26.69
N VAL I 97 24.95 -28.73 -26.79
CA VAL I 97 26.05 -28.81 -27.76
C VAL I 97 27.36 -28.80 -26.97
N ARG I 98 28.26 -29.75 -27.23
CA ARG I 98 29.54 -29.77 -26.51
C ARG I 98 30.73 -29.49 -27.41
N TYR I 99 31.76 -28.85 -26.87
CA TYR I 99 33.01 -28.74 -27.59
C TYR I 99 34.07 -29.55 -26.86
N HIS I 100 34.49 -30.65 -27.48
CA HIS I 100 35.49 -31.52 -26.88
C HIS I 100 36.22 -32.29 -27.98
N PRO I 101 37.56 -32.47 -27.83
CA PRO I 101 38.34 -33.07 -28.93
C PRO I 101 38.08 -34.57 -29.20
N GLU I 102 37.32 -35.23 -28.32
CA GLU I 102 36.96 -36.63 -28.48
C GLU I 102 35.48 -36.84 -28.87
N VAL I 103 34.81 -35.74 -29.23
CA VAL I 103 33.44 -35.82 -29.75
C VAL I 103 33.43 -36.73 -30.99
N THR I 104 32.63 -37.77 -30.94
CA THR I 104 32.46 -38.62 -32.11
C THR I 104 30.98 -38.62 -32.52
N LEU I 105 30.73 -39.07 -33.74
CA LEU I 105 29.38 -39.30 -34.25
C LEU I 105 28.62 -40.23 -33.32
N SER I 106 29.31 -41.28 -32.89
CA SER I 106 28.72 -42.35 -32.12
C SER I 106 28.26 -41.84 -30.76
N GLU I 107 29.15 -41.14 -30.08
CA GLU I 107 28.81 -40.48 -28.82
C GLU I 107 27.65 -39.48 -28.94
N VAL I 108 27.66 -38.63 -29.97
CA VAL I 108 26.60 -37.64 -30.15
C VAL I 108 25.24 -38.27 -30.42
N MET I 109 25.24 -39.38 -31.17
CA MET I 109 24.03 -40.18 -31.39
C MET I 109 23.50 -40.83 -30.09
N ALA I 110 24.43 -41.29 -29.25
CA ALA I 110 24.11 -41.93 -27.98
C ALA I 110 23.51 -40.89 -27.04
N LEU I 111 24.18 -39.75 -26.91
CA LEU I 111 23.69 -38.68 -26.05
C LEU I 111 22.27 -38.22 -26.46
N ALA I 112 22.06 -38.03 -27.76
CA ALA I 112 20.73 -37.74 -28.30
C ALA I 112 19.67 -38.71 -27.81
N GLY I 113 19.94 -40.02 -27.95
CA GLY I 113 19.06 -41.08 -27.45
C GLY I 113 18.72 -40.98 -25.96
N TRP I 114 19.74 -40.83 -25.12
CA TRP I 114 19.52 -40.51 -23.71
C TRP I 114 18.66 -39.27 -23.47
N MET I 115 18.64 -38.32 -24.41
CA MET I 115 17.85 -37.10 -24.24
C MET I 115 16.38 -37.38 -24.49
N THR I 116 16.08 -38.24 -25.48
CA THR I 116 14.71 -38.71 -25.73
C THR I 116 14.20 -39.37 -24.45
N ILE I 117 15.06 -40.17 -23.83
CA ILE I 117 14.68 -40.89 -22.61
C ILE I 117 14.45 -39.89 -21.48
N LYS I 118 15.48 -39.11 -21.16
CA LYS I 118 15.40 -38.11 -20.08
C LYS I 118 14.19 -37.19 -20.20
N ASN I 119 13.92 -36.70 -21.41
CA ASN I 119 12.90 -35.69 -21.64
C ASN I 119 11.51 -36.31 -21.52
N ALA I 120 11.35 -37.51 -22.06
CA ALA I 120 10.15 -38.32 -21.90
C ALA I 120 9.83 -38.74 -20.43
N ALA I 121 10.87 -39.06 -19.67
CA ALA I 121 10.74 -39.54 -18.31
C ALA I 121 10.25 -38.42 -17.41
N VAL I 122 10.83 -37.22 -17.61
CA VAL I 122 10.46 -36.04 -16.82
C VAL I 122 9.20 -35.27 -17.28
N GLY I 123 8.56 -35.70 -18.35
CA GLY I 123 7.31 -35.08 -18.81
C GLY I 123 7.47 -33.88 -19.75
N LEU I 124 8.70 -33.55 -20.12
CA LEU I 124 8.96 -32.47 -21.07
C LEU I 124 8.38 -32.72 -22.48
N PRO I 125 7.83 -31.68 -23.12
CA PRO I 125 7.24 -31.93 -24.44
C PRO I 125 8.31 -31.85 -25.55
N TYR I 126 9.29 -32.74 -25.46
CA TYR I 126 10.52 -32.63 -26.22
C TYR I 126 10.99 -34.00 -26.71
N GLY I 127 11.43 -34.08 -27.96
CA GLY I 127 12.18 -35.22 -28.46
C GLY I 127 13.57 -35.11 -27.88
N GLY I 128 14.47 -36.02 -28.23
CA GLY I 128 15.89 -35.88 -27.85
C GLY I 128 16.78 -35.40 -29.00
N GLY I 129 17.71 -34.50 -28.66
CA GLY I 129 18.71 -33.99 -29.59
C GLY I 129 20.07 -33.84 -28.92
N LYS I 130 21.12 -33.66 -29.70
CA LYS I 130 22.44 -33.31 -29.16
C LYS I 130 23.33 -32.88 -30.29
N GLY I 131 24.36 -32.12 -29.94
CA GLY I 131 25.29 -31.67 -30.91
C GLY I 131 26.67 -31.71 -30.32
N GLY I 132 27.65 -31.53 -31.18
CA GLY I 132 29.02 -31.44 -30.74
C GLY I 132 29.81 -30.95 -31.92
N ILE I 133 31.00 -30.45 -31.59
CA ILE I 133 32.02 -30.06 -32.52
C ILE I 133 33.31 -30.68 -31.97
N ARG I 134 34.07 -31.32 -32.86
CA ARG I 134 35.27 -32.03 -32.48
C ARG I 134 36.42 -31.04 -32.48
N VAL I 135 36.62 -30.43 -31.31
CA VAL I 135 37.59 -29.36 -31.14
C VAL I 135 38.01 -29.28 -29.68
N ASP I 136 39.24 -28.86 -29.44
CA ASP I 136 39.67 -28.53 -28.10
C ASP I 136 39.51 -27.00 -27.93
N PRO I 137 38.53 -26.56 -27.12
CA PRO I 137 38.31 -25.12 -26.95
C PRO I 137 39.43 -24.41 -26.17
N ARG I 138 40.18 -25.14 -25.34
CA ARG I 138 41.35 -24.56 -24.65
C ARG I 138 42.36 -23.97 -25.62
N LYS I 139 42.29 -24.41 -26.88
CA LYS I 139 43.31 -24.10 -27.87
C LYS I 139 42.91 -22.98 -28.81
N LEU I 140 41.65 -22.55 -28.75
CA LEU I 140 41.14 -21.43 -29.54
C LEU I 140 41.04 -20.17 -28.68
N SER I 141 41.30 -19.03 -29.30
CA SER I 141 41.02 -17.75 -28.67
C SER I 141 39.49 -17.54 -28.60
N PRO I 142 39.02 -16.56 -27.78
CA PRO I 142 37.59 -16.21 -27.73
C PRO I 142 37.03 -15.77 -29.08
N GLY I 143 37.82 -15.03 -29.85
CA GLY I 143 37.46 -14.65 -31.22
C GLY I 143 37.27 -15.88 -32.08
N GLU I 144 38.25 -16.79 -32.02
CA GLU I 144 38.12 -18.10 -32.68
C GLU I 144 36.87 -18.88 -32.22
N LEU I 145 36.63 -18.93 -30.90
CA LEU I 145 35.48 -19.65 -30.35
C LEU I 145 34.17 -19.04 -30.87
N GLU I 146 34.13 -17.72 -31.02
CA GLU I 146 32.95 -17.03 -31.50
C GLU I 146 32.67 -17.35 -32.96
N ARG I 147 33.70 -17.27 -33.79
CA ARG I 147 33.56 -17.59 -35.21
C ARG I 147 33.15 -19.05 -35.43
N LEU I 148 33.69 -19.93 -34.61
CA LEU I 148 33.29 -21.35 -34.66
C LEU I 148 31.81 -21.53 -34.32
N THR I 149 31.34 -20.78 -33.31
CA THR I 149 30.00 -20.93 -32.78
C THR I 149 29.00 -20.44 -33.81
N ARG I 150 29.34 -19.33 -34.47
CA ARG I 150 28.46 -18.70 -35.48
C ARG I 150 28.34 -19.58 -36.72
N ARG I 151 29.48 -20.09 -37.16
CA ARG I 151 29.55 -21.01 -38.31
C ARG I 151 28.77 -22.30 -38.08
N TYR I 152 28.94 -22.91 -36.90
CA TYR I 152 28.13 -24.07 -36.52
C TYR I 152 26.61 -23.78 -36.57
N THR I 153 26.21 -22.64 -36.03
CA THR I 153 24.80 -22.26 -35.92
C THR I 153 24.20 -22.09 -37.31
N SER I 154 24.93 -21.45 -38.21
CA SER I 154 24.55 -21.31 -39.60
C SER I 154 24.44 -22.66 -40.30
N GLU I 155 25.48 -23.46 -40.18
CA GLU I 155 25.46 -24.83 -40.79
C GLU I 155 24.30 -25.73 -40.35
N ILE I 156 23.88 -25.64 -39.08
CA ILE I 156 22.80 -26.52 -38.65
C ILE I 156 21.48 -25.79 -38.62
N GLY I 157 21.45 -24.59 -39.18
CA GLY I 157 20.29 -23.75 -39.21
C GLY I 157 19.08 -24.36 -39.91
N ILE I 158 19.31 -25.22 -40.90
CA ILE I 158 18.19 -25.95 -41.54
C ILE I 158 17.37 -26.77 -40.53
N LEU I 159 17.97 -27.08 -39.38
CA LEU I 159 17.33 -27.86 -38.30
C LEU I 159 16.66 -27.00 -37.19
N LEU I 160 17.13 -25.77 -37.03
CA LEU I 160 16.82 -24.96 -35.84
C LEU I 160 15.48 -24.26 -35.87
N GLY I 161 14.92 -24.06 -34.68
CA GLY I 161 13.69 -23.29 -34.56
C GLY I 161 13.04 -23.64 -33.24
N PRO I 162 12.34 -22.67 -32.64
CA PRO I 162 11.72 -22.95 -31.35
C PRO I 162 10.78 -24.12 -31.41
N ASP I 163 10.23 -24.40 -32.62
CA ASP I 163 9.31 -25.51 -32.81
C ASP I 163 9.93 -26.71 -33.52
N ARG I 164 11.26 -26.75 -33.65
CA ARG I 164 11.93 -27.80 -34.39
C ARG I 164 13.14 -28.40 -33.66
N ASP I 165 14.00 -27.58 -33.07
CA ASP I 165 15.22 -28.08 -32.39
C ASP I 165 15.85 -26.91 -31.63
N ILE I 166 15.91 -27.08 -30.31
CA ILE I 166 16.32 -26.02 -29.44
C ILE I 166 17.61 -26.45 -28.69
N PRO I 167 18.78 -26.05 -29.15
CA PRO I 167 20.06 -26.38 -28.43
C PRO I 167 20.29 -25.78 -27.03
N ALA I 168 21.46 -26.07 -26.42
CA ALA I 168 21.71 -25.66 -25.04
C ALA I 168 23.19 -25.91 -24.67
N PRO I 169 23.62 -25.52 -23.46
CA PRO I 169 25.05 -25.72 -23.08
C PRO I 169 25.41 -27.16 -22.84
N ASP I 170 26.71 -27.48 -22.67
CA ASP I 170 27.14 -28.83 -22.39
C ASP I 170 28.66 -28.75 -22.07
N VAL I 171 29.40 -29.82 -22.33
CA VAL I 171 30.84 -29.76 -22.00
C VAL I 171 31.49 -28.61 -22.79
N ASN I 172 32.09 -27.69 -22.03
CA ASN I 172 32.82 -26.57 -22.61
C ASN I 172 31.98 -25.53 -23.40
N THR I 173 30.70 -25.46 -23.12
CA THR I 173 29.86 -24.37 -23.58
C THR I 173 28.95 -23.85 -22.45
N GLY I 174 28.48 -22.61 -22.59
CA GLY I 174 27.65 -21.99 -21.57
C GLY I 174 26.89 -20.79 -22.10
N GLU I 175 26.76 -19.77 -21.26
CA GLU I 175 25.96 -18.58 -21.58
C GLU I 175 26.53 -17.84 -22.76
N ARG I 176 27.86 -17.71 -22.75
CA ARG I 176 28.56 -16.99 -23.78
C ARG I 176 28.23 -17.52 -25.17
N GLU I 177 28.38 -18.81 -25.41
CA GLU I 177 28.08 -19.32 -26.76
C GLU I 177 26.58 -19.49 -27.09
N MET I 178 25.71 -19.57 -26.08
CA MET I 178 24.26 -19.57 -26.34
C MET I 178 23.80 -18.23 -26.90
N ALA I 179 24.38 -17.15 -26.38
CA ALA I 179 24.12 -15.80 -26.88
C ALA I 179 24.58 -15.63 -28.33
N TRP I 180 25.72 -16.20 -28.68
CA TRP I 180 26.20 -16.18 -30.08
C TRP I 180 25.27 -16.98 -30.98
N MET I 181 24.80 -18.12 -30.49
CA MET I 181 23.87 -18.93 -31.26
C MET I 181 22.56 -18.19 -31.48
N MET I 182 21.96 -17.68 -30.42
CA MET I 182 20.72 -16.91 -30.58
C MET I 182 20.88 -15.73 -31.54
N ASP I 183 22.00 -15.03 -31.40
CA ASP I 183 22.27 -13.89 -32.27
C ASP I 183 22.48 -14.29 -33.72
N THR I 184 23.13 -15.42 -33.97
CA THR I 184 23.45 -15.82 -35.34
C THR I 184 22.14 -16.20 -36.01
N TYR I 185 21.39 -17.06 -35.33
CA TYR I 185 20.07 -17.47 -35.81
C TYR I 185 19.20 -16.26 -36.12
N SER I 186 19.05 -15.36 -35.16
CA SER I 186 18.17 -14.18 -35.30
C SER I 186 18.64 -13.28 -36.43
N MET I 187 19.96 -13.06 -36.50
CA MET I 187 20.52 -12.26 -37.59
C MET I 187 20.32 -12.90 -38.96
N ASN I 188 20.46 -14.23 -39.08
CA ASN I 188 20.29 -14.89 -40.37
C ASN I 188 18.80 -14.89 -40.78
N VAL I 189 17.93 -15.01 -39.78
CA VAL I 189 16.48 -15.16 -39.97
C VAL I 189 15.72 -13.82 -40.06
N GLY I 190 16.34 -12.78 -39.53
CA GLY I 190 15.78 -11.42 -39.60
C GLY I 190 14.74 -11.12 -38.55
N ARG I 191 14.75 -11.88 -37.45
CA ARG I 191 13.77 -11.75 -36.39
C ARG I 191 14.44 -11.97 -35.02
N THR I 192 13.83 -11.42 -33.97
CA THR I 192 14.19 -11.70 -32.58
C THR I 192 13.62 -13.07 -32.19
N VAL I 193 14.48 -14.07 -31.99
CA VAL I 193 13.98 -15.40 -31.61
C VAL I 193 14.76 -15.98 -30.39
N PRO I 194 14.42 -15.55 -29.17
CA PRO I 194 15.28 -15.93 -28.02
C PRO I 194 15.20 -17.41 -27.68
N GLY I 195 14.07 -18.01 -28.02
CA GLY I 195 13.78 -19.40 -27.75
C GLY I 195 14.42 -20.42 -28.67
N VAL I 196 15.09 -19.99 -29.72
CA VAL I 196 15.92 -20.88 -30.52
C VAL I 196 16.90 -21.70 -29.69
N VAL I 197 17.38 -21.17 -28.56
CA VAL I 197 18.30 -21.91 -27.65
C VAL I 197 17.99 -21.57 -26.20
N THR I 198 18.41 -22.42 -25.27
CA THR I 198 18.24 -22.12 -23.85
C THR I 198 19.64 -22.06 -23.23
N GLY I 199 19.72 -21.76 -21.94
CA GLY I 199 20.99 -21.47 -21.26
C GLY I 199 21.51 -20.09 -21.60
N LYS I 200 20.61 -19.23 -22.10
CA LYS I 200 20.94 -17.84 -22.47
C LYS I 200 21.09 -16.94 -21.23
N PRO I 201 22.00 -15.93 -21.28
CA PRO I 201 22.04 -14.92 -20.20
C PRO I 201 20.63 -14.36 -19.97
N ILE I 202 20.33 -13.97 -18.74
CA ILE I 202 19.03 -13.34 -18.43
C ILE I 202 18.78 -12.15 -19.33
N ALA I 203 19.83 -11.42 -19.65
CA ALA I 203 19.75 -10.22 -20.50
C ALA I 203 19.10 -10.48 -21.85
N LEU I 204 19.20 -11.73 -22.32
CA LEU I 204 18.75 -12.10 -23.64
C LEU I 204 17.51 -13.00 -23.68
N GLY I 205 16.81 -13.10 -22.55
CA GLY I 205 15.61 -13.94 -22.46
C GLY I 205 15.91 -15.27 -21.79
N GLY I 206 17.01 -15.32 -21.04
CA GLY I 206 17.27 -16.44 -20.15
C GLY I 206 16.25 -16.47 -19.01
N SER I 207 16.26 -17.57 -18.26
CA SER I 207 15.38 -17.74 -17.08
C SER I 207 16.12 -17.59 -15.74
N LEU I 208 15.40 -17.11 -14.73
CA LEU I 208 15.85 -17.19 -13.34
C LEU I 208 15.89 -18.63 -12.85
N GLY I 209 16.62 -18.85 -11.76
CA GLY I 209 16.54 -20.09 -10.97
C GLY I 209 17.43 -21.23 -11.46
N ARG I 210 18.25 -20.96 -12.47
CA ARG I 210 19.11 -21.99 -13.09
C ARG I 210 20.21 -22.49 -12.18
N ARG I 211 20.82 -21.61 -11.40
CA ARG I 211 22.02 -22.01 -10.63
C ARG I 211 21.70 -23.16 -9.68
N ASP I 212 20.50 -23.11 -9.10
CA ASP I 212 20.10 -23.98 -8.00
C ASP I 212 19.08 -25.04 -8.39
N ALA I 213 18.70 -25.06 -9.66
CA ALA I 213 17.63 -25.93 -10.16
C ALA I 213 17.94 -27.40 -9.87
N THR I 214 19.17 -27.81 -10.14
CA THR I 214 19.46 -29.22 -10.10
C THR I 214 19.56 -29.76 -8.67
N GLY I 215 20.14 -28.96 -7.78
CA GLY I 215 20.29 -29.34 -6.37
C GLY I 215 18.95 -29.37 -5.66
N ARG I 216 18.02 -28.57 -6.16
CA ARG I 216 16.68 -28.43 -5.56
C ARG I 216 15.79 -29.59 -5.96
N GLY I 217 15.84 -29.91 -7.24
CA GLY I 217 15.21 -31.09 -7.77
C GLY I 217 15.67 -32.41 -7.19
N VAL I 218 16.96 -32.53 -6.87
CA VAL I 218 17.50 -33.63 -6.11
C VAL I 218 16.81 -33.75 -4.75
N PHE I 219 16.68 -32.63 -4.02
CA PHE I 219 16.00 -32.66 -2.76
C PHE I 219 14.53 -32.98 -3.04
N ILE I 220 13.91 -32.27 -3.97
CA ILE I 220 12.46 -32.48 -4.21
C ILE I 220 12.18 -33.96 -4.41
N THR I 221 13.00 -34.55 -5.26
CA THR I 221 12.91 -35.92 -5.63
C THR I 221 13.24 -36.87 -4.47
N ALA I 222 14.27 -36.56 -3.70
CA ALA I 222 14.65 -37.38 -2.55
C ALA I 222 13.52 -37.37 -1.51
N ALA I 223 12.86 -36.24 -1.40
CA ALA I 223 11.76 -36.03 -0.47
C ALA I 223 10.48 -36.75 -0.88
N ALA I 224 10.18 -36.79 -2.17
CA ALA I 224 9.07 -37.63 -2.67
C ALA I 224 9.29 -39.15 -2.34
N ALA I 225 10.46 -39.68 -2.68
CA ALA I 225 10.85 -41.03 -2.27
C ALA I 225 10.68 -41.25 -0.76
N ALA I 226 10.99 -40.24 0.04
CA ALA I 226 10.96 -40.36 1.49
C ALA I 226 9.55 -40.50 2.04
N GLU I 227 8.62 -39.72 1.50
CA GLU I 227 7.23 -39.88 1.90
C GLU I 227 6.76 -41.31 1.59
N LYS I 228 7.18 -41.84 0.44
CA LYS I 228 6.75 -43.17 0.00
C LYS I 228 7.16 -44.29 0.97
N ILE I 229 8.35 -44.19 1.55
CA ILE I 229 8.86 -45.19 2.48
C ILE I 229 8.65 -44.83 3.96
N GLY I 230 7.86 -43.79 4.20
CA GLY I 230 7.59 -43.25 5.53
C GLY I 230 8.79 -42.64 6.24
N LEU I 231 9.78 -42.15 5.48
CA LEU I 231 10.93 -41.46 6.07
C LEU I 231 10.62 -39.97 6.26
N GLN I 232 10.86 -39.50 7.46
CA GLN I 232 10.69 -38.09 7.80
C GLN I 232 11.95 -37.34 7.39
N VAL I 233 11.78 -36.21 6.70
CA VAL I 233 12.92 -35.40 6.27
C VAL I 233 13.56 -34.65 7.45
N GLU I 234 12.73 -34.04 8.29
CA GLU I 234 13.22 -33.32 9.46
C GLU I 234 13.84 -34.29 10.45
N GLY I 235 15.07 -34.01 10.86
CA GLY I 235 15.81 -34.93 11.70
C GLY I 235 16.76 -35.85 10.91
N ALA I 236 16.46 -36.08 9.62
CA ALA I 236 17.25 -37.04 8.81
C ALA I 236 18.69 -36.59 8.62
N ARG I 237 19.63 -37.53 8.56
CA ARG I 237 21.03 -37.21 8.27
C ARG I 237 21.34 -37.38 6.79
N VAL I 238 22.17 -36.50 6.25
CA VAL I 238 22.50 -36.49 4.83
C VAL I 238 24.02 -36.50 4.63
N ALA I 239 24.49 -37.39 3.75
CA ALA I 239 25.84 -37.34 3.23
C ALA I 239 25.78 -36.90 1.77
N ILE I 240 26.68 -35.99 1.39
CA ILE I 240 26.71 -35.40 0.04
C ILE I 240 28.12 -35.45 -0.51
N GLN I 241 28.26 -36.07 -1.68
CA GLN I 241 29.55 -36.03 -2.36
C GLN I 241 29.50 -34.97 -3.44
N GLY I 242 30.41 -34.01 -3.34
CA GLY I 242 30.48 -32.91 -4.28
C GLY I 242 29.83 -31.67 -3.71
N PHE I 243 30.55 -30.54 -3.76
CA PHE I 243 30.01 -29.29 -3.23
C PHE I 243 30.01 -28.15 -4.24
N GLY I 244 29.97 -28.50 -5.53
CA GLY I 244 29.66 -27.56 -6.59
C GLY I 244 28.20 -27.11 -6.57
N ASN I 245 27.72 -26.64 -7.72
CA ASN I 245 26.38 -26.03 -7.79
C ASN I 245 25.26 -26.97 -7.38
N VAL I 246 25.38 -28.23 -7.80
CA VAL I 246 24.41 -29.28 -7.47
C VAL I 246 24.47 -29.65 -5.99
N GLY I 247 25.66 -29.94 -5.50
CA GLY I 247 25.82 -30.37 -4.13
C GLY I 247 25.33 -29.37 -3.10
N ASN I 248 25.81 -28.13 -3.20
CA ASN I 248 25.48 -27.16 -2.16
C ASN I 248 24.04 -26.69 -2.23
N ALA I 249 23.47 -26.61 -3.44
CA ALA I 249 22.04 -26.35 -3.56
C ALA I 249 21.23 -27.46 -2.88
N ALA I 250 21.68 -28.71 -3.03
CA ALA I 250 21.09 -29.85 -2.34
C ALA I 250 21.24 -29.78 -0.81
N ALA I 251 22.46 -29.55 -0.32
CA ALA I 251 22.67 -29.37 1.10
C ALA I 251 21.74 -28.30 1.71
N ARG I 252 21.62 -27.15 1.06
CA ARG I 252 20.78 -26.04 1.54
C ARG I 252 19.30 -26.39 1.52
N ALA I 253 18.84 -27.05 0.45
CA ALA I 253 17.43 -27.50 0.41
C ALA I 253 17.12 -28.53 1.51
N PHE I 254 18.08 -29.43 1.79
CA PHE I 254 17.88 -30.43 2.85
C PHE I 254 17.80 -29.73 4.20
N HIS I 255 18.85 -28.97 4.50
CA HIS I 255 18.93 -28.14 5.69
C HIS I 255 17.76 -27.18 5.91
N ASP I 256 17.31 -26.48 4.88
CA ASP I 256 16.13 -25.62 5.01
C ASP I 256 14.84 -26.39 5.29
N HIS I 257 14.90 -27.70 5.16
CA HIS I 257 13.74 -28.55 5.45
C HIS I 257 13.93 -29.37 6.73
N GLY I 258 14.94 -29.00 7.52
CA GLY I 258 15.18 -29.60 8.82
C GLY I 258 16.04 -30.84 8.80
N ALA I 259 16.56 -31.21 7.63
CA ALA I 259 17.47 -32.33 7.59
C ALA I 259 18.84 -31.84 8.01
N ARG I 260 19.69 -32.79 8.38
CA ARG I 260 20.98 -32.50 8.99
C ARG I 260 22.09 -32.98 8.05
N VAL I 261 22.94 -32.07 7.57
CA VAL I 261 24.03 -32.45 6.70
C VAL I 261 25.21 -32.87 7.57
N VAL I 262 25.53 -34.17 7.58
CA VAL I 262 26.52 -34.68 8.54
C VAL I 262 27.91 -34.88 7.96
N ALA I 263 28.00 -34.92 6.63
CA ALA I 263 29.27 -35.05 5.96
C ALA I 263 29.25 -34.59 4.51
N VAL I 264 30.39 -34.08 4.06
CA VAL I 264 30.59 -33.70 2.66
C VAL I 264 31.95 -34.20 2.19
N GLN I 265 31.99 -34.86 1.03
CA GLN I 265 33.26 -35.27 0.40
C GLN I 265 33.54 -34.42 -0.83
N ASP I 266 34.83 -34.25 -1.16
CA ASP I 266 35.30 -33.20 -2.06
C ASP I 266 36.44 -33.57 -3.01
N HIS I 267 36.83 -32.58 -3.82
CA HIS I 267 38.09 -32.52 -4.57
C HIS I 267 39.25 -32.85 -3.64
N THR I 268 39.35 -32.07 -2.55
CA THR I 268 40.21 -32.36 -1.42
C THR I 268 39.56 -33.44 -0.55
N GLY I 269 39.83 -33.42 0.75
CA GLY I 269 39.34 -34.47 1.65
C GLY I 269 37.85 -34.53 1.91
N THR I 270 37.50 -34.84 3.16
CA THR I 270 36.12 -35.10 3.56
C THR I 270 35.92 -34.55 4.98
N VAL I 271 34.70 -34.07 5.25
CA VAL I 271 34.38 -33.47 6.56
C VAL I 271 33.14 -34.07 7.24
N TYR I 272 33.28 -34.45 8.51
CA TYR I 272 32.20 -35.12 9.26
C TYR I 272 31.91 -34.49 10.62
N ASN I 273 30.63 -34.21 10.85
CA ASN I 273 30.12 -33.77 12.15
C ASN I 273 28.67 -34.24 12.34
N GLU I 274 28.48 -35.17 13.29
CA GLU I 274 27.18 -35.77 13.58
C GLU I 274 26.14 -34.75 14.07
N ALA I 275 26.61 -33.67 14.69
CA ALA I 275 25.74 -32.58 15.14
C ALA I 275 25.05 -31.85 13.97
N GLY I 276 25.75 -31.78 12.84
CA GLY I 276 25.24 -31.10 11.66
C GLY I 276 26.26 -30.12 11.13
N ILE I 277 26.28 -29.93 9.81
CA ILE I 277 27.12 -28.91 9.19
C ILE I 277 26.19 -27.93 8.51
N ASP I 278 26.38 -26.65 8.80
CA ASP I 278 25.62 -25.60 8.18
C ASP I 278 26.17 -25.37 6.76
N PRO I 279 25.33 -25.60 5.74
CA PRO I 279 25.81 -25.56 4.35
C PRO I 279 26.12 -24.15 3.83
N TYR I 280 25.47 -23.15 4.42
CA TYR I 280 25.75 -21.75 4.11
C TYR I 280 27.11 -21.38 4.65
N ASP I 281 27.35 -21.76 5.91
CA ASP I 281 28.63 -21.55 6.58
C ASP I 281 29.76 -22.30 5.88
N LEU I 282 29.53 -23.56 5.55
CA LEU I 282 30.52 -24.36 4.85
C LEU I 282 30.84 -23.79 3.46
N LEU I 283 29.80 -23.43 2.70
CA LEU I 283 29.97 -22.88 1.35
C LEU I 283 31.00 -21.74 1.32
N ARG I 284 30.85 -20.78 2.25
CA ARG I 284 31.79 -19.67 2.41
C ARG I 284 33.23 -20.16 2.53
N HIS I 285 33.45 -21.13 3.42
CA HIS I 285 34.77 -21.75 3.58
C HIS I 285 35.32 -22.24 2.24
N VAL I 286 34.48 -22.96 1.49
CA VAL I 286 34.86 -23.53 0.18
C VAL I 286 35.13 -22.45 -0.88
N GLN I 287 34.63 -21.25 -0.63
CA GLN I 287 34.89 -20.10 -1.51
C GLN I 287 36.35 -19.66 -1.39
N GLU I 288 36.78 -19.40 -0.15
CA GLU I 288 38.14 -18.94 0.13
C GLU I 288 39.18 -20.03 -0.07
N PHE I 289 39.14 -21.03 0.81
CA PHE I 289 40.17 -22.07 0.88
C PHE I 289 40.13 -23.08 -0.27
N GLY I 290 39.10 -22.98 -1.12
CA GLY I 290 39.00 -23.79 -2.34
C GLY I 290 38.46 -25.20 -2.20
N GLY I 291 38.10 -25.59 -0.97
CA GLY I 291 37.56 -26.92 -0.69
C GLY I 291 37.03 -27.06 0.72
N VAL I 292 36.48 -28.22 1.05
CA VAL I 292 36.00 -28.48 2.42
C VAL I 292 37.17 -28.69 3.38
N ARG I 293 38.29 -29.16 2.83
CA ARG I 293 39.48 -29.46 3.63
C ARG I 293 39.77 -28.37 4.63
N GLY I 294 40.02 -28.78 5.88
CA GLY I 294 40.38 -27.85 6.95
C GLY I 294 39.24 -26.93 7.36
N TYR I 295 38.01 -27.44 7.30
CA TYR I 295 36.86 -26.71 7.79
C TYR I 295 36.84 -26.79 9.33
N PRO I 296 36.84 -25.62 10.01
CA PRO I 296 36.95 -25.54 11.47
C PRO I 296 35.80 -26.13 12.27
N LYS I 297 34.60 -26.15 11.72
CA LYS I 297 33.43 -26.64 12.47
C LYS I 297 33.03 -28.09 12.16
N ALA I 298 34.01 -28.87 11.70
CA ALA I 298 33.86 -30.29 11.42
C ALA I 298 35.22 -31.00 11.46
N GLU I 299 35.19 -32.33 11.54
CA GLU I 299 36.42 -33.12 11.66
C GLU I 299 36.81 -33.80 10.33
N PRO I 300 38.12 -33.98 10.08
CA PRO I 300 38.53 -34.65 8.85
C PRO I 300 38.14 -36.12 8.88
N LEU I 301 37.84 -36.68 7.70
CA LEU I 301 37.42 -38.07 7.59
C LEU I 301 38.13 -38.72 6.42
N PRO I 302 38.65 -39.97 6.60
CA PRO I 302 39.22 -40.70 5.46
C PRO I 302 38.14 -41.00 4.44
N ALA I 303 38.47 -40.85 3.16
CA ALA I 303 37.50 -40.96 2.05
C ALA I 303 36.68 -42.25 2.03
N ALA I 304 37.31 -43.36 2.42
CA ALA I 304 36.66 -44.67 2.44
C ALA I 304 35.52 -44.77 3.48
N ASP I 305 35.68 -44.06 4.60
CA ASP I 305 34.69 -44.04 5.69
C ASP I 305 33.41 -43.27 5.35
N PHE I 306 33.48 -42.45 4.31
CA PHE I 306 32.33 -41.67 3.85
C PHE I 306 31.10 -42.54 3.61
N TRP I 307 31.27 -43.57 2.77
CA TRP I 307 30.17 -44.37 2.28
C TRP I 307 29.49 -45.23 3.37
N GLY I 308 30.24 -45.57 4.41
CA GLY I 308 29.73 -46.38 5.53
C GLY I 308 29.04 -45.65 6.67
N LEU I 309 28.93 -44.32 6.53
CA LEU I 309 28.32 -43.48 7.57
C LEU I 309 26.82 -43.74 7.76
N PRO I 310 26.37 -43.82 9.03
CA PRO I 310 24.94 -43.97 9.27
C PRO I 310 24.22 -42.68 8.86
N VAL I 311 23.53 -42.72 7.73
CA VAL I 311 22.79 -41.56 7.23
C VAL I 311 21.45 -42.04 6.68
N GLU I 312 20.50 -41.14 6.49
CA GLU I 312 19.22 -41.49 5.89
C GLU I 312 19.31 -41.21 4.40
N PHE I 313 20.11 -40.22 4.02
CA PHE I 313 20.20 -39.78 2.63
C PHE I 313 21.63 -39.73 2.15
N LEU I 314 21.89 -40.35 1.00
CA LEU I 314 23.17 -40.26 0.31
C LEU I 314 22.95 -39.59 -1.04
N VAL I 315 23.70 -38.52 -1.29
CA VAL I 315 23.53 -37.72 -2.48
C VAL I 315 24.84 -37.66 -3.26
N PRO I 316 24.99 -38.53 -4.27
CA PRO I 316 26.18 -38.41 -5.12
C PRO I 316 25.99 -37.31 -6.18
N ALA I 317 26.82 -36.29 -6.08
CA ALA I 317 26.71 -35.09 -6.90
C ALA I 317 28.07 -34.67 -7.48
N ALA I 318 28.87 -35.65 -7.86
CA ALA I 318 30.22 -35.38 -8.34
C ALA I 318 30.54 -36.21 -9.58
N LEU I 319 31.51 -37.10 -9.47
CA LEU I 319 31.98 -37.90 -10.61
C LEU I 319 31.05 -39.08 -10.94
N GLU I 320 31.36 -39.76 -12.05
CA GLU I 320 30.67 -40.98 -12.45
C GLU I 320 31.24 -42.16 -11.66
N LYS I 321 30.43 -43.20 -11.51
CA LYS I 321 30.91 -44.47 -10.95
C LYS I 321 31.60 -44.29 -9.59
N GLN I 322 30.86 -43.74 -8.63
CA GLN I 322 31.38 -43.56 -7.28
C GLN I 322 30.82 -44.62 -6.33
N ILE I 323 29.60 -45.07 -6.59
CA ILE I 323 29.00 -46.18 -5.85
C ILE I 323 29.11 -47.43 -6.70
N THR I 324 29.88 -48.40 -6.20
CA THR I 324 30.21 -49.59 -6.97
C THR I 324 30.18 -50.89 -6.15
N GLU I 325 30.42 -52.00 -6.85
CA GLU I 325 30.69 -53.30 -6.23
C GLU I 325 31.59 -53.20 -4.99
N GLN I 326 32.66 -52.42 -5.10
CA GLN I 326 33.65 -52.30 -4.04
C GLN I 326 33.11 -51.66 -2.74
N ASN I 327 32.10 -50.81 -2.84
CA ASN I 327 31.61 -50.10 -1.65
C ASN I 327 30.10 -50.12 -1.34
N ALA I 328 29.29 -50.78 -2.17
CA ALA I 328 27.83 -50.76 -2.01
C ALA I 328 27.32 -51.45 -0.75
N TRP I 329 28.03 -52.49 -0.30
CA TRP I 329 27.62 -53.28 0.86
C TRP I 329 27.61 -52.51 2.18
N ARG I 330 28.50 -51.52 2.29
CA ARG I 330 28.63 -50.75 3.54
C ARG I 330 27.61 -49.61 3.69
N ILE I 331 27.00 -49.19 2.58
CA ILE I 331 26.02 -48.09 2.57
C ILE I 331 24.85 -48.32 3.54
N ARG I 332 24.63 -47.37 4.45
CA ARG I 332 23.56 -47.49 5.45
C ARG I 332 22.32 -46.64 5.10
N ALA I 333 22.40 -45.89 4.00
CA ALA I 333 21.36 -44.94 3.59
C ALA I 333 20.07 -45.60 3.16
N ARG I 334 18.94 -44.94 3.41
CA ARG I 334 17.65 -45.43 2.99
C ARG I 334 17.36 -44.99 1.57
N ILE I 335 17.85 -43.81 1.23
CA ILE I 335 17.67 -43.28 -0.11
C ILE I 335 18.98 -42.76 -0.67
N VAL I 336 19.27 -43.17 -1.90
CA VAL I 336 20.33 -42.56 -2.72
C VAL I 336 19.67 -41.72 -3.82
N ALA I 337 19.94 -40.42 -3.80
CA ALA I 337 19.45 -39.49 -4.81
C ALA I 337 20.60 -39.02 -5.69
N GLU I 338 20.53 -39.37 -6.97
CA GLU I 338 21.61 -39.14 -7.91
C GLU I 338 21.63 -37.71 -8.47
N GLY I 339 22.57 -36.92 -7.99
CA GLY I 339 22.74 -35.56 -8.49
C GLY I 339 23.63 -35.53 -9.71
N ALA I 340 24.63 -36.40 -9.71
CA ALA I 340 25.58 -36.57 -10.79
C ALA I 340 24.97 -37.45 -11.86
N ASN I 341 25.61 -37.48 -13.03
CA ASN I 341 25.33 -38.47 -14.06
C ASN I 341 26.12 -39.77 -13.83
N GLY I 342 25.40 -40.89 -13.90
CA GLY I 342 25.99 -42.22 -13.70
C GLY I 342 26.89 -42.43 -12.48
N PRO I 343 26.44 -42.01 -11.27
CA PRO I 343 27.27 -42.19 -10.08
C PRO I 343 27.32 -43.63 -9.53
N THR I 344 26.37 -44.47 -9.95
CA THR I 344 26.31 -45.85 -9.46
C THR I 344 26.41 -46.86 -10.58
N THR I 345 27.39 -47.75 -10.46
CA THR I 345 27.63 -48.82 -11.44
C THR I 345 26.45 -49.78 -11.39
N PRO I 346 26.16 -50.47 -12.52
CA PRO I 346 25.02 -51.40 -12.52
C PRO I 346 25.12 -52.55 -11.51
N ALA I 347 26.34 -52.95 -11.13
CA ALA I 347 26.54 -53.98 -10.11
C ALA I 347 26.17 -53.45 -8.72
N ALA I 348 26.48 -52.18 -8.48
CA ALA I 348 26.05 -51.47 -7.26
C ALA I 348 24.52 -51.32 -7.16
N ASP I 349 23.87 -51.06 -8.29
CA ASP I 349 22.39 -51.05 -8.33
C ASP I 349 21.78 -52.32 -7.74
N ASP I 350 22.22 -53.48 -8.23
CA ASP I 350 21.78 -54.80 -7.76
C ASP I 350 21.97 -54.99 -6.25
N ILE I 351 23.17 -54.73 -5.74
CA ILE I 351 23.45 -54.77 -4.30
C ILE I 351 22.52 -53.84 -3.51
N LEU I 352 22.34 -52.62 -4.00
CA LEU I 352 21.43 -51.68 -3.34
C LEU I 352 19.98 -52.16 -3.39
N LEU I 353 19.55 -52.75 -4.50
CA LEU I 353 18.20 -53.31 -4.60
C LEU I 353 17.92 -54.43 -3.56
N GLU I 354 18.88 -55.36 -3.46
CA GLU I 354 18.88 -56.45 -2.49
C GLU I 354 18.89 -55.95 -1.04
N LYS I 355 19.62 -54.87 -0.78
CA LYS I 355 19.64 -54.29 0.57
C LYS I 355 18.43 -53.42 0.87
N GLY I 356 17.58 -53.19 -0.13
CA GLY I 356 16.37 -52.39 0.08
C GLY I 356 16.62 -50.88 0.22
N VAL I 357 17.75 -50.42 -0.31
CA VAL I 357 17.95 -48.98 -0.40
C VAL I 357 17.30 -48.49 -1.69
N LEU I 358 16.62 -47.36 -1.57
CA LEU I 358 15.89 -46.78 -2.68
C LEU I 358 16.84 -45.84 -3.43
N VAL I 359 17.17 -46.17 -4.68
CA VAL I 359 17.98 -45.30 -5.53
C VAL I 359 17.11 -44.52 -6.50
N VAL I 360 17.00 -43.22 -6.27
CA VAL I 360 16.33 -42.31 -7.19
C VAL I 360 17.30 -42.05 -8.37
N PRO I 361 16.93 -42.47 -9.59
CA PRO I 361 17.93 -42.47 -10.67
C PRO I 361 18.19 -41.08 -11.25
N ASP I 362 19.42 -40.84 -11.69
CA ASP I 362 19.78 -39.58 -12.34
C ASP I 362 18.76 -39.08 -13.38
N VAL I 363 18.23 -39.96 -14.22
CA VAL I 363 17.23 -39.53 -15.19
C VAL I 363 16.25 -38.51 -14.60
N ILE I 364 15.69 -38.77 -13.43
CA ILE I 364 14.77 -37.81 -12.81
C ILE I 364 15.33 -37.01 -11.62
N ALA I 365 16.21 -37.61 -10.84
CA ALA I 365 16.81 -36.92 -9.68
C ALA I 365 17.50 -35.63 -10.05
N ASN I 366 18.19 -35.62 -11.20
CA ASN I 366 19.01 -34.47 -11.62
C ASN I 366 18.46 -33.63 -12.78
N ALA I 367 17.19 -33.84 -13.15
CA ALA I 367 16.50 -33.08 -14.20
C ALA I 367 16.01 -31.68 -13.79
N GLY I 368 16.58 -31.13 -12.71
CA GLY I 368 16.33 -29.74 -12.33
C GLY I 368 16.74 -28.76 -13.43
N GLY I 369 18.00 -28.80 -13.85
CA GLY I 369 18.51 -27.89 -14.92
C GLY I 369 17.68 -27.95 -16.21
N VAL I 370 17.34 -29.16 -16.61
CA VAL I 370 16.62 -29.39 -17.84
C VAL I 370 15.14 -28.93 -17.78
N THR I 371 14.53 -29.03 -16.62
CA THR I 371 13.20 -28.49 -16.43
C THR I 371 13.21 -26.96 -16.47
N VAL I 372 14.24 -26.34 -15.87
CA VAL I 372 14.31 -24.88 -15.86
C VAL I 372 14.71 -24.41 -17.24
N SER I 373 15.36 -25.30 -17.97
CA SER I 373 15.74 -24.95 -19.30
C SER I 373 14.50 -24.98 -20.17
N TYR I 374 13.55 -25.86 -19.84
CA TYR I 374 12.25 -25.91 -20.58
C TYR I 374 11.39 -24.70 -20.18
N PHE I 375 11.57 -24.22 -18.95
CA PHE I 375 10.87 -23.01 -18.52
C PHE I 375 11.36 -21.79 -19.32
N GLU I 376 12.66 -21.69 -19.58
CA GLU I 376 13.20 -20.63 -20.44
C GLU I 376 12.45 -20.53 -21.80
N TRP I 377 12.30 -21.67 -22.48
CA TRP I 377 11.68 -21.80 -23.81
C TRP I 377 10.18 -21.45 -23.78
N VAL I 378 9.50 -21.85 -22.73
CA VAL I 378 8.11 -21.49 -22.47
C VAL I 378 7.98 -19.99 -22.31
N GLN I 379 8.92 -19.38 -21.55
CA GLN I 379 8.80 -17.95 -21.21
C GLN I 379 9.22 -17.06 -22.39
N ASP I 380 10.12 -17.58 -23.24
CA ASP I 380 10.55 -16.94 -24.48
C ASP I 380 9.41 -16.87 -25.54
N PHE I 381 8.40 -17.69 -25.41
CA PHE I 381 7.35 -17.65 -26.46
C PHE I 381 6.68 -16.29 -26.57
N ASN I 382 6.24 -15.77 -25.45
CA ASN I 382 5.67 -14.45 -25.39
C ASN I 382 6.51 -13.45 -24.58
N SER I 383 7.80 -13.76 -24.41
CA SER I 383 8.72 -12.90 -23.64
C SER I 383 8.14 -12.38 -22.31
N TYR I 384 7.57 -13.28 -21.51
CA TYR I 384 7.02 -12.89 -20.21
C TYR I 384 7.71 -13.73 -19.14
N PHE I 385 8.47 -13.07 -18.29
CA PHE I 385 9.40 -13.80 -17.43
C PHE I 385 8.90 -13.97 -16.00
N TRP I 386 9.02 -15.20 -15.54
CA TRP I 386 8.49 -15.62 -14.26
C TRP I 386 9.41 -15.22 -13.11
N THR I 387 8.83 -15.09 -11.91
CA THR I 387 9.62 -14.77 -10.73
C THR I 387 10.31 -16.02 -10.25
N GLU I 388 11.31 -15.84 -9.39
CA GLU I 388 12.06 -16.98 -8.93
C GLU I 388 11.22 -17.93 -8.06
N GLU I 389 10.36 -17.36 -7.22
CA GLU I 389 9.38 -18.15 -6.43
C GLU I 389 8.50 -19.02 -7.34
N GLU I 390 8.21 -18.49 -8.52
CA GLU I 390 7.29 -19.15 -9.47
C GLU I 390 8.00 -20.29 -10.19
N ILE I 391 9.30 -20.09 -10.46
CA ILE I 391 10.13 -21.10 -11.08
C ILE I 391 10.25 -22.27 -10.11
N ASN I 392 10.54 -21.96 -8.86
CA ASN I 392 10.66 -23.03 -7.86
C ASN I 392 9.34 -23.80 -7.61
N ALA I 393 8.22 -23.11 -7.46
CA ALA I 393 6.93 -23.84 -7.41
C ALA I 393 6.77 -24.82 -8.59
N ARG I 394 7.04 -24.35 -9.80
CA ARG I 394 6.72 -25.10 -11.01
C ARG I 394 7.71 -26.24 -11.27
N LEU I 395 8.97 -26.04 -10.82
CA LEU I 395 9.98 -27.08 -10.78
C LEU I 395 9.49 -28.26 -9.95
N GLU I 396 9.07 -27.94 -8.72
CA GLU I 396 8.50 -28.91 -7.81
C GLU I 396 7.34 -29.67 -8.45
N ARG I 397 6.39 -28.96 -9.08
CA ARG I 397 5.28 -29.66 -9.78
C ARG I 397 5.81 -30.72 -10.76
N VAL I 398 6.72 -30.31 -11.67
CA VAL I 398 7.25 -31.21 -12.71
C VAL I 398 7.95 -32.42 -12.14
N LEU I 399 8.85 -32.20 -11.18
CA LEU I 399 9.65 -33.27 -10.64
C LEU I 399 8.83 -34.21 -9.73
N ARG I 400 7.95 -33.67 -8.89
CA ARG I 400 7.04 -34.56 -8.15
C ARG I 400 6.18 -35.41 -9.09
N ASN I 401 5.68 -34.82 -10.19
CA ASN I 401 4.85 -35.57 -11.14
C ASN I 401 5.63 -36.68 -11.86
N ALA I 402 6.89 -36.41 -12.16
CA ALA I 402 7.73 -37.40 -12.78
C ALA I 402 8.04 -38.51 -11.79
N PHE I 403 8.34 -38.16 -10.53
CA PHE I 403 8.55 -39.22 -9.50
C PHE I 403 7.34 -40.13 -9.33
N GLU I 404 6.17 -39.53 -9.17
CA GLU I 404 4.95 -40.29 -9.05
C GLU I 404 4.79 -41.32 -10.16
N ALA I 405 4.97 -40.91 -11.42
CA ALA I 405 4.77 -41.76 -12.60
C ALA I 405 5.71 -42.96 -12.62
N VAL I 406 6.98 -42.70 -12.29
CA VAL I 406 8.01 -43.72 -12.19
C VAL I 406 7.70 -44.68 -11.06
N TRP I 407 7.30 -44.14 -9.92
CA TRP I 407 6.92 -44.97 -8.78
C TRP I 407 5.76 -45.92 -9.13
N GLN I 408 4.70 -45.39 -9.74
CA GLN I 408 3.52 -46.21 -10.08
C GLN I 408 3.93 -47.40 -10.97
N VAL I 409 4.76 -47.14 -11.99
CA VAL I 409 5.25 -48.19 -12.90
C VAL I 409 6.19 -49.20 -12.23
N ALA I 410 7.06 -48.71 -11.36
CA ALA I 410 7.96 -49.57 -10.59
C ALA I 410 7.21 -50.51 -9.67
N GLN I 411 6.13 -50.03 -9.05
CA GLN I 411 5.31 -50.88 -8.20
C GLN I 411 4.51 -51.86 -9.04
N GLU I 412 3.99 -51.39 -10.18
CA GLU I 412 3.09 -52.22 -10.99
C GLU I 412 3.80 -53.35 -11.74
N LYS I 413 5.05 -53.13 -12.11
CA LYS I 413 5.84 -54.14 -12.83
C LYS I 413 6.94 -54.75 -11.95
N LYS I 414 6.92 -54.41 -10.66
CA LYS I 414 7.89 -54.89 -9.69
C LYS I 414 9.31 -54.81 -10.25
N ILE I 415 9.71 -53.59 -10.59
CA ILE I 415 11.08 -53.24 -11.02
C ILE I 415 11.56 -52.00 -10.24
N PRO I 416 12.89 -51.83 -10.10
CA PRO I 416 13.41 -50.65 -9.40
C PRO I 416 13.24 -49.36 -10.23
N LEU I 417 13.34 -48.21 -9.55
CA LEU I 417 13.04 -46.91 -10.18
C LEU I 417 13.84 -46.64 -11.47
N ARG I 418 15.15 -46.90 -11.43
CA ARG I 418 16.01 -46.71 -12.59
C ARG I 418 15.44 -47.33 -13.85
N THR I 419 15.01 -48.59 -13.75
CA THR I 419 14.37 -49.33 -14.83
C THR I 419 12.98 -48.78 -15.14
N ALA I 420 12.24 -48.42 -14.09
CA ALA I 420 10.89 -47.87 -14.25
C ALA I 420 10.88 -46.55 -15.03
N ALA I 421 11.92 -45.74 -14.81
CA ALA I 421 12.07 -44.48 -15.53
C ALA I 421 12.35 -44.69 -17.03
N TYR I 422 13.16 -45.70 -17.36
CA TYR I 422 13.40 -46.01 -18.77
C TYR I 422 12.11 -46.50 -19.46
N VAL I 423 11.28 -47.19 -18.70
CA VAL I 423 10.03 -47.82 -19.16
C VAL I 423 8.92 -46.79 -19.34
N VAL I 424 8.76 -45.89 -18.34
CA VAL I 424 7.94 -44.68 -18.48
C VAL I 424 8.36 -43.90 -19.74
N ALA I 425 9.65 -43.59 -19.86
CA ALA I 425 10.19 -42.89 -21.04
C ALA I 425 9.76 -43.56 -22.35
N ALA I 426 10.23 -44.81 -22.54
CA ALA I 426 9.91 -45.54 -23.76
C ALA I 426 8.41 -45.60 -24.03
N THR I 427 7.59 -45.71 -22.99
CA THR I 427 6.13 -45.84 -23.15
C THR I 427 5.48 -44.56 -23.67
N ARG I 428 5.96 -43.41 -23.20
CA ARG I 428 5.41 -42.14 -23.63
C ARG I 428 5.75 -41.82 -25.10
N VAL I 429 7.00 -42.09 -25.49
CA VAL I 429 7.44 -41.92 -26.88
C VAL I 429 6.64 -42.80 -27.83
N LEU I 430 6.66 -44.11 -27.58
CA LEU I 430 6.04 -45.09 -28.47
C LEU I 430 4.54 -44.89 -28.58
N GLU I 431 3.94 -44.41 -27.48
CA GLU I 431 2.51 -44.13 -27.42
C GLU I 431 2.18 -42.91 -28.30
N ALA I 432 3.09 -41.96 -28.33
CA ALA I 432 2.97 -40.79 -29.22
C ALA I 432 3.12 -41.27 -30.64
N ARG I 433 4.15 -42.07 -30.87
CA ARG I 433 4.40 -42.68 -32.19
C ARG I 433 3.17 -43.45 -32.67
N ALA I 434 2.57 -44.21 -31.75
CA ALA I 434 1.41 -45.05 -32.02
C ALA I 434 0.16 -44.28 -32.38
N LEU I 435 -0.15 -43.24 -31.61
CA LEU I 435 -1.33 -42.42 -31.87
C LEU I 435 -1.17 -41.61 -33.15
N ARG I 436 0.02 -41.06 -33.36
CA ARG I 436 0.31 -40.28 -34.57
C ARG I 436 0.29 -41.18 -35.84
N GLY I 437 0.84 -42.39 -35.70
CA GLY I 437 0.88 -43.35 -36.80
C GLY I 437 2.05 -43.13 -37.74
N LEU I 438 2.15 -43.99 -38.75
CA LEU I 438 3.28 -43.97 -39.67
C LEU I 438 2.85 -43.20 -40.91
N TYR I 439 3.49 -42.05 -41.10
CA TYR I 439 3.19 -41.14 -42.22
C TYR I 439 4.35 -40.18 -42.39
N PRO I 440 4.83 -39.99 -43.64
CA PRO I 440 4.30 -40.60 -44.87
C PRO I 440 4.67 -42.06 -45.08
N GLU J 20 4.17 19.95 -53.06
CA GLU J 20 4.69 20.07 -51.66
C GLU J 20 6.10 19.45 -51.58
N PRO J 21 7.14 20.28 -51.34
CA PRO J 21 8.49 19.72 -51.38
C PRO J 21 8.76 18.77 -50.20
N LEU J 22 9.65 17.81 -50.42
CA LEU J 22 9.93 16.76 -49.43
C LEU J 22 10.70 17.33 -48.23
N SER J 23 10.10 17.19 -47.04
CA SER J 23 10.57 17.88 -45.82
C SER J 23 11.95 17.44 -45.31
N TYR J 24 12.36 16.21 -45.62
CA TYR J 24 13.60 15.66 -45.10
C TYR J 24 14.85 16.09 -45.89
N LEU J 25 14.64 16.78 -47.01
CA LEU J 25 15.78 17.29 -47.79
C LEU J 25 16.25 18.68 -47.36
N GLY J 26 15.49 19.32 -46.46
CA GLY J 26 15.78 20.69 -46.04
C GLY J 26 15.48 21.68 -47.15
N LYS J 27 16.44 22.55 -47.44
CA LYS J 27 16.34 23.54 -48.52
C LYS J 27 17.44 23.33 -49.57
N ASP J 28 18.40 22.46 -49.23
CA ASP J 28 19.41 21.99 -50.18
C ASP J 28 18.77 21.63 -51.52
N GLY J 29 17.77 20.73 -51.47
CA GLY J 29 17.18 20.13 -52.68
C GLY J 29 18.19 19.31 -53.46
N GLY J 30 19.08 20.01 -54.19
CA GLY J 30 20.29 19.45 -54.82
C GLY J 30 20.11 18.66 -56.11
N PRO J 31 20.82 17.52 -56.22
CA PRO J 31 20.67 16.62 -57.37
C PRO J 31 19.21 16.19 -57.54
N TRP J 32 18.52 15.96 -56.42
CA TRP J 32 17.10 15.61 -56.45
C TRP J 32 16.20 16.68 -57.12
N GLU J 33 16.39 17.97 -56.78
CA GLU J 33 15.67 19.08 -57.45
C GLU J 33 15.89 19.07 -58.97
N ILE J 34 17.13 18.83 -59.38
CA ILE J 34 17.48 18.72 -60.81
C ILE J 34 16.70 17.59 -61.48
N PHE J 35 16.46 16.50 -60.75
CA PHE J 35 15.66 15.38 -61.28
C PHE J 35 14.17 15.77 -61.42
N THR J 36 13.61 16.36 -60.38
CA THR J 36 12.20 16.74 -60.37
C THR J 36 11.93 17.85 -61.41
N GLU J 37 12.95 18.65 -61.72
CA GLU J 37 12.82 19.67 -62.77
C GLU J 37 12.68 19.02 -64.14
N GLN J 38 13.45 17.97 -64.39
CA GLN J 38 13.27 17.18 -65.61
C GLN J 38 11.85 16.61 -65.74
N VAL J 39 11.27 16.14 -64.63
CA VAL J 39 9.89 15.65 -64.63
C VAL J 39 8.91 16.76 -65.02
N ASP J 40 9.07 17.95 -64.44
CA ASP J 40 8.27 19.12 -64.82
C ASP J 40 8.29 19.41 -66.33
N ARG J 41 9.46 19.31 -66.95
CA ARG J 41 9.62 19.59 -68.39
C ARG J 41 8.94 18.58 -69.31
N VAL J 42 8.72 17.36 -68.81
CA VAL J 42 8.08 16.31 -69.60
C VAL J 42 6.56 16.37 -69.51
N VAL J 43 6.07 17.04 -68.48
CA VAL J 43 4.64 17.11 -68.20
C VAL J 43 3.76 17.59 -69.36
N PRO J 44 4.20 18.63 -70.12
CA PRO J 44 3.31 19.07 -71.19
C PRO J 44 3.06 18.02 -72.30
N TYR J 45 3.95 17.03 -72.40
CA TYR J 45 3.81 15.98 -73.42
C TYR J 45 3.16 14.68 -72.94
N LEU J 46 2.70 14.66 -71.69
CA LEU J 46 2.14 13.43 -71.09
C LEU J 46 0.63 13.17 -71.34
N GLY J 47 -0.06 14.10 -72.00
CA GLY J 47 -1.47 13.88 -72.36
C GLY J 47 -2.34 13.52 -71.16
N ARG J 48 -3.16 12.49 -71.29
CA ARG J 48 -4.10 12.10 -70.21
C ARG J 48 -3.39 11.57 -68.94
N LEU J 49 -2.11 11.24 -69.09
CA LEU J 49 -1.31 10.68 -68.02
C LEU J 49 -0.64 11.76 -67.14
N ALA J 50 -0.91 13.03 -67.44
CA ALA J 50 -0.24 14.16 -66.74
C ALA J 50 -0.45 14.29 -65.23
N PRO J 51 -1.71 14.18 -64.75
CA PRO J 51 -1.96 14.29 -63.30
C PRO J 51 -1.18 13.27 -62.48
N LEU J 52 -0.82 12.15 -63.11
CA LEU J 52 -0.14 11.04 -62.45
C LEU J 52 1.35 11.31 -62.26
N ALA J 53 1.84 12.39 -62.88
CA ALA J 53 3.26 12.71 -62.92
C ALA J 53 3.84 13.08 -61.57
N GLU J 54 2.99 13.64 -60.69
CA GLU J 54 3.33 13.85 -59.27
C GLU J 54 3.98 12.63 -58.59
N SER J 55 3.54 11.43 -58.96
CA SER J 55 4.06 10.21 -58.38
C SER J 55 5.56 10.02 -58.67
N LEU J 56 6.03 10.60 -59.78
CA LEU J 56 7.45 10.59 -60.16
C LEU J 56 8.33 11.45 -59.25
N LYS J 57 7.72 12.39 -58.54
CA LYS J 57 8.45 13.35 -57.69
C LYS J 57 8.55 12.92 -56.21
N ARG J 58 8.26 11.66 -55.92
CA ARG J 58 8.49 11.07 -54.60
C ARG J 58 9.03 9.67 -54.73
N PRO J 59 10.11 9.37 -53.99
CA PRO J 59 10.62 8.02 -54.05
C PRO J 59 9.62 7.08 -53.33
N LYS J 60 9.41 5.90 -53.91
CA LYS J 60 8.51 4.88 -53.34
C LYS J 60 8.99 4.47 -51.95
N ARG J 61 10.31 4.34 -51.79
CA ARG J 61 10.88 3.83 -50.56
C ARG J 61 12.32 4.29 -50.42
N VAL J 62 12.67 4.76 -49.22
CA VAL J 62 14.03 5.16 -48.91
C VAL J 62 14.42 4.38 -47.67
N LEU J 63 15.41 3.51 -47.82
CA LEU J 63 15.90 2.81 -46.67
C LEU J 63 17.27 3.36 -46.32
N ILE J 64 17.40 3.81 -45.08
CA ILE J 64 18.67 4.27 -44.57
C ILE J 64 19.08 3.29 -43.47
N VAL J 65 20.32 2.84 -43.50
CA VAL J 65 20.79 1.82 -42.55
C VAL J 65 22.12 2.25 -41.96
N ASP J 66 22.47 1.71 -40.79
CA ASP J 66 23.78 1.86 -40.20
C ASP J 66 24.57 0.62 -40.62
N VAL J 67 25.82 0.81 -41.00
CA VAL J 67 26.58 -0.35 -41.41
C VAL J 67 27.86 -0.42 -40.56
N PRO J 68 27.77 -1.11 -39.40
CA PRO J 68 28.95 -1.25 -38.50
C PRO J 68 29.97 -2.20 -39.05
N VAL J 69 31.25 -1.96 -38.78
CA VAL J 69 32.32 -2.77 -39.33
C VAL J 69 33.50 -2.82 -38.33
N ARG J 70 33.98 -4.01 -38.01
CA ARG J 70 35.18 -4.10 -37.21
C ARG J 70 36.36 -3.88 -38.13
N LEU J 71 37.19 -2.90 -37.77
CA LEU J 71 38.37 -2.55 -38.54
C LEU J 71 39.51 -3.49 -38.16
N ASP J 72 40.55 -3.49 -38.98
CA ASP J 72 41.74 -4.32 -38.77
C ASP J 72 42.43 -4.00 -37.43
N ASP J 73 42.25 -2.78 -36.93
CA ASP J 73 42.78 -2.40 -35.63
C ASP J 73 41.94 -2.90 -34.44
N GLY J 74 40.76 -3.45 -34.71
CA GLY J 74 39.90 -3.98 -33.65
C GLY J 74 38.80 -3.03 -33.21
N SER J 75 38.87 -1.79 -33.67
CA SER J 75 37.85 -0.81 -33.38
C SER J 75 36.62 -1.03 -34.27
N VAL J 76 35.48 -0.44 -33.92
CA VAL J 76 34.24 -0.57 -34.72
C VAL J 76 33.87 0.76 -35.36
N ALA J 77 33.77 0.77 -36.69
CA ALA J 77 33.41 1.99 -37.39
C ALA J 77 31.97 1.91 -37.86
N TYR J 78 31.32 3.07 -37.96
CA TYR J 78 29.90 3.13 -38.33
C TYR J 78 29.70 3.95 -39.59
N PHE J 79 29.30 3.32 -40.68
CA PHE J 79 29.15 4.00 -41.98
C PHE J 79 27.66 4.12 -42.32
N GLU J 80 27.28 5.15 -43.09
CA GLU J 80 25.90 5.36 -43.51
C GLU J 80 25.78 4.65 -44.82
N GLY J 81 24.74 3.83 -44.92
CA GLY J 81 24.46 3.12 -46.16
C GLY J 81 23.05 3.48 -46.57
N TYR J 82 22.76 3.36 -47.87
CA TYR J 82 21.48 3.78 -48.40
C TYR J 82 21.04 2.83 -49.46
N ARG J 83 19.73 2.70 -49.65
CA ARG J 83 19.17 2.04 -50.80
C ARG J 83 17.80 2.65 -51.05
N VAL J 84 17.62 3.23 -52.23
CA VAL J 84 16.40 3.91 -52.57
C VAL J 84 15.77 3.21 -53.73
N HIS J 85 14.45 3.04 -53.67
CA HIS J 85 13.62 2.60 -54.80
C HIS J 85 12.75 3.77 -55.20
N HIS J 86 13.10 4.44 -56.30
CA HIS J 86 12.36 5.58 -56.74
C HIS J 86 10.94 5.20 -57.24
N ASN J 87 10.87 4.09 -57.97
CA ASN J 87 9.66 3.68 -58.68
C ASN J 87 9.85 2.22 -59.07
N THR J 88 8.72 1.53 -59.11
CA THR J 88 8.65 0.09 -59.20
C THR J 88 7.38 -0.32 -60.00
N ALA J 89 6.63 0.66 -60.53
CA ALA J 89 5.43 0.32 -61.33
C ALA J 89 5.69 -0.66 -62.50
N ARG J 90 6.91 -0.67 -63.02
CA ARG J 90 7.26 -1.46 -64.20
C ARG J 90 7.98 -2.76 -63.83
N GLY J 91 8.49 -2.86 -62.59
CA GLY J 91 9.16 -4.08 -62.11
C GLY J 91 10.22 -3.87 -61.02
N PRO J 92 10.94 -4.94 -60.65
CA PRO J 92 11.91 -4.86 -59.53
C PRO J 92 12.77 -3.62 -59.64
N ALA J 93 13.10 -3.01 -58.52
CA ALA J 93 14.05 -1.88 -58.53
C ALA J 93 15.31 -2.37 -59.21
N LYS J 94 15.99 -1.51 -59.98
CA LYS J 94 17.35 -1.85 -60.47
C LYS J 94 18.33 -0.70 -60.50
N GLY J 95 19.49 -0.87 -59.88
CA GLY J 95 20.55 0.10 -60.02
C GLY J 95 21.73 -0.24 -59.13
N GLY J 96 22.87 0.40 -59.38
CA GLY J 96 24.10 0.03 -58.70
C GLY J 96 24.32 0.68 -57.34
N VAL J 97 25.47 0.34 -56.76
CA VAL J 97 25.77 0.73 -55.39
C VAL J 97 27.13 1.38 -55.42
N ARG J 98 27.15 2.58 -54.87
CA ARG J 98 28.25 3.51 -54.88
C ARG J 98 28.97 3.48 -53.51
N TYR J 99 30.29 3.36 -53.50
CA TYR J 99 31.10 3.60 -52.29
C TYR J 99 31.90 4.86 -52.51
N HIS J 100 31.55 5.94 -51.82
CA HIS J 100 32.18 7.24 -52.08
C HIS J 100 31.97 8.17 -50.90
N PRO J 101 33.05 8.83 -50.43
CA PRO J 101 33.02 9.66 -49.22
C PRO J 101 32.01 10.79 -49.24
N GLU J 102 31.48 11.13 -50.41
CA GLU J 102 30.53 12.23 -50.54
C GLU J 102 29.15 11.76 -51.04
N VAL J 103 28.90 10.47 -50.93
CA VAL J 103 27.56 9.89 -51.08
C VAL J 103 26.62 10.55 -50.09
N THR J 104 25.45 10.95 -50.57
CA THR J 104 24.45 11.58 -49.74
C THR J 104 23.09 11.06 -50.15
N LEU J 105 22.16 11.13 -49.21
CA LEU J 105 20.79 10.71 -49.41
C LEU J 105 20.21 11.28 -50.69
N SER J 106 20.27 12.60 -50.79
CA SER J 106 19.63 13.35 -51.85
C SER J 106 20.15 12.91 -53.20
N GLU J 107 21.45 12.66 -53.26
CA GLU J 107 22.09 12.13 -54.46
C GLU J 107 21.60 10.75 -54.83
N VAL J 108 21.44 9.87 -53.83
CA VAL J 108 21.10 8.46 -54.05
C VAL J 108 19.65 8.41 -54.53
N MET J 109 18.85 9.35 -54.04
CA MET J 109 17.46 9.49 -54.44
C MET J 109 17.44 9.91 -55.88
N ALA J 110 18.35 10.81 -56.26
CA ALA J 110 18.36 11.39 -57.60
C ALA J 110 18.80 10.35 -58.61
N LEU J 111 19.90 9.68 -58.32
CA LEU J 111 20.37 8.57 -59.16
C LEU J 111 19.33 7.46 -59.41
N ALA J 112 18.51 7.17 -58.41
CA ALA J 112 17.48 6.14 -58.52
C ALA J 112 16.33 6.61 -59.41
N GLY J 113 16.02 7.90 -59.29
CA GLY J 113 15.10 8.55 -60.21
C GLY J 113 15.56 8.48 -61.65
N TRP J 114 16.87 8.67 -61.86
CA TRP J 114 17.44 8.61 -63.20
C TRP J 114 17.48 7.18 -63.73
N MET J 115 17.42 6.20 -62.82
CA MET J 115 17.34 4.80 -63.23
C MET J 115 15.92 4.47 -63.67
N THR J 116 14.90 4.96 -62.96
CA THR J 116 13.52 4.71 -63.37
C THR J 116 13.44 5.08 -64.84
N ILE J 117 13.79 6.34 -65.13
CA ILE J 117 13.79 6.92 -66.47
C ILE J 117 14.60 6.10 -67.48
N LYS J 118 15.85 5.84 -67.14
CA LYS J 118 16.72 5.09 -68.03
C LYS J 118 16.18 3.70 -68.37
N ASN J 119 15.73 2.95 -67.36
CA ASN J 119 15.30 1.58 -67.57
C ASN J 119 13.99 1.60 -68.40
N ALA J 120 13.20 2.63 -68.22
CA ALA J 120 11.93 2.76 -68.97
C ALA J 120 12.13 3.16 -70.43
N ALA J 121 13.11 4.03 -70.70
CA ALA J 121 13.35 4.51 -72.08
C ALA J 121 14.00 3.46 -72.96
N VAL J 122 14.78 2.57 -72.34
CA VAL J 122 15.41 1.49 -73.09
C VAL J 122 14.52 0.25 -73.13
N GLY J 123 13.43 0.28 -72.35
CA GLY J 123 12.44 -0.77 -72.33
C GLY J 123 12.75 -1.98 -71.44
N LEU J 124 13.64 -1.82 -70.46
CA LEU J 124 13.90 -2.90 -69.54
C LEU J 124 12.73 -3.07 -68.55
N PRO J 125 12.41 -4.32 -68.15
CA PRO J 125 11.36 -4.55 -67.15
C PRO J 125 11.79 -4.20 -65.72
N TYR J 126 12.10 -2.94 -65.48
CA TYR J 126 12.61 -2.57 -64.18
C TYR J 126 12.12 -1.21 -63.83
N GLY J 127 11.96 -0.97 -62.52
CA GLY J 127 11.84 0.37 -61.96
C GLY J 127 13.24 0.79 -61.58
N GLY J 128 13.37 1.93 -60.91
CA GLY J 128 14.68 2.49 -60.67
C GLY J 128 15.02 2.40 -59.21
N GLY J 129 16.29 2.06 -58.95
CA GLY J 129 16.78 1.98 -57.60
C GLY J 129 18.24 2.33 -57.56
N LYS J 130 18.75 2.76 -56.41
CA LYS J 130 20.18 3.03 -56.26
C LYS J 130 20.54 2.81 -54.82
N GLY J 131 21.84 2.73 -54.54
CA GLY J 131 22.29 2.60 -53.20
C GLY J 131 23.68 3.18 -53.09
N GLY J 132 24.10 3.47 -51.86
CA GLY J 132 25.41 4.03 -51.62
C GLY J 132 25.90 3.74 -50.22
N ILE J 133 27.21 3.75 -50.06
CA ILE J 133 27.78 3.85 -48.71
C ILE J 133 28.70 5.05 -48.69
N ARG J 134 28.43 5.97 -47.77
CA ARG J 134 29.28 7.11 -47.56
C ARG J 134 30.59 6.65 -46.90
N VAL J 135 31.57 6.30 -47.72
CA VAL J 135 32.89 5.86 -47.25
C VAL J 135 33.94 6.09 -48.34
N ASP J 136 35.17 6.33 -47.92
CA ASP J 136 36.34 6.35 -48.79
C ASP J 136 36.97 4.95 -48.85
N PRO J 137 36.64 4.17 -49.90
CA PRO J 137 37.16 2.81 -50.01
C PRO J 137 38.69 2.75 -50.09
N ARG J 138 39.32 3.82 -50.58
CA ARG J 138 40.76 3.88 -50.69
C ARG J 138 41.38 3.90 -49.30
N LYS J 139 40.58 4.21 -48.28
CA LYS J 139 41.03 4.20 -46.89
C LYS J 139 40.90 2.84 -46.17
N LEU J 140 40.18 1.89 -46.78
CA LEU J 140 39.97 0.59 -46.15
C LEU J 140 40.80 -0.52 -46.79
N SER J 141 41.14 -1.54 -45.99
CA SER J 141 41.78 -2.74 -46.53
C SER J 141 40.77 -3.60 -47.30
N PRO J 142 41.26 -4.51 -48.16
CA PRO J 142 40.38 -5.48 -48.85
C PRO J 142 39.45 -6.26 -47.88
N GLY J 143 39.98 -6.66 -46.74
CA GLY J 143 39.19 -7.27 -45.65
C GLY J 143 38.08 -6.38 -45.10
N GLU J 144 38.37 -5.10 -44.89
CA GLU J 144 37.38 -4.16 -44.36
C GLU J 144 36.25 -3.92 -45.36
N LEU J 145 36.64 -3.91 -46.63
CA LEU J 145 35.76 -3.62 -47.71
C LEU J 145 34.82 -4.80 -47.89
N GLU J 146 35.34 -6.00 -47.65
CA GLU J 146 34.52 -7.22 -47.64
C GLU J 146 33.49 -7.19 -46.50
N ARG J 147 33.98 -6.94 -45.28
CA ARG J 147 33.09 -6.86 -44.11
C ARG J 147 32.04 -5.78 -44.23
N LEU J 148 32.44 -4.69 -44.91
CA LEU J 148 31.54 -3.57 -45.18
C LEU J 148 30.48 -4.02 -46.17
N THR J 149 30.92 -4.75 -47.20
CA THR J 149 30.01 -5.19 -48.25
C THR J 149 28.99 -6.19 -47.72
N ARG J 150 29.47 -7.20 -47.00
CA ARG J 150 28.65 -8.17 -46.28
C ARG J 150 27.61 -7.53 -45.34
N ARG J 151 28.05 -6.67 -44.44
CA ARG J 151 27.12 -6.01 -43.52
C ARG J 151 26.01 -5.20 -44.22
N TYR J 152 26.35 -4.48 -45.28
CA TYR J 152 25.42 -3.65 -46.03
C TYR J 152 24.38 -4.51 -46.69
N THR J 153 24.84 -5.52 -47.43
CA THR J 153 23.91 -6.47 -48.06
C THR J 153 23.00 -7.19 -47.03
N SER J 154 23.55 -7.56 -45.88
CA SER J 154 22.68 -7.98 -44.76
C SER J 154 21.70 -6.89 -44.42
N GLU J 155 22.20 -5.68 -44.15
CA GLU J 155 21.27 -4.60 -43.73
C GLU J 155 20.15 -4.34 -44.74
N ILE J 156 20.41 -4.45 -46.04
CA ILE J 156 19.33 -4.12 -47.01
C ILE J 156 18.56 -5.34 -47.49
N GLY J 157 18.92 -6.49 -46.90
CA GLY J 157 18.32 -7.79 -47.16
C GLY J 157 16.81 -7.78 -47.28
N ILE J 158 16.16 -6.96 -46.45
CA ILE J 158 14.71 -6.83 -46.46
C ILE J 158 14.17 -6.37 -47.82
N LEU J 159 15.03 -5.74 -48.63
CA LEU J 159 14.64 -5.18 -49.93
C LEU J 159 14.95 -6.09 -51.13
N LEU J 160 15.96 -6.93 -50.97
CA LEU J 160 16.57 -7.66 -52.07
C LEU J 160 15.84 -8.89 -52.48
N GLY J 161 15.98 -9.20 -53.76
CA GLY J 161 15.63 -10.50 -54.31
C GLY J 161 15.58 -10.27 -55.80
N PRO J 162 15.66 -11.34 -56.61
CA PRO J 162 15.63 -11.19 -58.06
C PRO J 162 14.26 -10.73 -58.57
N ASP J 163 13.26 -10.80 -57.72
CA ASP J 163 11.94 -10.25 -58.08
C ASP J 163 11.63 -8.96 -57.30
N ARG J 164 12.62 -8.43 -56.59
CA ARG J 164 12.35 -7.19 -55.84
C ARG J 164 13.35 -6.08 -56.04
N ASP J 165 14.64 -6.41 -56.03
CA ASP J 165 15.63 -5.40 -56.08
C ASP J 165 16.99 -6.02 -56.34
N ILE J 166 17.61 -5.62 -57.44
CA ILE J 166 18.77 -6.29 -57.97
C ILE J 166 19.90 -5.28 -58.09
N PRO J 167 20.73 -5.17 -57.04
CA PRO J 167 21.92 -4.32 -57.13
C PRO J 167 22.87 -4.63 -58.30
N ALA J 168 23.77 -3.67 -58.55
CA ALA J 168 24.80 -3.75 -59.60
C ALA J 168 26.02 -2.94 -59.17
N PRO J 169 27.12 -2.96 -59.96
CA PRO J 169 28.19 -2.04 -59.54
C PRO J 169 27.91 -0.56 -59.89
N ASP J 170 28.75 0.32 -59.34
CA ASP J 170 28.74 1.77 -59.61
C ASP J 170 30.11 2.30 -59.18
N VAL J 171 30.19 3.59 -58.85
CA VAL J 171 31.47 4.18 -58.44
C VAL J 171 32.16 3.35 -57.36
N ASN J 172 33.40 2.95 -57.65
CA ASN J 172 34.27 2.28 -56.69
C ASN J 172 33.88 0.85 -56.26
N THR J 173 32.84 0.30 -56.88
CA THR J 173 32.45 -1.10 -56.70
C THR J 173 32.56 -1.84 -58.05
N GLY J 174 32.67 -3.16 -58.01
CA GLY J 174 32.74 -3.97 -59.26
C GLY J 174 32.48 -5.45 -58.99
N GLU J 175 32.95 -6.29 -59.91
CA GLU J 175 32.92 -7.76 -59.76
C GLU J 175 33.17 -8.33 -58.38
N ARG J 176 34.28 -7.94 -57.77
CA ARG J 176 34.67 -8.43 -56.47
C ARG J 176 33.60 -8.19 -55.39
N GLU J 177 33.09 -6.98 -55.30
CA GLU J 177 32.03 -6.70 -54.35
C GLU J 177 30.67 -7.28 -54.78
N MET J 178 30.42 -7.40 -56.09
CA MET J 178 29.20 -8.12 -56.51
C MET J 178 29.24 -9.60 -56.07
N ALA J 179 30.45 -10.17 -55.97
CA ALA J 179 30.61 -11.57 -55.56
C ALA J 179 30.26 -11.70 -54.08
N TRP J 180 30.75 -10.74 -53.30
CA TRP J 180 30.52 -10.70 -51.87
C TRP J 180 29.04 -10.47 -51.56
N MET J 181 28.43 -9.52 -52.26
CA MET J 181 26.97 -9.35 -52.16
C MET J 181 26.22 -10.66 -52.46
N MET J 182 26.57 -11.32 -53.56
CA MET J 182 25.86 -12.54 -53.98
C MET J 182 25.97 -13.62 -52.90
N ASP J 183 27.19 -13.81 -52.39
CA ASP J 183 27.48 -14.83 -51.42
C ASP J 183 26.80 -14.58 -50.11
N THR J 184 26.82 -13.33 -49.66
CA THR J 184 26.19 -12.95 -48.40
C THR J 184 24.68 -13.23 -48.46
N TYR J 185 24.03 -12.74 -49.51
CA TYR J 185 22.59 -12.98 -49.65
C TYR J 185 22.27 -14.48 -49.68
N SER J 186 23.05 -15.25 -50.46
CA SER J 186 22.84 -16.69 -50.58
C SER J 186 22.99 -17.47 -49.27
N MET J 187 24.02 -17.18 -48.48
CA MET J 187 24.21 -17.87 -47.22
C MET J 187 23.07 -17.54 -46.25
N ASN J 188 22.75 -16.25 -46.12
CA ASN J 188 21.66 -15.78 -45.26
C ASN J 188 20.36 -16.51 -45.58
N VAL J 189 19.99 -16.51 -46.85
CA VAL J 189 18.75 -17.10 -47.33
C VAL J 189 18.90 -18.64 -47.50
N GLY J 190 20.12 -19.16 -47.41
CA GLY J 190 20.33 -20.61 -47.56
C GLY J 190 20.10 -21.24 -48.94
N ARG J 191 20.30 -20.49 -50.03
CA ARG J 191 20.24 -21.03 -51.40
C ARG J 191 21.04 -20.21 -52.41
N THR J 192 21.45 -20.82 -53.51
CA THR J 192 22.16 -20.11 -54.58
C THR J 192 21.15 -19.27 -55.34
N VAL J 193 21.33 -17.96 -55.27
CA VAL J 193 20.47 -17.01 -55.97
C VAL J 193 21.39 -16.10 -56.79
N PRO J 194 21.88 -16.58 -57.95
CA PRO J 194 22.89 -15.71 -58.59
C PRO J 194 22.31 -14.36 -59.05
N GLY J 195 21.03 -14.38 -59.43
CA GLY J 195 20.32 -13.21 -59.92
C GLY J 195 20.06 -12.08 -58.93
N VAL J 196 20.42 -12.24 -57.66
CA VAL J 196 20.25 -11.17 -56.66
C VAL J 196 21.02 -9.88 -56.99
N VAL J 197 22.16 -9.99 -57.69
CA VAL J 197 22.93 -8.84 -58.14
C VAL J 197 23.39 -9.15 -59.53
N THR J 198 23.70 -8.12 -60.31
CA THR J 198 24.38 -8.31 -61.58
C THR J 198 25.77 -7.66 -61.50
N GLY J 199 26.55 -7.80 -62.59
CA GLY J 199 27.97 -7.42 -62.57
C GLY J 199 28.83 -8.41 -61.80
N LYS J 200 28.36 -9.65 -61.74
CA LYS J 200 29.08 -10.73 -61.06
C LYS J 200 30.19 -11.25 -61.95
N PRO J 201 31.20 -11.91 -61.35
CA PRO J 201 32.13 -12.70 -62.17
C PRO J 201 31.42 -13.78 -63.01
N ILE J 202 31.93 -14.03 -64.21
CA ILE J 202 31.41 -15.11 -65.08
C ILE J 202 31.21 -16.43 -64.31
N ALA J 203 32.23 -16.79 -63.52
CA ALA J 203 32.25 -17.94 -62.62
C ALA J 203 31.07 -18.07 -61.65
N LEU J 204 30.44 -16.96 -61.29
CA LEU J 204 29.35 -16.99 -60.30
C LEU J 204 27.98 -16.68 -60.93
N GLY J 205 27.85 -16.82 -62.23
CA GLY J 205 26.59 -16.49 -62.89
C GLY J 205 26.54 -15.18 -63.65
N GLY J 206 27.70 -14.58 -63.85
CA GLY J 206 27.83 -13.37 -64.65
C GLY J 206 27.61 -13.61 -66.12
N SER J 207 27.65 -12.55 -66.91
CA SER J 207 27.34 -12.66 -68.33
C SER J 207 28.54 -12.35 -69.20
N LEU J 208 28.61 -12.99 -70.36
CA LEU J 208 29.53 -12.63 -71.44
C LEU J 208 29.14 -11.28 -72.03
N GLY J 209 30.12 -10.54 -72.54
CA GLY J 209 29.87 -9.33 -73.32
C GLY J 209 29.66 -8.07 -72.51
N ARG J 210 30.15 -8.06 -71.27
CA ARG J 210 29.98 -6.92 -70.37
CA ARG J 210 29.99 -6.92 -70.37
C ARG J 210 30.90 -5.75 -70.77
N ARG J 211 32.18 -6.06 -70.97
CA ARG J 211 33.21 -5.09 -71.30
C ARG J 211 32.93 -4.13 -72.47
N ASP J 212 32.42 -4.65 -73.58
CA ASP J 212 32.20 -3.82 -74.76
C ASP J 212 30.74 -3.46 -74.97
N ALA J 213 29.87 -3.79 -74.02
CA ALA J 213 28.43 -3.56 -74.22
C ALA J 213 28.05 -2.10 -74.50
N THR J 214 28.57 -1.17 -73.69
CA THR J 214 28.21 0.25 -73.78
C THR J 214 28.74 0.83 -75.09
N GLY J 215 30.03 0.60 -75.35
CA GLY J 215 30.65 1.01 -76.59
C GLY J 215 29.97 0.47 -77.84
N ARG J 216 29.66 -0.82 -77.86
CA ARG J 216 28.98 -1.41 -79.00
C ARG J 216 27.58 -0.80 -79.19
N GLY J 217 26.90 -0.53 -78.08
CA GLY J 217 25.55 0.05 -78.09
C GLY J 217 25.53 1.49 -78.57
N VAL J 218 26.64 2.19 -78.36
CA VAL J 218 26.81 3.51 -78.95
C VAL J 218 26.79 3.37 -80.48
N PHE J 219 27.43 2.33 -81.01
CA PHE J 219 27.42 2.12 -82.46
C PHE J 219 26.04 1.69 -82.98
N ILE J 220 25.35 0.90 -82.18
CA ILE J 220 24.07 0.35 -82.59
C ILE J 220 23.02 1.44 -82.75
N THR J 221 22.91 2.30 -81.74
CA THR J 221 21.98 3.45 -81.76
C THR J 221 22.41 4.49 -82.82
N ALA J 222 23.71 4.75 -82.92
CA ALA J 222 24.25 5.62 -83.99
C ALA J 222 23.88 5.13 -85.40
N ALA J 223 24.04 3.82 -85.62
CA ALA J 223 23.78 3.20 -86.90
C ALA J 223 22.29 3.17 -87.22
N ALA J 224 21.45 3.07 -86.18
CA ALA J 224 20.00 3.16 -86.35
C ALA J 224 19.55 4.62 -86.67
N ALA J 225 20.32 5.60 -86.18
CA ALA J 225 20.09 6.99 -86.52
C ALA J 225 20.47 7.25 -87.96
N ALA J 226 21.48 6.51 -88.44
CA ALA J 226 21.95 6.61 -89.83
C ALA J 226 20.94 6.07 -90.87
N GLU J 227 20.33 4.92 -90.61
CA GLU J 227 19.30 4.36 -91.52
C GLU J 227 18.08 5.28 -91.64
N LYS J 228 17.86 6.09 -90.61
CA LYS J 228 16.76 7.06 -90.60
C LYS J 228 17.02 8.26 -91.53
N ILE J 229 18.28 8.68 -91.64
CA ILE J 229 18.64 9.85 -92.44
C ILE J 229 19.41 9.53 -93.73
N GLY J 230 19.44 8.24 -94.10
CA GLY J 230 20.13 7.80 -95.30
C GLY J 230 21.63 7.98 -95.27
N LEU J 231 22.23 8.00 -94.07
CA LEU J 231 23.67 8.08 -93.93
C LEU J 231 24.23 6.66 -94.04
N GLN J 232 25.32 6.50 -94.80
CA GLN J 232 25.97 5.23 -94.98
C GLN J 232 27.10 5.06 -93.98
N VAL J 233 27.07 3.95 -93.23
CA VAL J 233 28.11 3.64 -92.25
C VAL J 233 29.39 3.19 -92.95
N GLU J 234 29.20 2.38 -94.00
CA GLU J 234 30.27 1.63 -94.68
C GLU J 234 31.50 2.41 -95.15
N GLY J 235 31.39 3.71 -95.38
CA GLY J 235 32.59 4.52 -95.62
C GLY J 235 32.67 5.78 -94.76
N ALA J 236 31.85 5.83 -93.71
CA ALA J 236 31.72 7.03 -92.90
C ALA J 236 32.95 7.31 -92.05
N ARG J 237 33.13 8.58 -91.66
CA ARG J 237 34.24 9.00 -90.80
C ARG J 237 33.73 9.18 -89.38
N VAL J 238 34.58 8.82 -88.42
CA VAL J 238 34.25 8.87 -86.97
C VAL J 238 35.30 9.62 -86.17
N ALA J 239 34.85 10.57 -85.35
CA ALA J 239 35.70 11.15 -84.33
C ALA J 239 35.19 10.68 -82.98
N ILE J 240 36.12 10.34 -82.09
CA ILE J 240 35.77 9.82 -80.80
C ILE J 240 36.57 10.52 -79.71
N GLN J 241 35.87 11.02 -78.69
CA GLN J 241 36.56 11.57 -77.52
C GLN J 241 36.56 10.52 -76.42
N GLY J 242 37.74 10.20 -75.91
CA GLY J 242 37.87 9.15 -74.90
C GLY J 242 38.18 7.82 -75.57
N PHE J 243 39.23 7.16 -75.07
CA PHE J 243 39.58 5.84 -75.53
C PHE J 243 39.68 4.87 -74.34
N GLY J 244 38.81 5.08 -73.36
CA GLY J 244 38.62 4.10 -72.30
C GLY J 244 37.73 2.98 -72.82
N ASN J 245 37.12 2.25 -71.89
CA ASN J 245 36.31 1.09 -72.24
C ASN J 245 35.18 1.41 -73.22
N VAL J 246 34.51 2.53 -73.03
CA VAL J 246 33.41 2.91 -73.92
C VAL J 246 33.92 3.38 -75.31
N GLY J 247 34.90 4.28 -75.31
CA GLY J 247 35.44 4.84 -76.54
C GLY J 247 36.06 3.81 -77.46
N ASN J 248 36.90 2.94 -76.93
CA ASN J 248 37.58 1.95 -77.78
C ASN J 248 36.68 0.80 -78.25
N ALA J 249 35.60 0.54 -77.53
CA ALA J 249 34.64 -0.46 -77.98
C ALA J 249 33.73 0.10 -79.08
N ALA J 250 33.31 1.36 -78.96
CA ALA J 250 32.60 2.06 -80.04
C ALA J 250 33.44 2.09 -81.30
N ALA J 251 34.74 2.34 -81.13
CA ALA J 251 35.70 2.46 -82.21
C ALA J 251 35.81 1.15 -82.97
N ARG J 252 35.98 0.05 -82.23
CA ARG J 252 36.02 -1.27 -82.80
C ARG J 252 34.71 -1.60 -83.53
N ALA J 253 33.58 -1.30 -82.91
CA ALA J 253 32.30 -1.51 -83.57
C ALA J 253 32.23 -0.73 -84.90
N PHE J 254 32.50 0.58 -84.86
CA PHE J 254 32.49 1.37 -86.08
C PHE J 254 33.39 0.75 -87.16
N HIS J 255 34.63 0.45 -86.79
CA HIS J 255 35.63 -0.14 -87.68
C HIS J 255 35.19 -1.49 -88.25
N ASP J 256 34.56 -2.32 -87.42
CA ASP J 256 34.10 -3.63 -87.85
C ASP J 256 32.97 -3.55 -88.87
N HIS J 257 32.25 -2.43 -88.85
CA HIS J 257 31.16 -2.25 -89.80
C HIS J 257 31.56 -1.38 -90.98
N GLY J 258 32.86 -1.12 -91.11
CA GLY J 258 33.40 -0.51 -92.31
C GLY J 258 33.51 1.00 -92.32
N ALA J 259 33.17 1.64 -91.20
CA ALA J 259 33.43 3.07 -91.03
C ALA J 259 34.90 3.23 -90.66
N ARG J 260 35.44 4.43 -90.80
CA ARG J 260 36.80 4.63 -90.35
C ARG J 260 36.89 5.68 -89.25
N VAL J 261 37.73 5.37 -88.26
CA VAL J 261 37.94 6.21 -87.11
C VAL J 261 39.10 7.12 -87.48
N VAL J 262 38.77 8.37 -87.75
CA VAL J 262 39.74 9.34 -88.26
C VAL J 262 40.43 10.14 -87.16
N ALA J 263 39.75 10.34 -86.02
CA ALA J 263 40.38 11.02 -84.90
C ALA J 263 39.92 10.49 -83.54
N VAL J 264 40.88 10.47 -82.61
CA VAL J 264 40.60 10.15 -81.23
C VAL J 264 41.21 11.24 -80.35
N GLN J 265 40.37 11.90 -79.55
CA GLN J 265 40.83 12.88 -78.56
C GLN J 265 40.93 12.28 -77.15
N ASP J 266 41.98 12.67 -76.46
CA ASP J 266 42.34 12.14 -75.16
C ASP J 266 42.65 13.33 -74.25
N HIS J 267 42.75 13.07 -72.95
CA HIS J 267 43.27 14.06 -72.00
C HIS J 267 44.74 14.36 -72.35
N THR J 268 45.36 13.40 -73.04
CA THR J 268 46.77 13.47 -73.42
C THR J 268 47.00 14.11 -74.80
N GLY J 269 45.95 14.31 -75.58
CA GLY J 269 46.10 14.85 -76.92
C GLY J 269 45.10 14.33 -77.92
N THR J 270 45.30 14.66 -79.18
CA THR J 270 44.37 14.27 -80.23
C THR J 270 45.19 13.82 -81.43
N VAL J 271 44.72 12.76 -82.10
CA VAL J 271 45.40 12.20 -83.28
C VAL J 271 44.45 12.09 -84.49
N TYR J 272 45.00 12.21 -85.70
CA TYR J 272 44.21 12.20 -86.94
C TYR J 272 44.84 11.38 -88.10
N ASN J 273 43.96 10.82 -88.94
CA ASN J 273 44.33 10.16 -90.21
C ASN J 273 43.07 9.85 -91.05
N GLU J 274 42.92 10.46 -92.23
CA GLU J 274 41.70 10.32 -93.05
C GLU J 274 41.55 8.93 -93.64
N ALA J 275 42.64 8.18 -93.67
CA ALA J 275 42.58 6.79 -94.09
C ALA J 275 42.02 5.91 -92.97
N GLY J 276 41.98 6.45 -91.74
CA GLY J 276 41.49 5.69 -90.59
C GLY J 276 42.59 5.23 -89.65
N ILE J 277 42.28 5.17 -88.36
CA ILE J 277 43.19 4.67 -87.35
C ILE J 277 42.72 3.27 -86.93
N ASP J 278 43.61 2.27 -86.96
CA ASP J 278 43.23 0.93 -86.49
C ASP J 278 43.06 0.94 -84.96
N PRO J 279 41.83 0.68 -84.47
CA PRO J 279 41.54 0.77 -83.02
C PRO J 279 42.33 -0.22 -82.17
N TYR J 280 42.56 -1.42 -82.70
CA TYR J 280 43.31 -2.48 -82.03
C TYR J 280 44.78 -2.05 -81.83
N ASP J 281 45.36 -1.47 -82.87
CA ASP J 281 46.72 -0.94 -82.82
C ASP J 281 46.77 0.34 -81.97
N LEU J 282 45.76 1.20 -82.09
CA LEU J 282 45.76 2.43 -81.28
C LEU J 282 45.68 2.07 -79.79
N LEU J 283 44.82 1.12 -79.46
CA LEU J 283 44.65 0.66 -78.07
C LEU J 283 45.96 0.13 -77.45
N ARG J 284 46.74 -0.62 -78.23
CA ARG J 284 48.02 -1.14 -77.75
C ARG J 284 48.97 -0.01 -77.39
N HIS J 285 48.98 1.04 -78.22
CA HIS J 285 49.72 2.25 -77.93
C HIS J 285 49.23 2.91 -76.64
N VAL J 286 47.92 3.15 -76.55
CA VAL J 286 47.30 3.79 -75.40
C VAL J 286 47.55 3.04 -74.08
N GLN J 287 47.55 1.70 -74.14
CA GLN J 287 47.81 0.87 -72.96
C GLN J 287 49.23 1.04 -72.42
N GLU J 288 50.22 1.16 -73.30
CA GLU J 288 51.62 1.31 -72.90
C GLU J 288 52.00 2.75 -72.57
N PHE J 289 51.49 3.69 -73.35
CA PHE J 289 51.93 5.09 -73.25
C PHE J 289 50.99 6.03 -72.48
N GLY J 290 49.75 5.59 -72.22
CA GLY J 290 48.85 6.33 -71.34
C GLY J 290 47.76 7.09 -72.07
N GLY J 291 47.89 7.18 -73.39
CA GLY J 291 46.90 7.85 -74.20
C GLY J 291 47.45 7.99 -75.60
N VAL J 292 46.67 8.60 -76.49
CA VAL J 292 47.02 8.72 -77.91
C VAL J 292 48.28 9.57 -78.17
N ARG J 293 49.37 9.28 -77.46
CA ARG J 293 50.60 10.09 -77.42
C ARG J 293 51.26 10.33 -78.77
N GLY J 294 52.51 9.89 -78.89
CA GLY J 294 53.18 9.88 -80.16
C GLY J 294 52.80 8.61 -80.88
N TYR J 295 51.48 8.43 -81.09
CA TYR J 295 50.98 7.30 -81.86
C TYR J 295 51.54 7.40 -83.29
N PRO J 296 52.47 6.48 -83.64
CA PRO J 296 53.30 6.67 -84.83
C PRO J 296 52.56 6.78 -86.16
N LYS J 297 51.31 6.32 -86.22
CA LYS J 297 50.59 6.22 -87.49
C LYS J 297 49.45 7.26 -87.64
N ALA J 298 49.63 8.41 -86.99
CA ALA J 298 48.67 9.52 -87.05
C ALA J 298 49.32 10.89 -86.77
N GLU J 299 48.70 11.94 -87.30
CA GLU J 299 49.16 13.31 -87.08
C GLU J 299 48.61 13.82 -85.74
N PRO J 300 49.48 14.44 -84.91
CA PRO J 300 48.95 15.19 -83.77
C PRO J 300 48.09 16.36 -84.24
N LEU J 301 46.99 16.60 -83.52
CA LEU J 301 46.15 17.78 -83.73
C LEU J 301 46.05 18.56 -82.43
N PRO J 302 45.90 19.89 -82.54
CA PRO J 302 45.69 20.66 -81.32
C PRO J 302 44.25 20.47 -80.85
N ALA J 303 44.07 20.39 -79.53
CA ALA J 303 42.78 20.08 -78.90
C ALA J 303 41.56 20.65 -79.63
N ALA J 304 41.28 21.94 -79.40
CA ALA J 304 40.10 22.61 -79.98
C ALA J 304 39.85 22.36 -81.48
N ASP J 305 40.87 21.92 -82.22
CA ASP J 305 40.73 21.58 -83.65
C ASP J 305 39.84 20.32 -83.88
N PHE J 306 39.64 19.53 -82.82
CA PHE J 306 38.88 18.28 -82.84
C PHE J 306 37.40 18.45 -83.15
N TRP J 307 36.75 19.43 -82.54
CA TRP J 307 35.29 19.57 -82.63
C TRP J 307 34.75 19.96 -83.99
N GLY J 308 35.56 20.67 -84.77
CA GLY J 308 35.15 21.09 -86.10
C GLY J 308 35.47 20.12 -87.22
N LEU J 309 36.11 19.00 -86.88
CA LEU J 309 36.52 17.97 -87.85
C LEU J 309 35.40 17.55 -88.78
N PRO J 310 35.71 17.42 -90.09
CA PRO J 310 34.76 16.91 -91.07
C PRO J 310 34.60 15.38 -90.93
N VAL J 311 33.55 14.99 -90.20
CA VAL J 311 33.26 13.60 -89.90
C VAL J 311 31.75 13.38 -90.03
N GLU J 312 31.35 12.12 -90.16
CA GLU J 312 29.94 11.75 -90.23
C GLU J 312 29.40 11.52 -88.82
N PHE J 313 30.21 10.89 -87.97
CA PHE J 313 29.82 10.52 -86.61
C PHE J 313 30.80 11.11 -85.63
N LEU J 314 30.26 11.81 -84.64
CA LEU J 314 31.01 12.24 -83.46
C LEU J 314 30.48 11.48 -82.23
N VAL J 315 31.40 10.96 -81.43
CA VAL J 315 31.09 10.17 -80.23
C VAL J 315 31.81 10.74 -79.02
N PRO J 316 31.12 11.54 -78.21
CA PRO J 316 31.68 11.90 -76.92
C PRO J 316 31.58 10.73 -75.91
N ALA J 317 32.74 10.22 -75.49
CA ALA J 317 32.81 9.08 -74.59
C ALA J 317 33.84 9.32 -73.50
N ALA J 318 33.99 10.59 -73.13
CA ALA J 318 34.89 11.00 -72.06
C ALA J 318 34.09 11.65 -70.94
N LEU J 319 34.38 12.91 -70.64
CA LEU J 319 33.85 13.53 -69.43
C LEU J 319 32.53 14.26 -69.65
N GLU J 320 31.86 14.52 -68.53
CA GLU J 320 30.60 15.25 -68.51
C GLU J 320 30.81 16.64 -69.09
N LYS J 321 29.81 17.16 -69.79
CA LYS J 321 29.87 18.47 -70.46
C LYS J 321 31.16 18.67 -71.22
N GLN J 322 31.10 18.50 -72.55
CA GLN J 322 32.28 18.67 -73.40
C GLN J 322 31.91 19.37 -74.69
N ILE J 323 30.63 19.34 -75.02
CA ILE J 323 30.09 20.12 -76.12
C ILE J 323 29.26 21.25 -75.49
N THR J 324 29.76 22.48 -75.62
CA THR J 324 29.31 23.65 -74.85
C THR J 324 29.01 24.83 -75.77
N GLU J 325 28.60 25.95 -75.18
CA GLU J 325 28.46 27.24 -75.89
C GLU J 325 29.69 27.51 -76.75
N GLN J 326 30.87 27.35 -76.14
CA GLN J 326 32.16 27.68 -76.76
C GLN J 326 32.42 26.95 -78.08
N ASN J 327 32.38 25.61 -78.04
CA ASN J 327 32.78 24.77 -79.19
C ASN J 327 31.63 24.15 -80.00
N ALA J 328 30.39 24.56 -79.71
CA ALA J 328 29.22 23.90 -80.31
C ALA J 328 29.02 24.19 -81.80
N TRP J 329 29.07 25.46 -82.20
CA TRP J 329 28.88 25.85 -83.62
C TRP J 329 29.90 25.19 -84.55
N ARG J 330 31.09 24.96 -84.00
CA ARG J 330 32.22 24.35 -84.69
C ARG J 330 31.95 22.91 -85.20
N ILE J 331 31.04 22.17 -84.54
CA ILE J 331 30.74 20.77 -84.88
C ILE J 331 30.12 20.57 -86.28
N ARG J 332 30.68 19.61 -87.01
CA ARG J 332 30.30 19.34 -88.41
C ARG J 332 29.76 17.93 -88.68
N ALA J 333 29.64 17.11 -87.62
CA ALA J 333 29.05 15.77 -87.75
C ALA J 333 27.54 15.83 -88.00
N ARG J 334 27.03 14.83 -88.70
CA ARG J 334 25.60 14.66 -88.94
C ARG J 334 24.88 14.01 -87.74
N ILE J 335 25.69 13.36 -86.88
CA ILE J 335 25.20 12.53 -85.77
C ILE J 335 26.19 12.58 -84.61
N VAL J 336 25.69 13.02 -83.47
CA VAL J 336 26.41 12.90 -82.22
C VAL J 336 25.77 11.77 -81.42
N ALA J 337 26.57 10.81 -81.02
CA ALA J 337 26.12 9.67 -80.22
C ALA J 337 26.84 9.74 -78.90
N GLU J 338 26.06 9.92 -77.84
CA GLU J 338 26.57 10.19 -76.50
C GLU J 338 26.97 8.93 -75.75
N GLY J 339 28.27 8.69 -75.67
CA GLY J 339 28.80 7.55 -74.95
C GLY J 339 29.05 7.90 -73.49
N ALA J 340 29.40 9.17 -73.26
CA ALA J 340 29.53 9.68 -71.90
C ALA J 340 28.15 10.07 -71.36
N ASN J 341 28.05 10.15 -70.03
CA ASN J 341 26.88 10.75 -69.41
C ASN J 341 26.98 12.27 -69.46
N GLY J 342 25.91 12.89 -69.95
CA GLY J 342 25.78 14.35 -70.04
C GLY J 342 26.90 15.12 -70.74
N PRO J 343 27.27 14.71 -71.98
CA PRO J 343 28.38 15.39 -72.66
C PRO J 343 28.00 16.69 -73.38
N THR J 344 26.74 16.88 -73.74
CA THR J 344 26.32 18.16 -74.33
C THR J 344 25.41 18.99 -73.40
N THR J 345 25.68 20.29 -73.36
CA THR J 345 24.87 21.26 -72.62
C THR J 345 23.59 21.57 -73.39
N PRO J 346 22.53 22.03 -72.68
CA PRO J 346 21.24 22.35 -73.33
C PRO J 346 21.38 23.48 -74.37
N ALA J 347 22.24 24.45 -74.05
CA ALA J 347 22.62 25.52 -74.98
C ALA J 347 23.21 24.93 -76.25
N ALA J 348 24.11 23.96 -76.10
CA ALA J 348 24.69 23.25 -77.26
C ALA J 348 23.64 22.43 -78.02
N ASP J 349 22.69 21.85 -77.29
CA ASP J 349 21.56 21.11 -77.90
C ASP J 349 20.76 21.97 -78.88
N ASP J 350 20.36 23.16 -78.43
CA ASP J 350 19.57 24.10 -79.24
C ASP J 350 20.34 24.60 -80.48
N ILE J 351 21.65 24.76 -80.32
CA ILE J 351 22.57 25.03 -81.43
C ILE J 351 22.52 23.89 -82.46
N LEU J 352 22.78 22.66 -82.01
CA LEU J 352 22.84 21.49 -82.91
C LEU J 352 21.50 21.17 -83.59
N LEU J 353 20.40 21.45 -82.89
CA LEU J 353 19.07 21.34 -83.49
C LEU J 353 18.88 22.37 -84.61
N GLU J 354 19.39 23.58 -84.39
CA GLU J 354 19.40 24.65 -85.40
C GLU J 354 20.25 24.20 -86.58
N LYS J 355 21.47 23.72 -86.28
CA LYS J 355 22.38 23.17 -87.27
C LYS J 355 21.86 21.93 -87.99
N GLY J 356 20.79 21.32 -87.46
CA GLY J 356 20.25 20.08 -88.04
C GLY J 356 21.03 18.79 -87.75
N VAL J 357 21.99 18.87 -86.83
CA VAL J 357 22.69 17.66 -86.37
C VAL J 357 21.88 16.85 -85.34
N LEU J 358 21.59 15.62 -85.77
CA LEU J 358 20.96 14.56 -84.97
C LEU J 358 21.84 14.14 -83.77
N VAL J 359 21.30 14.33 -82.57
CA VAL J 359 21.98 13.93 -81.33
C VAL J 359 21.31 12.71 -80.70
N VAL J 360 22.04 11.59 -80.63
CA VAL J 360 21.55 10.39 -79.93
C VAL J 360 21.85 10.52 -78.44
N PRO J 361 20.78 10.68 -77.63
CA PRO J 361 20.87 10.99 -76.20
C PRO J 361 21.41 9.85 -75.35
N ASP J 362 22.32 10.19 -74.44
CA ASP J 362 22.94 9.27 -73.48
C ASP J 362 22.00 8.24 -72.87
N VAL J 363 20.85 8.71 -72.40
CA VAL J 363 19.82 7.84 -71.79
C VAL J 363 19.63 6.50 -72.55
N ILE J 364 19.73 6.54 -73.87
CA ILE J 364 19.69 5.30 -74.66
C ILE J 364 21.01 4.93 -75.33
N ALA J 365 21.69 5.92 -75.90
CA ALA J 365 22.94 5.68 -76.61
C ALA J 365 23.94 4.88 -75.75
N ASN J 366 24.00 5.15 -74.46
CA ASN J 366 24.96 4.46 -73.60
C ASN J 366 24.36 3.31 -72.80
N ALA J 367 23.11 2.95 -73.09
CA ALA J 367 22.39 1.95 -72.31
C ALA J 367 22.82 0.48 -72.54
N GLY J 368 23.89 0.27 -73.31
CA GLY J 368 24.35 -1.08 -73.61
C GLY J 368 24.80 -1.85 -72.38
N GLY J 369 25.40 -1.16 -71.42
CA GLY J 369 25.89 -1.85 -70.22
C GLY J 369 24.75 -2.32 -69.34
N VAL J 370 23.88 -1.38 -69.02
CA VAL J 370 22.67 -1.67 -68.27
C VAL J 370 21.85 -2.81 -68.95
N THR J 371 21.97 -2.91 -70.27
CA THR J 371 21.24 -3.92 -71.04
C THR J 371 21.84 -5.33 -70.89
N VAL J 372 23.17 -5.45 -70.84
CA VAL J 372 23.80 -6.75 -70.66
C VAL J 372 23.57 -7.27 -69.22
N SER J 373 23.47 -6.36 -68.26
CA SER J 373 23.13 -6.79 -66.91
C SER J 373 21.69 -7.24 -66.81
N TYR J 374 20.78 -6.61 -67.55
CA TYR J 374 19.44 -7.18 -67.67
C TYR J 374 19.61 -8.59 -68.23
N PHE J 375 20.47 -8.73 -69.23
CA PHE J 375 20.70 -10.07 -69.79
C PHE J 375 21.28 -10.99 -68.72
N GLU J 376 22.07 -10.44 -67.79
CA GLU J 376 22.71 -11.26 -66.78
C GLU J 376 21.64 -11.82 -65.88
N TRP J 377 20.74 -10.96 -65.45
CA TRP J 377 19.55 -11.33 -64.63
C TRP J 377 18.69 -12.39 -65.33
N VAL J 378 18.49 -12.25 -66.65
CA VAL J 378 17.67 -13.23 -67.38
C VAL J 378 18.31 -14.64 -67.38
N GLN J 379 19.59 -14.72 -67.76
CA GLN J 379 20.30 -15.98 -67.79
C GLN J 379 20.32 -16.63 -66.40
N ASP J 380 20.37 -15.81 -65.34
CA ASP J 380 20.45 -16.28 -63.95
C ASP J 380 19.24 -17.04 -63.43
N PHE J 381 18.06 -16.77 -64.01
CA PHE J 381 16.81 -17.44 -63.61
C PHE J 381 16.85 -18.96 -63.74
N ASN J 382 17.42 -19.44 -64.84
CA ASN J 382 17.50 -20.87 -65.07
C ASN J 382 18.93 -21.36 -65.27
N SER J 383 19.89 -20.58 -64.77
CA SER J 383 21.30 -20.77 -65.06
C SER J 383 21.68 -21.33 -66.46
N TYR J 384 21.05 -20.78 -67.51
CA TYR J 384 21.44 -21.05 -68.89
C TYR J 384 22.05 -19.82 -69.57
N PHE J 385 23.31 -19.95 -69.96
CA PHE J 385 24.11 -18.83 -70.43
C PHE J 385 24.26 -18.73 -71.94
N TRP J 386 24.27 -17.48 -72.42
CA TRP J 386 24.30 -17.19 -73.87
C TRP J 386 25.73 -17.01 -74.39
N THR J 387 25.93 -17.30 -75.67
CA THR J 387 27.22 -17.00 -76.32
C THR J 387 27.36 -15.51 -76.57
N GLU J 388 28.60 -15.07 -76.76
CA GLU J 388 28.90 -13.71 -77.15
C GLU J 388 28.08 -13.24 -78.37
N GLU J 389 27.85 -14.14 -79.32
CA GLU J 389 27.09 -13.85 -80.54
C GLU J 389 25.60 -13.60 -80.25
N GLU J 390 25.07 -14.34 -79.29
CA GLU J 390 23.68 -14.23 -78.87
C GLU J 390 23.47 -12.95 -78.09
N ILE J 391 24.41 -12.66 -77.18
CA ILE J 391 24.44 -11.40 -76.44
C ILE J 391 24.37 -10.23 -77.41
N ASN J 392 25.27 -10.22 -78.41
CA ASN J 392 25.30 -9.14 -79.40
C ASN J 392 24.01 -9.02 -80.21
N ALA J 393 23.45 -10.14 -80.64
CA ALA J 393 22.25 -10.09 -81.45
C ALA J 393 21.05 -9.53 -80.68
N ARG J 394 20.95 -9.90 -79.40
CA ARG J 394 19.84 -9.52 -78.55
C ARG J 394 20.01 -8.06 -78.12
N LEU J 395 21.25 -7.71 -77.78
CA LEU J 395 21.62 -6.34 -77.46
C LEU J 395 21.22 -5.38 -78.57
N GLU J 396 21.28 -5.86 -79.82
CA GLU J 396 20.91 -5.06 -80.98
C GLU J 396 19.41 -4.87 -81.02
N ARG J 397 18.67 -5.93 -80.70
CA ARG J 397 17.20 -5.87 -80.70
C ARG J 397 16.69 -4.84 -79.71
N VAL J 398 17.17 -4.93 -78.47
CA VAL J 398 16.76 -4.03 -77.38
C VAL J 398 17.04 -2.56 -77.72
N LEU J 399 18.30 -2.27 -78.07
CA LEU J 399 18.71 -0.90 -78.33
C LEU J 399 18.11 -0.34 -79.62
N ARG J 400 18.03 -1.15 -80.67
CA ARG J 400 17.33 -0.76 -81.90
C ARG J 400 15.86 -0.51 -81.65
N ASN J 401 15.24 -1.29 -80.77
CA ASN J 401 13.82 -1.09 -80.46
C ASN J 401 13.58 0.19 -79.65
N ALA J 402 14.54 0.54 -78.80
CA ALA J 402 14.50 1.72 -77.95
C ALA J 402 14.66 2.94 -78.83
N PHE J 403 15.67 2.91 -79.70
CA PHE J 403 15.84 4.01 -80.63
C PHE J 403 14.59 4.21 -81.49
N GLU J 404 14.02 3.14 -82.01
CA GLU J 404 12.80 3.24 -82.82
C GLU J 404 11.68 3.96 -82.06
N ALA J 405 11.45 3.57 -80.80
CA ALA J 405 10.35 4.13 -80.01
C ALA J 405 10.58 5.60 -79.65
N VAL J 406 11.81 5.95 -79.30
CA VAL J 406 12.20 7.33 -79.07
C VAL J 406 12.07 8.18 -80.36
N TRP J 407 12.54 7.61 -81.48
CA TRP J 407 12.42 8.29 -82.77
C TRP J 407 10.96 8.62 -83.11
N GLN J 408 10.04 7.69 -82.88
CA GLN J 408 8.64 7.89 -83.29
C GLN J 408 7.96 9.03 -82.55
N VAL J 409 8.14 9.06 -81.23
CA VAL J 409 7.62 10.13 -80.40
C VAL J 409 8.20 11.49 -80.79
N ALA J 410 9.50 11.53 -81.07
CA ALA J 410 10.16 12.74 -81.61
C ALA J 410 9.44 13.29 -82.83
N GLN J 411 9.04 12.39 -83.74
CA GLN J 411 8.30 12.77 -84.94
C GLN J 411 6.85 13.16 -84.63
N GLU J 412 6.17 12.40 -83.77
CA GLU J 412 4.76 12.64 -83.46
C GLU J 412 4.53 13.95 -82.69
N LYS J 413 5.52 14.36 -81.90
CA LYS J 413 5.39 15.51 -81.01
C LYS J 413 6.25 16.71 -81.42
N LYS J 414 6.99 16.56 -82.53
CA LYS J 414 7.89 17.61 -83.04
C LYS J 414 8.91 18.08 -81.99
N ILE J 415 9.61 17.14 -81.38
CA ILE J 415 10.57 17.47 -80.34
C ILE J 415 11.89 16.76 -80.57
N PRO J 416 12.98 17.26 -79.97
CA PRO J 416 14.26 16.56 -80.14
C PRO J 416 14.27 15.16 -79.52
N LEU J 417 15.15 14.30 -80.03
CA LEU J 417 15.34 12.94 -79.51
C LEU J 417 15.57 12.87 -78.00
N ARG J 418 16.41 13.76 -77.47
CA ARG J 418 16.67 13.75 -76.04
C ARG J 418 15.40 13.97 -75.23
N THR J 419 14.60 14.96 -75.62
CA THR J 419 13.29 15.18 -75.03
C THR J 419 12.33 14.00 -75.28
N ALA J 420 12.41 13.40 -76.46
CA ALA J 420 11.56 12.23 -76.76
C ALA J 420 11.85 11.02 -75.85
N ALA J 421 13.11 10.82 -75.48
CA ALA J 421 13.52 9.73 -74.62
C ALA J 421 12.90 9.84 -73.21
N TYR J 422 12.99 11.04 -72.61
CA TYR J 422 12.33 11.32 -71.34
C TYR J 422 10.82 11.24 -71.46
N VAL J 423 10.24 11.76 -72.54
CA VAL J 423 8.79 11.58 -72.71
C VAL J 423 8.41 10.10 -72.73
N VAL J 424 9.14 9.31 -73.54
CA VAL J 424 8.88 7.87 -73.62
C VAL J 424 9.06 7.19 -72.25
N ALA J 425 10.14 7.51 -71.54
CA ALA J 425 10.41 6.91 -70.25
C ALA J 425 9.27 7.17 -69.27
N ALA J 426 8.89 8.44 -69.11
CA ALA J 426 7.79 8.88 -68.26
C ALA J 426 6.45 8.32 -68.71
N THR J 427 6.22 8.27 -70.02
CA THR J 427 4.94 7.74 -70.47
C THR J 427 4.77 6.26 -70.07
N ARG J 428 5.84 5.47 -70.19
CA ARG J 428 5.75 4.02 -69.95
C ARG J 428 5.54 3.69 -68.47
N VAL J 429 6.32 4.38 -67.62
CA VAL J 429 6.18 4.31 -66.19
C VAL J 429 4.79 4.73 -65.79
N LEU J 430 4.33 5.88 -66.25
CA LEU J 430 3.00 6.36 -65.89
C LEU J 430 1.86 5.52 -66.47
N GLU J 431 2.05 4.93 -67.65
CA GLU J 431 1.03 4.03 -68.21
C GLU J 431 0.86 2.76 -67.36
N ALA J 432 1.97 2.24 -66.85
CA ALA J 432 1.97 1.02 -66.07
C ALA J 432 1.21 1.25 -64.77
N ARG J 433 1.48 2.40 -64.14
CA ARG J 433 0.77 2.86 -62.95
C ARG J 433 -0.73 3.08 -63.19
N ALA J 434 -1.07 3.71 -64.31
CA ALA J 434 -2.48 3.94 -64.65
C ALA J 434 -3.16 2.59 -64.72
N LEU J 435 -2.52 1.64 -65.40
CA LEU J 435 -3.05 0.29 -65.62
C LEU J 435 -3.23 -0.51 -64.32
N ARG J 436 -2.18 -0.57 -63.50
CA ARG J 436 -2.26 -1.22 -62.21
C ARG J 436 -3.36 -0.59 -61.33
N GLY J 437 -3.50 0.74 -61.39
CA GLY J 437 -4.42 1.47 -60.51
C GLY J 437 -3.80 1.76 -59.15
N LEU J 438 -4.45 2.62 -58.36
CA LEU J 438 -3.94 2.87 -57.00
C LEU J 438 -4.50 1.84 -56.01
N TYR J 439 -3.59 1.17 -55.30
CA TYR J 439 -3.93 0.07 -54.37
C TYR J 439 -2.69 -0.37 -53.58
N PRO J 440 -2.81 -0.45 -52.22
CA PRO J 440 -3.99 -0.18 -51.39
C PRO J 440 -4.43 1.30 -51.37
N GLU K 20 44.72 -35.06 -39.32
CA GLU K 20 43.50 -35.86 -39.00
C GLU K 20 42.54 -36.00 -40.21
N PRO K 21 42.31 -37.25 -40.66
CA PRO K 21 41.20 -37.48 -41.58
C PRO K 21 39.87 -37.44 -40.82
N LEU K 22 38.74 -37.52 -41.53
CA LEU K 22 37.41 -37.45 -40.92
C LEU K 22 37.19 -38.59 -39.88
N SER K 23 36.94 -38.20 -38.64
CA SER K 23 36.88 -39.13 -37.53
C SER K 23 35.73 -40.12 -37.62
N TYR K 24 34.63 -39.75 -38.27
CA TYR K 24 33.48 -40.63 -38.40
C TYR K 24 33.62 -41.75 -39.44
N LEU K 25 34.74 -41.74 -40.16
CA LEU K 25 35.06 -42.83 -41.10
C LEU K 25 36.10 -43.76 -40.51
N GLY K 26 36.79 -43.30 -39.47
CA GLY K 26 37.77 -44.08 -38.70
C GLY K 26 38.88 -44.71 -39.50
N LYS K 27 39.52 -45.74 -38.91
CA LYS K 27 40.54 -46.58 -39.57
C LYS K 27 40.08 -47.05 -40.96
N ASP K 28 40.89 -46.74 -41.98
CA ASP K 28 40.54 -46.92 -43.41
C ASP K 28 39.16 -46.40 -43.85
N GLY K 29 39.19 -45.31 -44.64
CA GLY K 29 37.98 -44.65 -45.16
C GLY K 29 37.38 -45.26 -46.43
N GLY K 30 38.10 -46.20 -47.07
CA GLY K 30 37.60 -46.90 -48.25
C GLY K 30 37.45 -46.04 -49.51
N PRO K 31 36.23 -45.96 -50.07
CA PRO K 31 35.91 -45.17 -51.28
C PRO K 31 36.14 -43.66 -51.13
N TRP K 32 35.87 -43.12 -49.95
CA TRP K 32 36.14 -41.71 -49.66
C TRP K 32 37.62 -41.41 -49.59
N GLU K 33 38.41 -42.34 -49.06
CA GLU K 33 39.87 -42.17 -48.99
C GLU K 33 40.50 -42.08 -50.37
N ILE K 34 39.92 -42.77 -51.34
CA ILE K 34 40.37 -42.72 -52.72
C ILE K 34 40.15 -41.30 -53.28
N PHE K 35 38.95 -40.76 -53.08
CA PHE K 35 38.64 -39.38 -53.47
C PHE K 35 39.59 -38.37 -52.83
N THR K 36 39.81 -38.53 -51.53
CA THR K 36 40.75 -37.71 -50.77
C THR K 36 42.13 -37.68 -51.42
N GLU K 37 42.64 -38.87 -51.75
CA GLU K 37 43.97 -39.03 -52.33
C GLU K 37 44.06 -38.48 -53.76
N GLN K 38 42.96 -38.57 -54.50
CA GLN K 38 42.86 -37.99 -55.84
C GLN K 38 42.91 -36.46 -55.82
N VAL K 39 42.38 -35.86 -54.75
CA VAL K 39 42.46 -34.41 -54.53
C VAL K 39 43.90 -34.00 -54.24
N ASP K 40 44.56 -34.74 -53.33
CA ASP K 40 45.98 -34.49 -52.99
C ASP K 40 46.89 -34.38 -54.21
N ARG K 41 46.61 -35.21 -55.23
CA ARG K 41 47.45 -35.30 -56.44
C ARG K 41 47.26 -34.15 -57.42
N VAL K 42 46.13 -33.45 -57.30
CA VAL K 42 45.79 -32.32 -58.15
C VAL K 42 46.38 -31.03 -57.57
N VAL K 43 46.67 -31.06 -56.27
CA VAL K 43 47.16 -29.88 -55.52
C VAL K 43 48.45 -29.24 -56.10
N PRO K 44 49.38 -30.03 -56.67
CA PRO K 44 50.55 -29.43 -57.32
C PRO K 44 50.26 -28.62 -58.60
N TYR K 45 49.03 -28.68 -59.11
CA TYR K 45 48.66 -27.96 -60.34
C TYR K 45 47.71 -26.77 -60.08
N LEU K 46 47.36 -26.56 -58.82
CA LEU K 46 46.33 -25.59 -58.44
C LEU K 46 46.81 -24.13 -58.24
N GLY K 47 48.12 -23.92 -58.19
CA GLY K 47 48.70 -22.58 -58.14
C GLY K 47 48.27 -21.80 -56.91
N ARG K 48 47.79 -20.59 -57.11
CA ARG K 48 47.36 -19.73 -55.98
C ARG K 48 46.12 -20.29 -55.25
N LEU K 49 45.42 -21.22 -55.90
CA LEU K 49 44.25 -21.85 -55.30
C LEU K 49 44.64 -23.00 -54.37
N ALA K 50 45.92 -23.36 -54.36
CA ALA K 50 46.44 -24.51 -53.58
C ALA K 50 45.96 -24.62 -52.11
N PRO K 51 46.04 -23.53 -51.33
CA PRO K 51 45.59 -23.67 -49.94
C PRO K 51 44.06 -23.90 -49.77
N LEU K 52 43.27 -23.57 -50.78
CA LEU K 52 41.83 -23.77 -50.72
C LEU K 52 41.41 -25.22 -50.93
N ALA K 53 42.38 -26.05 -51.31
CA ALA K 53 42.13 -27.44 -51.64
C ALA K 53 41.64 -28.29 -50.48
N GLU K 54 41.99 -27.90 -49.24
CA GLU K 54 41.46 -28.60 -48.05
C GLU K 54 39.93 -28.58 -47.97
N SER K 55 39.29 -27.49 -48.36
CA SER K 55 37.82 -27.46 -48.40
C SER K 55 37.26 -28.66 -49.18
N LEU K 56 37.99 -29.13 -50.19
CA LEU K 56 37.52 -30.26 -51.02
C LEU K 56 37.47 -31.59 -50.27
N LYS K 57 38.30 -31.71 -49.23
CA LYS K 57 38.45 -32.94 -48.46
C LYS K 57 37.41 -33.12 -47.31
N ARG K 58 36.29 -32.40 -47.39
CA ARG K 58 35.12 -32.73 -46.60
C ARG K 58 33.80 -32.25 -47.23
N PRO K 59 32.73 -33.03 -47.03
CA PRO K 59 31.44 -32.59 -47.56
C PRO K 59 30.96 -31.35 -46.82
N LYS K 60 30.20 -30.52 -47.51
CA LYS K 60 29.51 -29.43 -46.82
C LYS K 60 28.60 -30.03 -45.77
N ARG K 61 27.95 -31.13 -46.12
CA ARG K 61 26.77 -31.57 -45.40
C ARG K 61 26.49 -33.03 -45.65
N VAL K 62 26.27 -33.79 -44.57
CA VAL K 62 25.82 -35.20 -44.66
C VAL K 62 24.54 -35.38 -43.87
N LEU K 63 23.46 -35.72 -44.56
CA LEU K 63 22.20 -36.08 -43.90
C LEU K 63 21.98 -37.59 -44.00
N ILE K 64 21.82 -38.22 -42.83
CA ILE K 64 21.53 -39.65 -42.72
C ILE K 64 20.13 -39.74 -42.15
N VAL K 65 19.22 -40.34 -42.90
CA VAL K 65 17.84 -40.44 -42.47
C VAL K 65 17.47 -41.90 -42.16
N ASP K 66 16.62 -42.11 -41.16
CA ASP K 66 15.97 -43.37 -40.98
C ASP K 66 14.77 -43.35 -41.91
N VAL K 67 14.56 -44.40 -42.72
CA VAL K 67 13.40 -44.42 -43.61
C VAL K 67 12.48 -45.63 -43.35
N PRO K 68 11.49 -45.44 -42.46
CA PRO K 68 10.62 -46.53 -42.06
C PRO K 68 9.60 -46.77 -43.16
N VAL K 69 9.38 -48.04 -43.51
CA VAL K 69 8.42 -48.44 -44.54
C VAL K 69 7.55 -49.55 -44.01
N ARG K 70 6.24 -49.44 -44.23
CA ARG K 70 5.33 -50.53 -43.94
C ARG K 70 5.31 -51.50 -45.11
N LEU K 71 5.77 -52.73 -44.87
CA LEU K 71 5.77 -53.79 -45.89
C LEU K 71 4.38 -54.27 -46.23
N ASP K 72 4.28 -55.07 -47.28
CA ASP K 72 2.99 -55.61 -47.72
C ASP K 72 2.36 -56.53 -46.66
N ASP K 73 3.22 -57.18 -45.85
CA ASP K 73 2.77 -58.06 -44.78
C ASP K 73 2.37 -57.33 -43.47
N GLY K 74 2.31 -56.01 -43.53
CA GLY K 74 1.89 -55.19 -42.39
C GLY K 74 3.02 -54.82 -41.43
N SER K 75 4.17 -55.45 -41.62
CA SER K 75 5.35 -55.21 -40.79
C SER K 75 5.98 -53.85 -41.10
N VAL K 76 6.79 -53.34 -40.18
CA VAL K 76 7.53 -52.10 -40.41
C VAL K 76 9.03 -52.39 -40.45
N ALA K 77 9.68 -51.93 -41.52
CA ALA K 77 11.11 -52.11 -41.74
C ALA K 77 11.80 -50.76 -41.89
N TYR K 78 13.04 -50.69 -41.41
CA TYR K 78 13.74 -49.43 -41.24
C TYR K 78 15.05 -49.40 -42.02
N PHE K 79 15.10 -48.56 -43.04
CA PHE K 79 16.26 -48.51 -43.92
C PHE K 79 17.09 -47.25 -43.70
N GLU K 80 18.39 -47.37 -43.86
CA GLU K 80 19.27 -46.24 -43.77
C GLU K 80 19.23 -45.51 -45.09
N GLY K 81 19.02 -44.19 -44.99
CA GLY K 81 18.94 -43.32 -46.16
C GLY K 81 19.97 -42.23 -46.02
N TYR K 82 20.46 -41.73 -47.16
CA TYR K 82 21.56 -40.77 -47.18
C TYR K 82 21.33 -39.69 -48.21
N ARG K 83 21.72 -38.47 -47.86
CA ARG K 83 21.88 -37.41 -48.83
C ARG K 83 23.11 -36.60 -48.45
N VAL K 84 24.11 -36.57 -49.34
CA VAL K 84 25.34 -35.83 -49.12
C VAL K 84 25.49 -34.67 -50.11
N HIS K 85 25.68 -33.47 -49.58
CA HIS K 85 26.11 -32.34 -50.36
C HIS K 85 27.60 -32.17 -50.13
N HIS K 86 28.41 -32.45 -51.14
CA HIS K 86 29.86 -32.36 -51.01
C HIS K 86 30.38 -30.90 -51.09
N ASN K 87 29.90 -30.19 -52.09
CA ASN K 87 30.36 -28.85 -52.37
C ASN K 87 29.25 -28.15 -53.12
N THR K 88 29.12 -26.86 -52.87
CA THR K 88 27.99 -26.15 -53.39
C THR K 88 28.39 -24.68 -53.71
N ALA K 89 29.71 -24.46 -53.78
CA ALA K 89 30.30 -23.21 -54.24
C ALA K 89 29.82 -22.75 -55.63
N ARG K 90 29.67 -23.70 -56.57
CA ARG K 90 29.32 -23.38 -57.96
C ARG K 90 27.82 -23.40 -58.24
N GLY K 91 27.06 -23.94 -57.30
CA GLY K 91 25.61 -23.95 -57.47
C GLY K 91 24.98 -25.00 -56.60
N PRO K 92 23.68 -25.26 -56.84
CA PRO K 92 23.02 -26.23 -56.00
C PRO K 92 23.55 -27.67 -56.24
N ALA K 93 23.30 -28.54 -55.25
CA ALA K 93 23.74 -29.94 -55.32
C ALA K 93 23.01 -30.75 -56.40
N LYS K 94 23.76 -31.62 -57.08
CA LYS K 94 23.24 -32.37 -58.19
C LYS K 94 23.87 -33.74 -58.18
N GLY K 95 23.02 -34.76 -58.28
CA GLY K 95 23.44 -36.14 -58.14
C GLY K 95 22.28 -37.09 -57.91
N GLY K 96 22.44 -38.30 -58.41
CA GLY K 96 21.39 -39.29 -58.33
C GLY K 96 21.30 -39.97 -56.98
N VAL K 97 20.21 -40.72 -56.81
CA VAL K 97 19.98 -41.57 -55.65
C VAL K 97 20.13 -43.04 -56.10
N ARG K 98 20.91 -43.82 -55.36
CA ARG K 98 20.97 -45.25 -55.62
C ARG K 98 20.31 -46.10 -54.53
N TYR K 99 19.65 -47.17 -54.98
CA TYR K 99 19.10 -48.16 -54.08
C TYR K 99 19.95 -49.41 -54.21
N HIS K 100 20.81 -49.64 -53.23
CA HIS K 100 21.71 -50.77 -53.29
C HIS K 100 22.00 -51.30 -51.90
N PRO K 101 21.99 -52.64 -51.72
CA PRO K 101 22.21 -53.21 -50.40
C PRO K 101 23.62 -52.96 -49.84
N GLU K 102 24.56 -52.50 -50.69
CA GLU K 102 25.92 -52.17 -50.21
C GLU K 102 26.20 -50.65 -50.05
N VAL K 103 25.17 -49.82 -50.28
CA VAL K 103 25.26 -48.36 -50.05
C VAL K 103 25.74 -48.09 -48.64
N THR K 104 26.89 -47.41 -48.53
CA THR K 104 27.42 -47.01 -47.23
C THR K 104 27.57 -45.50 -47.18
N LEU K 105 27.73 -44.97 -45.98
CA LEU K 105 27.99 -43.54 -45.79
C LEU K 105 29.21 -43.10 -46.59
N SER K 106 30.31 -43.84 -46.42
CA SER K 106 31.57 -43.60 -47.10
C SER K 106 31.41 -43.61 -48.63
N GLU K 107 30.55 -44.49 -49.14
CA GLU K 107 30.29 -44.56 -50.58
C GLU K 107 29.54 -43.32 -51.09
N VAL K 108 28.46 -42.93 -50.43
CA VAL K 108 27.69 -41.75 -50.84
C VAL K 108 28.54 -40.46 -50.78
N MET K 109 29.41 -40.35 -49.78
CA MET K 109 30.30 -39.22 -49.67
C MET K 109 31.23 -39.13 -50.88
N ALA K 110 31.88 -40.26 -51.20
CA ALA K 110 32.81 -40.35 -52.31
C ALA K 110 32.08 -40.02 -53.60
N LEU K 111 30.92 -40.63 -53.79
CA LEU K 111 30.08 -40.33 -54.94
C LEU K 111 29.70 -38.85 -55.07
N ALA K 112 29.35 -38.19 -53.96
CA ALA K 112 29.11 -36.76 -54.00
C ALA K 112 30.36 -36.00 -54.43
N GLY K 113 31.51 -36.34 -53.85
CA GLY K 113 32.78 -35.74 -54.23
C GLY K 113 33.06 -35.79 -55.74
N TRP K 114 32.93 -36.99 -56.33
CA TRP K 114 33.07 -37.15 -57.79
C TRP K 114 32.03 -36.35 -58.58
N MET K 115 30.85 -36.16 -57.99
CA MET K 115 29.84 -35.29 -58.62
C MET K 115 30.25 -33.82 -58.64
N THR K 116 30.85 -33.35 -57.55
CA THR K 116 31.43 -32.01 -57.57
C THR K 116 32.49 -31.87 -58.70
N ILE K 117 33.29 -32.92 -58.92
CA ILE K 117 34.34 -32.86 -59.93
C ILE K 117 33.71 -32.91 -61.34
N LYS K 118 32.88 -33.91 -61.57
CA LYS K 118 32.18 -34.03 -62.86
C LYS K 118 31.48 -32.73 -63.22
N ASN K 119 30.52 -32.31 -62.42
CA ASN K 119 29.82 -31.06 -62.67
C ASN K 119 30.74 -29.86 -62.99
N ALA K 120 31.85 -29.75 -62.27
CA ALA K 120 32.80 -28.68 -62.55
C ALA K 120 33.53 -28.87 -63.89
N ALA K 121 34.06 -30.06 -64.15
CA ALA K 121 34.75 -30.33 -65.42
C ALA K 121 33.85 -30.09 -66.64
N VAL K 122 32.59 -30.53 -66.56
CA VAL K 122 31.67 -30.34 -67.67
C VAL K 122 31.19 -28.89 -67.84
N GLY K 123 31.15 -28.14 -66.73
CA GLY K 123 30.74 -26.75 -66.73
C GLY K 123 29.24 -26.63 -66.51
N LEU K 124 28.68 -27.48 -65.65
CA LEU K 124 27.28 -27.36 -65.29
C LEU K 124 27.18 -26.43 -64.08
N PRO K 125 26.08 -25.65 -63.99
CA PRO K 125 26.05 -24.69 -62.89
C PRO K 125 25.66 -25.34 -61.52
N TYR K 126 26.38 -26.40 -61.16
CA TYR K 126 25.99 -27.30 -60.08
C TYR K 126 27.16 -27.64 -59.14
N GLY K 127 26.82 -27.77 -57.86
CA GLY K 127 27.64 -28.45 -56.89
C GLY K 127 27.51 -29.97 -57.00
N GLY K 128 28.24 -30.70 -56.17
CA GLY K 128 28.15 -32.16 -56.13
C GLY K 128 27.29 -32.72 -55.00
N GLY K 129 26.22 -33.42 -55.36
CA GLY K 129 25.46 -34.24 -54.40
C GLY K 129 25.36 -35.73 -54.78
N LYS K 130 24.90 -36.54 -53.81
CA LYS K 130 24.53 -37.94 -53.99
C LYS K 130 23.62 -38.44 -52.87
N GLY K 131 22.88 -39.51 -53.16
CA GLY K 131 21.99 -40.11 -52.21
C GLY K 131 22.01 -41.60 -52.38
N GLY K 132 21.73 -42.30 -51.30
CA GLY K 132 21.62 -43.75 -51.30
C GLY K 132 20.66 -44.27 -50.25
N ILE K 133 20.01 -45.39 -50.56
CA ILE K 133 19.30 -46.19 -49.55
C ILE K 133 19.90 -47.60 -49.52
N ARG K 134 20.22 -48.04 -48.31
CA ARG K 134 20.76 -49.37 -48.11
C ARG K 134 19.60 -50.36 -48.13
N VAL K 135 19.23 -50.77 -49.34
CA VAL K 135 18.11 -51.68 -49.56
C VAL K 135 18.40 -52.54 -50.82
N ASP K 136 17.84 -53.74 -50.85
CA ASP K 136 17.81 -54.53 -52.08
C ASP K 136 16.41 -54.36 -52.66
N PRO K 137 16.30 -53.61 -53.78
CA PRO K 137 15.02 -53.36 -54.46
C PRO K 137 14.40 -54.60 -55.10
N ARG K 138 15.21 -55.65 -55.30
CA ARG K 138 14.71 -56.94 -55.78
C ARG K 138 13.84 -57.64 -54.74
N LYS K 139 14.09 -57.37 -53.46
CA LYS K 139 13.34 -57.97 -52.35
C LYS K 139 12.06 -57.22 -51.99
N LEU K 140 11.79 -56.10 -52.66
CA LEU K 140 10.57 -55.34 -52.40
C LEU K 140 9.66 -55.31 -53.62
N SER K 141 8.35 -55.36 -53.37
CA SER K 141 7.33 -55.18 -54.42
C SER K 141 7.29 -53.72 -54.92
N PRO K 142 6.66 -53.49 -56.09
CA PRO K 142 6.53 -52.11 -56.60
C PRO K 142 5.81 -51.15 -55.64
N GLY K 143 4.86 -51.67 -54.86
CA GLY K 143 4.14 -50.87 -53.86
C GLY K 143 5.03 -50.51 -52.67
N GLU K 144 5.95 -51.40 -52.32
CA GLU K 144 6.91 -51.16 -51.25
C GLU K 144 7.99 -50.18 -51.67
N LEU K 145 8.43 -50.32 -52.92
CA LEU K 145 9.38 -49.40 -53.54
C LEU K 145 8.84 -47.95 -53.57
N GLU K 146 7.58 -47.79 -53.95
CA GLU K 146 6.90 -46.50 -53.92
C GLU K 146 6.95 -45.84 -52.52
N ARG K 147 6.51 -46.58 -51.49
CA ARG K 147 6.47 -46.08 -50.12
C ARG K 147 7.87 -45.77 -49.59
N LEU K 148 8.83 -46.61 -49.94
CA LEU K 148 10.24 -46.32 -49.69
C LEU K 148 10.65 -44.99 -50.34
N THR K 149 10.29 -44.82 -51.61
CA THR K 149 10.70 -43.63 -52.36
C THR K 149 10.08 -42.38 -51.73
N ARG K 150 8.77 -42.42 -51.50
CA ARG K 150 8.01 -41.32 -50.92
C ARG K 150 8.53 -40.89 -49.55
N ARG K 151 8.84 -41.85 -48.70
CA ARG K 151 9.29 -41.54 -47.34
C ARG K 151 10.71 -41.00 -47.37
N TYR K 152 11.56 -41.56 -48.23
CA TYR K 152 12.91 -41.03 -48.39
C TYR K 152 12.88 -39.54 -48.77
N THR K 153 11.93 -39.18 -49.64
CA THR K 153 11.92 -37.87 -50.24
C THR K 153 11.39 -36.87 -49.21
N SER K 154 10.47 -37.33 -48.36
CA SER K 154 10.03 -36.53 -47.22
C SER K 154 11.14 -36.37 -46.20
N GLU K 155 11.88 -37.42 -45.94
CA GLU K 155 12.98 -37.32 -44.96
C GLU K 155 14.03 -36.32 -45.37
N ILE K 156 14.33 -36.25 -46.65
CA ILE K 156 15.34 -35.31 -47.15
C ILE K 156 14.73 -34.03 -47.72
N GLY K 157 13.42 -33.88 -47.58
CA GLY K 157 12.69 -32.66 -47.92
C GLY K 157 13.33 -31.33 -47.52
N ILE K 158 13.76 -31.20 -46.27
CA ILE K 158 14.54 -30.02 -45.80
C ILE K 158 15.71 -29.60 -46.71
N LEU K 159 16.20 -30.55 -47.51
CA LEU K 159 17.28 -30.31 -48.45
C LEU K 159 16.76 -29.97 -49.87
N LEU K 160 15.56 -30.38 -50.21
CA LEU K 160 15.17 -30.36 -51.62
C LEU K 160 14.71 -29.02 -52.15
N GLY K 161 14.79 -28.85 -53.47
CA GLY K 161 14.34 -27.65 -54.15
C GLY K 161 15.17 -27.41 -55.40
N PRO K 162 14.54 -26.92 -56.49
CA PRO K 162 15.27 -26.62 -57.71
C PRO K 162 16.48 -25.69 -57.53
N ASP K 163 16.47 -24.86 -56.48
CA ASP K 163 17.63 -24.01 -56.19
C ASP K 163 18.56 -24.45 -55.01
N ARG K 164 18.45 -25.70 -54.57
CA ARG K 164 19.18 -26.19 -53.39
C ARG K 164 19.80 -27.57 -53.65
N ASP K 165 18.99 -28.48 -54.17
CA ASP K 165 19.40 -29.88 -54.37
C ASP K 165 18.42 -30.54 -55.29
N ILE K 166 18.94 -31.11 -56.38
CA ILE K 166 18.13 -31.75 -57.42
C ILE K 166 18.63 -33.18 -57.68
N PRO K 167 17.98 -34.19 -57.05
CA PRO K 167 18.31 -35.58 -57.34
C PRO K 167 17.99 -36.00 -58.76
N ALA K 168 18.43 -37.22 -59.09
CA ALA K 168 18.27 -37.80 -60.40
C ALA K 168 18.33 -39.31 -60.18
N PRO K 169 18.25 -40.13 -61.26
CA PRO K 169 18.39 -41.58 -61.07
C PRO K 169 19.83 -42.00 -60.83
N ASP K 170 20.04 -43.21 -60.34
CA ASP K 170 21.37 -43.85 -60.27
C ASP K 170 21.11 -45.36 -60.26
N VAL K 171 22.03 -46.16 -59.72
CA VAL K 171 21.86 -47.63 -59.67
C VAL K 171 20.50 -48.05 -59.05
N ASN K 172 19.71 -48.81 -59.82
CA ASN K 172 18.39 -49.32 -59.40
C ASN K 172 17.29 -48.27 -59.20
N THR K 173 17.49 -47.06 -59.70
CA THR K 173 16.41 -46.07 -59.82
C THR K 173 16.35 -45.52 -61.25
N GLY K 174 15.17 -45.05 -61.64
CA GLY K 174 14.89 -44.60 -62.99
C GLY K 174 13.68 -43.68 -63.00
N GLU K 175 13.03 -43.57 -64.16
CA GLU K 175 11.90 -42.65 -64.36
C GLU K 175 10.78 -42.84 -63.35
N ARG K 176 10.52 -44.09 -63.00
CA ARG K 176 9.42 -44.45 -62.11
C ARG K 176 9.56 -43.81 -60.72
N GLU K 177 10.75 -43.85 -60.13
CA GLU K 177 10.98 -43.25 -58.81
C GLU K 177 11.13 -41.71 -58.78
N MET K 178 11.80 -41.12 -59.78
CA MET K 178 11.82 -39.69 -59.97
C MET K 178 10.41 -39.11 -60.02
N ALA K 179 9.50 -39.79 -60.72
CA ALA K 179 8.10 -39.37 -60.72
C ALA K 179 7.52 -39.41 -59.29
N TRP K 180 7.82 -40.47 -58.55
CA TRP K 180 7.31 -40.56 -57.17
C TRP K 180 7.88 -39.45 -56.30
N MET K 181 9.17 -39.13 -56.51
CA MET K 181 9.86 -38.08 -55.75
C MET K 181 9.29 -36.71 -56.06
N MET K 182 9.10 -36.43 -57.35
CA MET K 182 8.46 -35.20 -57.79
C MET K 182 7.07 -35.05 -57.18
N ASP K 183 6.28 -36.11 -57.23
CA ASP K 183 4.94 -36.08 -56.64
C ASP K 183 4.96 -35.89 -55.13
N THR K 184 5.88 -36.58 -54.46
CA THR K 184 5.94 -36.47 -53.01
C THR K 184 6.19 -35.04 -52.57
N TYR K 185 7.24 -34.46 -53.14
CA TYR K 185 7.66 -33.08 -52.88
C TYR K 185 6.57 -32.07 -53.25
N SER K 186 5.97 -32.24 -54.43
CA SER K 186 4.94 -31.31 -54.90
C SER K 186 3.67 -31.31 -54.08
N MET K 187 3.27 -32.50 -53.64
CA MET K 187 2.12 -32.63 -52.76
C MET K 187 2.41 -32.00 -51.39
N ASN K 188 3.62 -32.22 -50.90
CA ASN K 188 4.02 -31.76 -49.57
C ASN K 188 4.10 -30.24 -49.42
N VAL K 189 4.15 -29.56 -50.56
CA VAL K 189 4.55 -28.18 -50.66
C VAL K 189 3.42 -27.37 -51.30
N GLY K 190 2.48 -28.06 -51.93
CA GLY K 190 1.29 -27.39 -52.48
C GLY K 190 1.55 -26.65 -53.78
N ARG K 191 2.67 -26.98 -54.44
CA ARG K 191 3.03 -26.37 -55.74
C ARG K 191 3.48 -27.47 -56.71
N THR K 192 3.24 -27.25 -58.00
CA THR K 192 3.85 -28.03 -59.07
C THR K 192 5.32 -27.64 -59.18
N VAL K 193 6.23 -28.57 -58.89
CA VAL K 193 7.66 -28.28 -58.96
C VAL K 193 8.38 -29.36 -59.79
N PRO K 194 8.35 -29.25 -61.15
CA PRO K 194 8.96 -30.35 -61.90
C PRO K 194 10.49 -30.42 -61.75
N GLY K 195 11.12 -29.27 -61.53
CA GLY K 195 12.57 -29.16 -61.46
C GLY K 195 13.22 -29.61 -60.19
N VAL K 196 12.41 -30.16 -59.27
CA VAL K 196 12.91 -30.73 -58.02
C VAL K 196 13.73 -32.02 -58.24
N VAL K 197 13.47 -32.73 -59.34
CA VAL K 197 14.29 -33.88 -59.73
C VAL K 197 14.44 -33.93 -61.24
N THR K 198 15.51 -34.56 -61.69
CA THR K 198 15.65 -34.84 -63.12
C THR K 198 15.56 -36.34 -63.37
N GLY K 199 15.43 -36.72 -64.63
CA GLY K 199 15.20 -38.10 -65.02
C GLY K 199 13.72 -38.46 -65.11
N LYS K 200 12.86 -37.45 -65.21
CA LYS K 200 11.41 -37.68 -65.12
C LYS K 200 10.81 -38.18 -66.42
N PRO K 201 9.70 -38.91 -66.34
CA PRO K 201 8.93 -39.14 -67.56
C PRO K 201 8.63 -37.82 -68.27
N ILE K 202 8.69 -37.85 -69.59
CA ILE K 202 8.35 -36.71 -70.43
C ILE K 202 7.00 -36.07 -70.04
N ALA K 203 6.02 -36.91 -69.74
CA ALA K 203 4.67 -36.44 -69.36
C ALA K 203 4.69 -35.61 -68.07
N LEU K 204 5.83 -35.61 -67.39
CA LEU K 204 5.93 -34.90 -66.12
C LEU K 204 6.98 -33.78 -66.11
N GLY K 205 7.41 -33.36 -67.30
CA GLY K 205 8.38 -32.27 -67.41
C GLY K 205 9.80 -32.77 -67.60
N GLY K 206 9.92 -34.04 -67.99
CA GLY K 206 11.18 -34.60 -68.44
C GLY K 206 11.56 -34.03 -69.80
N SER K 207 12.80 -34.29 -70.22
CA SER K 207 13.35 -33.72 -71.44
C SER K 207 13.41 -34.74 -72.59
N LEU K 208 13.28 -34.25 -73.82
CA LEU K 208 13.64 -35.00 -75.00
C LEU K 208 15.15 -35.28 -75.01
N GLY K 209 15.53 -36.33 -75.73
CA GLY K 209 16.93 -36.65 -76.00
C GLY K 209 17.72 -37.27 -74.86
N ARG K 210 17.05 -37.61 -73.77
CA ARG K 210 17.74 -38.21 -72.63
C ARG K 210 18.19 -39.66 -72.89
N ARG K 211 17.35 -40.44 -73.59
CA ARG K 211 17.68 -41.82 -73.98
C ARG K 211 19.07 -41.96 -74.57
N ASP K 212 19.36 -41.18 -75.60
CA ASP K 212 20.56 -41.35 -76.42
C ASP K 212 21.71 -40.45 -76.03
N ALA K 213 21.50 -39.65 -74.98
CA ALA K 213 22.42 -38.57 -74.63
C ALA K 213 23.85 -39.01 -74.32
N THR K 214 24.02 -39.96 -73.42
CA THR K 214 25.36 -40.43 -73.06
C THR K 214 26.04 -41.06 -74.27
N GLY K 215 25.25 -41.70 -75.12
CA GLY K 215 25.77 -42.35 -76.33
C GLY K 215 26.33 -41.38 -77.35
N ARG K 216 25.50 -40.39 -77.71
CA ARG K 216 25.89 -39.31 -78.64
C ARG K 216 27.06 -38.55 -78.05
N GLY K 217 26.99 -38.29 -76.75
CA GLY K 217 28.10 -37.69 -76.04
C GLY K 217 29.44 -38.43 -76.07
N VAL K 218 29.41 -39.76 -76.03
CA VAL K 218 30.63 -40.55 -76.22
C VAL K 218 31.19 -40.30 -77.64
N PHE K 219 30.32 -40.28 -78.62
CA PHE K 219 30.74 -39.94 -79.98
C PHE K 219 31.28 -38.53 -80.11
N ILE K 220 30.53 -37.54 -79.62
CA ILE K 220 30.92 -36.13 -79.67
C ILE K 220 32.33 -35.88 -79.12
N THR K 221 32.60 -36.35 -77.91
CA THR K 221 33.91 -36.22 -77.28
C THR K 221 35.01 -37.00 -78.00
N ALA K 222 34.66 -38.15 -78.57
CA ALA K 222 35.60 -39.00 -79.29
C ALA K 222 35.92 -38.36 -80.63
N ALA K 223 34.88 -37.89 -81.31
CA ALA K 223 35.04 -37.10 -82.55
C ALA K 223 35.99 -35.95 -82.33
N ALA K 224 35.83 -35.20 -81.24
CA ALA K 224 36.74 -34.10 -80.94
C ALA K 224 38.17 -34.56 -80.58
N ALA K 225 38.28 -35.74 -79.99
CA ALA K 225 39.59 -36.37 -79.77
C ALA K 225 40.25 -36.73 -81.11
N ALA K 226 39.41 -37.14 -82.07
CA ALA K 226 39.87 -37.61 -83.38
C ALA K 226 40.39 -36.45 -84.22
N GLU K 227 39.65 -35.34 -84.25
CA GLU K 227 40.09 -34.14 -84.94
C GLU K 227 41.44 -33.67 -84.42
N LYS K 228 41.65 -33.79 -83.10
CA LYS K 228 42.89 -33.35 -82.47
C LYS K 228 44.12 -34.16 -82.87
N ILE K 229 43.92 -35.38 -83.40
CA ILE K 229 45.05 -36.20 -83.88
C ILE K 229 44.97 -36.69 -85.34
N GLY K 230 43.97 -36.21 -86.08
CA GLY K 230 43.87 -36.48 -87.52
C GLY K 230 43.24 -37.81 -87.90
N LEU K 231 42.57 -38.43 -86.93
CA LEU K 231 41.89 -39.70 -87.16
C LEU K 231 40.54 -39.47 -87.85
N GLN K 232 40.37 -40.06 -89.03
CA GLN K 232 39.13 -39.89 -89.78
C GLN K 232 37.98 -40.71 -89.17
N VAL K 233 36.81 -40.11 -89.10
CA VAL K 233 35.62 -40.80 -88.59
C VAL K 233 34.99 -41.68 -89.68
N GLU K 234 35.19 -41.30 -90.95
CA GLU K 234 34.81 -42.13 -92.10
C GLU K 234 35.60 -43.44 -92.11
N GLY K 235 36.93 -43.34 -92.04
CA GLY K 235 37.80 -44.52 -91.99
C GLY K 235 38.00 -45.04 -90.57
N ALA K 236 36.91 -45.45 -89.93
CA ALA K 236 36.98 -45.84 -88.53
C ALA K 236 36.21 -47.10 -88.23
N ARG K 237 36.90 -48.07 -87.64
CA ARG K 237 36.28 -49.27 -87.06
C ARG K 237 36.06 -49.04 -85.58
N VAL K 238 34.89 -49.48 -85.11
CA VAL K 238 34.47 -49.25 -83.73
C VAL K 238 34.06 -50.55 -83.03
N ALA K 239 34.73 -50.83 -81.90
CA ALA K 239 34.35 -51.89 -80.96
C ALA K 239 33.75 -51.31 -79.67
N ILE K 240 32.52 -51.71 -79.37
CA ILE K 240 31.77 -51.23 -78.22
C ILE K 240 31.49 -52.38 -77.24
N GLN K 241 31.54 -52.09 -75.94
CA GLN K 241 31.06 -53.02 -74.94
C GLN K 241 29.77 -52.50 -74.33
N GLY K 242 28.74 -53.33 -74.33
CA GLY K 242 27.43 -52.93 -73.86
C GLY K 242 26.60 -52.45 -75.02
N PHE K 243 25.33 -52.86 -75.05
CA PHE K 243 24.42 -52.51 -76.12
C PHE K 243 23.10 -52.10 -75.48
N GLY K 244 23.21 -51.62 -74.24
CA GLY K 244 22.12 -50.93 -73.58
C GLY K 244 22.10 -49.49 -74.06
N ASN K 245 21.28 -48.67 -73.41
CA ASN K 245 21.11 -47.27 -73.80
C ASN K 245 22.36 -46.60 -74.34
N VAL K 246 23.45 -46.70 -73.58
CA VAL K 246 24.71 -46.04 -73.92
C VAL K 246 25.32 -46.66 -75.16
N GLY K 247 25.56 -47.98 -75.12
CA GLY K 247 26.17 -48.69 -76.23
C GLY K 247 25.43 -48.60 -77.55
N ASN K 248 24.12 -48.86 -77.52
CA ASN K 248 23.29 -48.84 -78.73
C ASN K 248 23.13 -47.43 -79.32
N ALA K 249 23.18 -46.40 -78.46
CA ALA K 249 23.13 -45.00 -78.89
C ALA K 249 24.46 -44.50 -79.45
N ALA K 250 25.57 -44.89 -78.82
CA ALA K 250 26.92 -44.61 -79.34
C ALA K 250 27.15 -45.38 -80.64
N ALA K 251 26.55 -46.57 -80.75
CA ALA K 251 26.68 -47.38 -81.96
C ALA K 251 25.99 -46.73 -83.14
N ARG K 252 24.68 -46.46 -82.97
CA ARG K 252 23.84 -45.78 -83.96
C ARG K 252 24.43 -44.45 -84.40
N ALA K 253 24.97 -43.69 -83.45
CA ALA K 253 25.60 -42.40 -83.73
C ALA K 253 26.94 -42.56 -84.45
N PHE K 254 27.69 -43.61 -84.14
CA PHE K 254 28.97 -43.85 -84.80
C PHE K 254 28.83 -44.19 -86.27
N HIS K 255 27.78 -44.95 -86.59
CA HIS K 255 27.52 -45.38 -87.96
C HIS K 255 26.74 -44.34 -88.77
N ASP K 256 25.94 -43.52 -88.08
CA ASP K 256 25.26 -42.41 -88.72
C ASP K 256 26.28 -41.44 -89.29
N HIS K 257 27.40 -41.31 -88.60
CA HIS K 257 28.49 -40.45 -89.04
C HIS K 257 29.52 -41.21 -89.86
N GLY K 258 29.16 -42.43 -90.28
CA GLY K 258 29.94 -43.17 -91.25
C GLY K 258 31.13 -43.98 -90.76
N ALA K 259 31.16 -44.30 -89.47
CA ALA K 259 32.14 -45.25 -88.97
C ALA K 259 31.56 -46.68 -89.09
N ARG K 260 32.42 -47.69 -89.05
CA ARG K 260 31.90 -49.07 -88.98
C ARG K 260 31.95 -49.66 -87.57
N VAL K 261 30.77 -50.01 -87.06
CA VAL K 261 30.64 -50.81 -85.84
C VAL K 261 30.99 -52.27 -86.19
N VAL K 262 32.18 -52.71 -85.80
CA VAL K 262 32.66 -54.06 -86.09
C VAL K 262 32.35 -55.08 -84.97
N ALA K 263 32.43 -54.65 -83.72
CA ALA K 263 32.18 -55.55 -82.58
C ALA K 263 31.25 -54.96 -81.52
N VAL K 264 30.35 -55.78 -81.01
CA VAL K 264 29.49 -55.44 -79.88
C VAL K 264 29.51 -56.60 -78.87
N GLN K 265 30.11 -56.35 -77.71
CA GLN K 265 30.12 -57.33 -76.62
C GLN K 265 29.11 -56.91 -75.58
N ASP K 266 28.28 -57.83 -75.13
CA ASP K 266 27.45 -57.60 -73.95
C ASP K 266 27.45 -58.83 -73.07
N HIS K 267 26.44 -58.97 -72.21
CA HIS K 267 26.35 -60.09 -71.26
C HIS K 267 26.17 -61.46 -71.93
N THR K 268 25.71 -61.47 -73.18
CA THR K 268 25.62 -62.69 -73.99
C THR K 268 26.70 -62.66 -75.06
N GLY K 269 27.93 -62.85 -74.63
CA GLY K 269 29.08 -62.95 -75.53
C GLY K 269 29.33 -61.79 -76.47
N THR K 270 30.16 -62.05 -77.47
CA THR K 270 30.63 -61.04 -78.40
C THR K 270 30.29 -61.44 -79.84
N VAL K 271 29.62 -60.56 -80.57
CA VAL K 271 29.42 -60.73 -82.01
C VAL K 271 30.47 -59.93 -82.79
N TYR K 272 30.80 -60.40 -83.98
CA TYR K 272 31.83 -59.75 -84.81
C TYR K 272 31.58 -59.94 -86.31
N ASN K 273 31.71 -58.85 -87.06
CA ASN K 273 31.63 -58.85 -88.51
C ASN K 273 32.54 -57.74 -89.09
N GLU K 274 33.56 -58.13 -89.84
CA GLU K 274 34.53 -57.18 -90.41
C GLU K 274 33.94 -56.20 -91.46
N ALA K 275 32.84 -56.62 -92.09
CA ALA K 275 32.08 -55.74 -93.00
C ALA K 275 31.19 -54.73 -92.25
N GLY K 276 31.17 -54.83 -90.91
CA GLY K 276 30.39 -53.93 -90.05
C GLY K 276 29.03 -54.46 -89.63
N ILE K 277 28.44 -53.82 -88.63
CA ILE K 277 27.13 -54.24 -88.12
C ILE K 277 26.16 -53.05 -88.13
N ASP K 278 25.04 -53.24 -88.81
CA ASP K 278 23.96 -52.27 -88.84
C ASP K 278 23.25 -52.31 -87.48
N PRO K 279 23.51 -51.30 -86.63
CA PRO K 279 23.06 -51.29 -85.23
C PRO K 279 21.54 -51.13 -85.09
N TYR K 280 20.90 -50.59 -86.12
CA TYR K 280 19.43 -50.50 -86.19
C TYR K 280 18.82 -51.89 -86.30
N ASP K 281 19.46 -52.75 -87.09
CA ASP K 281 19.01 -54.13 -87.29
C ASP K 281 19.33 -55.01 -86.08
N LEU K 282 20.47 -54.71 -85.44
CA LEU K 282 20.87 -55.38 -84.21
C LEU K 282 19.87 -55.13 -83.07
N LEU K 283 19.32 -53.91 -83.01
CA LEU K 283 18.23 -53.56 -82.08
C LEU K 283 16.96 -54.42 -82.24
N ARG K 284 16.52 -54.61 -83.49
CA ARG K 284 15.40 -55.49 -83.80
C ARG K 284 15.60 -56.89 -83.17
N HIS K 285 16.83 -57.41 -83.24
CA HIS K 285 17.17 -58.72 -82.69
C HIS K 285 17.15 -58.75 -81.17
N VAL K 286 17.94 -57.87 -80.57
CA VAL K 286 17.98 -57.72 -79.10
C VAL K 286 16.61 -57.38 -78.49
N GLN K 287 15.73 -56.75 -79.27
CA GLN K 287 14.38 -56.40 -78.81
C GLN K 287 13.25 -56.86 -79.78
N GLU K 288 12.79 -58.09 -79.59
CA GLU K 288 13.31 -58.91 -78.51
C GLU K 288 13.57 -60.39 -78.82
N PHE K 289 14.83 -60.75 -78.59
CA PHE K 289 15.25 -62.09 -78.22
C PHE K 289 15.94 -61.88 -76.88
N GLY K 290 16.33 -60.64 -76.64
CA GLY K 290 16.92 -60.19 -75.37
C GLY K 290 18.43 -60.27 -75.27
N GLY K 291 19.09 -60.58 -76.40
CA GLY K 291 20.48 -61.05 -76.36
C GLY K 291 21.56 -60.33 -77.15
N VAL K 292 21.52 -60.46 -78.46
CA VAL K 292 22.68 -60.19 -79.35
C VAL K 292 23.30 -61.52 -79.74
N ARG K 293 23.26 -62.48 -78.82
CA ARG K 293 23.86 -63.82 -79.02
C ARG K 293 23.61 -64.37 -80.43
N GLY K 294 22.33 -64.56 -80.76
CA GLY K 294 21.96 -65.22 -81.99
C GLY K 294 21.82 -64.33 -83.20
N TYR K 295 22.37 -63.12 -83.15
CA TYR K 295 22.23 -62.17 -84.25
C TYR K 295 22.72 -62.79 -85.55
N PRO K 296 21.81 -62.88 -86.57
CA PRO K 296 22.05 -63.61 -87.82
C PRO K 296 23.18 -63.09 -88.73
N LYS K 297 23.29 -61.77 -88.88
CA LYS K 297 24.27 -61.16 -89.82
C LYS K 297 25.65 -60.90 -89.18
N ALA K 298 25.91 -61.60 -88.08
CA ALA K 298 27.19 -61.53 -87.39
C ALA K 298 27.60 -62.92 -86.90
N GLU K 299 28.89 -63.04 -86.54
CA GLU K 299 29.50 -64.28 -86.10
C GLU K 299 29.95 -64.14 -84.63
N PRO K 300 29.85 -65.22 -83.83
CA PRO K 300 30.27 -65.09 -82.42
C PRO K 300 31.81 -65.05 -82.23
N LEU K 301 32.24 -64.52 -81.08
CA LEU K 301 33.67 -64.39 -80.77
C LEU K 301 33.92 -64.52 -79.26
N PRO K 302 35.09 -65.05 -78.87
CA PRO K 302 35.40 -65.15 -77.43
C PRO K 302 35.56 -63.77 -76.80
N ALA K 303 35.24 -63.66 -75.50
CA ALA K 303 35.56 -62.46 -74.71
C ALA K 303 37.07 -62.39 -74.54
N ALA K 304 37.59 -61.35 -73.89
CA ALA K 304 39.04 -61.11 -73.80
C ALA K 304 39.72 -60.90 -75.16
N ASP K 305 39.27 -61.64 -76.18
CA ASP K 305 39.68 -61.39 -77.57
C ASP K 305 39.20 -59.99 -77.98
N PHE K 306 37.95 -59.67 -77.64
CA PHE K 306 37.31 -58.37 -77.91
C PHE K 306 38.21 -57.16 -77.63
N TRP K 307 39.00 -57.25 -76.55
CA TRP K 307 39.85 -56.15 -76.14
C TRP K 307 41.11 -55.97 -76.98
N GLY K 308 41.38 -56.96 -77.84
CA GLY K 308 42.59 -56.97 -78.67
C GLY K 308 42.39 -56.57 -80.12
N LEU K 309 41.13 -56.42 -80.53
CA LEU K 309 40.73 -56.11 -81.92
C LEU K 309 41.53 -54.99 -82.63
N PRO K 310 41.71 -55.10 -83.96
CA PRO K 310 42.26 -53.98 -84.74
C PRO K 310 41.18 -52.91 -84.94
N VAL K 311 41.26 -51.85 -84.15
CA VAL K 311 40.15 -50.90 -83.99
C VAL K 311 40.64 -49.45 -83.94
N GLU K 312 39.77 -48.52 -84.31
CA GLU K 312 40.08 -47.10 -84.21
C GLU K 312 39.60 -46.53 -82.88
N PHE K 313 38.33 -46.77 -82.57
CA PHE K 313 37.74 -46.34 -81.31
C PHE K 313 37.33 -47.54 -80.44
N LEU K 314 37.85 -47.56 -79.21
CA LEU K 314 37.45 -48.54 -78.20
C LEU K 314 36.51 -47.86 -77.20
N VAL K 315 35.26 -48.33 -77.12
CA VAL K 315 34.25 -47.72 -76.27
C VAL K 315 33.76 -48.67 -75.15
N PRO K 316 34.40 -48.63 -73.97
CA PRO K 316 33.85 -49.38 -72.83
C PRO K 316 32.55 -48.76 -72.35
N ALA K 317 31.41 -49.44 -72.52
CA ALA K 317 30.11 -48.83 -72.24
C ALA K 317 28.92 -49.65 -71.66
N ALA K 318 29.01 -50.56 -70.67
CA ALA K 318 30.16 -51.23 -70.04
C ALA K 318 29.88 -51.41 -68.54
N LEU K 319 30.84 -52.04 -67.87
CA LEU K 319 30.87 -52.12 -66.43
C LEU K 319 32.21 -51.49 -66.06
N GLU K 320 32.45 -51.33 -64.77
CA GLU K 320 33.73 -50.80 -64.32
C GLU K 320 34.78 -51.90 -64.41
N LYS K 321 36.05 -51.52 -64.29
CA LYS K 321 37.18 -52.47 -64.26
C LYS K 321 37.21 -53.48 -65.42
N GLN K 322 37.10 -52.98 -66.65
CA GLN K 322 37.13 -53.84 -67.84
C GLN K 322 38.48 -53.75 -68.53
N ILE K 323 39.24 -52.71 -68.20
CA ILE K 323 40.60 -52.60 -68.71
C ILE K 323 41.52 -52.44 -67.50
N THR K 324 42.34 -53.46 -67.22
CA THR K 324 43.17 -53.51 -66.01
C THR K 324 44.64 -53.80 -66.31
N GLU K 325 45.41 -54.13 -65.26
CA GLU K 325 46.86 -54.31 -65.34
C GLU K 325 47.34 -55.49 -66.20
N GLN K 326 46.45 -56.03 -67.03
CA GLN K 326 46.88 -56.97 -68.06
C GLN K 326 46.86 -56.36 -69.47
N ASN K 327 45.66 -55.98 -69.91
CA ASN K 327 45.35 -55.75 -71.34
C ASN K 327 46.21 -54.71 -72.08
N ALA K 328 47.37 -55.16 -72.54
CA ALA K 328 48.26 -54.33 -73.34
C ALA K 328 48.28 -54.82 -74.78
N ARG K 334 43.21 -46.27 -81.41
CA ARG K 334 44.01 -45.09 -81.09
C ARG K 334 43.38 -44.29 -79.94
N ILE K 335 42.06 -44.37 -79.83
CA ILE K 335 41.30 -43.64 -78.81
C ILE K 335 40.36 -44.54 -78.00
N VAL K 336 40.45 -44.42 -76.68
CA VAL K 336 39.47 -45.02 -75.78
C VAL K 336 38.53 -43.91 -75.30
N ALA K 337 37.25 -44.05 -75.61
CA ALA K 337 36.21 -43.12 -75.19
C ALA K 337 35.33 -43.79 -74.14
N GLU K 338 35.57 -43.50 -72.86
CA GLU K 338 34.86 -44.18 -71.77
C GLU K 338 33.40 -43.77 -71.62
N GLY K 339 32.50 -44.65 -72.05
CA GLY K 339 31.07 -44.46 -71.91
C GLY K 339 30.55 -45.03 -70.60
N ALA K 340 31.45 -45.58 -69.80
CA ALA K 340 31.12 -46.17 -68.53
C ALA K 340 31.88 -45.49 -67.41
N ASN K 341 31.38 -45.64 -66.19
CA ASN K 341 32.05 -45.10 -65.01
C ASN K 341 33.22 -45.97 -64.58
N GLY K 342 34.42 -45.40 -64.59
CA GLY K 342 35.65 -46.06 -64.17
C GLY K 342 35.93 -47.40 -64.83
N PRO K 343 35.96 -47.44 -66.18
CA PRO K 343 36.20 -48.71 -66.86
C PRO K 343 37.69 -49.05 -66.94
N THR K 344 38.56 -48.10 -66.63
CA THR K 344 40.00 -48.32 -66.68
C THR K 344 40.73 -47.90 -65.40
N THR K 345 41.39 -48.87 -64.80
CA THR K 345 42.05 -48.74 -63.51
C THR K 345 43.26 -47.83 -63.58
N PRO K 346 43.66 -47.21 -62.44
CA PRO K 346 44.88 -46.42 -62.44
C PRO K 346 46.06 -47.20 -63.03
N ALA K 347 46.12 -48.50 -62.74
CA ALA K 347 47.13 -49.40 -63.30
C ALA K 347 47.15 -49.39 -64.83
N ALA K 348 45.97 -49.46 -65.44
CA ALA K 348 45.84 -49.42 -66.90
C ALA K 348 46.13 -48.05 -67.52
N ASP K 349 45.85 -46.97 -66.78
CA ASP K 349 46.17 -45.60 -67.22
C ASP K 349 47.64 -45.42 -67.57
N ASP K 350 48.52 -45.75 -66.62
CA ASP K 350 49.97 -45.64 -66.76
C ASP K 350 50.49 -46.45 -67.95
N ILE K 351 49.91 -47.63 -68.13
CA ILE K 351 50.26 -48.55 -69.21
C ILE K 351 49.76 -48.04 -70.56
N LEU K 352 48.51 -47.60 -70.63
CA LEU K 352 47.93 -47.06 -71.86
C LEU K 352 48.68 -45.79 -72.32
N LEU K 353 49.09 -44.97 -71.36
CA LEU K 353 49.93 -43.81 -71.64
C LEU K 353 51.21 -44.28 -72.34
N GLU K 354 51.89 -45.25 -71.73
CA GLU K 354 53.12 -45.78 -72.31
C GLU K 354 52.88 -46.37 -73.70
N LYS K 355 51.72 -47.01 -73.90
CA LYS K 355 51.33 -47.52 -75.22
C LYS K 355 50.92 -46.39 -76.17
N GLY K 356 50.91 -45.16 -75.64
CA GLY K 356 50.64 -43.96 -76.44
C GLY K 356 49.23 -43.85 -76.96
N VAL K 357 48.28 -44.48 -76.29
CA VAL K 357 46.87 -44.33 -76.65
C VAL K 357 46.25 -43.14 -75.92
N LEU K 358 45.34 -42.47 -76.60
CA LEU K 358 44.64 -41.32 -76.04
C LEU K 358 43.37 -41.77 -75.34
N VAL K 359 43.32 -41.60 -74.01
CA VAL K 359 42.13 -41.98 -73.24
C VAL K 359 41.23 -40.77 -72.90
N VAL K 360 40.07 -40.73 -73.53
CA VAL K 360 39.07 -39.71 -73.22
C VAL K 360 38.32 -40.10 -71.94
N PRO K 361 38.57 -39.38 -70.83
CA PRO K 361 38.13 -39.80 -69.48
C PRO K 361 36.61 -39.80 -69.31
N ASP K 362 36.11 -40.72 -68.50
CA ASP K 362 34.67 -40.84 -68.20
C ASP K 362 34.05 -39.53 -67.72
N VAL K 363 34.80 -38.74 -66.96
CA VAL K 363 34.33 -37.46 -66.40
C VAL K 363 33.61 -36.61 -67.47
N ILE K 364 34.26 -36.43 -68.61
CA ILE K 364 33.64 -35.73 -69.71
C ILE K 364 33.06 -36.63 -70.81
N ALA K 365 33.69 -37.79 -71.06
CA ALA K 365 33.23 -38.65 -72.17
C ALA K 365 31.78 -39.12 -72.05
N ASN K 366 31.34 -39.46 -70.84
CA ASN K 366 29.98 -39.96 -70.61
C ASN K 366 29.00 -38.97 -69.96
N ALA K 367 29.27 -37.68 -70.11
CA ALA K 367 28.49 -36.65 -69.43
C ALA K 367 27.24 -36.22 -70.19
N GLY K 368 26.90 -36.93 -71.27
CA GLY K 368 25.74 -36.59 -72.08
C GLY K 368 24.49 -36.56 -71.25
N GLY K 369 24.25 -37.65 -70.53
CA GLY K 369 23.07 -37.80 -69.67
C GLY K 369 22.95 -36.73 -68.59
N VAL K 370 24.07 -36.46 -67.94
CA VAL K 370 24.17 -35.46 -66.89
C VAL K 370 23.95 -34.04 -67.48
N THR K 371 24.42 -33.84 -68.71
CA THR K 371 24.19 -32.60 -69.45
C THR K 371 22.72 -32.39 -69.82
N VAL K 372 22.05 -33.43 -70.32
CA VAL K 372 20.61 -33.37 -70.69
C VAL K 372 19.69 -33.30 -69.45
N SER K 373 20.12 -33.87 -68.32
CA SER K 373 19.31 -33.75 -67.12
C SER K 373 19.37 -32.29 -66.61
N TYR K 374 20.53 -31.64 -66.84
CA TYR K 374 20.66 -30.20 -66.72
C TYR K 374 19.78 -29.38 -67.68
N PHE K 375 19.70 -29.75 -68.96
CA PHE K 375 18.72 -29.11 -69.88
C PHE K 375 17.27 -29.30 -69.41
N GLU K 376 16.98 -30.50 -68.88
CA GLU K 376 15.69 -30.85 -68.23
C GLU K 376 15.30 -29.85 -67.12
N TRP K 377 16.24 -29.67 -66.19
CA TRP K 377 16.11 -28.73 -65.07
C TRP K 377 15.87 -27.33 -65.64
N VAL K 378 16.70 -26.94 -66.61
CA VAL K 378 16.66 -25.63 -67.25
C VAL K 378 15.25 -25.36 -67.82
N GLN K 379 14.71 -26.34 -68.56
CA GLN K 379 13.39 -26.27 -69.17
C GLN K 379 12.26 -26.24 -68.16
N ASP K 380 12.49 -26.87 -67.01
CA ASP K 380 11.48 -27.01 -65.98
C ASP K 380 11.20 -25.67 -65.29
N PHE K 381 12.10 -24.71 -65.42
CA PHE K 381 11.90 -23.42 -64.76
C PHE K 381 10.71 -22.61 -65.28
N ASN K 382 10.49 -22.65 -66.59
CA ASN K 382 9.37 -21.93 -67.18
C ASN K 382 8.47 -22.84 -68.03
N SER K 383 8.62 -24.16 -67.84
CA SER K 383 7.83 -25.20 -68.54
C SER K 383 7.76 -25.04 -70.06
N TYR K 384 8.90 -24.75 -70.66
CA TYR K 384 8.95 -24.63 -72.10
C TYR K 384 9.94 -25.64 -72.62
N PHE K 385 9.47 -26.56 -73.45
CA PHE K 385 10.31 -27.70 -73.79
C PHE K 385 10.88 -27.64 -75.18
N TRP K 386 12.16 -27.95 -75.26
CA TRP K 386 12.90 -27.82 -76.49
C TRP K 386 12.72 -29.04 -77.35
N THR K 387 12.97 -28.87 -78.65
CA THR K 387 12.96 -29.97 -79.59
C THR K 387 14.24 -30.81 -79.44
N GLU K 388 14.14 -32.06 -79.93
CA GLU K 388 15.24 -33.03 -79.97
C GLU K 388 16.48 -32.47 -80.65
N GLU K 389 16.31 -31.87 -81.84
CA GLU K 389 17.39 -31.23 -82.56
C GLU K 389 18.08 -30.14 -81.73
N GLU K 390 17.28 -29.33 -81.02
CA GLU K 390 17.82 -28.32 -80.11
C GLU K 390 18.62 -28.94 -78.97
N ILE K 391 18.07 -29.98 -78.33
CA ILE K 391 18.78 -30.73 -77.27
C ILE K 391 20.15 -31.18 -77.78
N ASN K 392 20.16 -31.85 -78.92
CA ASN K 392 21.39 -32.39 -79.47
C ASN K 392 22.42 -31.31 -79.87
N ALA K 393 21.98 -30.24 -80.51
CA ALA K 393 22.86 -29.09 -80.78
C ALA K 393 23.53 -28.56 -79.51
N ARG K 394 22.73 -28.35 -78.46
CA ARG K 394 23.23 -27.76 -77.22
C ARG K 394 24.11 -28.72 -76.41
N LEU K 395 23.88 -30.01 -76.63
CA LEU K 395 24.68 -31.07 -76.05
C LEU K 395 26.08 -31.01 -76.64
N GLU K 396 26.12 -30.90 -77.97
CA GLU K 396 27.36 -30.78 -78.71
C GLU K 396 28.15 -29.59 -78.17
N ARG K 397 27.47 -28.44 -78.07
CA ARG K 397 28.06 -27.23 -77.52
C ARG K 397 28.70 -27.45 -76.14
N VAL K 398 27.93 -27.97 -75.17
CA VAL K 398 28.45 -28.19 -73.84
C VAL K 398 29.68 -29.10 -73.84
N LEU K 399 29.56 -30.23 -74.53
CA LEU K 399 30.55 -31.27 -74.50
C LEU K 399 31.82 -30.91 -75.27
N ARG K 400 31.65 -30.20 -76.38
CA ARG K 400 32.78 -29.70 -77.14
C ARG K 400 33.59 -28.68 -76.35
N ASN K 401 32.89 -27.77 -75.65
CA ASN K 401 33.52 -26.75 -74.80
C ASN K 401 34.30 -27.38 -73.67
N ALA K 402 33.69 -28.37 -73.00
CA ALA K 402 34.32 -29.05 -71.89
C ALA K 402 35.60 -29.74 -72.36
N PHE K 403 35.51 -30.48 -73.48
CA PHE K 403 36.65 -31.20 -74.01
C PHE K 403 37.82 -30.28 -74.34
N GLU K 404 37.51 -29.20 -75.07
CA GLU K 404 38.47 -28.17 -75.41
C GLU K 404 39.18 -27.62 -74.17
N ALA K 405 38.43 -27.35 -73.11
CA ALA K 405 39.01 -26.80 -71.88
C ALA K 405 40.00 -27.79 -71.26
N VAL K 406 39.60 -29.05 -71.17
CA VAL K 406 40.45 -30.12 -70.63
C VAL K 406 41.69 -30.37 -71.53
N TRP K 407 41.49 -30.37 -72.86
CA TRP K 407 42.61 -30.48 -73.79
C TRP K 407 43.70 -29.45 -73.50
N GLN K 408 43.31 -28.17 -73.40
CA GLN K 408 44.25 -27.06 -73.19
C GLN K 408 45.12 -27.18 -71.95
N VAL K 409 44.50 -27.56 -70.82
CA VAL K 409 45.21 -27.73 -69.55
C VAL K 409 46.14 -28.94 -69.58
N ALA K 410 45.69 -30.02 -70.22
CA ALA K 410 46.52 -31.21 -70.43
C ALA K 410 47.79 -30.88 -71.24
N GLN K 411 47.63 -30.07 -72.29
CA GLN K 411 48.76 -29.64 -73.13
C GLN K 411 49.64 -28.61 -72.42
N GLU K 412 49.00 -27.68 -71.73
CA GLU K 412 49.69 -26.62 -71.03
C GLU K 412 50.56 -27.22 -69.93
N LYS K 413 49.99 -28.14 -69.16
CA LYS K 413 50.64 -28.64 -67.95
C LYS K 413 51.35 -29.99 -68.10
N LYS K 414 51.35 -30.54 -69.31
CA LYS K 414 52.01 -31.82 -69.63
C LYS K 414 51.53 -32.97 -68.72
N ILE K 415 50.21 -33.09 -68.61
CA ILE K 415 49.58 -34.13 -67.80
C ILE K 415 48.51 -34.81 -68.65
N PRO K 416 48.18 -36.08 -68.34
CA PRO K 416 47.14 -36.77 -69.12
C PRO K 416 45.74 -36.15 -68.97
N LEU K 417 44.85 -36.46 -69.92
CA LEU K 417 43.49 -35.90 -69.94
C LEU K 417 42.72 -36.17 -68.66
N ARG K 418 42.93 -37.35 -68.07
CA ARG K 418 42.29 -37.71 -66.82
C ARG K 418 42.67 -36.72 -65.71
N THR K 419 43.97 -36.57 -65.47
CA THR K 419 44.46 -35.64 -64.45
C THR K 419 43.98 -34.21 -64.73
N ALA K 420 44.08 -33.78 -65.99
CA ALA K 420 43.70 -32.42 -66.38
C ALA K 420 42.21 -32.10 -66.18
N ALA K 421 41.36 -33.07 -66.50
CA ALA K 421 39.93 -32.95 -66.22
C ALA K 421 39.66 -32.69 -64.73
N TYR K 422 40.46 -33.30 -63.86
CA TYR K 422 40.33 -33.08 -62.41
C TYR K 422 40.88 -31.70 -62.01
N VAL K 423 41.89 -31.24 -62.74
CA VAL K 423 42.51 -29.93 -62.51
C VAL K 423 41.54 -28.84 -62.93
N VAL K 424 40.95 -28.97 -64.12
CA VAL K 424 39.91 -28.05 -64.56
C VAL K 424 38.80 -28.00 -63.51
N ALA K 425 38.40 -29.17 -63.04
CA ALA K 425 37.34 -29.29 -62.06
C ALA K 425 37.66 -28.56 -60.73
N ALA K 426 38.78 -28.92 -60.11
CA ALA K 426 39.23 -28.31 -58.86
C ALA K 426 39.43 -26.80 -58.94
N THR K 427 40.08 -26.35 -60.02
CA THR K 427 40.30 -24.93 -60.27
C THR K 427 38.97 -24.16 -60.31
N ARG K 428 38.01 -24.65 -61.10
CA ARG K 428 36.69 -24.03 -61.20
C ARG K 428 35.95 -23.97 -59.87
N VAL K 429 36.03 -25.03 -59.07
CA VAL K 429 35.37 -25.03 -57.75
C VAL K 429 36.05 -24.06 -56.80
N LEU K 430 37.39 -24.10 -56.77
CA LEU K 430 38.19 -23.31 -55.84
C LEU K 430 38.16 -21.81 -56.16
N GLU K 431 38.08 -21.48 -57.45
CA GLU K 431 37.88 -20.10 -57.88
C GLU K 431 36.53 -19.57 -57.45
N ALA K 432 35.48 -20.38 -57.60
CA ALA K 432 34.16 -19.93 -57.13
C ALA K 432 34.23 -19.64 -55.63
N ARG K 433 34.90 -20.53 -54.89
CA ARG K 433 34.99 -20.35 -53.45
C ARG K 433 35.86 -19.18 -53.05
N ALA K 434 36.92 -18.89 -53.81
CA ALA K 434 37.77 -17.71 -53.54
C ALA K 434 37.02 -16.39 -53.81
N LEU K 435 36.31 -16.33 -54.94
CA LEU K 435 35.52 -15.14 -55.27
C LEU K 435 34.47 -14.88 -54.21
N ARG K 436 33.82 -15.95 -53.75
CA ARG K 436 32.72 -15.82 -52.79
C ARG K 436 33.20 -15.48 -51.39
N GLY K 437 34.37 -16.02 -51.03
CA GLY K 437 34.98 -15.80 -49.72
C GLY K 437 34.30 -16.65 -48.63
N LEU K 438 34.97 -16.72 -47.49
CA LEU K 438 34.47 -17.46 -46.33
C LEU K 438 33.36 -16.68 -45.59
N TYR K 439 32.14 -17.20 -45.59
CA TYR K 439 31.02 -16.55 -44.87
C TYR K 439 29.84 -17.51 -44.74
N PRO K 440 29.31 -17.67 -43.51
CA PRO K 440 29.68 -16.89 -42.34
C PRO K 440 31.02 -17.28 -41.73
N GLU L 20 -23.65 -42.13 -58.30
CA GLU L 20 -22.63 -41.43 -57.46
C GLU L 20 -22.57 -39.90 -57.64
N PRO L 21 -23.64 -39.29 -58.22
CA PRO L 21 -23.44 -37.90 -58.65
C PRO L 21 -23.33 -36.93 -57.46
N LEU L 22 -22.15 -36.33 -57.31
CA LEU L 22 -21.86 -35.31 -56.29
C LEU L 22 -23.09 -34.62 -55.68
N SER L 23 -23.21 -34.74 -54.36
CA SER L 23 -24.43 -34.39 -53.64
C SER L 23 -24.75 -32.89 -53.65
N TYR L 24 -23.73 -32.05 -53.67
CA TYR L 24 -23.95 -30.61 -53.60
C TYR L 24 -24.56 -30.02 -54.86
N LEU L 25 -24.47 -30.75 -55.97
CA LEU L 25 -25.19 -30.37 -57.18
C LEU L 25 -26.64 -30.84 -57.12
N GLY L 26 -26.83 -32.04 -56.58
CA GLY L 26 -28.17 -32.57 -56.31
C GLY L 26 -29.06 -32.77 -57.52
N LYS L 27 -29.86 -31.75 -57.83
CA LYS L 27 -31.01 -31.88 -58.74
C LYS L 27 -30.66 -31.58 -60.20
N ASP L 28 -30.30 -32.63 -60.94
CA ASP L 28 -29.99 -32.55 -62.39
C ASP L 28 -29.15 -31.34 -62.82
N GLY L 29 -28.06 -31.07 -62.09
CA GLY L 29 -27.16 -29.98 -62.45
C GLY L 29 -26.65 -30.14 -63.87
N GLY L 30 -27.26 -29.40 -64.81
CA GLY L 30 -26.98 -29.51 -66.25
C GLY L 30 -25.53 -29.63 -66.72
N PRO L 31 -24.79 -28.51 -66.77
CA PRO L 31 -23.50 -28.42 -67.48
C PRO L 31 -22.44 -29.41 -67.00
N TRP L 32 -22.41 -29.67 -65.70
CA TRP L 32 -21.46 -30.63 -65.14
C TRP L 32 -21.79 -32.05 -65.58
N GLU L 33 -23.09 -32.35 -65.62
CA GLU L 33 -23.54 -33.65 -66.11
C GLU L 33 -23.13 -33.82 -67.57
N ILE L 34 -23.31 -32.77 -68.37
CA ILE L 34 -22.86 -32.78 -69.75
C ILE L 34 -21.38 -33.12 -69.83
N PHE L 35 -20.55 -32.47 -69.00
CA PHE L 35 -19.12 -32.78 -68.97
C PHE L 35 -18.86 -34.21 -68.52
N THR L 36 -19.53 -34.62 -67.44
CA THR L 36 -19.41 -35.97 -66.87
C THR L 36 -19.79 -37.09 -67.86
N GLU L 37 -20.87 -36.87 -68.62
CA GLU L 37 -21.32 -37.82 -69.64
C GLU L 37 -20.31 -37.99 -70.77
N GLN L 38 -19.54 -36.93 -71.05
CA GLN L 38 -18.48 -36.95 -72.05
C GLN L 38 -17.26 -37.76 -71.59
N VAL L 39 -16.94 -37.66 -70.29
CA VAL L 39 -15.88 -38.49 -69.70
C VAL L 39 -16.20 -39.98 -69.91
N ASP L 40 -17.48 -40.33 -69.74
CA ASP L 40 -17.96 -41.69 -69.93
C ASP L 40 -17.75 -42.19 -71.35
N ARG L 41 -18.19 -41.40 -72.33
CA ARG L 41 -18.06 -41.73 -73.74
C ARG L 41 -16.61 -42.01 -74.17
N VAL L 42 -15.66 -41.44 -73.42
CA VAL L 42 -14.24 -41.59 -73.67
C VAL L 42 -13.64 -42.84 -72.99
N VAL L 43 -14.30 -43.32 -71.93
CA VAL L 43 -13.80 -44.46 -71.15
C VAL L 43 -13.43 -45.72 -71.99
N PRO L 44 -14.30 -46.14 -72.93
CA PRO L 44 -13.97 -47.35 -73.72
C PRO L 44 -12.63 -47.31 -74.44
N TYR L 45 -12.10 -46.11 -74.72
CA TYR L 45 -10.86 -45.99 -75.47
C TYR L 45 -9.61 -45.84 -74.61
N LEU L 46 -9.73 -46.07 -73.31
CA LEU L 46 -8.67 -45.72 -72.35
C LEU L 46 -7.62 -46.80 -72.06
N GLY L 47 -7.86 -48.04 -72.49
CA GLY L 47 -6.91 -49.11 -72.23
C GLY L 47 -6.72 -49.34 -70.74
N ARG L 48 -5.49 -49.58 -70.30
CA ARG L 48 -5.22 -49.88 -68.89
C ARG L 48 -5.47 -48.69 -67.95
N LEU L 49 -5.61 -47.50 -68.54
CA LEU L 49 -5.87 -46.28 -67.78
C LEU L 49 -7.34 -46.10 -67.41
N ALA L 50 -8.21 -46.96 -67.96
CA ALA L 50 -9.68 -46.86 -67.79
C ALA L 50 -10.25 -46.84 -66.35
N PRO L 51 -9.62 -47.55 -65.38
CA PRO L 51 -10.17 -47.43 -64.02
C PRO L 51 -10.00 -46.03 -63.42
N LEU L 52 -8.94 -45.33 -63.84
CA LEU L 52 -8.59 -44.00 -63.31
C LEU L 52 -9.52 -42.88 -63.78
N ALA L 53 -10.34 -43.16 -64.81
CA ALA L 53 -11.26 -42.17 -65.38
C ALA L 53 -12.23 -41.55 -64.36
N GLU L 54 -12.54 -42.31 -63.31
CA GLU L 54 -13.36 -41.81 -62.20
C GLU L 54 -12.87 -40.47 -61.66
N SER L 55 -11.56 -40.35 -61.47
CA SER L 55 -10.96 -39.16 -60.89
C SER L 55 -11.33 -37.87 -61.64
N LEU L 56 -11.69 -37.99 -62.93
CA LEU L 56 -12.09 -36.84 -63.76
C LEU L 56 -13.56 -36.46 -63.56
N LYS L 57 -14.28 -37.27 -62.81
CA LYS L 57 -15.71 -37.03 -62.61
C LYS L 57 -15.95 -36.21 -61.34
N ARG L 58 -14.87 -35.74 -60.73
CA ARG L 58 -14.98 -34.80 -59.63
C ARG L 58 -13.84 -33.78 -59.63
N PRO L 59 -14.13 -32.53 -59.21
CA PRO L 59 -13.11 -31.50 -59.11
C PRO L 59 -12.20 -31.78 -57.94
N LYS L 60 -10.92 -31.47 -58.09
CA LYS L 60 -9.97 -31.57 -56.99
C LYS L 60 -10.34 -30.59 -55.87
N ARG L 61 -10.72 -29.37 -56.27
CA ARG L 61 -10.86 -28.26 -55.34
C ARG L 61 -11.91 -27.28 -55.85
N VAL L 62 -12.95 -27.05 -55.05
CA VAL L 62 -13.91 -25.98 -55.33
C VAL L 62 -13.83 -24.93 -54.23
N LEU L 63 -13.49 -23.70 -54.59
CA LEU L 63 -13.53 -22.59 -53.64
C LEU L 63 -14.68 -21.64 -53.98
N ILE L 64 -15.56 -21.41 -53.02
CA ILE L 64 -16.62 -20.43 -53.19
C ILE L 64 -16.35 -19.33 -52.20
N VAL L 65 -16.41 -18.08 -52.65
CA VAL L 65 -16.14 -16.94 -51.79
C VAL L 65 -17.25 -15.89 -51.81
N ASP L 66 -17.29 -15.11 -50.74
CA ASP L 66 -18.13 -13.96 -50.64
C ASP L 66 -17.25 -12.82 -51.10
N VAL L 67 -17.70 -12.08 -52.11
CA VAL L 67 -17.00 -10.85 -52.43
C VAL L 67 -17.84 -9.60 -52.15
N PRO L 68 -17.58 -8.96 -50.99
CA PRO L 68 -18.23 -7.72 -50.57
C PRO L 68 -17.60 -6.55 -51.33
N VAL L 69 -18.43 -5.66 -51.84
CA VAL L 69 -17.93 -4.47 -52.52
C VAL L 69 -18.65 -3.22 -52.02
N ARG L 70 -17.89 -2.22 -51.58
CA ARG L 70 -18.48 -0.90 -51.36
C ARG L 70 -18.91 -0.31 -52.71
N LEU L 71 -20.22 -0.06 -52.83
CA LEU L 71 -20.77 0.58 -54.03
C LEU L 71 -20.58 2.09 -53.98
N ASP L 72 -20.76 2.75 -55.13
CA ASP L 72 -20.65 4.21 -55.22
C ASP L 72 -21.62 4.90 -54.28
N ASP L 73 -22.76 4.27 -54.00
CA ASP L 73 -23.80 4.85 -53.14
C ASP L 73 -23.58 4.69 -51.63
N GLY L 74 -22.40 4.24 -51.24
CA GLY L 74 -22.05 4.09 -49.82
C GLY L 74 -22.33 2.71 -49.22
N SER L 75 -23.33 2.02 -49.73
CA SER L 75 -23.72 0.70 -49.24
C SER L 75 -22.80 -0.41 -49.76
N VAL L 76 -22.89 -1.59 -49.15
CA VAL L 76 -22.07 -2.74 -49.52
C VAL L 76 -22.94 -3.80 -50.16
N ALA L 77 -22.57 -4.28 -51.34
CA ALA L 77 -23.23 -5.41 -51.99
C ALA L 77 -22.38 -6.68 -51.93
N TYR L 78 -23.04 -7.83 -51.93
CA TYR L 78 -22.37 -9.12 -51.76
C TYR L 78 -22.55 -10.00 -52.98
N PHE L 79 -21.43 -10.38 -53.60
CA PHE L 79 -21.50 -11.24 -54.79
C PHE L 79 -20.83 -12.58 -54.51
N GLU L 80 -21.30 -13.61 -55.21
CA GLU L 80 -20.70 -14.93 -55.11
C GLU L 80 -19.52 -15.07 -56.07
N GLY L 81 -18.37 -15.47 -55.52
CA GLY L 81 -17.17 -15.71 -56.31
C GLY L 81 -16.79 -17.18 -56.30
N TYR L 82 -16.30 -17.66 -57.43
CA TYR L 82 -15.91 -19.06 -57.59
C TYR L 82 -14.54 -19.19 -58.22
N ARG L 83 -13.77 -20.16 -57.77
CA ARG L 83 -12.58 -20.61 -58.47
C ARG L 83 -12.57 -22.11 -58.28
N VAL L 84 -12.52 -22.84 -59.39
CA VAL L 84 -12.54 -24.28 -59.38
C VAL L 84 -11.26 -24.82 -59.98
N HIS L 85 -10.65 -25.79 -59.32
CA HIS L 85 -9.54 -26.49 -59.92
C HIS L 85 -10.05 -27.87 -60.25
N HIS L 86 -10.28 -28.14 -61.53
CA HIS L 86 -10.85 -29.43 -61.87
C HIS L 86 -9.84 -30.57 -61.70
N ASN L 87 -8.69 -30.41 -62.32
CA ASN L 87 -7.62 -31.39 -62.25
C ASN L 87 -6.29 -30.72 -62.40
N THR L 88 -5.29 -31.19 -61.67
CA THR L 88 -4.01 -30.49 -61.63
C THR L 88 -2.79 -31.42 -61.72
N ALA L 89 -3.01 -32.63 -62.23
CA ALA L 89 -1.99 -33.66 -62.39
C ALA L 89 -0.91 -33.27 -63.38
N ARG L 90 -1.32 -32.58 -64.45
CA ARG L 90 -0.39 -32.15 -65.49
C ARG L 90 0.33 -30.81 -65.25
N GLY L 91 -0.13 -30.04 -64.26
CA GLY L 91 0.46 -28.73 -63.99
C GLY L 91 -0.49 -27.84 -63.21
N PRO L 92 -0.10 -26.57 -62.98
CA PRO L 92 -0.94 -25.69 -62.21
C PRO L 92 -2.26 -25.45 -62.95
N ALA L 93 -3.29 -25.03 -62.23
CA ALA L 93 -4.58 -24.79 -62.88
C ALA L 93 -4.48 -23.60 -63.86
N LYS L 94 -5.22 -23.66 -64.97
CA LYS L 94 -5.25 -22.57 -65.92
C LYS L 94 -6.64 -22.38 -66.54
N GLY L 95 -7.18 -21.18 -66.42
CA GLY L 95 -8.48 -20.91 -67.01
C GLY L 95 -8.97 -19.54 -66.65
N GLY L 96 -9.90 -19.04 -67.45
CA GLY L 96 -10.35 -17.66 -67.35
C GLY L 96 -11.32 -17.42 -66.23
N VAL L 97 -11.69 -16.16 -66.07
CA VAL L 97 -12.64 -15.72 -65.05
C VAL L 97 -13.74 -14.96 -65.73
N ARG L 98 -14.97 -15.30 -65.39
CA ARG L 98 -16.16 -14.81 -66.05
C ARG L 98 -16.97 -13.89 -65.11
N TYR L 99 -17.34 -12.70 -65.56
CA TYR L 99 -18.33 -11.90 -64.82
C TYR L 99 -19.65 -11.95 -65.59
N HIS L 100 -20.62 -12.71 -65.11
CA HIS L 100 -21.92 -12.85 -65.79
C HIS L 100 -23.05 -13.10 -64.79
N PRO L 101 -24.24 -12.50 -65.04
CA PRO L 101 -25.36 -12.64 -64.11
C PRO L 101 -25.84 -14.07 -63.82
N GLU L 102 -25.60 -15.02 -64.72
CA GLU L 102 -25.95 -16.44 -64.44
C GLU L 102 -24.79 -17.43 -64.41
N VAL L 103 -23.64 -16.97 -63.92
CA VAL L 103 -22.60 -17.85 -63.44
C VAL L 103 -23.19 -18.62 -62.26
N THR L 104 -23.06 -19.94 -62.30
CA THR L 104 -23.50 -20.80 -61.21
C THR L 104 -22.33 -21.70 -60.87
N LEU L 105 -22.38 -22.34 -59.70
CA LEU L 105 -21.35 -23.30 -59.32
C LEU L 105 -21.16 -24.39 -60.38
N SER L 106 -22.27 -24.97 -60.81
CA SER L 106 -22.30 -26.04 -61.82
C SER L 106 -21.57 -25.62 -63.10
N GLU L 107 -21.84 -24.41 -63.57
CA GLU L 107 -21.23 -23.90 -64.80
C GLU L 107 -19.71 -23.77 -64.63
N VAL L 108 -19.27 -23.07 -63.60
CA VAL L 108 -17.83 -22.92 -63.36
C VAL L 108 -17.13 -24.28 -63.30
N MET L 109 -17.73 -25.24 -62.60
CA MET L 109 -17.15 -26.60 -62.50
C MET L 109 -17.00 -27.29 -63.86
N ALA L 110 -18.05 -27.26 -64.67
CA ALA L 110 -18.02 -27.83 -66.01
C ALA L 110 -16.91 -27.21 -66.86
N LEU L 111 -16.83 -25.88 -66.85
CA LEU L 111 -15.86 -25.15 -67.67
C LEU L 111 -14.42 -25.39 -67.24
N ALA L 112 -14.23 -25.66 -65.94
CA ALA L 112 -12.93 -26.03 -65.41
C ALA L 112 -12.53 -27.40 -65.94
N GLY L 113 -13.51 -28.30 -66.00
CA GLY L 113 -13.32 -29.63 -66.58
C GLY L 113 -12.91 -29.58 -68.04
N TRP L 114 -13.57 -28.75 -68.83
CA TRP L 114 -13.20 -28.56 -70.23
C TRP L 114 -11.81 -27.96 -70.41
N MET L 115 -11.32 -27.23 -69.41
CA MET L 115 -9.97 -26.68 -69.44
C MET L 115 -8.90 -27.74 -69.23
N THR L 116 -9.10 -28.63 -68.25
CA THR L 116 -8.29 -29.85 -68.10
C THR L 116 -8.17 -30.60 -69.42
N ILE L 117 -9.31 -30.77 -70.09
CA ILE L 117 -9.40 -31.43 -71.38
C ILE L 117 -8.67 -30.61 -72.44
N LYS L 118 -9.11 -29.36 -72.62
CA LYS L 118 -8.53 -28.50 -73.64
C LYS L 118 -7.02 -28.38 -73.44
N ASN L 119 -6.60 -28.10 -72.21
CA ASN L 119 -5.17 -27.94 -71.90
C ASN L 119 -4.37 -29.21 -72.19
N ALA L 120 -4.91 -30.37 -71.85
CA ALA L 120 -4.24 -31.64 -72.13
C ALA L 120 -4.11 -31.97 -73.64
N ALA L 121 -5.20 -31.78 -74.38
CA ALA L 121 -5.24 -32.02 -75.83
C ALA L 121 -4.22 -31.20 -76.62
N VAL L 122 -4.05 -29.94 -76.24
CA VAL L 122 -3.14 -29.05 -76.96
C VAL L 122 -1.67 -29.14 -76.46
N GLY L 123 -1.45 -29.88 -75.38
CA GLY L 123 -0.11 -30.18 -74.92
C GLY L 123 0.48 -29.17 -73.95
N LEU L 124 -0.35 -28.25 -73.48
CA LEU L 124 0.10 -27.24 -72.50
C LEU L 124 0.31 -27.90 -71.14
N PRO L 125 1.38 -27.48 -70.42
CA PRO L 125 1.67 -28.07 -69.13
C PRO L 125 0.82 -27.45 -68.01
N TYR L 126 -0.50 -27.52 -68.19
CA TYR L 126 -1.46 -26.93 -67.26
C TYR L 126 -2.56 -27.91 -66.88
N GLY L 127 -3.01 -27.80 -65.64
CA GLY L 127 -4.25 -28.44 -65.21
C GLY L 127 -5.45 -27.65 -65.70
N GLY L 128 -6.63 -27.98 -65.20
CA GLY L 128 -7.84 -27.23 -65.54
C GLY L 128 -8.42 -26.44 -64.38
N GLY L 129 -8.76 -25.17 -64.66
CA GLY L 129 -9.39 -24.27 -63.67
C GLY L 129 -10.34 -23.30 -64.36
N LYS L 130 -11.27 -22.70 -63.59
CA LYS L 130 -12.10 -21.59 -64.05
C LYS L 130 -12.51 -20.78 -62.85
N GLY L 131 -12.81 -19.50 -63.07
CA GLY L 131 -13.39 -18.67 -62.02
C GLY L 131 -14.62 -17.97 -62.56
N GLY L 132 -15.46 -17.48 -61.66
CA GLY L 132 -16.64 -16.74 -62.07
C GLY L 132 -17.07 -15.86 -60.93
N ILE L 133 -17.63 -14.71 -61.26
CA ILE L 133 -18.33 -13.89 -60.28
C ILE L 133 -19.75 -13.74 -60.82
N ARG L 134 -20.75 -13.92 -59.96
CA ARG L 134 -22.14 -13.81 -60.35
C ARG L 134 -22.60 -12.36 -60.17
N VAL L 135 -22.45 -11.60 -61.25
CA VAL L 135 -22.68 -10.16 -61.26
C VAL L 135 -23.07 -9.73 -62.66
N ASP L 136 -23.88 -8.69 -62.76
CA ASP L 136 -24.12 -8.01 -64.03
C ASP L 136 -23.15 -6.85 -64.15
N PRO L 137 -22.00 -7.04 -64.83
CA PRO L 137 -20.95 -5.99 -64.85
C PRO L 137 -21.41 -4.74 -65.59
N ARG L 138 -22.47 -4.85 -66.38
CA ARG L 138 -23.04 -3.72 -67.10
C ARG L 138 -23.90 -2.82 -66.20
N LYS L 139 -24.03 -3.23 -64.93
CA LYS L 139 -24.74 -2.48 -63.91
C LYS L 139 -23.79 -1.86 -62.86
N LEU L 140 -22.50 -2.00 -63.09
CA LEU L 140 -21.52 -1.35 -62.20
C LEU L 140 -20.72 -0.28 -62.93
N SER L 141 -20.36 0.76 -62.20
CA SER L 141 -19.41 1.75 -62.69
C SER L 141 -18.00 1.13 -62.72
N PRO L 142 -17.09 1.68 -63.56
CA PRO L 142 -15.70 1.25 -63.66
C PRO L 142 -14.95 1.13 -62.32
N GLY L 143 -15.24 2.02 -61.38
CA GLY L 143 -14.71 1.90 -60.02
C GLY L 143 -15.24 0.71 -59.22
N GLU L 144 -16.55 0.44 -59.34
CA GLU L 144 -17.17 -0.67 -58.64
C GLU L 144 -16.61 -1.98 -59.18
N LEU L 145 -16.35 -1.99 -60.49
CA LEU L 145 -15.81 -3.17 -61.16
C LEU L 145 -14.37 -3.43 -60.68
N GLU L 146 -13.63 -2.35 -60.41
CA GLU L 146 -12.27 -2.44 -59.90
C GLU L 146 -12.25 -3.03 -58.48
N ARG L 147 -13.14 -2.54 -57.61
CA ARG L 147 -13.15 -3.00 -56.22
C ARG L 147 -13.60 -4.47 -56.16
N LEU L 148 -14.62 -4.81 -56.95
CA LEU L 148 -15.03 -6.20 -57.18
C LEU L 148 -13.84 -7.10 -57.56
N THR L 149 -13.11 -6.68 -58.58
CA THR L 149 -11.96 -7.41 -59.10
C THR L 149 -10.87 -7.58 -58.06
N ARG L 150 -10.56 -6.52 -57.31
CA ARG L 150 -9.49 -6.58 -56.27
C ARG L 150 -9.87 -7.47 -55.06
N ARG L 151 -11.14 -7.43 -54.66
CA ARG L 151 -11.58 -8.20 -53.49
C ARG L 151 -11.59 -9.67 -53.88
N TYR L 152 -12.08 -9.94 -55.09
CA TYR L 152 -12.13 -11.30 -55.61
C TYR L 152 -10.76 -11.93 -55.67
N THR L 153 -9.78 -11.18 -56.12
CA THR L 153 -8.44 -11.76 -56.22
C THR L 153 -7.75 -11.86 -54.85
N SER L 154 -8.18 -11.06 -53.89
CA SER L 154 -7.73 -11.23 -52.51
C SER L 154 -8.27 -12.48 -51.84
N GLU L 155 -9.55 -12.76 -52.10
CA GLU L 155 -10.26 -13.90 -51.52
C GLU L 155 -9.74 -15.22 -52.10
N ILE L 156 -9.46 -15.26 -53.43
CA ILE L 156 -8.88 -16.48 -54.01
C ILE L 156 -7.35 -16.53 -53.89
N GLY L 157 -6.80 -15.55 -53.19
CA GLY L 157 -5.35 -15.44 -52.95
C GLY L 157 -4.64 -16.74 -52.63
N ILE L 158 -5.14 -17.48 -51.64
CA ILE L 158 -4.53 -18.75 -51.21
C ILE L 158 -4.38 -19.79 -52.34
N LEU L 159 -5.04 -19.54 -53.47
CA LEU L 159 -4.94 -20.44 -54.59
C LEU L 159 -3.87 -19.98 -55.57
N LEU L 160 -3.73 -18.66 -55.72
CA LEU L 160 -3.08 -18.07 -56.88
C LEU L 160 -1.57 -18.20 -56.81
N GLY L 161 -0.95 -18.21 -57.98
CA GLY L 161 0.51 -18.33 -58.07
C GLY L 161 0.91 -18.91 -59.41
N PRO L 162 2.04 -18.44 -59.98
CA PRO L 162 2.45 -18.91 -61.32
C PRO L 162 2.80 -20.40 -61.36
N ASP L 163 2.92 -21.01 -60.17
CA ASP L 163 3.12 -22.45 -60.05
C ASP L 163 1.97 -23.13 -59.31
N ARG L 164 0.81 -22.49 -59.29
CA ARG L 164 -0.38 -23.03 -58.64
C ARG L 164 -1.66 -22.82 -59.44
N ASP L 165 -1.97 -21.57 -59.81
CA ASP L 165 -3.21 -21.23 -60.51
C ASP L 165 -3.03 -19.88 -61.18
N ILE L 166 -3.37 -19.82 -62.47
CA ILE L 166 -3.08 -18.66 -63.29
C ILE L 166 -4.33 -18.32 -64.08
N PRO L 167 -5.11 -17.34 -63.59
CA PRO L 167 -6.36 -16.97 -64.26
C PRO L 167 -6.12 -16.14 -65.52
N ALA L 168 -7.19 -15.79 -66.23
CA ALA L 168 -7.10 -15.16 -67.53
C ALA L 168 -8.47 -14.59 -67.88
N PRO L 169 -8.56 -13.75 -68.92
CA PRO L 169 -9.85 -13.16 -69.32
C PRO L 169 -10.88 -14.20 -69.69
N ASP L 170 -12.14 -13.88 -69.50
CA ASP L 170 -13.21 -14.69 -70.09
C ASP L 170 -14.36 -13.76 -70.45
N VAL L 171 -15.60 -14.19 -70.30
CA VAL L 171 -16.74 -13.35 -70.66
C VAL L 171 -16.75 -12.13 -69.72
N ASN L 172 -16.76 -10.93 -70.32
CA ASN L 172 -16.81 -9.65 -69.61
C ASN L 172 -15.57 -9.28 -68.77
N THR L 173 -14.45 -9.96 -69.00
CA THR L 173 -13.15 -9.53 -68.46
C THR L 173 -12.10 -9.45 -69.56
N GLY L 174 -11.09 -8.63 -69.37
CA GLY L 174 -10.01 -8.50 -70.35
C GLY L 174 -8.76 -7.96 -69.70
N GLU L 175 -7.94 -7.32 -70.53
CA GLU L 175 -6.71 -6.66 -70.11
C GLU L 175 -6.87 -5.84 -68.83
N ARG L 176 -7.95 -5.09 -68.77
CA ARG L 176 -8.20 -4.15 -67.68
C ARG L 176 -8.21 -4.87 -66.33
N GLU L 177 -9.13 -5.82 -66.15
CA GLU L 177 -9.23 -6.52 -64.88
C GLU L 177 -8.05 -7.45 -64.59
N MET L 178 -7.32 -7.85 -65.64
CA MET L 178 -6.15 -8.72 -65.48
C MET L 178 -5.02 -7.93 -64.87
N ALA L 179 -4.88 -6.69 -65.32
CA ALA L 179 -3.95 -5.75 -64.72
C ALA L 179 -4.25 -5.59 -63.25
N TRP L 180 -5.55 -5.49 -62.91
CA TRP L 180 -6.00 -5.28 -61.54
C TRP L 180 -5.75 -6.50 -60.68
N MET L 181 -5.96 -7.69 -61.25
CA MET L 181 -5.66 -8.93 -60.54
C MET L 181 -4.17 -9.01 -60.20
N MET L 182 -3.34 -8.63 -61.14
CA MET L 182 -1.89 -8.81 -61.01
C MET L 182 -1.32 -7.80 -60.03
N ASP L 183 -1.82 -6.56 -60.12
CA ASP L 183 -1.50 -5.54 -59.16
C ASP L 183 -1.93 -5.90 -57.73
N THR L 184 -3.18 -6.33 -57.57
CA THR L 184 -3.69 -6.70 -56.24
C THR L 184 -2.87 -7.83 -55.64
N TYR L 185 -2.66 -8.89 -56.42
CA TYR L 185 -1.88 -10.02 -55.95
C TYR L 185 -0.45 -9.60 -55.60
N SER L 186 0.14 -8.74 -56.41
CA SER L 186 1.54 -8.30 -56.24
C SER L 186 1.75 -7.39 -55.03
N MET L 187 0.81 -6.47 -54.80
CA MET L 187 0.82 -5.60 -53.62
C MET L 187 0.63 -6.47 -52.37
N ASN L 188 -0.34 -7.38 -52.39
CA ASN L 188 -0.58 -8.29 -51.24
C ASN L 188 0.68 -9.08 -50.88
N VAL L 189 1.41 -9.52 -51.90
CA VAL L 189 2.49 -10.47 -51.75
C VAL L 189 3.85 -9.77 -51.54
N GLY L 190 3.93 -8.51 -51.95
CA GLY L 190 5.13 -7.71 -51.73
C GLY L 190 6.21 -7.95 -52.77
N ARG L 191 5.79 -8.38 -53.97
CA ARG L 191 6.66 -8.67 -55.10
C ARG L 191 5.83 -8.40 -56.34
N THR L 192 6.45 -7.91 -57.42
CA THR L 192 5.71 -7.90 -58.69
C THR L 192 5.80 -9.33 -59.28
N VAL L 193 4.65 -9.92 -59.61
CA VAL L 193 4.61 -11.29 -60.14
C VAL L 193 3.74 -11.26 -61.38
N PRO L 194 4.37 -10.97 -62.54
CA PRO L 194 3.65 -10.80 -63.79
C PRO L 194 2.89 -12.06 -64.22
N GLY L 195 3.52 -13.22 -64.07
CA GLY L 195 2.91 -14.48 -64.46
C GLY L 195 1.80 -15.02 -63.57
N VAL L 196 1.19 -14.20 -62.69
CA VAL L 196 0.10 -14.72 -61.83
C VAL L 196 -1.21 -14.76 -62.60
N VAL L 197 -1.33 -13.93 -63.65
CA VAL L 197 -2.43 -14.00 -64.62
C VAL L 197 -1.85 -13.75 -66.01
N THR L 198 -2.68 -14.02 -67.02
CA THR L 198 -2.32 -13.79 -68.41
C THR L 198 -3.45 -13.05 -69.14
N GLY L 199 -3.14 -12.56 -70.34
CA GLY L 199 -4.04 -11.69 -71.08
C GLY L 199 -3.93 -10.28 -70.55
N LYS L 200 -2.75 -9.98 -70.00
CA LYS L 200 -2.44 -8.66 -69.48
C LYS L 200 -2.07 -7.73 -70.64
N PRO L 201 -2.10 -6.40 -70.40
CA PRO L 201 -1.50 -5.42 -71.30
C PRO L 201 0.00 -5.67 -71.48
N ILE L 202 0.51 -5.40 -72.69
CA ILE L 202 1.95 -5.52 -72.98
C ILE L 202 2.83 -4.76 -71.98
N ALA L 203 2.39 -3.57 -71.58
CA ALA L 203 3.10 -2.72 -70.60
C ALA L 203 3.45 -3.40 -69.26
N LEU L 204 2.67 -4.43 -68.92
CA LEU L 204 2.78 -5.14 -67.64
C LEU L 204 3.31 -6.58 -67.75
N GLY L 205 3.80 -6.96 -68.93
CA GLY L 205 4.24 -8.33 -69.17
C GLY L 205 3.28 -9.14 -70.05
N GLY L 206 2.40 -8.48 -70.78
CA GLY L 206 1.56 -9.17 -71.77
C GLY L 206 2.41 -9.74 -72.89
N SER L 207 1.81 -10.51 -73.78
CA SER L 207 2.56 -11.11 -74.88
C SER L 207 2.16 -10.48 -76.20
N LEU L 208 3.12 -10.34 -77.11
CA LEU L 208 2.81 -10.03 -78.50
C LEU L 208 2.03 -11.18 -79.13
N GLY L 209 1.24 -10.87 -80.16
CA GLY L 209 0.57 -11.90 -80.96
C GLY L 209 -0.76 -12.37 -80.44
N ARG L 210 -1.26 -11.69 -79.41
CA ARG L 210 -2.49 -12.06 -78.75
C ARG L 210 -3.76 -11.84 -79.60
N ARG L 211 -3.84 -10.69 -80.27
CA ARG L 211 -5.04 -10.36 -81.03
C ARG L 211 -5.35 -11.38 -82.13
N ASP L 212 -4.32 -11.77 -82.88
CA ASP L 212 -4.47 -12.66 -84.04
C ASP L 212 -4.36 -14.17 -83.76
N ALA L 213 -3.98 -14.55 -82.53
CA ALA L 213 -3.63 -15.93 -82.17
C ALA L 213 -4.64 -17.01 -82.53
N THR L 214 -5.90 -16.77 -82.20
CA THR L 214 -6.94 -17.76 -82.43
C THR L 214 -7.23 -17.91 -83.93
N GLY L 215 -7.50 -16.79 -84.61
CA GLY L 215 -7.66 -16.80 -86.07
C GLY L 215 -6.52 -17.50 -86.78
N ARG L 216 -5.30 -17.26 -86.32
CA ARG L 216 -4.11 -17.89 -86.90
C ARG L 216 -4.04 -19.38 -86.65
N GLY L 217 -4.40 -19.79 -85.44
CA GLY L 217 -4.47 -21.19 -85.07
C GLY L 217 -5.44 -21.98 -85.91
N VAL L 218 -6.60 -21.40 -86.19
CA VAL L 218 -7.61 -21.99 -87.06
C VAL L 218 -6.98 -22.38 -88.39
N PHE L 219 -6.21 -21.47 -88.98
CA PHE L 219 -5.51 -21.79 -90.22
C PHE L 219 -4.41 -22.84 -90.06
N ILE L 220 -3.53 -22.70 -89.07
CA ILE L 220 -2.44 -23.66 -88.84
C ILE L 220 -3.05 -25.05 -88.73
N THR L 221 -4.23 -25.06 -88.12
CA THR L 221 -4.99 -26.27 -87.89
C THR L 221 -5.65 -26.79 -89.18
N ALA L 222 -6.26 -25.90 -89.95
CA ALA L 222 -6.86 -26.27 -91.23
C ALA L 222 -5.81 -26.84 -92.19
N ALA L 223 -4.61 -26.27 -92.17
CA ALA L 223 -3.53 -26.63 -93.09
C ALA L 223 -2.83 -27.97 -92.81
N ALA L 224 -2.71 -28.33 -91.53
CA ALA L 224 -2.09 -29.61 -91.17
C ALA L 224 -3.04 -30.74 -91.54
N ALA L 225 -4.33 -30.43 -91.47
CA ALA L 225 -5.42 -31.31 -91.90
C ALA L 225 -5.44 -31.48 -93.41
N ALA L 226 -5.17 -30.38 -94.12
CA ALA L 226 -5.03 -30.41 -95.57
C ALA L 226 -3.90 -31.36 -95.99
N GLU L 227 -2.72 -31.20 -95.37
CA GLU L 227 -1.55 -32.03 -95.68
C GLU L 227 -1.83 -33.53 -95.55
N LYS L 228 -2.71 -33.91 -94.62
CA LYS L 228 -3.07 -35.31 -94.41
C LYS L 228 -4.01 -35.88 -95.47
N ILE L 229 -4.90 -35.04 -96.01
CA ILE L 229 -5.86 -35.51 -97.01
C ILE L 229 -5.54 -35.06 -98.45
N GLY L 230 -4.30 -34.64 -98.67
CA GLY L 230 -3.82 -34.31 -100.01
C GLY L 230 -4.35 -33.02 -100.60
N LEU L 231 -5.21 -32.34 -99.84
CA LEU L 231 -5.78 -31.05 -100.23
C LEU L 231 -4.72 -29.93 -100.20
N GLN L 232 -4.63 -29.20 -101.32
CA GLN L 232 -3.64 -28.14 -101.44
C GLN L 232 -4.22 -26.81 -100.98
N VAL L 233 -3.47 -26.08 -100.18
CA VAL L 233 -3.93 -24.80 -99.64
C VAL L 233 -3.87 -23.71 -100.73
N GLU L 234 -2.91 -23.86 -101.64
CA GLU L 234 -2.56 -22.84 -102.64
C GLU L 234 -3.70 -22.18 -103.43
N GLY L 235 -4.65 -22.96 -103.92
CA GLY L 235 -5.75 -22.39 -104.69
C GLY L 235 -7.11 -22.55 -104.03
N ALA L 236 -7.07 -22.99 -102.77
CA ALA L 236 -8.27 -23.36 -102.01
C ALA L 236 -9.29 -22.23 -101.86
N ARG L 237 -10.56 -22.59 -101.70
CA ARG L 237 -11.63 -21.63 -101.43
C ARG L 237 -12.10 -21.70 -99.96
N VAL L 238 -12.35 -20.53 -99.37
CA VAL L 238 -12.77 -20.42 -97.97
C VAL L 238 -14.07 -19.64 -97.80
N ALA L 239 -14.95 -20.16 -96.95
CA ALA L 239 -16.07 -19.41 -96.43
C ALA L 239 -15.83 -19.20 -94.94
N ILE L 240 -16.11 -18.01 -94.45
CA ILE L 240 -15.81 -17.64 -93.06
C ILE L 240 -16.97 -16.88 -92.41
N GLN L 241 -17.53 -17.49 -91.36
CA GLN L 241 -18.56 -16.86 -90.55
C GLN L 241 -17.96 -16.13 -89.34
N GLY L 242 -18.32 -14.86 -89.20
CA GLY L 242 -17.78 -13.99 -88.14
C GLY L 242 -16.56 -13.22 -88.62
N PHE L 243 -16.56 -11.91 -88.41
CA PHE L 243 -15.43 -11.07 -88.84
C PHE L 243 -14.80 -10.30 -87.66
N GLY L 244 -14.94 -10.86 -86.46
CA GLY L 244 -14.26 -10.35 -85.27
C GLY L 244 -12.79 -10.74 -85.29
N ASN L 245 -12.15 -10.71 -84.13
CA ASN L 245 -10.71 -11.04 -84.02
C ASN L 245 -10.32 -12.39 -84.62
N VAL L 246 -11.14 -13.42 -84.37
CA VAL L 246 -10.86 -14.74 -84.93
C VAL L 246 -11.20 -14.80 -86.43
N GLY L 247 -12.39 -14.33 -86.80
CA GLY L 247 -12.83 -14.38 -88.19
C GLY L 247 -11.93 -13.69 -89.21
N ASN L 248 -11.56 -12.44 -88.94
CA ASN L 248 -10.76 -11.71 -89.91
C ASN L 248 -9.27 -12.10 -89.89
N ALA L 249 -8.79 -12.61 -88.76
CA ALA L 249 -7.42 -13.13 -88.66
C ALA L 249 -7.28 -14.52 -89.30
N ALA L 250 -8.34 -15.32 -89.26
CA ALA L 250 -8.36 -16.57 -90.03
C ALA L 250 -8.36 -16.26 -91.53
N ALA L 251 -9.08 -15.20 -91.92
CA ALA L 251 -9.17 -14.75 -93.32
C ALA L 251 -7.82 -14.25 -93.87
N ARG L 252 -7.15 -13.39 -93.10
CA ARG L 252 -5.81 -12.93 -93.48
C ARG L 252 -4.81 -14.08 -93.60
N ALA L 253 -4.87 -15.05 -92.69
CA ALA L 253 -3.96 -16.20 -92.71
C ALA L 253 -4.10 -17.11 -93.96
N PHE L 254 -5.34 -17.36 -94.38
CA PHE L 254 -5.61 -18.14 -95.59
C PHE L 254 -5.16 -17.36 -96.82
N HIS L 255 -5.53 -16.08 -96.87
CA HIS L 255 -5.15 -15.16 -97.94
C HIS L 255 -3.64 -15.11 -98.12
N ASP L 256 -2.92 -14.87 -97.03
CA ASP L 256 -1.46 -14.76 -97.07
C ASP L 256 -0.76 -16.08 -97.38
N HIS L 257 -1.49 -17.18 -97.35
CA HIS L 257 -0.94 -18.49 -97.69
C HIS L 257 -1.40 -18.95 -99.07
N GLY L 258 -2.11 -18.07 -99.77
CA GLY L 258 -2.49 -18.28 -101.15
C GLY L 258 -3.96 -18.58 -101.39
N ALA L 259 -4.65 -19.03 -100.36
CA ALA L 259 -6.06 -19.40 -100.49
C ALA L 259 -6.93 -18.18 -100.74
N ARG L 260 -8.13 -18.41 -101.26
CA ARG L 260 -9.07 -17.35 -101.61
C ARG L 260 -10.29 -17.39 -100.71
N VAL L 261 -10.52 -16.30 -99.97
CA VAL L 261 -11.69 -16.18 -99.13
C VAL L 261 -12.85 -15.72 -100.00
N VAL L 262 -13.76 -16.64 -100.31
CA VAL L 262 -14.80 -16.38 -101.31
C VAL L 262 -16.09 -15.82 -100.74
N ALA L 263 -16.33 -16.04 -99.44
CA ALA L 263 -17.51 -15.52 -98.78
C ALA L 263 -17.24 -15.25 -97.31
N VAL L 264 -17.96 -14.28 -96.77
CA VAL L 264 -17.91 -13.97 -95.36
C VAL L 264 -19.33 -13.63 -94.90
N GLN L 265 -19.76 -14.26 -93.81
CA GLN L 265 -21.06 -13.96 -93.19
C GLN L 265 -20.85 -13.49 -91.76
N ASP L 266 -21.59 -12.45 -91.36
CA ASP L 266 -21.52 -11.98 -89.97
C ASP L 266 -22.78 -11.24 -89.52
N HIS L 267 -22.66 -10.67 -88.31
CA HIS L 267 -23.49 -9.59 -87.79
C HIS L 267 -24.57 -8.98 -88.72
N THR L 268 -24.14 -8.47 -89.89
CA THR L 268 -25.03 -7.67 -90.74
C THR L 268 -25.53 -8.36 -92.00
N GLY L 269 -24.88 -9.47 -92.38
CA GLY L 269 -25.25 -10.20 -93.59
C GLY L 269 -24.11 -11.00 -94.21
N THR L 270 -24.28 -11.38 -95.47
CA THR L 270 -23.31 -12.21 -96.17
C THR L 270 -22.86 -11.56 -97.49
N VAL L 271 -21.56 -11.68 -97.80
CA VAL L 271 -21.02 -11.21 -99.08
C VAL L 271 -20.31 -12.37 -99.81
N TYR L 272 -20.28 -12.30 -101.14
CA TYR L 272 -19.75 -13.39 -101.96
C TYR L 272 -19.07 -12.93 -103.26
N ASN L 273 -17.94 -13.58 -103.57
CA ASN L 273 -17.13 -13.33 -104.77
C ASN L 273 -16.16 -14.48 -105.03
N GLU L 274 -16.44 -15.26 -106.09
CA GLU L 274 -15.73 -16.53 -106.38
C GLU L 274 -14.20 -16.39 -106.56
N ALA L 275 -13.76 -15.25 -107.07
CA ALA L 275 -12.33 -14.98 -107.27
C ALA L 275 -11.58 -14.80 -105.95
N GLY L 276 -12.25 -14.24 -104.95
CA GLY L 276 -11.66 -14.04 -103.64
C GLY L 276 -11.81 -12.63 -103.10
N ILE L 277 -12.40 -12.51 -101.92
CA ILE L 277 -12.53 -11.24 -101.22
C ILE L 277 -11.23 -10.97 -100.46
N ASP L 278 -10.76 -9.73 -100.53
CA ASP L 278 -9.56 -9.31 -99.82
C ASP L 278 -9.95 -8.97 -98.39
N PRO L 279 -9.32 -9.64 -97.41
CA PRO L 279 -9.67 -9.49 -96.00
C PRO L 279 -9.34 -8.11 -95.46
N TYR L 280 -8.18 -7.59 -95.85
CA TYR L 280 -7.75 -6.26 -95.42
C TYR L 280 -8.67 -5.21 -96.00
N ASP L 281 -8.99 -5.35 -97.27
CA ASP L 281 -9.95 -4.49 -97.95
C ASP L 281 -11.32 -4.58 -97.29
N LEU L 282 -11.73 -5.79 -96.92
CA LEU L 282 -13.02 -5.99 -96.29
C LEU L 282 -13.06 -5.43 -94.87
N LEU L 283 -11.98 -5.63 -94.11
CA LEU L 283 -11.91 -5.15 -92.71
C LEU L 283 -12.02 -3.62 -92.61
N ARG L 284 -11.52 -2.94 -93.64
CA ARG L 284 -11.69 -1.49 -93.80
C ARG L 284 -13.15 -1.09 -93.87
N HIS L 285 -13.94 -1.87 -94.59
CA HIS L 285 -15.35 -1.58 -94.76
C HIS L 285 -16.12 -1.79 -93.46
N VAL L 286 -15.88 -2.93 -92.81
CA VAL L 286 -16.53 -3.27 -91.53
C VAL L 286 -16.06 -2.36 -90.39
N GLN L 287 -14.95 -1.66 -90.59
CA GLN L 287 -14.50 -0.63 -89.66
C GLN L 287 -15.26 0.68 -89.89
N GLU L 288 -15.41 1.06 -91.16
CA GLU L 288 -16.05 2.34 -91.52
C GLU L 288 -17.58 2.31 -91.45
N PHE L 289 -18.17 1.13 -91.59
CA PHE L 289 -19.64 0.99 -91.65
C PHE L 289 -20.26 0.19 -90.50
N GLY L 290 -19.59 -0.86 -90.05
CA GLY L 290 -20.05 -1.65 -88.90
C GLY L 290 -20.37 -3.11 -89.19
N GLY L 291 -20.15 -3.53 -90.43
CA GLY L 291 -20.39 -4.91 -90.88
C GLY L 291 -19.99 -5.07 -92.34
N VAL L 292 -20.15 -6.28 -92.86
CA VAL L 292 -19.82 -6.53 -94.26
C VAL L 292 -20.87 -5.96 -95.24
N ARG L 293 -22.12 -5.89 -94.79
CA ARG L 293 -23.19 -5.26 -95.54
C ARG L 293 -22.95 -3.74 -95.53
N GLY L 294 -22.90 -3.09 -96.70
CA GLY L 294 -23.16 -3.71 -98.01
C GLY L 294 -21.92 -4.09 -98.80
N TYR L 295 -20.95 -3.18 -98.88
CA TYR L 295 -19.61 -3.45 -99.44
C TYR L 295 -19.57 -3.73 -100.95
N PRO L 296 -18.92 -2.83 -101.72
CA PRO L 296 -18.66 -3.12 -103.13
C PRO L 296 -17.49 -4.10 -103.28
N LYS L 297 -17.42 -4.79 -104.42
CA LYS L 297 -16.42 -5.85 -104.66
C LYS L 297 -17.00 -7.24 -104.34
N ALA L 298 -18.20 -7.27 -103.78
CA ALA L 298 -18.92 -8.51 -103.49
C ALA L 298 -20.43 -8.34 -103.58
N GLU L 299 -21.13 -9.43 -103.89
CA GLU L 299 -22.59 -9.41 -104.05
C GLU L 299 -23.28 -9.74 -102.73
N PRO L 300 -24.50 -9.23 -102.52
CA PRO L 300 -25.27 -9.67 -101.36
C PRO L 300 -25.66 -11.12 -101.55
N LEU L 301 -25.46 -11.93 -100.52
CA LEU L 301 -25.90 -13.31 -100.56
C LEU L 301 -26.88 -13.61 -99.42
N PRO L 302 -28.14 -13.15 -99.55
CA PRO L 302 -29.12 -13.65 -98.61
C PRO L 302 -29.30 -15.13 -98.91
N ALA L 303 -29.12 -16.00 -97.91
CA ALA L 303 -28.70 -15.67 -96.55
C ALA L 303 -28.23 -16.98 -95.91
N ALA L 304 -29.01 -18.03 -96.13
CA ALA L 304 -28.67 -19.40 -95.72
C ALA L 304 -27.76 -20.09 -96.75
N ASP L 305 -27.70 -19.54 -97.97
CA ASP L 305 -26.90 -20.11 -99.06
C ASP L 305 -25.42 -20.22 -98.70
N PHE L 306 -24.99 -19.39 -97.75
CA PHE L 306 -23.61 -19.34 -97.26
C PHE L 306 -23.08 -20.74 -96.94
N TRP L 307 -23.90 -21.55 -96.29
CA TRP L 307 -23.52 -22.88 -95.86
C TRP L 307 -23.36 -23.88 -97.02
N GLY L 308 -24.21 -23.76 -98.04
CA GLY L 308 -24.20 -24.66 -99.20
C GLY L 308 -23.14 -24.42 -100.26
N LEU L 309 -22.36 -23.35 -100.10
CA LEU L 309 -21.36 -22.93 -101.09
C LEU L 309 -20.21 -23.93 -101.33
N PRO L 310 -19.95 -24.25 -102.61
CA PRO L 310 -18.88 -25.18 -103.00
C PRO L 310 -17.48 -24.67 -102.62
N VAL L 311 -17.03 -25.06 -101.42
CA VAL L 311 -15.73 -24.62 -100.87
C VAL L 311 -14.90 -25.79 -100.36
N GLU L 312 -13.58 -25.61 -100.28
CA GLU L 312 -12.71 -26.60 -99.62
C GLU L 312 -12.55 -26.35 -98.12
N PHE L 313 -12.60 -25.09 -97.70
CA PHE L 313 -12.54 -24.73 -96.28
C PHE L 313 -13.79 -23.98 -95.82
N LEU L 314 -14.37 -24.43 -94.71
CA LEU L 314 -15.47 -23.72 -94.05
C LEU L 314 -15.06 -23.44 -92.61
N VAL L 315 -15.14 -22.17 -92.21
CA VAL L 315 -14.64 -21.77 -90.90
C VAL L 315 -15.70 -21.04 -90.07
N PRO L 316 -16.34 -21.77 -89.14
CA PRO L 316 -17.29 -21.18 -88.20
C PRO L 316 -16.56 -20.53 -87.02
N ALA L 317 -16.75 -19.22 -86.88
CA ALA L 317 -16.02 -18.43 -85.89
C ALA L 317 -16.88 -17.31 -85.32
N ALA L 318 -18.18 -17.56 -85.18
CA ALA L 318 -19.10 -16.61 -84.58
C ALA L 318 -19.77 -17.25 -83.37
N LEU L 319 -21.10 -17.28 -83.34
CA LEU L 319 -21.81 -17.82 -82.19
C LEU L 319 -21.66 -19.33 -82.04
N GLU L 320 -22.08 -19.83 -80.87
CA GLU L 320 -22.27 -21.25 -80.61
C GLU L 320 -23.35 -21.84 -81.53
N LYS L 321 -23.29 -23.15 -81.77
CA LYS L 321 -24.36 -23.88 -82.46
C LYS L 321 -24.84 -23.20 -83.75
N GLN L 322 -23.97 -23.13 -84.75
CA GLN L 322 -24.29 -22.53 -86.04
C GLN L 322 -24.51 -23.60 -87.11
N ILE L 323 -23.80 -24.72 -86.96
CA ILE L 323 -23.98 -25.89 -87.79
C ILE L 323 -24.87 -26.88 -87.02
N THR L 324 -26.17 -26.82 -87.31
CA THR L 324 -27.18 -27.69 -86.70
C THR L 324 -27.66 -28.74 -87.72
N GLU L 325 -28.82 -29.34 -87.48
CA GLU L 325 -29.35 -30.35 -88.38
C GLU L 325 -30.04 -29.73 -89.60
N GLN L 326 -30.59 -28.54 -89.44
CA GLN L 326 -31.27 -27.86 -90.55
C GLN L 326 -30.31 -27.25 -91.60
N ASN L 327 -29.01 -27.32 -91.35
CA ASN L 327 -28.03 -26.83 -92.33
C ASN L 327 -26.84 -27.76 -92.64
N ALA L 328 -26.57 -28.73 -91.76
CA ALA L 328 -25.43 -29.64 -91.93
C ALA L 328 -25.40 -30.36 -93.28
N TRP L 329 -26.58 -30.67 -93.80
CA TRP L 329 -26.71 -31.39 -95.08
C TRP L 329 -26.25 -30.60 -96.30
N ARG L 330 -26.33 -29.27 -96.24
CA ARG L 330 -25.96 -28.42 -97.37
C ARG L 330 -24.44 -28.26 -97.59
N ILE L 331 -23.66 -28.46 -96.52
CA ILE L 331 -22.22 -28.18 -96.53
C ILE L 331 -21.44 -28.95 -97.60
N ARG L 332 -20.79 -28.21 -98.49
CA ARG L 332 -20.05 -28.79 -99.61
C ARG L 332 -18.54 -28.70 -99.38
N ALA L 333 -18.13 -28.63 -98.12
CA ALA L 333 -16.73 -28.41 -97.76
C ALA L 333 -16.00 -29.69 -97.39
N ARG L 334 -14.74 -29.79 -97.77
CA ARG L 334 -13.92 -30.94 -97.38
C ARG L 334 -13.28 -30.81 -95.99
N ILE L 335 -13.00 -29.57 -95.56
CA ILE L 335 -12.54 -29.32 -94.18
C ILE L 335 -13.32 -28.19 -93.50
N VAL L 336 -13.89 -28.51 -92.34
CA VAL L 336 -14.55 -27.54 -91.47
C VAL L 336 -13.60 -27.27 -90.32
N ALA L 337 -13.25 -26.00 -90.10
CA ALA L 337 -12.32 -25.60 -89.04
C ALA L 337 -12.98 -24.71 -87.99
N GLU L 338 -13.13 -25.25 -86.78
CA GLU L 338 -13.89 -24.60 -85.73
C GLU L 338 -13.13 -23.49 -84.99
N GLY L 339 -13.46 -22.26 -85.36
CA GLY L 339 -12.91 -21.06 -84.73
C GLY L 339 -13.66 -20.70 -83.45
N ALA L 340 -14.98 -20.80 -83.49
CA ALA L 340 -15.82 -20.50 -82.33
C ALA L 340 -15.82 -21.63 -81.28
N ASN L 341 -16.54 -21.41 -80.18
CA ASN L 341 -16.78 -22.45 -79.19
C ASN L 341 -18.08 -23.18 -79.48
N GLY L 342 -17.97 -24.48 -79.71
CA GLY L 342 -19.11 -25.34 -80.05
C GLY L 342 -20.01 -24.86 -81.17
N PRO L 343 -19.45 -24.64 -82.37
CA PRO L 343 -20.29 -24.18 -83.49
C PRO L 343 -21.07 -25.30 -84.19
N THR L 344 -20.62 -26.55 -84.09
CA THR L 344 -21.35 -27.67 -84.69
C THR L 344 -21.90 -28.60 -83.59
N THR L 345 -23.19 -28.91 -83.70
CA THR L 345 -23.89 -29.76 -82.73
C THR L 345 -23.54 -31.24 -82.93
N PRO L 346 -23.77 -32.10 -81.92
CA PRO L 346 -23.52 -33.54 -82.03
C PRO L 346 -24.16 -34.25 -83.24
N ALA L 347 -25.40 -33.90 -83.58
CA ALA L 347 -26.12 -34.50 -84.70
C ALA L 347 -25.57 -34.04 -86.04
N ALA L 348 -25.02 -32.83 -86.06
CA ALA L 348 -24.36 -32.32 -87.25
C ALA L 348 -22.99 -32.97 -87.46
N ASP L 349 -22.36 -33.43 -86.37
CA ASP L 349 -21.08 -34.18 -86.46
C ASP L 349 -21.21 -35.47 -87.23
N ASP L 350 -22.26 -36.24 -86.91
CA ASP L 350 -22.56 -37.51 -87.56
C ASP L 350 -22.93 -37.33 -89.03
N ILE L 351 -23.66 -36.26 -89.33
CA ILE L 351 -24.00 -35.91 -90.72
C ILE L 351 -22.76 -35.67 -91.56
N LEU L 352 -21.83 -34.85 -91.04
CA LEU L 352 -20.60 -34.50 -91.75
C LEU L 352 -19.58 -35.64 -91.84
N LEU L 353 -19.48 -36.45 -90.79
CA LEU L 353 -18.69 -37.69 -90.84
C LEU L 353 -19.18 -38.59 -91.99
N GLU L 354 -20.50 -38.75 -92.07
CA GLU L 354 -21.15 -39.51 -93.14
C GLU L 354 -20.81 -38.95 -94.53
N LYS L 355 -20.76 -37.62 -94.64
CA LYS L 355 -20.53 -36.93 -95.92
C LYS L 355 -19.06 -36.87 -96.33
N GLY L 356 -18.18 -37.36 -95.47
CA GLY L 356 -16.75 -37.44 -95.75
C GLY L 356 -15.92 -36.23 -95.35
N VAL L 357 -16.57 -35.20 -94.82
CA VAL L 357 -15.88 -33.96 -94.40
C VAL L 357 -15.10 -34.10 -93.10
N LEU L 358 -13.86 -33.63 -93.10
CA LEU L 358 -13.05 -33.57 -91.89
C LEU L 358 -13.47 -32.39 -91.02
N VAL L 359 -13.77 -32.66 -89.76
CA VAL L 359 -14.01 -31.60 -88.80
C VAL L 359 -12.83 -31.50 -87.82
N VAL L 360 -12.09 -30.39 -87.93
CA VAL L 360 -11.03 -30.07 -86.98
C VAL L 360 -11.73 -29.43 -85.78
N PRO L 361 -11.81 -30.15 -84.65
CA PRO L 361 -12.64 -29.71 -83.52
C PRO L 361 -12.06 -28.53 -82.74
N ASP L 362 -12.94 -27.64 -82.31
CA ASP L 362 -12.56 -26.43 -81.59
C ASP L 362 -11.51 -26.68 -80.49
N VAL L 363 -11.61 -27.80 -79.79
CA VAL L 363 -10.68 -28.17 -78.71
C VAL L 363 -9.24 -27.89 -79.05
N ILE L 364 -8.84 -28.18 -80.29
CA ILE L 364 -7.50 -27.84 -80.74
C ILE L 364 -7.49 -26.73 -81.81
N ALA L 365 -8.60 -26.58 -82.54
CA ALA L 365 -8.66 -25.69 -83.69
C ALA L 365 -8.72 -24.22 -83.31
N ASN L 366 -9.40 -23.93 -82.21
CA ASN L 366 -9.42 -22.55 -81.72
C ASN L 366 -8.38 -22.31 -80.61
N ALA L 367 -7.40 -23.21 -80.48
CA ALA L 367 -6.51 -23.23 -79.30
C ALA L 367 -5.41 -22.15 -79.27
N GLY L 368 -5.57 -21.18 -80.18
CA GLY L 368 -4.60 -20.12 -80.43
C GLY L 368 -4.39 -19.15 -79.29
N GLY L 369 -5.48 -18.57 -78.80
CA GLY L 369 -5.40 -17.59 -77.70
C GLY L 369 -4.82 -18.17 -76.42
N VAL L 370 -5.21 -19.41 -76.11
CA VAL L 370 -4.74 -20.11 -74.92
C VAL L 370 -3.24 -20.46 -74.99
N THR L 371 -2.73 -20.73 -76.19
CA THR L 371 -1.32 -21.08 -76.40
C THR L 371 -0.42 -19.89 -76.19
N VAL L 372 -0.87 -18.73 -76.65
CA VAL L 372 -0.12 -17.49 -76.49
C VAL L 372 -0.22 -16.97 -75.04
N SER L 373 -1.35 -17.20 -74.36
CA SER L 373 -1.42 -17.04 -72.89
C SER L 373 -0.32 -17.84 -72.19
N TYR L 374 -0.14 -19.09 -72.64
CA TYR L 374 0.89 -19.98 -72.14
C TYR L 374 2.27 -19.39 -72.39
N PHE L 375 2.51 -18.90 -73.63
CA PHE L 375 3.73 -18.16 -73.97
C PHE L 375 3.94 -16.93 -73.05
N GLU L 376 2.87 -16.16 -72.86
CA GLU L 376 2.87 -15.04 -71.88
C GLU L 376 3.45 -15.46 -70.53
N TRP L 377 2.89 -16.51 -69.96
CA TRP L 377 3.39 -17.07 -68.69
C TRP L 377 4.86 -17.51 -68.77
N VAL L 378 5.28 -18.08 -69.92
CA VAL L 378 6.66 -18.54 -70.11
C VAL L 378 7.59 -17.36 -70.13
N GLN L 379 7.22 -16.36 -70.93
CA GLN L 379 7.97 -15.10 -71.01
C GLN L 379 8.06 -14.42 -69.65
N ASP L 380 6.98 -14.43 -68.88
CA ASP L 380 6.95 -13.73 -67.57
C ASP L 380 7.91 -14.23 -66.49
N PHE L 381 8.40 -15.47 -66.63
CA PHE L 381 9.27 -16.05 -65.60
C PHE L 381 10.62 -15.36 -65.45
N ASN L 382 11.16 -14.87 -66.55
CA ASN L 382 12.43 -14.14 -66.53
C ASN L 382 12.29 -12.82 -67.30
N SER L 383 11.03 -12.43 -67.54
CA SER L 383 10.69 -11.16 -68.17
C SER L 383 11.49 -10.85 -69.45
N TYR L 384 11.70 -11.89 -70.26
CA TYR L 384 12.33 -11.75 -71.57
C TYR L 384 11.25 -12.08 -72.60
N PHE L 385 11.00 -11.14 -73.49
CA PHE L 385 9.82 -11.19 -74.34
C PHE L 385 10.17 -11.45 -75.78
N TRP L 386 9.35 -12.27 -76.43
CA TRP L 386 9.64 -12.76 -77.78
C TRP L 386 9.05 -11.86 -78.86
N THR L 387 9.57 -11.99 -80.08
CA THR L 387 9.14 -11.15 -81.21
C THR L 387 7.82 -11.67 -81.77
N GLU L 388 7.22 -10.93 -82.69
CA GLU L 388 6.02 -11.40 -83.38
C GLU L 388 6.26 -12.70 -84.14
N GLU L 389 7.39 -12.81 -84.83
CA GLU L 389 7.68 -14.02 -85.61
C GLU L 389 8.05 -15.22 -84.76
N GLU L 390 8.73 -14.98 -83.63
CA GLU L 390 9.03 -16.07 -82.71
C GLU L 390 7.76 -16.66 -82.10
N ILE L 391 6.82 -15.80 -81.69
CA ILE L 391 5.51 -16.24 -81.19
C ILE L 391 4.78 -17.10 -82.22
N ASN L 392 4.74 -16.63 -83.47
CA ASN L 392 3.99 -17.32 -84.51
C ASN L 392 4.61 -18.64 -84.98
N ALA L 393 5.93 -18.76 -84.86
CA ALA L 393 6.62 -20.00 -85.18
C ALA L 393 6.41 -21.00 -84.05
N ARG L 394 6.51 -20.54 -82.81
CA ARG L 394 6.27 -21.40 -81.66
C ARG L 394 4.82 -21.84 -81.56
N LEU L 395 3.89 -20.95 -81.93
CA LEU L 395 2.49 -21.30 -82.03
C LEU L 395 2.28 -22.46 -83.01
N GLU L 396 2.83 -22.32 -84.23
CA GLU L 396 2.71 -23.35 -85.26
C GLU L 396 3.16 -24.71 -84.75
N ARG L 397 4.26 -24.72 -84.00
CA ARG L 397 4.83 -25.94 -83.47
C ARG L 397 3.89 -26.62 -82.48
N VAL L 398 3.26 -25.85 -81.60
CA VAL L 398 2.29 -26.38 -80.65
C VAL L 398 1.03 -26.90 -81.35
N LEU L 399 0.44 -26.13 -82.28
CA LEU L 399 -0.83 -26.57 -82.88
C LEU L 399 -0.68 -27.70 -83.89
N ARG L 400 0.49 -27.76 -84.53
CA ARG L 400 0.84 -28.88 -85.43
C ARG L 400 1.08 -30.16 -84.63
N ASN L 401 1.97 -30.09 -83.64
CA ASN L 401 2.16 -31.20 -82.69
C ASN L 401 0.83 -31.69 -82.12
N ALA L 402 -0.02 -30.76 -81.68
CA ALA L 402 -1.32 -31.17 -81.13
C ALA L 402 -2.19 -31.88 -82.15
N PHE L 403 -2.20 -31.38 -83.39
CA PHE L 403 -3.00 -31.98 -84.46
C PHE L 403 -2.54 -33.39 -84.84
N GLU L 404 -1.22 -33.56 -85.00
CA GLU L 404 -0.62 -34.84 -85.31
C GLU L 404 -0.96 -35.89 -84.25
N ALA L 405 -0.91 -35.52 -82.97
CA ALA L 405 -1.29 -36.47 -81.92
C ALA L 405 -2.77 -36.87 -82.04
N VAL L 406 -3.64 -35.90 -82.28
CA VAL L 406 -5.07 -36.16 -82.46
C VAL L 406 -5.33 -37.00 -83.71
N TRP L 407 -4.56 -36.74 -84.77
CA TRP L 407 -4.70 -37.49 -86.04
C TRP L 407 -4.31 -38.96 -85.90
N GLN L 408 -3.14 -39.22 -85.32
CA GLN L 408 -2.68 -40.58 -85.01
C GLN L 408 -3.73 -41.44 -84.29
N VAL L 409 -4.37 -40.86 -83.28
CA VAL L 409 -5.34 -41.56 -82.44
C VAL L 409 -6.67 -41.77 -83.16
N ALA L 410 -7.03 -40.82 -84.03
CA ALA L 410 -8.24 -40.91 -84.85
C ALA L 410 -8.14 -42.00 -85.90
N GLN L 411 -6.92 -42.29 -86.35
CA GLN L 411 -6.70 -43.34 -87.34
C GLN L 411 -6.52 -44.69 -86.64
N GLU L 412 -5.69 -44.75 -85.60
CA GLU L 412 -5.43 -46.01 -84.91
C GLU L 412 -6.68 -46.59 -84.24
N LYS L 413 -7.44 -45.75 -83.54
CA LYS L 413 -8.68 -46.19 -82.88
C LYS L 413 -9.93 -45.95 -83.71
N LYS L 414 -9.74 -45.49 -84.95
CA LYS L 414 -10.82 -45.26 -85.95
C LYS L 414 -12.07 -44.51 -85.45
N ILE L 415 -11.84 -43.35 -84.83
CA ILE L 415 -12.87 -42.48 -84.29
C ILE L 415 -12.76 -41.07 -84.91
N PRO L 416 -13.85 -40.25 -84.89
CA PRO L 416 -13.73 -38.89 -85.41
C PRO L 416 -12.71 -38.04 -84.63
N LEU L 417 -12.21 -36.98 -85.28
CA LEU L 417 -11.18 -36.09 -84.69
C LEU L 417 -11.57 -35.48 -83.35
N ARG L 418 -12.85 -35.10 -83.22
CA ARG L 418 -13.35 -34.55 -81.98
C ARG L 418 -13.12 -35.53 -80.84
N THR L 419 -13.56 -36.76 -81.05
CA THR L 419 -13.49 -37.83 -80.05
C THR L 419 -12.05 -38.21 -79.75
N ALA L 420 -11.21 -38.19 -80.79
CA ALA L 420 -9.78 -38.44 -80.62
C ALA L 420 -9.13 -37.36 -79.75
N ALA L 421 -9.52 -36.10 -79.98
CA ALA L 421 -9.04 -34.99 -79.17
C ALA L 421 -9.33 -35.26 -77.70
N TYR L 422 -10.58 -35.60 -77.40
CA TYR L 422 -10.99 -35.91 -76.04
C TYR L 422 -10.25 -37.13 -75.46
N VAL L 423 -10.03 -38.15 -76.29
CA VAL L 423 -9.27 -39.34 -75.89
C VAL L 423 -7.81 -39.00 -75.54
N VAL L 424 -7.16 -38.22 -76.41
CA VAL L 424 -5.77 -37.79 -76.19
C VAL L 424 -5.66 -36.99 -74.89
N ALA L 425 -6.66 -36.14 -74.66
CA ALA L 425 -6.67 -35.31 -73.46
C ALA L 425 -6.72 -36.20 -72.22
N ALA L 426 -7.72 -37.05 -72.14
CA ALA L 426 -7.86 -37.97 -71.01
C ALA L 426 -6.64 -38.90 -70.82
N THR L 427 -6.11 -39.42 -71.91
CA THR L 427 -4.94 -40.31 -71.85
C THR L 427 -3.77 -39.64 -71.14
N ARG L 428 -3.50 -38.40 -71.56
CA ARG L 428 -2.42 -37.60 -70.98
C ARG L 428 -2.63 -37.23 -69.53
N VAL L 429 -3.86 -36.86 -69.16
CA VAL L 429 -4.20 -36.51 -67.76
C VAL L 429 -4.03 -37.72 -66.83
N LEU L 430 -4.60 -38.84 -67.26
CA LEU L 430 -4.56 -40.09 -66.48
C LEU L 430 -3.17 -40.71 -66.40
N GLU L 431 -2.38 -40.57 -67.47
CA GLU L 431 -1.01 -41.07 -67.46
C GLU L 431 -0.17 -40.28 -66.46
N ALA L 432 -0.41 -38.97 -66.42
CA ALA L 432 0.22 -38.09 -65.45
C ALA L 432 -0.19 -38.54 -64.04
N ARG L 433 -1.49 -38.70 -63.84
CA ARG L 433 -2.01 -39.27 -62.59
C ARG L 433 -1.46 -40.65 -62.22
N ALA L 434 -1.33 -41.54 -63.21
CA ALA L 434 -0.85 -42.90 -62.98
C ALA L 434 0.63 -42.95 -62.57
N LEU L 435 1.43 -42.09 -63.20
CA LEU L 435 2.88 -42.03 -63.00
C LEU L 435 3.25 -41.40 -61.66
N ARG L 436 2.55 -40.32 -61.33
CA ARG L 436 2.70 -39.66 -60.05
C ARG L 436 2.18 -40.60 -58.95
N GLY L 437 1.01 -41.19 -59.23
CA GLY L 437 0.38 -42.13 -58.30
C GLY L 437 -0.46 -41.42 -57.26
N LEU L 438 -1.08 -42.22 -56.39
CA LEU L 438 -1.96 -41.73 -55.32
C LEU L 438 -1.20 -41.42 -54.03
N TYR L 439 -1.21 -40.14 -53.64
CA TYR L 439 -0.54 -39.65 -52.45
C TYR L 439 -0.92 -38.20 -52.19
N PRO L 440 -1.22 -37.84 -50.92
CA PRO L 440 -1.26 -38.71 -49.73
C PRO L 440 -2.34 -39.80 -49.81
#